data_7SOB
#
_entry.id   7SOB
#
loop_
_entity.id
_entity.type
_entity.pdbx_description
1 polymer 'Spike glycoprotein'
2 polymer 'S2L20 Fab light chain'
3 polymer 'S2L20 Fab heavy chain'
4 polymer 'S309 Fab heavy chain'
5 polymer 'S309 Fab light chain'
6 non-polymer 2-acetamido-2-deoxy-beta-D-glucopyranose
7 water water
#
loop_
_entity_poly.entity_id
_entity_poly.type
_entity_poly.pdbx_seq_one_letter_code
_entity_poly.pdbx_strand_id
1 'polypeptide(L)'
;MFVFLVLLPLVSSQCVNLTTRTQLPPAYTNSFTRGVYYPDKVFRSSVLHSTQDLFLPFFSNVTWFHAIHVSGTNGTKRFD
NPVLPFNDGVYFASIEKSNIIRGWIFGTTLDSKTQSLLIVNNATNVVIKVCEFQFCNDPFLDVYYHKNNKSWMKSEFRVY
SSANNCTFEYVSQPFLMDLEGKQGNFKNLREFVFKNIDGYFKIYSKHTPINLVRDLPQGFSALEPLVDLPIGINITRFQT
LLALHRSYLTPGDSSSGWTAGAAAYYVGYLQPRTFLLKYNENGTITDAVDCALDPLSETKCTLKSFTVEKGIYQTSNFRV
QPTESIVRFPNITNLCPFGEVFNATRFASVYAWNRKRISNCVADYSVLYNSASFSTFKCYGVCPTKLNDLCFTNVYADSF
VIRGDEVRQIAPGQTGKIADYNYKLPDDFTGCVIAWNSNNLDSKVGGNYNYRYRLFRKSNLKPFERDISTEIYQAGSTPC
NGVQGFNCYFPLQSYGFQPTNGVGYQPYRVVVLSFELLHAPATVCGPKKSTNLVKNKCVNFNFNGLTGTGVLTESNKKFL
PFQQFGRDIADTTDAVRDPQTLEILDITPCSFGGVSVITPGTNTSNQVAVLYQGVNCTEVPVAIHADQLTPTWRVYSTGS
NVFQTRAGCLIGAEHVNNSYECDIPIGAGICASYQTQTNSRRRARSVASQSIIAYTMSLGAENSVAYSNNSIAIPTNFTI
SVTTEILPVSMTKTSVDCTMYICGDSTECSNLLLQYGSFCTQLNRALTGIAVEQDKNTQEVFAQVKQIYKTPPIKDFGGF
NFSQILPDPSKPSKRSPIEDLLFNKVTLADAGFIKQYGDCLGDIAARDLICAQKFNGLTVLPPLLTDEMIAQYTSALLAG
TITSGWTFGAGPALQIPFPMQMAYRFNGIGVTQNVLYENQKLIANQFNSAIGKIQDSLSSTPSALGKLQDVVNQNAQALN
TLVKQLSSNFGAISSVLNDILSRLCPPEAEVQIDRLITGRLQSLQTYVTQQLIRAAEIRASANLAATKMSECVLGQSKRV
DFCGKGYHLMSFPQSAPHGVVFLHVTYVPAHEKNFTTAPAICHDGKAHFPREGVFVSNGTHWFVTQRNFYEPQIITTDNT
FVSGNCDVVIGIVNNTVYDPLQPELDSFKEELDKYFKNHTSPDVDLGDISGINASVVNIQKEIDRLNEVAKNLNESLIDL
QELGKYEQGSGYIPEAPRDGQAYVRKDGEWVLLSTFLGRSLEVLFQGPGSGGLNDIFEAQKIEWHEGSGHHHHHHHH
;
A,D,K
2 'polypeptide(L)'
;VIWMTQSPSSLSASVGDRVTITCQASQDIRFYLNWYQQKPGKAPKLLISDASNMETGVPSRFSGSGSGTDFTFTISSLQP
EDIATYYCQQYDNLPFTFGPGTKVDFA
;
B,E,L
3 'polypeptide(L)'
;EVQLVESGGGVVQPGGSLRLSCAASGFTFNSYGMHWVRQAPGKGLEWVAFIRYDGGNKYYADSVKGRFTISRDNSKNTLY
LQMKSLRAEDTAVYYCANLKDSRYSGSYYDYWGQGTLVTVS
;
C,F,M
4 'polypeptide(L)'
;VQLVQSGAEVKKPGASVKVSCKASGYPFTSYGISWVRQAPGQGLEWMGWISTYNGNTNYAQKFQGRVTMTTDTSTTTGYM
ELRRLRSDDTAVYYCARDYTRGAWFGESLIGGFDNWGQGTLVTVSSAS
;
G,H,N
5 'polypeptide(L)'
;VLTQSPGTLSLSPGERATLSCRASQTVSSTSLAWYQQKPGQAPRLLIYGASSRATGIPDRFSGSGSGTDFTLTISRLEPE
DFAVYYCQQHDTSLTFGGGT
;
I,J,O
#
loop_
_chem_comp.id
_chem_comp.type
_chem_comp.name
_chem_comp.formula
NAG D-saccharide, beta linking 2-acetamido-2-deoxy-beta-D-glucopyranose 'C8 H15 N O6'
#
# COMPACT_ATOMS: atom_id res chain seq x y z
N GLN A 14 37.29 57.59 6.97
CA GLN A 14 38.67 57.66 6.48
C GLN A 14 39.41 56.36 6.80
N CYS A 15 39.85 55.65 5.74
CA CYS A 15 40.61 54.41 5.87
C CYS A 15 42.08 54.69 6.19
N VAL A 16 42.68 53.78 6.95
CA VAL A 16 44.09 53.86 7.29
C VAL A 16 44.82 52.57 6.92
N ASN A 17 46.02 52.72 6.37
CA ASN A 17 46.83 51.58 5.95
C ASN A 17 47.94 51.31 6.97
N LEU A 18 47.67 50.37 7.89
CA LEU A 18 48.58 50.07 8.99
C LEU A 18 49.78 49.27 8.50
N GLN A 23 52.92 37.58 5.36
CA GLN A 23 52.06 36.71 6.14
C GLN A 23 52.87 35.77 7.04
N LEU A 24 52.43 35.61 8.28
CA LEU A 24 53.07 34.73 9.25
C LEU A 24 52.54 33.30 9.12
N PRO A 25 53.35 32.30 9.45
CA PRO A 25 53.00 30.89 9.50
C PRO A 25 52.01 30.66 10.63
N PRO A 26 51.00 29.82 10.40
CA PRO A 26 49.90 29.52 11.32
C PRO A 26 50.35 28.70 12.52
N ALA A 27 49.74 28.99 13.66
CA ALA A 27 49.86 28.16 14.84
C ALA A 27 48.59 27.32 14.98
N TYR A 28 48.68 26.16 15.63
CA TYR A 28 47.52 25.30 15.76
C TYR A 28 47.34 24.79 17.19
N THR A 29 46.08 24.59 17.56
CA THR A 29 45.75 24.00 18.85
C THR A 29 44.70 22.88 18.70
N ASN A 30 44.54 22.09 19.75
CA ASN A 30 43.56 20.99 19.75
C ASN A 30 42.21 21.44 20.30
N SER A 31 41.13 21.25 19.56
CA SER A 31 39.81 21.48 20.07
C SER A 31 39.27 20.18 20.65
N PHE A 32 39.54 19.87 21.93
CA PHE A 32 39.31 18.53 22.48
C PHE A 32 37.84 18.07 22.38
N THR A 33 36.91 18.85 22.91
CA THR A 33 35.49 18.54 22.91
C THR A 33 34.80 19.86 22.87
N ARG A 34 35.19 20.71 21.89
CA ARG A 34 34.75 22.06 21.92
C ARG A 34 33.90 22.42 20.72
N GLY A 35 32.93 23.29 20.94
CA GLY A 35 32.16 23.85 19.82
C GLY A 35 30.81 23.21 19.61
N VAL A 36 30.32 22.45 20.59
CA VAL A 36 29.01 21.85 20.49
C VAL A 36 27.91 22.87 20.81
N TYR A 37 26.84 22.84 20.02
CA TYR A 37 25.74 23.79 20.19
C TYR A 37 24.39 23.09 20.08
N TYR A 38 23.35 23.75 20.56
CA TYR A 38 21.99 23.22 20.50
C TYR A 38 21.49 23.22 19.06
N PRO A 39 21.19 22.06 18.48
CA PRO A 39 20.80 21.87 17.09
C PRO A 39 19.42 22.45 16.76
N ASP A 40 18.59 22.55 17.79
CA ASP A 40 17.27 23.16 17.62
C ASP A 40 16.77 23.73 18.94
N LYS A 41 15.55 24.24 18.93
CA LYS A 41 15.03 24.98 20.07
C LYS A 41 13.99 24.17 20.86
N VAL A 42 13.93 22.87 20.62
CA VAL A 42 12.98 22.01 21.29
C VAL A 42 13.54 21.53 22.62
N PHE A 43 12.75 21.65 23.68
CA PHE A 43 13.21 21.22 24.99
C PHE A 43 13.24 19.71 25.09
N ARG A 44 14.37 19.19 25.59
CA ARG A 44 14.53 17.77 25.85
C ARG A 44 15.21 17.61 27.19
N SER A 45 15.00 16.48 27.85
CA SER A 45 15.72 16.19 29.09
C SER A 45 15.85 14.69 29.32
N SER A 46 16.86 14.31 30.09
CA SER A 46 17.08 12.91 30.46
C SER A 46 17.03 11.99 29.24
N VAL A 47 17.75 12.35 28.19
CA VAL A 47 17.69 11.59 26.94
C VAL A 47 18.97 11.71 26.13
N LEU A 48 19.32 10.65 25.41
CA LEU A 48 20.41 10.69 24.44
C LEU A 48 19.83 10.86 23.04
N HIS A 49 20.15 11.98 22.41
CA HIS A 49 19.55 12.35 21.13
C HIS A 49 20.57 12.39 20.01
N SER A 50 20.27 11.69 18.91
CA SER A 50 21.17 11.67 17.76
C SER A 50 20.81 12.75 16.76
N THR A 51 21.81 13.49 16.29
CA THR A 51 21.60 14.58 15.34
C THR A 51 22.69 14.66 14.29
N GLN A 52 22.30 15.05 13.07
CA GLN A 52 23.25 15.31 12.00
C GLN A 52 23.25 16.79 11.63
N ASP A 53 24.40 17.43 11.76
CA ASP A 53 24.51 18.87 11.51
C ASP A 53 25.95 19.26 11.25
N LEU A 54 26.18 20.55 11.02
CA LEU A 54 27.53 21.06 10.84
C LEU A 54 28.18 21.34 12.18
N PHE A 55 29.11 20.48 12.58
CA PHE A 55 29.76 20.56 13.87
C PHE A 55 31.26 20.60 13.71
N LEU A 56 31.97 21.15 14.69
CA LEU A 56 33.41 21.09 14.72
C LEU A 56 33.85 19.71 15.22
N PRO A 57 34.58 18.92 14.40
CA PRO A 57 35.06 17.60 14.72
C PRO A 57 35.89 17.62 15.97
N PHE A 58 35.78 16.57 16.78
CA PHE A 58 36.53 16.51 18.03
C PHE A 58 38.01 16.34 17.78
N PHE A 59 38.81 17.04 18.58
CA PHE A 59 40.26 16.96 18.54
C PHE A 59 40.81 17.37 17.18
N SER A 60 40.12 18.29 16.52
CA SER A 60 40.58 18.86 15.26
C SER A 60 41.69 19.87 15.48
N ASN A 61 42.42 20.24 14.42
CA ASN A 61 43.48 21.21 14.46
C ASN A 61 42.97 22.62 14.19
N VAL A 62 42.83 23.44 15.18
CA VAL A 62 42.24 24.78 15.09
C VAL A 62 43.32 25.85 14.95
N THR A 63 43.11 26.80 14.05
CA THR A 63 44.10 27.83 13.79
C THR A 63 44.11 28.88 14.88
N TRP A 64 45.30 29.20 15.37
CA TRP A 64 45.48 30.15 16.47
C TRP A 64 46.16 31.44 16.01
N PHE A 65 45.50 32.58 16.29
CA PHE A 65 46.00 33.88 15.89
C PHE A 65 46.23 34.79 17.10
N HIS A 66 47.10 35.78 16.95
CA HIS A 66 47.35 36.77 18.01
C HIS A 66 46.84 38.15 17.62
N ALA A 67 45.99 38.75 18.46
CA ALA A 67 45.39 40.06 18.17
C ALA A 67 46.33 41.18 18.59
N ASP A 80 47.95 40.49 12.86
CA ASP A 80 47.58 39.12 12.51
C ASP A 80 46.06 38.99 12.36
N ASN A 81 45.51 39.69 11.36
CA ASN A 81 44.09 39.64 11.08
C ASN A 81 43.81 39.56 9.57
N PRO A 82 44.14 38.43 8.96
CA PRO A 82 43.99 38.13 7.55
C PRO A 82 42.54 37.84 7.20
N VAL A 83 42.22 37.90 5.92
CA VAL A 83 40.93 37.41 5.45
C VAL A 83 40.94 35.90 5.33
N LEU A 84 39.96 35.27 5.94
CA LEU A 84 39.85 33.81 5.98
C LEU A 84 38.63 33.34 5.18
N PRO A 85 38.68 32.12 4.64
CA PRO A 85 37.58 31.43 3.99
C PRO A 85 36.52 31.07 5.02
N PHE A 86 35.26 31.10 4.61
CA PHE A 86 34.14 30.77 5.50
C PHE A 86 33.78 29.30 5.42
N ASN A 87 34.00 28.71 4.26
CA ASN A 87 33.66 27.31 4.03
C ASN A 87 32.20 27.01 4.36
N ASP A 88 31.96 26.04 5.25
CA ASP A 88 30.59 25.63 5.56
C ASP A 88 30.10 26.20 6.88
N GLY A 89 30.89 27.08 7.46
CA GLY A 89 30.57 27.63 8.77
C GLY A 89 31.80 27.67 9.63
N VAL A 90 31.77 28.51 10.66
CA VAL A 90 32.96 28.75 11.45
C VAL A 90 32.73 28.67 12.95
N TYR A 91 33.64 27.99 13.63
CA TYR A 91 33.72 28.06 15.07
C TYR A 91 34.77 29.08 15.45
N PHE A 92 34.37 30.07 16.23
CA PHE A 92 35.28 31.14 16.62
C PHE A 92 35.36 31.24 18.13
N ALA A 93 36.56 31.44 18.65
CA ALA A 93 36.71 31.63 20.07
C ALA A 93 37.83 32.62 20.37
N SER A 94 37.73 33.31 21.49
CA SER A 94 38.77 34.23 21.89
C SER A 94 38.99 34.25 23.38
N ILE A 95 40.23 34.48 23.78
CA ILE A 95 40.59 34.63 25.17
C ILE A 95 41.23 35.99 25.40
N GLU A 96 40.57 36.83 26.20
CA GLU A 96 41.02 38.19 26.41
C GLU A 96 40.48 38.77 27.71
N LYS A 97 41.09 39.84 28.18
CA LYS A 97 40.59 40.56 29.34
C LYS A 97 40.44 42.03 29.06
N SER A 98 40.40 42.40 27.78
CA SER A 98 40.45 43.81 27.40
C SER A 98 39.49 44.19 26.27
N ASN A 99 38.61 43.29 25.88
CA ASN A 99 37.61 43.60 24.85
C ASN A 99 38.24 44.17 23.58
N ILE A 100 39.20 43.45 23.00
CA ILE A 100 39.84 43.90 21.78
C ILE A 100 39.06 43.47 20.56
N ILE A 101 38.53 42.26 20.57
CA ILE A 101 37.74 41.79 19.46
C ILE A 101 36.31 42.31 19.55
N ARG A 102 35.92 43.14 18.60
CA ARG A 102 34.64 43.83 18.67
C ARG A 102 33.61 43.22 17.74
N GLY A 103 34.07 42.62 16.65
CA GLY A 103 33.12 42.11 15.66
C GLY A 103 33.81 41.44 14.49
N TRP A 104 33.05 41.29 13.40
CA TRP A 104 33.51 40.56 12.23
C TRP A 104 32.94 41.14 10.94
N ILE A 105 33.61 40.88 9.83
CA ILE A 105 33.06 41.13 8.51
C ILE A 105 32.83 39.81 7.79
N PHE A 106 31.63 39.63 7.26
CA PHE A 106 31.33 38.45 6.48
C PHE A 106 30.83 38.84 5.09
N GLY A 107 31.33 38.19 4.05
CA GLY A 107 30.89 38.51 2.70
C GLY A 107 31.58 37.66 1.65
N THR A 108 31.56 38.15 0.42
CA THR A 108 32.14 37.44 -0.72
C THR A 108 33.26 38.26 -1.35
N THR A 109 32.90 39.32 -2.05
CA THR A 109 33.87 40.19 -2.71
C THR A 109 34.53 41.15 -1.72
N LEU A 110 33.82 41.46 -0.64
CA LEU A 110 34.30 42.41 0.36
C LEU A 110 34.51 43.80 -0.25
N ASP A 111 33.64 44.16 -1.18
CA ASP A 111 33.66 45.47 -1.82
C ASP A 111 32.25 45.88 -2.23
N SER A 112 32.12 47.05 -2.83
CA SER A 112 30.81 47.63 -3.15
C SER A 112 30.06 46.81 -4.20
N LYS A 113 30.73 45.87 -4.82
CA LYS A 113 30.12 45.05 -5.87
C LYS A 113 29.06 44.12 -5.32
N THR A 114 29.15 43.75 -4.04
CA THR A 114 28.20 42.81 -3.45
C THR A 114 27.74 43.23 -2.07
N GLN A 115 26.63 42.66 -1.62
CA GLN A 115 26.15 42.88 -0.27
C GLN A 115 27.04 42.14 0.73
N SER A 116 27.41 42.82 1.80
CA SER A 116 28.24 42.22 2.84
C SER A 116 27.66 42.44 4.22
N LEU A 117 27.92 41.50 5.12
CA LEU A 117 27.39 41.55 6.49
C LEU A 117 28.43 42.07 7.47
N LEU A 118 28.08 43.14 8.16
CA LEU A 118 28.97 43.74 9.13
C LEU A 118 28.41 43.65 10.55
N ILE A 119 29.12 42.96 11.43
CA ILE A 119 28.69 42.81 12.81
C ILE A 119 29.68 43.46 13.76
N VAL A 120 29.24 44.48 14.48
CA VAL A 120 30.12 45.18 15.41
C VAL A 120 29.47 45.37 16.78
N ASN A 121 30.29 45.36 17.82
CA ASN A 121 29.81 45.69 19.15
C ASN A 121 30.41 47.00 19.64
N ASN A 122 29.58 47.80 20.31
CA ASN A 122 30.06 49.03 21.00
C ASN A 122 29.68 48.92 22.50
N ALA A 123 29.85 50.08 23.19
CA ALA A 123 29.73 50.10 24.66
C ALA A 123 28.30 49.85 25.15
N THR A 124 27.33 49.98 24.26
CA THR A 124 25.94 49.87 24.68
C THR A 124 25.13 48.85 23.86
N ASN A 125 25.58 48.53 22.65
CA ASN A 125 24.77 47.75 21.72
C ASN A 125 25.59 46.91 20.75
N VAL A 126 24.94 45.92 20.15
CA VAL A 126 25.46 45.25 18.97
C VAL A 126 24.78 45.83 17.74
N VAL A 127 25.57 46.16 16.73
CA VAL A 127 25.04 46.76 15.51
C VAL A 127 25.33 45.87 14.31
N ILE A 128 24.27 45.49 13.61
CA ILE A 128 24.39 44.60 12.47
C ILE A 128 23.81 45.23 11.21
N LYS A 129 24.60 45.27 10.15
CA LYS A 129 24.16 45.86 8.89
C LYS A 129 24.54 45.02 7.68
N VAL A 130 23.69 45.03 6.66
CA VAL A 130 24.04 44.43 5.38
C VAL A 130 23.90 45.46 4.26
N CYS A 131 25.02 45.79 3.62
CA CYS A 131 25.06 46.83 2.57
C CYS A 131 26.16 46.52 1.57
N GLU A 132 26.19 47.30 0.49
CA GLU A 132 27.29 47.22 -0.46
C GLU A 132 28.46 48.02 0.07
N PHE A 133 29.05 47.54 1.15
CA PHE A 133 30.10 48.26 1.85
C PHE A 133 31.39 48.25 1.06
N GLN A 134 32.03 49.41 0.97
CA GLN A 134 33.36 49.49 0.40
C GLN A 134 34.36 49.48 1.54
N PHE A 135 34.81 48.29 1.90
CA PHE A 135 35.62 48.12 3.10
C PHE A 135 37.04 48.62 2.88
N CYS A 136 37.68 49.04 3.97
CA CYS A 136 39.08 49.45 3.95
C CYS A 136 39.99 48.26 3.69
N ASN A 137 41.21 48.51 3.23
CA ASN A 137 42.17 47.45 2.95
C ASN A 137 42.55 46.72 4.23
N ASP A 138 42.44 47.42 5.35
CA ASP A 138 42.74 46.85 6.66
C ASP A 138 41.89 47.52 7.73
N PRO A 139 40.62 47.12 7.84
CA PRO A 139 39.58 47.73 8.64
C PRO A 139 39.81 47.52 10.12
N PHE A 140 39.51 48.55 10.90
CA PHE A 140 39.59 48.49 12.36
C PHE A 140 38.81 49.62 13.00
N LEU A 141 38.64 49.55 14.32
CA LEU A 141 37.98 50.60 15.05
C LEU A 141 39.02 51.37 15.87
N ASP A 142 39.05 52.67 15.68
CA ASP A 142 40.08 53.53 16.28
C ASP A 142 39.65 54.05 17.64
N VAL A 143 40.40 53.68 18.69
CA VAL A 143 40.02 54.05 20.06
C VAL A 143 40.96 55.09 20.67
N TYR A 144 40.37 56.16 21.22
CA TYR A 144 41.11 57.28 21.82
C TYR A 144 41.10 57.16 23.35
N MET A 153 38.21 55.68 25.48
CA MET A 153 36.79 55.74 25.74
C MET A 153 36.01 56.01 24.45
N LYS A 154 36.40 57.06 23.73
CA LYS A 154 35.79 57.43 22.45
C LYS A 154 36.34 56.57 21.33
N SER A 155 35.48 56.19 20.39
CA SER A 155 35.91 55.36 19.28
C SER A 155 35.36 55.85 17.94
N GLU A 156 36.08 55.56 16.87
CA GLU A 156 35.66 55.89 15.52
C GLU A 156 35.89 54.71 14.59
N PHE A 157 34.89 54.37 13.79
CA PHE A 157 34.98 53.20 12.94
C PHE A 157 35.75 53.51 11.66
N ARG A 158 36.80 52.74 11.42
CA ARG A 158 37.59 52.84 10.20
C ARG A 158 37.47 51.55 9.44
N VAL A 159 36.23 51.14 9.21
CA VAL A 159 35.92 49.84 8.63
C VAL A 159 35.61 49.97 7.15
N TYR A 160 34.85 51.00 6.77
CA TYR A 160 34.42 51.17 5.40
C TYR A 160 34.42 52.65 5.00
N SER A 161 34.49 52.89 3.69
CA SER A 161 34.43 54.25 3.15
C SER A 161 33.03 54.59 2.64
N SER A 162 32.23 53.57 2.36
CA SER A 162 30.85 53.77 1.89
C SER A 162 29.96 52.59 2.26
N ALA A 163 28.65 52.83 2.29
CA ALA A 163 27.69 51.80 2.65
C ALA A 163 26.39 51.97 1.86
N ASN A 164 26.45 51.70 0.56
CA ASN A 164 25.32 51.95 -0.32
C ASN A 164 24.37 50.79 -0.38
N ASN A 165 23.14 51.07 -0.83
CA ASN A 165 22.14 49.98 -1.04
C ASN A 165 22.09 49.03 0.15
N CYS A 166 21.77 49.55 1.33
CA CYS A 166 21.59 48.66 2.51
C CYS A 166 20.29 47.86 2.43
N THR A 167 20.39 46.57 2.74
CA THR A 167 19.26 45.66 2.62
C THR A 167 18.74 45.17 3.97
N PHE A 168 19.57 45.25 5.01
CA PHE A 168 19.19 44.74 6.32
C PHE A 168 19.87 45.52 7.45
N GLU A 169 19.12 45.75 8.53
CA GLU A 169 19.69 46.39 9.72
C GLU A 169 19.07 45.84 11.00
N TYR A 170 19.92 45.66 12.01
CA TYR A 170 19.50 45.13 13.31
C TYR A 170 20.34 45.68 14.46
N VAL A 171 19.69 46.09 15.54
CA VAL A 171 20.40 46.58 16.72
C VAL A 171 19.84 45.97 18.00
N SER A 172 20.74 45.56 18.89
CA SER A 172 20.34 44.98 20.18
C SER A 172 21.42 45.17 21.23
N GLN A 173 21.33 44.40 22.32
CA GLN A 173 22.36 44.45 23.36
C GLN A 173 23.60 43.71 22.85
N PRO A 174 24.80 44.07 23.32
CA PRO A 174 26.08 43.55 22.89
C PRO A 174 26.12 42.02 22.96
N PHE A 175 26.73 41.37 21.97
CA PHE A 175 26.85 39.93 21.97
C PHE A 175 27.72 39.50 23.15
N LEU A 176 28.92 40.06 23.13
CA LEU A 176 29.98 39.64 24.06
C LEU A 176 29.66 40.17 25.46
N MET A 177 29.35 41.44 25.60
CA MET A 177 29.14 42.11 26.87
C MET A 177 27.76 41.81 27.45
N PHE A 186 41.10 36.22 36.27
CA PHE A 186 40.77 35.33 35.16
C PHE A 186 40.49 36.12 33.87
N LYS A 187 40.58 35.45 32.73
CA LYS A 187 40.28 36.04 31.42
C LYS A 187 38.90 35.60 30.95
N ASN A 188 38.37 36.30 29.97
CA ASN A 188 37.07 35.97 29.42
C ASN A 188 37.19 35.11 28.17
N LEU A 189 36.59 33.92 28.22
CA LEU A 189 36.54 33.03 27.06
C LEU A 189 35.22 33.15 26.34
N ARG A 190 35.25 33.66 25.13
CA ARG A 190 34.03 33.87 24.36
C ARG A 190 34.02 32.96 23.14
N GLU A 191 32.94 32.21 22.99
CA GLU A 191 32.84 31.24 21.89
C GLU A 191 31.62 31.51 21.03
N PHE A 192 31.81 31.38 19.72
CA PHE A 192 30.73 31.62 18.75
C PHE A 192 30.70 30.56 17.66
N VAL A 193 29.51 30.30 17.14
CA VAL A 193 29.37 29.49 15.93
C VAL A 193 28.59 30.25 14.88
N PHE A 194 29.17 30.36 13.69
CA PHE A 194 28.54 31.07 12.59
C PHE A 194 28.13 30.12 11.46
N LYS A 195 26.84 30.11 11.15
CA LYS A 195 26.33 29.28 10.07
C LYS A 195 25.50 30.12 9.09
N ASN A 196 25.48 29.73 7.83
CA ASN A 196 24.68 30.43 6.83
C ASN A 196 23.93 29.42 5.95
N ILE A 197 22.67 29.15 6.33
CA ILE A 197 21.89 28.11 5.69
C ILE A 197 20.53 28.61 5.22
N ASP A 198 20.23 28.36 3.95
CA ASP A 198 18.95 28.74 3.37
C ASP A 198 18.68 30.24 3.53
N GLY A 199 19.74 31.03 3.48
CA GLY A 199 19.62 32.49 3.55
C GLY A 199 19.63 32.99 4.98
N TYR A 200 19.62 32.08 5.95
CA TYR A 200 19.58 32.48 7.35
C TYR A 200 20.97 32.41 7.99
N PHE A 201 21.40 33.52 8.57
CA PHE A 201 22.68 33.57 9.25
C PHE A 201 22.49 33.34 10.74
N LYS A 202 22.94 32.19 11.22
CA LYS A 202 22.69 31.80 12.59
C LYS A 202 23.93 31.96 13.45
N ILE A 203 23.74 32.48 14.65
CA ILE A 203 24.83 32.63 15.60
C ILE A 203 24.52 31.94 16.92
N TYR A 204 25.46 31.13 17.38
CA TYR A 204 25.38 30.51 18.70
C TYR A 204 26.54 31.04 19.54
N SER A 205 26.41 31.06 20.86
CA SER A 205 27.50 31.57 21.68
C SER A 205 27.51 31.05 23.11
N LYS A 206 28.67 31.20 23.74
CA LYS A 206 28.86 30.89 25.17
C LYS A 206 29.94 31.79 25.75
N HIS A 207 29.83 32.08 27.04
CA HIS A 207 30.83 32.91 27.72
C HIS A 207 31.12 32.38 29.12
N THR A 208 32.40 32.07 29.33
CA THR A 208 32.89 31.62 30.62
C THR A 208 34.18 32.36 30.94
N PRO A 209 34.68 32.37 32.20
CA PRO A 209 35.98 32.73 32.60
C PRO A 209 36.97 31.69 32.25
N ILE A 210 38.22 32.04 32.15
CA ILE A 210 39.25 31.05 31.98
C ILE A 210 40.53 31.41 32.71
N ASN A 211 41.19 30.37 33.26
CA ASN A 211 42.46 30.58 33.97
C ASN A 211 43.65 29.92 33.29
N LEU A 212 43.43 29.45 32.05
CA LEU A 212 44.47 28.83 31.23
C LEU A 212 45.08 29.85 30.28
N VAL A 213 46.23 29.52 29.63
CA VAL A 213 46.95 30.61 28.98
C VAL A 213 46.88 30.69 27.45
N ARG A 214 47.63 29.88 26.70
CA ARG A 214 47.72 30.05 25.25
C ARG A 214 46.99 28.93 24.51
N ASP A 215 45.88 28.49 25.13
CA ASP A 215 45.15 27.34 24.64
C ASP A 215 43.71 27.32 25.11
N LEU A 216 42.90 26.52 24.42
CA LEU A 216 41.51 26.29 24.77
C LEU A 216 41.42 25.23 25.86
N PRO A 217 40.43 25.32 26.74
CA PRO A 217 40.17 24.41 27.86
C PRO A 217 39.57 23.10 27.41
N GLN A 218 39.77 22.07 28.23
CA GLN A 218 39.11 20.79 28.05
C GLN A 218 37.79 20.78 28.79
N GLY A 219 36.96 19.77 28.53
CA GLY A 219 35.67 19.66 29.19
C GLY A 219 34.55 20.06 28.25
N PHE A 220 33.32 19.74 28.63
CA PHE A 220 32.19 19.97 27.74
C PHE A 220 31.43 21.26 28.10
N SER A 221 31.05 21.99 27.06
CA SER A 221 30.18 23.15 27.21
C SER A 221 29.43 23.40 25.91
N ALA A 222 28.10 23.54 26.01
CA ALA A 222 27.29 23.75 24.82
C ALA A 222 26.98 25.23 24.61
N LEU A 223 26.96 25.64 23.35
CA LEU A 223 26.67 27.01 22.96
C LEU A 223 25.20 27.19 22.64
N GLU A 224 24.59 28.22 23.20
CA GLU A 224 23.17 28.49 23.02
C GLU A 224 22.97 29.42 21.82
N PRO A 225 21.82 29.35 21.15
CA PRO A 225 21.40 30.24 20.09
C PRO A 225 21.42 31.69 20.58
N LEU A 226 21.95 32.57 19.74
CA LEU A 226 22.04 33.98 20.07
C LEU A 226 21.12 34.81 19.19
N VAL A 227 21.19 34.58 17.88
CA VAL A 227 20.35 35.29 16.94
C VAL A 227 20.21 34.52 15.62
N ASP A 228 19.11 34.74 14.93
CA ASP A 228 18.86 34.12 13.62
C ASP A 228 18.38 35.17 12.63
N LEU A 229 19.25 35.55 11.70
CA LEU A 229 18.98 36.70 10.82
C LEU A 229 18.61 36.29 9.39
N PRO A 230 17.43 36.71 8.91
CA PRO A 230 16.87 36.47 7.60
C PRO A 230 17.50 37.40 6.57
N ILE A 231 18.78 37.20 6.29
CA ILE A 231 19.53 38.14 5.46
C ILE A 231 19.48 37.81 3.98
N GLY A 232 19.68 36.55 3.63
CA GLY A 232 19.56 36.12 2.23
C GLY A 232 20.77 36.44 1.35
N ILE A 233 21.98 36.39 1.92
CA ILE A 233 23.18 36.63 1.13
C ILE A 233 24.16 35.47 1.25
N ASN A 234 25.06 35.34 0.27
CA ASN A 234 26.14 34.37 0.30
C ASN A 234 27.32 34.87 1.10
N ILE A 235 27.98 34.00 1.85
CA ILE A 235 29.23 34.30 2.55
C ILE A 235 30.30 33.27 2.21
N THR A 236 31.45 33.74 1.77
CA THR A 236 32.55 32.85 1.40
C THR A 236 33.85 33.23 2.10
N ARG A 237 33.93 34.47 2.59
CA ARG A 237 35.12 34.97 3.27
C ARG A 237 34.73 35.80 4.49
N PHE A 238 35.61 35.86 5.48
CA PHE A 238 35.37 36.70 6.66
C PHE A 238 36.65 37.24 7.28
N GLN A 239 36.50 38.26 8.12
CA GLN A 239 37.62 38.89 8.79
C GLN A 239 37.21 39.37 10.19
N THR A 240 38.16 39.46 11.11
CA THR A 240 37.88 39.94 12.46
C THR A 240 38.00 41.45 12.56
N LEU A 241 37.21 42.06 13.43
CA LEU A 241 37.31 43.49 13.68
C LEU A 241 37.86 43.76 15.07
N LEU A 242 39.01 44.43 15.12
CA LEU A 242 39.68 44.70 16.38
C LEU A 242 39.65 46.19 16.73
N ALA A 243 39.61 46.48 18.02
CA ALA A 243 39.73 47.83 18.52
C ALA A 243 41.19 48.14 18.83
N LEU A 244 41.73 49.17 18.18
CA LEU A 244 43.11 49.54 18.35
C LEU A 244 43.25 50.91 18.98
N HIS A 245 44.15 51.04 19.94
CA HIS A 245 44.36 52.31 20.63
C HIS A 245 45.42 53.13 19.92
N ARG A 246 45.28 54.45 19.99
CA ARG A 246 46.26 55.37 19.43
C ARG A 246 47.67 55.09 19.94
N ALA A 263 45.52 39.66 23.66
CA ALA A 263 44.35 38.87 23.28
C ALA A 263 44.67 37.94 22.12
N ALA A 264 43.92 36.84 22.02
CA ALA A 264 44.09 35.85 20.96
C ALA A 264 42.77 35.24 20.54
N TYR A 265 42.72 34.75 19.30
CA TYR A 265 41.50 34.11 18.81
C TYR A 265 41.79 32.85 18.02
N TYR A 266 40.78 31.99 17.95
CA TYR A 266 40.90 30.68 17.34
C TYR A 266 39.84 30.48 16.27
N VAL A 267 40.22 29.87 15.16
CA VAL A 267 39.27 29.60 14.08
C VAL A 267 39.27 28.14 13.66
N GLY A 268 38.10 27.50 13.76
CA GLY A 268 37.93 26.14 13.31
C GLY A 268 36.77 26.07 12.33
N TYR A 269 36.75 25.04 11.50
CA TYR A 269 35.70 24.94 10.50
C TYR A 269 34.76 23.77 10.78
N LEU A 270 33.49 24.00 10.53
CA LEU A 270 32.46 23.00 10.78
C LEU A 270 32.37 22.01 9.63
N GLN A 271 32.01 20.79 9.94
CA GLN A 271 31.78 19.76 8.93
C GLN A 271 30.49 19.00 9.28
N PRO A 272 29.84 18.42 8.28
CA PRO A 272 28.67 17.57 8.40
C PRO A 272 29.03 16.27 9.14
N ARG A 273 28.64 16.21 10.40
CA ARG A 273 28.96 15.11 11.31
C ARG A 273 27.75 14.67 12.12
N THR A 274 27.69 13.37 12.43
CA THR A 274 26.63 12.89 13.31
C THR A 274 27.11 12.83 14.75
N PHE A 275 26.35 13.46 15.63
CA PHE A 275 26.64 13.50 17.05
C PHE A 275 25.57 12.82 17.88
N LEU A 276 25.98 12.21 18.99
CA LEU A 276 25.05 11.76 20.00
C LEU A 276 25.13 12.69 21.20
N LEU A 277 24.05 13.39 21.50
CA LEU A 277 24.05 14.41 22.54
C LEU A 277 23.33 13.94 23.79
N LYS A 278 23.96 14.19 24.94
CA LYS A 278 23.37 13.82 26.22
C LYS A 278 22.70 15.01 26.89
N TYR A 279 21.37 14.98 26.95
CA TYR A 279 20.60 16.01 27.64
C TYR A 279 20.36 15.57 29.09
N ASN A 280 20.79 16.36 30.05
CA ASN A 280 20.64 15.99 31.45
C ASN A 280 19.20 16.20 31.91
N GLU A 281 18.94 15.97 33.18
CA GLU A 281 17.59 16.10 33.73
C GLU A 281 17.06 17.55 33.66
N ASN A 282 17.97 18.51 33.49
CA ASN A 282 17.62 19.93 33.42
C ASN A 282 17.57 20.45 31.97
N GLY A 283 17.73 19.56 31.02
CA GLY A 283 17.58 19.88 29.59
C GLY A 283 18.80 20.55 28.98
N THR A 284 19.92 20.53 29.68
CA THR A 284 21.14 21.10 29.16
C THR A 284 22.04 19.98 28.63
N ILE A 285 22.70 20.22 27.49
CA ILE A 285 23.61 19.22 26.94
C ILE A 285 24.90 19.20 27.75
N THR A 286 25.27 18.04 28.26
CA THR A 286 26.42 17.92 29.15
C THR A 286 27.52 17.01 28.61
N ASP A 287 27.21 16.27 27.57
CA ASP A 287 28.17 15.34 26.98
C ASP A 287 27.80 15.05 25.53
N ALA A 288 28.76 14.55 24.75
CA ALA A 288 28.51 14.23 23.36
C ALA A 288 29.51 13.23 22.79
N VAL A 289 29.06 12.47 21.80
CA VAL A 289 29.94 11.59 21.04
C VAL A 289 30.00 11.98 19.57
N ASP A 290 31.21 12.21 19.09
CA ASP A 290 31.44 12.48 17.68
C ASP A 290 31.58 11.14 16.95
N CYS A 291 30.53 10.72 16.25
CA CYS A 291 30.37 9.32 15.82
C CYS A 291 31.41 8.94 14.77
N ALA A 292 31.99 9.90 14.09
CA ALA A 292 32.93 9.63 13.01
C ALA A 292 34.38 9.73 13.45
N LEU A 293 34.59 9.91 14.75
CA LEU A 293 35.94 10.10 15.26
C LEU A 293 36.79 8.83 15.24
N ASP A 294 36.23 7.75 15.76
CA ASP A 294 36.94 6.46 15.82
C ASP A 294 35.91 5.33 15.99
N PRO A 295 36.30 4.05 15.82
CA PRO A 295 35.45 2.88 15.88
C PRO A 295 34.72 2.75 17.21
N LEU A 296 35.33 3.24 18.29
CA LEU A 296 34.68 3.18 19.59
C LEU A 296 33.53 4.16 19.65
N SER A 297 33.72 5.34 19.07
CA SER A 297 32.68 6.34 19.02
C SER A 297 31.53 5.85 18.15
N GLU A 298 31.86 5.17 17.06
CA GLU A 298 30.83 4.59 16.21
C GLU A 298 30.08 3.49 16.96
N THR A 299 30.77 2.74 17.80
CA THR A 299 30.14 1.72 18.64
C THR A 299 29.18 2.36 19.64
N LYS A 300 29.63 3.42 20.29
CA LYS A 300 28.80 4.13 21.25
C LYS A 300 27.53 4.69 20.60
N CYS A 301 27.67 5.21 19.38
CA CYS A 301 26.54 5.76 18.63
C CYS A 301 25.61 4.65 18.14
N THR A 302 26.18 3.52 17.73
CA THR A 302 25.40 2.37 17.29
C THR A 302 24.56 1.82 18.42
N LEU A 303 25.14 1.74 19.61
CA LEU A 303 24.47 1.23 20.78
C LEU A 303 23.69 2.33 21.50
N LYS A 304 23.82 3.55 20.99
CA LYS A 304 23.20 4.73 21.61
C LYS A 304 23.46 4.77 23.11
N SER A 305 24.73 4.65 23.47
CA SER A 305 25.14 4.66 24.87
C SER A 305 26.55 5.22 25.04
N PHE A 306 26.79 5.90 26.16
CA PHE A 306 28.11 6.45 26.42
C PHE A 306 29.02 5.44 27.13
N THR A 307 28.46 4.31 27.53
CA THR A 307 29.23 3.23 28.14
C THR A 307 29.02 1.94 27.39
N VAL A 308 30.10 1.25 27.07
CA VAL A 308 30.01 0.03 26.30
C VAL A 308 30.62 -1.16 27.04
N GLU A 309 29.87 -2.25 27.07
CA GLU A 309 30.30 -3.48 27.73
C GLU A 309 31.27 -4.27 26.86
N LYS A 310 32.07 -5.13 27.49
CA LYS A 310 32.96 -6.00 26.76
C LYS A 310 32.20 -6.86 25.76
N GLY A 311 32.70 -6.92 24.53
CA GLY A 311 32.07 -7.73 23.50
C GLY A 311 32.48 -7.33 22.09
N ILE A 312 31.80 -7.92 21.12
CA ILE A 312 32.03 -7.62 19.71
C ILE A 312 30.75 -7.08 19.09
N TYR A 313 30.84 -5.94 18.41
CA TYR A 313 29.64 -5.29 17.90
C TYR A 313 29.77 -4.92 16.43
N GLN A 314 28.74 -5.25 15.65
CA GLN A 314 28.69 -4.76 14.28
C GLN A 314 28.18 -3.34 14.27
N THR A 315 28.95 -2.46 13.66
CA THR A 315 28.62 -1.05 13.72
C THR A 315 28.36 -0.44 12.34
N SER A 316 28.92 -1.04 11.30
CA SER A 316 28.81 -0.48 9.96
C SER A 316 29.08 -1.53 8.90
N ASN A 317 28.85 -1.16 7.65
CA ASN A 317 29.20 -2.01 6.53
C ASN A 317 30.19 -1.31 5.63
N PHE A 318 31.23 -2.01 5.23
CA PHE A 318 32.21 -1.44 4.31
C PHE A 318 31.84 -1.82 2.89
N ARG A 319 32.25 -0.98 1.93
CA ARG A 319 32.03 -1.27 0.53
C ARG A 319 33.10 -0.62 -0.33
N VAL A 320 33.70 -1.41 -1.21
CA VAL A 320 34.69 -0.88 -2.14
C VAL A 320 34.01 -0.01 -3.18
N GLN A 321 34.52 1.19 -3.34
CA GLN A 321 33.94 2.16 -4.26
C GLN A 321 34.57 2.01 -5.64
N PRO A 322 33.84 2.35 -6.71
CA PRO A 322 34.28 2.34 -8.08
C PRO A 322 35.47 3.26 -8.28
N THR A 323 36.51 2.76 -8.94
CA THR A 323 37.71 3.51 -9.20
C THR A 323 37.52 4.46 -10.38
N GLU A 324 36.63 4.08 -11.30
CA GLU A 324 36.34 4.89 -12.46
C GLU A 324 34.98 4.52 -13.07
N SER A 325 34.55 5.32 -14.05
CA SER A 325 33.30 5.05 -14.76
C SER A 325 33.54 4.87 -16.25
N ILE A 326 33.07 3.75 -16.79
CA ILE A 326 33.28 3.42 -18.20
C ILE A 326 31.95 3.34 -18.95
N VAL A 327 31.97 3.78 -20.20
CA VAL A 327 30.78 3.75 -21.04
C VAL A 327 31.06 3.03 -22.36
N ARG A 328 30.24 2.05 -22.70
CA ARG A 328 30.44 1.28 -23.92
C ARG A 328 29.18 1.20 -24.77
N PHE A 329 29.14 1.99 -25.83
CA PHE A 329 28.05 2.01 -26.79
C PHE A 329 28.51 1.45 -28.13
N PRO A 330 27.59 1.05 -29.01
CA PRO A 330 27.83 0.57 -30.36
C PRO A 330 28.58 1.60 -31.16
N ASN A 331 29.27 1.13 -32.20
CA ASN A 331 30.10 2.03 -33.06
C ASN A 331 29.28 2.47 -34.29
N ILE A 332 28.32 3.38 -34.09
CA ILE A 332 27.43 3.79 -35.22
C ILE A 332 27.91 5.13 -35.77
N THR A 333 28.09 5.22 -37.09
CA THR A 333 28.66 6.46 -37.69
C THR A 333 27.55 7.36 -38.25
N ASN A 334 26.39 6.80 -38.59
CA ASN A 334 25.36 7.60 -39.23
C ASN A 334 24.38 8.13 -38.20
N LEU A 335 23.87 9.34 -38.42
CA LEU A 335 22.83 9.89 -37.58
C LEU A 335 21.46 9.49 -38.09
N CYS A 336 20.50 9.32 -37.18
CA CYS A 336 19.15 8.89 -37.49
C CYS A 336 18.38 10.01 -38.23
N PRO A 337 17.59 9.62 -39.24
CA PRO A 337 16.90 10.47 -40.20
C PRO A 337 15.65 11.06 -39.62
N PHE A 338 15.76 11.74 -38.48
CA PHE A 338 14.57 12.31 -37.87
C PHE A 338 14.14 13.55 -38.64
N GLY A 339 15.10 14.28 -39.19
CA GLY A 339 14.78 15.50 -39.92
C GLY A 339 13.87 15.20 -41.11
N GLU A 340 14.10 14.07 -41.76
CA GLU A 340 13.35 13.69 -42.95
C GLU A 340 11.96 13.15 -42.59
N VAL A 341 11.70 12.99 -41.31
CA VAL A 341 10.41 12.50 -40.85
C VAL A 341 9.49 13.66 -40.53
N PHE A 342 10.04 14.68 -39.86
CA PHE A 342 9.26 15.81 -39.37
C PHE A 342 9.13 16.98 -40.36
N ASN A 343 10.12 17.13 -41.25
CA ASN A 343 10.13 18.25 -42.22
C ASN A 343 9.66 17.78 -43.61
N ALA A 344 8.89 16.69 -43.69
CA ALA A 344 8.30 16.23 -44.96
C ALA A 344 7.36 17.27 -45.54
N THR A 345 7.37 17.42 -46.86
CA THR A 345 6.51 18.39 -47.51
C THR A 345 5.05 17.97 -47.41
N ARG A 346 4.80 16.66 -47.45
CA ARG A 346 3.44 16.13 -47.36
C ARG A 346 3.34 15.05 -46.31
N PHE A 347 2.18 14.98 -45.65
CA PHE A 347 1.94 14.00 -44.62
C PHE A 347 0.76 13.12 -44.98
N ALA A 348 0.75 11.90 -44.45
CA ALA A 348 -0.29 10.93 -44.73
C ALA A 348 -1.55 11.24 -43.94
N SER A 349 -2.67 10.70 -44.42
CA SER A 349 -3.94 10.77 -43.72
C SER A 349 -3.90 9.87 -42.50
N VAL A 350 -4.88 10.03 -41.62
CA VAL A 350 -4.95 9.24 -40.41
C VAL A 350 -5.42 7.82 -40.69
N TYR A 351 -6.27 7.65 -41.71
CA TYR A 351 -6.78 6.33 -42.06
C TYR A 351 -5.70 5.47 -42.72
N ALA A 352 -4.73 6.14 -43.33
CA ALA A 352 -3.64 5.46 -44.01
C ALA A 352 -2.31 5.99 -43.49
N TRP A 353 -2.13 5.92 -42.17
CA TRP A 353 -0.96 6.49 -41.52
C TRP A 353 0.33 5.87 -42.05
N ASN A 354 1.39 6.68 -42.07
CA ASN A 354 2.67 6.26 -42.65
C ASN A 354 3.65 5.79 -41.58
N ARG A 355 4.37 4.72 -41.89
CA ARG A 355 5.37 4.16 -40.96
C ARG A 355 6.78 4.27 -41.52
N LYS A 356 7.67 4.90 -40.76
CA LYS A 356 9.08 4.97 -41.12
C LYS A 356 9.95 4.28 -40.08
N ARG A 357 10.75 3.33 -40.50
CA ARG A 357 11.61 2.58 -39.60
C ARG A 357 12.98 3.25 -39.44
N ILE A 358 13.38 3.47 -38.18
CA ILE A 358 14.67 4.06 -37.87
C ILE A 358 15.59 3.02 -37.25
N SER A 359 16.77 2.84 -37.84
CA SER A 359 17.70 1.84 -37.37
C SER A 359 19.13 2.11 -37.80
N ASN A 360 20.06 1.42 -37.16
CA ASN A 360 21.49 1.43 -37.52
C ASN A 360 22.06 2.85 -37.55
N CYS A 361 21.81 3.60 -36.46
CA CYS A 361 22.17 5.00 -36.37
C CYS A 361 22.24 5.52 -34.93
N VAL A 362 22.71 6.76 -34.80
CA VAL A 362 22.70 7.49 -33.53
C VAL A 362 21.60 8.55 -33.51
N ALA A 363 20.92 8.68 -32.39
CA ALA A 363 19.77 9.58 -32.30
C ALA A 363 19.97 10.70 -31.29
N ASP A 364 19.78 11.95 -31.71
CA ASP A 364 19.84 13.06 -30.78
C ASP A 364 18.44 13.63 -30.50
N TYR A 365 17.89 13.28 -29.34
CA TYR A 365 16.53 13.69 -29.01
C TYR A 365 16.50 15.07 -28.39
N SER A 366 17.69 15.65 -28.17
CA SER A 366 17.80 16.95 -27.53
C SER A 366 17.27 18.05 -28.45
N VAL A 367 17.24 17.77 -29.74
CA VAL A 367 16.71 18.71 -30.73
C VAL A 367 15.19 18.67 -30.74
N LEU A 368 14.61 17.59 -30.25
CA LEU A 368 13.17 17.39 -30.34
C LEU A 368 12.48 17.86 -29.08
N TYR A 369 12.95 17.42 -27.92
CA TYR A 369 12.29 17.73 -26.65
C TYR A 369 12.42 19.19 -26.30
N ASN A 370 13.53 19.79 -26.70
CA ASN A 370 13.80 21.17 -26.33
C ASN A 370 13.29 22.11 -27.40
N SER A 371 12.56 21.57 -28.38
CA SER A 371 12.01 22.40 -29.45
C SER A 371 10.76 23.14 -29.01
N ALA A 372 10.63 24.39 -29.44
CA ALA A 372 9.48 25.22 -29.11
C ALA A 372 8.36 25.04 -30.14
N SER A 373 8.62 24.24 -31.17
CA SER A 373 7.69 24.11 -32.29
C SER A 373 6.57 23.12 -32.03
N PHE A 374 6.67 22.36 -30.94
CA PHE A 374 5.70 21.32 -30.66
C PHE A 374 4.67 21.76 -29.63
N SER A 375 3.40 21.45 -29.92
CA SER A 375 2.32 21.77 -28.99
C SER A 375 2.11 20.64 -28.00
N THR A 376 2.43 19.42 -28.42
CA THR A 376 2.32 18.24 -27.57
C THR A 376 3.59 17.39 -27.64
N PHE A 377 4.05 16.93 -26.49
CA PHE A 377 5.21 16.03 -26.42
C PHE A 377 5.07 15.07 -25.23
N LYS A 378 4.25 14.04 -25.38
CA LYS A 378 3.95 13.22 -24.23
C LYS A 378 4.62 11.85 -24.33
N CYS A 379 5.40 11.50 -23.31
CA CYS A 379 6.12 10.18 -23.31
C CYS A 379 5.51 9.25 -22.29
N TYR A 380 5.47 7.96 -22.68
CA TYR A 380 4.97 6.91 -21.83
C TYR A 380 6.03 5.84 -21.61
N GLY A 381 6.31 5.54 -20.34
CA GLY A 381 7.25 4.50 -19.98
C GLY A 381 8.70 5.00 -19.96
N VAL A 382 8.90 6.23 -20.38
CA VAL A 382 10.25 6.80 -20.45
C VAL A 382 10.23 8.31 -20.35
N CYS A 383 11.30 8.90 -19.77
CA CYS A 383 11.53 10.30 -19.68
C CYS A 383 12.32 10.79 -20.88
N PRO A 384 11.88 11.83 -21.61
CA PRO A 384 12.51 12.40 -22.78
C PRO A 384 13.89 12.98 -22.48
N THR A 385 14.13 13.34 -21.22
CA THR A 385 15.42 13.90 -20.84
C THR A 385 16.43 12.80 -20.56
N LYS A 386 15.92 11.59 -20.33
CA LYS A 386 16.77 10.44 -20.08
C LYS A 386 16.86 9.57 -21.31
N LEU A 387 16.01 9.84 -22.28
CA LEU A 387 15.99 9.08 -23.53
C LEU A 387 17.29 9.26 -24.30
N ASN A 388 18.02 10.32 -23.97
CA ASN A 388 19.21 10.71 -24.71
C ASN A 388 20.41 9.83 -24.42
N ASP A 389 20.29 8.85 -23.55
CA ASP A 389 21.39 7.92 -23.34
C ASP A 389 20.92 6.48 -23.29
N LEU A 390 19.75 6.21 -23.86
CA LEU A 390 19.23 4.85 -23.93
C LEU A 390 19.46 4.26 -25.32
N CYS A 391 19.39 2.93 -25.41
CA CYS A 391 19.53 2.21 -26.69
C CYS A 391 18.31 1.35 -26.97
N PHE A 392 18.05 1.13 -28.26
CA PHE A 392 16.90 0.35 -28.73
C PHE A 392 17.25 -0.56 -29.89
N THR A 393 16.45 -1.60 -30.10
CA THR A 393 16.64 -2.48 -31.24
C THR A 393 16.00 -1.88 -32.48
N ASN A 394 14.91 -1.14 -32.29
CA ASN A 394 14.25 -0.45 -33.39
C ASN A 394 13.44 0.76 -32.90
N VAL A 395 13.33 1.76 -33.75
CA VAL A 395 12.40 2.86 -33.50
C VAL A 395 11.50 3.09 -34.70
N TYR A 396 10.19 3.15 -34.46
CA TYR A 396 9.24 3.36 -35.56
C TYR A 396 8.53 4.70 -35.42
N ALA A 397 8.56 5.48 -36.49
CA ALA A 397 7.91 6.79 -36.50
C ALA A 397 6.63 6.76 -37.33
N ASP A 398 5.49 6.84 -36.64
CA ASP A 398 4.19 6.83 -37.29
C ASP A 398 3.69 8.25 -37.51
N SER A 399 3.39 8.61 -38.75
CA SER A 399 3.07 10.00 -39.08
C SER A 399 1.75 10.16 -39.84
N PHE A 400 0.97 11.16 -39.42
CA PHE A 400 -0.31 11.46 -40.04
C PHE A 400 -0.83 12.85 -39.67
N VAL A 401 -1.94 13.27 -40.28
CA VAL A 401 -2.59 14.55 -39.96
C VAL A 401 -4.02 14.39 -39.43
N ILE A 402 -4.31 15.05 -38.30
CA ILE A 402 -5.66 15.06 -37.71
C ILE A 402 -6.07 16.46 -37.27
N ARG A 403 -7.33 16.62 -36.88
CA ARG A 403 -7.79 17.88 -36.29
C ARG A 403 -7.35 17.99 -34.83
N GLY A 404 -7.30 19.21 -34.32
CA GLY A 404 -6.79 19.46 -32.96
C GLY A 404 -7.56 18.72 -31.89
N ASP A 405 -8.87 18.66 -32.04
CA ASP A 405 -9.70 18.03 -31.03
C ASP A 405 -9.46 16.53 -30.93
N GLU A 406 -8.81 15.97 -31.96
CA GLU A 406 -8.57 14.53 -32.02
C GLU A 406 -7.22 14.15 -31.46
N VAL A 407 -6.39 15.13 -31.13
CA VAL A 407 -5.03 14.87 -30.67
C VAL A 407 -5.03 14.06 -29.38
N ARG A 408 -6.00 14.31 -28.53
CA ARG A 408 -6.10 13.63 -27.24
C ARG A 408 -6.35 12.14 -27.40
N GLN A 409 -6.77 11.72 -28.59
CA GLN A 409 -7.05 10.31 -28.85
C GLN A 409 -5.76 9.54 -29.14
N ILE A 410 -4.67 10.27 -29.38
CA ILE A 410 -3.40 9.61 -29.65
C ILE A 410 -2.68 9.33 -28.34
N ALA A 411 -3.14 8.30 -27.67
CA ALA A 411 -2.63 7.89 -26.37
C ALA A 411 -3.16 6.50 -26.04
N PRO A 412 -2.44 5.72 -25.24
CA PRO A 412 -2.79 4.39 -24.80
C PRO A 412 -4.08 4.39 -23.98
N GLY A 413 -4.96 3.44 -24.28
CA GLY A 413 -6.19 3.25 -23.51
C GLY A 413 -7.31 4.18 -23.94
N GLN A 414 -7.10 4.96 -24.99
CA GLN A 414 -8.12 5.91 -25.44
C GLN A 414 -9.09 5.29 -26.43
N THR A 415 -10.28 5.89 -26.52
CA THR A 415 -11.30 5.47 -27.47
C THR A 415 -11.77 6.66 -28.29
N GLY A 416 -12.50 6.40 -29.37
CA GLY A 416 -13.02 7.45 -30.23
C GLY A 416 -12.80 7.13 -31.71
N LYS A 417 -13.26 8.00 -32.59
CA LYS A 417 -13.22 7.73 -34.02
C LYS A 417 -11.80 7.46 -34.52
N ILE A 418 -10.83 8.17 -33.99
CA ILE A 418 -9.46 7.98 -34.43
C ILE A 418 -8.84 6.80 -33.72
N ALA A 419 -8.98 6.76 -32.41
CA ALA A 419 -8.39 5.69 -31.63
C ALA A 419 -8.94 4.32 -32.04
N ASP A 420 -10.21 4.27 -32.43
CA ASP A 420 -10.87 3.00 -32.73
C ASP A 420 -10.79 2.60 -34.20
N TYR A 421 -10.88 3.57 -35.11
CA TYR A 421 -11.05 3.23 -36.53
C TYR A 421 -9.87 3.66 -37.42
N ASN A 422 -8.93 4.41 -36.88
CA ASN A 422 -7.86 4.93 -37.73
C ASN A 422 -6.46 4.55 -37.22
N TYR A 423 -6.17 4.86 -35.97
CA TYR A 423 -4.84 4.65 -35.42
C TYR A 423 -4.90 4.25 -33.95
N LYS A 424 -4.57 2.99 -33.66
CA LYS A 424 -4.68 2.48 -32.30
C LYS A 424 -3.32 2.19 -31.68
N LEU A 425 -3.12 2.68 -30.46
CA LEU A 425 -1.94 2.35 -29.67
C LEU A 425 -2.32 1.33 -28.60
N PRO A 426 -1.39 0.44 -28.23
CA PRO A 426 -1.52 -0.57 -27.20
C PRO A 426 -1.52 0.05 -25.81
N ASP A 427 -2.11 -0.66 -24.85
CA ASP A 427 -2.19 -0.17 -23.48
C ASP A 427 -0.81 -0.08 -22.83
N ASP A 428 0.13 -0.89 -23.31
CA ASP A 428 1.48 -0.91 -22.77
C ASP A 428 2.46 -0.17 -23.69
N PHE A 429 1.94 0.78 -24.47
CA PHE A 429 2.77 1.55 -25.38
C PHE A 429 3.92 2.24 -24.67
N THR A 430 5.12 2.11 -25.24
CA THR A 430 6.29 2.81 -24.76
C THR A 430 6.85 3.71 -25.86
N GLY A 431 6.95 5.00 -25.58
CA GLY A 431 7.41 5.96 -26.57
C GLY A 431 6.80 7.33 -26.36
N CYS A 432 6.92 8.19 -27.38
CA CYS A 432 6.51 9.60 -27.26
C CYS A 432 5.59 10.05 -28.40
N VAL A 433 4.56 10.80 -28.04
CA VAL A 433 3.63 11.37 -29.01
C VAL A 433 3.91 12.86 -29.22
N ILE A 434 4.29 13.21 -30.45
CA ILE A 434 4.66 14.57 -30.78
C ILE A 434 3.72 15.16 -31.82
N ALA A 435 3.18 16.34 -31.55
CA ALA A 435 2.24 16.96 -32.48
C ALA A 435 2.40 18.47 -32.52
N TRP A 436 2.05 19.06 -33.66
CA TRP A 436 2.08 20.50 -33.84
C TRP A 436 1.03 20.99 -34.83
N ASN A 437 0.61 22.24 -34.67
CA ASN A 437 -0.35 22.87 -35.57
C ASN A 437 0.26 23.13 -36.94
N SER A 438 -0.46 22.75 -37.99
CA SER A 438 0.02 22.95 -39.36
C SER A 438 -0.99 23.69 -40.21
N ASN A 439 -1.73 24.58 -39.59
CA ASN A 439 -2.77 25.35 -40.28
C ASN A 439 -2.20 26.15 -41.44
N ASN A 440 -0.94 26.56 -41.34
CA ASN A 440 -0.32 27.37 -42.38
C ASN A 440 0.18 26.53 -43.55
N LEU A 441 0.15 25.21 -43.40
CA LEU A 441 0.69 24.32 -44.42
C LEU A 441 -0.36 23.37 -44.99
N ASP A 442 -1.24 22.86 -44.13
CA ASP A 442 -2.17 21.81 -44.54
C ASP A 442 -3.59 22.31 -44.74
N SER A 443 -3.81 23.61 -44.59
CA SER A 443 -5.15 24.18 -44.79
C SER A 443 -5.22 24.95 -46.10
N LYS A 444 -6.42 25.03 -46.66
CA LYS A 444 -6.65 25.76 -47.89
C LYS A 444 -7.88 26.64 -47.78
N VAL A 445 -7.89 27.75 -48.53
CA VAL A 445 -8.98 28.71 -48.43
C VAL A 445 -10.33 28.07 -48.75
N GLY A 446 -10.34 27.20 -49.75
CA GLY A 446 -11.58 26.52 -50.15
C GLY A 446 -11.75 25.18 -49.44
N GLY A 447 -10.85 24.89 -48.50
CA GLY A 447 -10.87 23.61 -47.79
C GLY A 447 -9.90 22.62 -48.45
N ASN A 448 -9.17 21.87 -47.61
CA ASN A 448 -8.21 20.89 -48.13
C ASN A 448 -8.73 19.47 -47.96
N TYR A 449 -9.55 19.03 -48.90
CA TYR A 449 -10.21 17.75 -48.74
C TYR A 449 -9.30 16.59 -49.12
N ASN A 450 -8.02 16.87 -49.29
CA ASN A 450 -7.04 15.85 -49.59
C ASN A 450 -6.83 14.93 -48.39
N TYR A 451 -7.07 15.42 -47.18
CA TYR A 451 -6.94 14.60 -45.97
C TYR A 451 -8.31 14.08 -45.54
N ARG A 452 -8.36 12.78 -45.16
CA ARG A 452 -9.60 12.10 -44.80
C ARG A 452 -9.41 11.23 -43.55
N TYR A 453 -10.52 10.74 -43.00
CA TYR A 453 -10.50 9.81 -41.88
C TYR A 453 -11.62 8.80 -42.01
N ARG A 454 -11.46 7.66 -41.33
CA ARG A 454 -12.49 6.63 -41.31
C ARG A 454 -13.57 6.94 -40.29
N LEU A 455 -14.82 6.92 -40.74
CA LEU A 455 -15.96 7.21 -39.88
C LEU A 455 -16.71 5.93 -39.52
N PHE A 456 -16.73 4.97 -40.43
CA PHE A 456 -17.50 3.74 -40.21
C PHE A 456 -16.61 2.50 -40.20
N ARG A 457 -16.93 1.57 -39.30
CA ARG A 457 -16.26 0.27 -39.24
C ARG A 457 -17.12 -0.74 -38.49
N LYS A 458 -16.85 -2.02 -38.75
CA LYS A 458 -17.55 -3.12 -38.10
C LYS A 458 -17.10 -3.33 -36.64
N SER A 459 -15.81 -3.10 -36.38
CA SER A 459 -15.22 -3.30 -35.06
C SER A 459 -13.99 -2.44 -34.89
N ASN A 460 -13.52 -2.31 -33.65
CA ASN A 460 -12.33 -1.51 -33.38
C ASN A 460 -11.05 -2.18 -33.87
N LEU A 461 -10.08 -1.38 -34.26
CA LEU A 461 -8.79 -1.89 -34.72
C LEU A 461 -7.95 -2.38 -33.56
N LYS A 462 -7.13 -3.39 -33.83
CA LYS A 462 -6.10 -3.80 -32.89
C LYS A 462 -4.93 -2.83 -33.02
N PRO A 463 -4.05 -2.75 -32.03
CA PRO A 463 -2.89 -1.88 -32.01
C PRO A 463 -2.05 -2.04 -33.25
N PHE A 464 -1.67 -0.91 -33.84
CA PHE A 464 -0.79 -0.85 -35.02
C PHE A 464 -1.40 -1.44 -36.29
N GLU A 465 -2.72 -1.58 -36.34
CA GLU A 465 -3.37 -2.00 -37.58
C GLU A 465 -3.57 -0.83 -38.54
N ARG A 466 -3.60 -1.13 -39.84
CA ARG A 466 -3.81 -0.11 -40.86
C ARG A 466 -4.79 -0.60 -41.93
N ASP A 467 -5.95 0.02 -42.00
CA ASP A 467 -7.01 -0.40 -42.91
C ASP A 467 -7.34 0.67 -43.94
N ILE A 468 -7.08 0.36 -45.21
CA ILE A 468 -7.29 1.33 -46.28
C ILE A 468 -8.39 0.90 -47.26
N SER A 469 -9.28 0.02 -46.80
CA SER A 469 -10.40 -0.40 -47.63
C SER A 469 -11.37 0.74 -47.88
N THR A 470 -11.90 0.79 -49.09
CA THR A 470 -12.81 1.86 -49.50
C THR A 470 -14.21 1.34 -49.84
N GLU A 471 -14.51 0.12 -49.44
CA GLU A 471 -15.78 -0.49 -49.79
C GLU A 471 -16.93 0.02 -48.93
N ILE A 472 -18.14 -0.10 -49.45
CA ILE A 472 -19.34 0.49 -48.84
C ILE A 472 -19.78 -0.20 -47.56
N TYR A 473 -20.14 0.61 -46.57
CA TYR A 473 -20.63 0.13 -45.29
C TYR A 473 -22.15 0.08 -45.27
N GLN A 474 -22.72 -1.06 -44.90
CA GLN A 474 -24.16 -1.18 -44.75
C GLN A 474 -24.55 -0.98 -43.29
N ALA A 475 -25.33 0.06 -43.03
CA ALA A 475 -25.63 0.48 -41.66
C ALA A 475 -26.91 -0.15 -41.11
N GLY A 476 -27.73 -0.74 -41.99
CA GLY A 476 -29.02 -1.31 -41.52
C GLY A 476 -29.06 -2.81 -41.68
N SER A 477 -30.11 -3.32 -42.34
CA SER A 477 -30.25 -4.78 -42.56
C SER A 477 -30.32 -5.08 -44.05
N THR A 478 -30.37 -4.03 -44.88
CA THR A 478 -30.52 -4.25 -46.33
C THR A 478 -29.20 -3.96 -47.01
N PRO A 479 -28.84 -4.82 -47.94
CA PRO A 479 -27.53 -4.74 -48.58
C PRO A 479 -27.32 -3.62 -49.60
N CYS A 480 -26.04 -3.32 -49.93
CA CYS A 480 -25.77 -2.14 -50.94
C CYS A 480 -25.44 -2.47 -52.29
N ASN A 481 -24.97 -3.58 -52.78
CA ASN A 481 -24.77 -3.63 -54.27
C ASN A 481 -23.58 -2.74 -54.67
N GLY A 482 -22.78 -2.27 -53.70
CA GLY A 482 -21.60 -1.42 -54.00
C GLY A 482 -22.07 -0.04 -54.28
N VAL A 483 -23.35 0.14 -54.01
CA VAL A 483 -23.97 1.41 -54.38
C VAL A 483 -24.32 2.16 -53.12
N GLN A 484 -23.92 3.42 -53.09
CA GLN A 484 -24.26 4.30 -52.00
C GLN A 484 -25.75 4.63 -52.01
N GLY A 485 -26.32 4.87 -50.84
CA GLY A 485 -27.74 5.14 -50.71
C GLY A 485 -28.21 5.03 -49.27
N PHE A 486 -29.48 4.69 -49.08
CA PHE A 486 -30.04 4.57 -47.71
C PHE A 486 -29.37 3.42 -46.97
N ASN A 487 -28.79 3.72 -45.81
CA ASN A 487 -28.08 2.68 -45.01
C ASN A 487 -26.85 2.15 -45.76
N CYS A 488 -26.35 2.90 -46.75
CA CYS A 488 -25.11 2.50 -47.47
C CYS A 488 -24.20 3.71 -47.57
N TYR A 489 -23.06 3.69 -46.86
CA TYR A 489 -22.21 4.91 -46.82
C TYR A 489 -20.76 4.61 -47.13
N PHE A 490 -20.11 5.47 -47.92
CA PHE A 490 -18.67 5.39 -48.15
C PHE A 490 -17.94 5.70 -46.84
N PRO A 491 -17.08 4.78 -46.38
CA PRO A 491 -16.50 4.71 -45.04
C PRO A 491 -15.59 5.87 -44.68
N LEU A 492 -15.06 6.57 -45.68
CA LEU A 492 -14.12 7.66 -45.42
C LEU A 492 -14.74 9.03 -45.62
N GLN A 493 -14.45 9.93 -44.71
CA GLN A 493 -14.93 11.30 -44.78
C GLN A 493 -13.76 12.28 -44.84
N SER A 494 -13.99 13.40 -45.49
CA SER A 494 -12.95 14.40 -45.62
C SER A 494 -12.98 15.38 -44.48
N TYR A 495 -11.87 16.00 -44.22
CA TYR A 495 -11.77 17.00 -43.21
C TYR A 495 -11.95 18.39 -43.83
N GLY A 496 -12.64 19.26 -43.15
CA GLY A 496 -12.75 20.63 -43.58
C GLY A 496 -11.56 21.43 -43.06
N PHE A 497 -10.55 21.58 -43.90
CA PHE A 497 -9.34 22.25 -43.47
C PHE A 497 -9.20 23.64 -44.08
N GLN A 498 -9.79 24.63 -43.44
CA GLN A 498 -9.67 26.01 -43.88
C GLN A 498 -8.89 26.80 -42.83
N PRO A 499 -8.08 27.76 -43.24
CA PRO A 499 -7.19 28.56 -42.42
C PRO A 499 -7.95 29.42 -41.42
N THR A 500 -9.25 29.60 -41.65
CA THR A 500 -10.08 30.43 -40.78
C THR A 500 -10.81 29.60 -39.73
N ASN A 501 -10.58 28.30 -39.73
CA ASN A 501 -11.23 27.41 -38.79
C ASN A 501 -10.68 27.56 -37.38
N GLY A 502 -11.48 27.17 -36.39
CA GLY A 502 -11.07 27.28 -34.99
C GLY A 502 -9.97 26.30 -34.64
N VAL A 503 -9.37 26.49 -33.47
CA VAL A 503 -8.20 25.72 -33.08
C VAL A 503 -8.48 24.22 -33.10
N GLY A 504 -9.66 23.82 -32.64
CA GLY A 504 -9.97 22.40 -32.55
C GLY A 504 -10.22 21.78 -33.92
N TYR A 505 -10.41 22.63 -34.93
CA TYR A 505 -10.73 22.15 -36.27
C TYR A 505 -9.54 22.22 -37.22
N GLN A 506 -8.56 23.05 -36.88
CA GLN A 506 -7.36 23.19 -37.71
C GLN A 506 -6.60 21.86 -37.71
N PRO A 507 -5.83 21.59 -38.77
CA PRO A 507 -5.00 20.41 -38.94
C PRO A 507 -3.77 20.45 -38.04
N TYR A 508 -3.37 19.28 -37.57
CA TYR A 508 -2.14 19.12 -36.79
C TYR A 508 -1.33 17.97 -37.34
N ARG A 509 -0.02 18.17 -37.47
CA ARG A 509 0.86 17.12 -37.92
C ARG A 509 1.33 16.30 -36.72
N VAL A 510 1.26 14.99 -36.83
CA VAL A 510 1.56 14.12 -35.71
C VAL A 510 2.62 13.10 -36.04
N VAL A 511 3.61 12.98 -35.15
CA VAL A 511 4.61 11.92 -35.24
C VAL A 511 4.66 11.15 -33.93
N VAL A 512 4.42 9.84 -34.01
CA VAL A 512 4.48 8.99 -32.82
C VAL A 512 5.72 8.11 -32.87
N LEU A 513 6.58 8.25 -31.88
CA LEU A 513 7.82 7.49 -31.85
C LEU A 513 7.70 6.28 -30.94
N SER A 514 7.64 5.10 -31.56
CA SER A 514 7.49 3.84 -30.85
C SER A 514 8.86 3.21 -30.65
N PHE A 515 9.22 2.90 -29.40
CA PHE A 515 10.53 2.38 -29.08
C PHE A 515 10.46 0.93 -28.64
N GLU A 516 11.26 0.05 -29.26
CA GLU A 516 11.30 -1.36 -28.91
C GLU A 516 12.70 -1.82 -28.55
N LEU A 517 12.81 -2.61 -27.50
CA LEU A 517 14.10 -3.14 -27.07
C LEU A 517 14.07 -4.65 -26.93
N LEU A 518 14.22 -5.35 -28.05
CA LEU A 518 14.30 -6.80 -28.05
C LEU A 518 15.71 -7.24 -27.71
N HIS A 519 15.89 -8.53 -27.44
CA HIS A 519 17.23 -9.02 -27.16
C HIS A 519 18.03 -9.16 -28.44
N ALA A 520 18.64 -8.06 -28.86
CA ALA A 520 19.43 -8.01 -30.08
C ALA A 520 20.38 -6.81 -29.99
N PRO A 521 21.49 -6.82 -30.73
CA PRO A 521 22.41 -5.73 -30.85
C PRO A 521 21.64 -4.47 -31.17
N ALA A 522 21.79 -3.44 -30.34
CA ALA A 522 21.01 -2.22 -30.52
C ALA A 522 21.42 -1.55 -31.81
N THR A 523 20.42 -1.12 -32.57
CA THR A 523 20.67 -0.47 -33.83
C THR A 523 20.50 1.04 -33.68
N VAL A 524 19.87 1.45 -32.58
CA VAL A 524 19.69 2.87 -32.28
C VAL A 524 20.16 3.22 -30.86
N CYS A 525 21.08 4.20 -30.75
CA CYS A 525 21.54 4.72 -29.46
C CYS A 525 21.63 6.26 -29.48
N GLY A 526 21.29 6.90 -28.36
CA GLY A 526 21.33 8.37 -28.26
C GLY A 526 22.77 8.87 -28.38
N PRO A 527 23.04 10.18 -28.20
CA PRO A 527 24.36 10.75 -28.30
C PRO A 527 25.25 9.92 -27.40
N LYS A 528 26.34 9.40 -27.92
CA LYS A 528 27.13 8.51 -27.14
C LYS A 528 28.59 8.97 -27.07
N LYS A 529 29.11 8.97 -25.86
CA LYS A 529 30.54 9.12 -25.65
C LYS A 529 31.09 7.84 -25.04
N SER A 530 31.92 7.13 -25.79
CA SER A 530 32.42 5.85 -25.31
C SER A 530 33.83 5.96 -24.73
N THR A 531 34.12 5.08 -23.79
CA THR A 531 35.42 5.05 -23.13
C THR A 531 36.09 3.71 -23.33
N ASN A 532 37.32 3.58 -22.85
CA ASN A 532 38.05 2.31 -22.90
C ASN A 532 37.50 1.33 -21.87
N LEU A 533 37.74 0.04 -22.09
CA LEU A 533 37.26 -1.01 -21.21
C LEU A 533 38.29 -1.36 -20.14
N VAL A 534 37.83 -1.41 -18.89
CA VAL A 534 38.70 -1.69 -17.75
C VAL A 534 38.26 -2.94 -17.01
N LYS A 535 39.23 -3.78 -16.66
CA LYS A 535 38.94 -5.06 -16.01
C LYS A 535 39.75 -5.29 -14.74
N ASN A 536 39.24 -6.20 -13.91
CA ASN A 536 39.88 -6.65 -12.66
C ASN A 536 39.89 -5.56 -11.58
N LYS A 537 39.08 -4.53 -11.78
CA LYS A 537 38.92 -3.47 -10.79
C LYS A 537 37.46 -3.07 -10.67
N CYS A 538 37.07 -2.56 -9.51
CA CYS A 538 35.75 -2.06 -9.25
C CYS A 538 35.43 -0.82 -10.10
N VAL A 539 34.49 -0.89 -10.99
CA VAL A 539 34.15 0.25 -11.83
C VAL A 539 32.64 0.44 -11.97
N ASN A 540 32.24 1.66 -12.28
CA ASN A 540 30.88 1.92 -12.72
C ASN A 540 30.82 1.74 -14.23
N PHE A 541 29.78 1.09 -14.72
CA PHE A 541 29.69 0.84 -16.15
C PHE A 541 28.34 1.14 -16.76
N ASN A 542 28.35 1.47 -18.04
CA ASN A 542 27.15 1.58 -18.85
C ASN A 542 27.33 0.86 -20.18
N PHE A 543 26.79 -0.34 -20.30
CA PHE A 543 26.92 -1.12 -21.51
C PHE A 543 25.63 -1.08 -22.33
N ASN A 544 25.65 -0.32 -23.41
CA ASN A 544 24.51 -0.24 -24.30
C ASN A 544 23.23 0.17 -23.56
N GLY A 545 23.36 1.08 -22.59
CA GLY A 545 22.19 1.56 -21.85
C GLY A 545 22.01 0.84 -20.52
N LEU A 546 22.75 -0.24 -20.32
CA LEU A 546 22.67 -1.01 -19.07
C LEU A 546 23.67 -0.50 -18.05
N THR A 547 23.15 0.12 -17.00
CA THR A 547 23.99 0.74 -15.99
C THR A 547 24.12 -0.13 -14.75
N GLY A 548 25.29 -0.09 -14.12
CA GLY A 548 25.54 -0.82 -12.88
C GLY A 548 26.99 -0.64 -12.42
N THR A 549 27.31 -1.24 -11.28
CA THR A 549 28.67 -1.16 -10.73
C THR A 549 29.19 -2.53 -10.34
N GLY A 550 30.45 -2.79 -10.62
CA GLY A 550 31.06 -4.06 -10.25
C GLY A 550 32.40 -4.27 -10.93
N VAL A 551 33.01 -5.42 -10.64
CA VAL A 551 34.28 -5.82 -11.24
C VAL A 551 34.05 -6.60 -12.52
N LEU A 552 34.75 -6.22 -13.58
CA LEU A 552 34.60 -6.88 -14.87
C LEU A 552 35.81 -7.73 -15.21
N THR A 553 35.56 -8.94 -15.69
CA THR A 553 36.63 -9.82 -16.13
C THR A 553 36.24 -10.58 -17.39
N GLU A 554 37.23 -11.14 -18.09
CA GLU A 554 36.93 -12.02 -19.21
C GLU A 554 36.14 -13.22 -18.73
N SER A 555 35.08 -13.57 -19.45
CA SER A 555 34.21 -14.67 -19.05
C SER A 555 34.56 -15.98 -19.73
N ASN A 556 34.35 -17.07 -19.02
CA ASN A 556 34.49 -18.41 -19.60
C ASN A 556 33.14 -18.96 -20.05
N LYS A 557 32.11 -18.13 -19.96
CA LYS A 557 30.77 -18.55 -20.35
C LYS A 557 30.64 -18.63 -21.87
N LYS A 558 30.18 -19.78 -22.35
CA LYS A 558 30.12 -20.02 -23.78
C LYS A 558 28.84 -19.47 -24.41
N PHE A 559 28.82 -18.15 -24.60
CA PHE A 559 27.68 -17.51 -25.23
C PHE A 559 27.56 -17.91 -26.69
N LEU A 560 26.35 -18.11 -27.16
CA LEU A 560 26.10 -18.29 -28.58
C LEU A 560 25.95 -16.90 -29.21
N PRO A 561 26.25 -16.76 -30.51
CA PRO A 561 26.39 -15.49 -31.23
C PRO A 561 25.21 -14.54 -31.07
N PHE A 562 24.03 -15.08 -30.80
CA PHE A 562 22.83 -14.27 -30.70
C PHE A 562 22.59 -13.74 -29.29
N GLN A 563 23.41 -14.20 -28.34
CA GLN A 563 23.25 -13.84 -26.93
C GLN A 563 24.07 -12.61 -26.59
N GLN A 564 23.44 -11.66 -25.87
CA GLN A 564 24.11 -10.42 -25.48
C GLN A 564 24.43 -10.36 -23.99
N PHE A 565 23.67 -11.10 -23.18
CA PHE A 565 23.85 -11.05 -21.73
C PHE A 565 23.26 -12.27 -21.04
N GLY A 566 23.64 -12.48 -19.79
CA GLY A 566 23.06 -13.51 -18.94
C GLY A 566 22.40 -12.90 -17.70
N ARG A 567 21.62 -13.71 -16.98
CA ARG A 567 20.97 -13.24 -15.75
C ARG A 567 21.08 -14.27 -14.63
N ASP A 568 21.03 -13.77 -13.39
CA ASP A 568 21.01 -14.62 -12.20
C ASP A 568 19.57 -14.84 -11.71
N ILE A 569 19.43 -15.60 -10.64
CA ILE A 569 18.12 -15.91 -10.07
C ILE A 569 17.45 -14.70 -9.47
N ALA A 570 18.22 -13.64 -9.23
CA ALA A 570 17.68 -12.39 -8.70
C ALA A 570 17.25 -11.45 -9.82
N ASP A 571 17.30 -11.95 -11.05
CA ASP A 571 16.91 -11.18 -12.24
C ASP A 571 17.91 -10.09 -12.56
N THR A 572 19.08 -10.15 -11.94
CA THR A 572 20.14 -9.21 -12.24
C THR A 572 21.04 -9.76 -13.36
N THR A 573 21.66 -8.85 -14.11
CA THR A 573 22.59 -9.25 -15.17
C THR A 573 23.94 -9.60 -14.57
N ASP A 574 24.50 -10.74 -14.98
CA ASP A 574 25.77 -11.19 -14.41
C ASP A 574 26.83 -11.45 -15.48
N ALA A 575 26.50 -11.12 -16.72
CA ALA A 575 27.43 -11.25 -17.83
C ALA A 575 26.92 -10.48 -19.02
N VAL A 576 27.82 -9.80 -19.72
CA VAL A 576 27.44 -9.01 -20.89
C VAL A 576 28.40 -9.20 -22.06
N ARG A 577 27.91 -8.90 -23.25
CA ARG A 577 28.77 -8.82 -24.42
C ARG A 577 29.13 -7.38 -24.73
N ASP A 578 30.43 -7.11 -24.82
CA ASP A 578 30.89 -5.78 -25.15
C ASP A 578 30.47 -5.42 -26.56
N PRO A 579 29.73 -4.33 -26.72
CA PRO A 579 29.14 -3.90 -27.95
C PRO A 579 30.16 -3.47 -28.96
N GLN A 580 31.48 -3.46 -28.65
CA GLN A 580 32.40 -3.12 -29.71
C GLN A 580 33.32 -4.26 -30.07
N THR A 581 33.80 -4.94 -29.06
CA THR A 581 34.77 -6.01 -29.24
C THR A 581 34.10 -7.38 -29.25
N LEU A 582 32.84 -7.41 -28.84
CA LEU A 582 32.04 -8.64 -28.77
C LEU A 582 32.58 -9.65 -27.76
N GLU A 583 33.45 -9.18 -26.87
CA GLU A 583 33.97 -10.00 -25.78
C GLU A 583 32.93 -10.19 -24.70
N ILE A 584 32.87 -11.40 -24.14
CA ILE A 584 31.96 -11.66 -23.03
C ILE A 584 32.64 -11.40 -21.70
N LEU A 585 32.00 -10.60 -20.86
CA LEU A 585 32.55 -10.20 -19.58
C LEU A 585 31.69 -10.69 -18.42
N ASP A 586 32.34 -11.14 -17.35
CA ASP A 586 31.67 -11.48 -16.12
C ASP A 586 31.44 -10.25 -15.29
N ILE A 587 30.30 -10.17 -14.61
CA ILE A 587 30.03 -9.07 -13.71
C ILE A 587 29.81 -9.54 -12.29
N THR A 588 30.64 -9.07 -11.40
CA THR A 588 30.49 -9.31 -9.98
C THR A 588 30.57 -8.03 -9.25
N PRO A 589 29.71 -7.71 -8.27
CA PRO A 589 29.81 -6.50 -7.50
C PRO A 589 31.05 -6.50 -6.62
N CYS A 590 31.46 -5.33 -6.19
CA CYS A 590 32.71 -4.97 -5.50
C CYS A 590 32.63 -5.40 -4.06
N SER A 591 33.78 -5.72 -3.48
CA SER A 591 33.80 -6.29 -2.13
C SER A 591 33.09 -5.41 -1.12
N PHE A 592 32.33 -6.07 -0.25
CA PHE A 592 31.58 -5.40 0.81
C PHE A 592 31.39 -6.38 1.96
N GLY A 593 31.02 -5.87 3.13
CA GLY A 593 30.77 -6.74 4.27
C GLY A 593 30.63 -5.95 5.56
N GLY A 594 30.42 -6.66 6.65
CA GLY A 594 30.22 -6.02 7.94
C GLY A 594 31.53 -5.59 8.59
N VAL A 595 31.46 -4.53 9.37
CA VAL A 595 32.58 -4.09 10.21
C VAL A 595 32.20 -4.24 11.66
N SER A 596 32.96 -5.03 12.39
CA SER A 596 32.70 -5.25 13.81
C SER A 596 33.82 -4.73 14.68
N VAL A 597 33.45 -4.09 15.78
CA VAL A 597 34.41 -3.55 16.72
C VAL A 597 34.49 -4.40 17.97
N ILE A 598 35.71 -4.83 18.28
CA ILE A 598 35.98 -5.66 19.43
C ILE A 598 36.53 -4.81 20.54
N THR A 599 35.90 -4.87 21.71
CA THR A 599 36.32 -4.02 22.80
C THR A 599 36.17 -4.73 24.14
N PRO A 600 37.05 -4.40 25.10
CA PRO A 600 36.85 -4.58 26.52
C PRO A 600 35.88 -3.50 26.96
N GLY A 601 35.35 -3.59 28.17
CA GLY A 601 34.46 -2.55 28.58
C GLY A 601 35.18 -1.21 28.55
N THR A 602 34.45 -0.14 28.28
CA THR A 602 35.02 1.21 28.34
C THR A 602 35.42 1.55 29.76
N ASN A 603 35.01 0.72 30.73
CA ASN A 603 35.35 0.89 32.16
C ASN A 603 36.71 0.25 32.40
N THR A 604 37.28 -0.37 31.38
CA THR A 604 38.64 -0.97 31.48
C THR A 604 39.61 -0.28 30.52
N SER A 605 39.18 -0.06 29.27
CA SER A 605 40.06 0.53 28.26
C SER A 605 39.28 1.14 27.10
N ASN A 606 39.91 2.11 26.43
CA ASN A 606 39.33 2.69 25.21
C ASN A 606 39.94 2.10 23.95
N GLN A 607 40.74 1.04 24.11
CA GLN A 607 41.35 0.37 22.96
C GLN A 607 40.36 -0.56 22.27
N VAL A 608 40.40 -0.61 20.95
CA VAL A 608 39.56 -1.54 20.20
C VAL A 608 40.32 -2.24 19.09
N ALA A 609 39.74 -3.33 18.60
CA ALA A 609 40.20 -3.99 17.39
C ALA A 609 39.05 -4.07 16.40
N VAL A 610 39.35 -4.10 15.10
CA VAL A 610 38.30 -4.11 14.10
C VAL A 610 38.35 -5.34 13.21
N LEU A 611 37.21 -6.00 13.06
CA LEU A 611 37.10 -7.16 12.18
C LEU A 611 36.36 -6.80 10.91
N TYR A 612 37.01 -6.99 9.77
CA TYR A 612 36.39 -6.80 8.47
C TYR A 612 35.92 -8.14 7.93
N GLN A 613 34.63 -8.39 8.05
CA GLN A 613 34.12 -9.72 7.87
C GLN A 613 34.12 -10.15 6.41
N GLY A 614 34.68 -11.34 6.18
CA GLY A 614 34.60 -11.99 4.88
C GLY A 614 35.59 -11.47 3.85
N VAL A 615 36.58 -10.68 4.25
CA VAL A 615 37.52 -10.15 3.28
C VAL A 615 38.97 -10.44 3.56
N ASN A 616 39.76 -10.25 2.51
CA ASN A 616 41.22 -10.34 2.67
C ASN A 616 41.77 -9.03 3.23
N CYS A 617 42.84 -9.11 3.99
CA CYS A 617 43.46 -8.08 4.54
C CYS A 617 44.08 -6.99 3.49
N THR A 618 44.24 -7.66 2.30
CA THR A 618 44.82 -6.91 1.18
C THR A 618 43.81 -5.95 0.57
N GLU A 619 42.53 -6.14 0.87
CA GLU A 619 41.46 -5.34 0.28
C GLU A 619 40.88 -4.34 1.27
N VAL A 620 41.43 -4.30 2.48
CA VAL A 620 40.80 -3.49 3.54
C VAL A 620 40.88 -1.97 3.32
N PRO A 621 42.06 -1.37 3.01
CA PRO A 621 42.25 0.05 2.80
C PRO A 621 41.33 0.57 1.70
N ASN A 641 49.75 -5.07 13.46
CA ASN A 641 48.68 -5.90 14.02
C ASN A 641 47.58 -6.16 13.00
N VAL A 642 47.94 -6.85 11.91
CA VAL A 642 46.98 -7.29 10.89
C VAL A 642 47.01 -8.81 10.77
N PHE A 643 45.89 -9.45 11.04
CA PHE A 643 45.81 -10.90 11.07
C PHE A 643 44.63 -11.41 10.26
N GLN A 644 44.89 -12.38 9.38
CA GLN A 644 43.83 -12.95 8.56
C GLN A 644 43.21 -14.16 9.23
N THR A 645 41.95 -14.03 9.61
CA THR A 645 41.20 -15.13 10.20
C THR A 645 40.22 -15.66 9.16
N ARG A 646 39.62 -16.80 9.41
CA ARG A 646 38.61 -17.32 8.51
C ARG A 646 37.33 -16.50 8.59
N ALA A 647 37.23 -15.68 9.63
CA ALA A 647 36.09 -14.79 9.81
C ALA A 647 36.27 -13.48 9.05
N GLY A 648 37.49 -13.23 8.57
CA GLY A 648 37.80 -11.96 7.92
C GLY A 648 39.10 -11.38 8.44
N CYS A 649 39.38 -10.13 8.09
CA CYS A 649 40.64 -9.47 8.47
C CYS A 649 40.50 -8.77 9.81
N LEU A 650 41.36 -9.15 10.76
CA LEU A 650 41.33 -8.55 12.08
C LEU A 650 42.48 -7.57 12.24
N ILE A 651 42.15 -6.32 12.51
CA ILE A 651 43.14 -5.27 12.64
C ILE A 651 43.13 -4.64 14.03
N GLY A 652 44.30 -4.56 14.66
CA GLY A 652 44.41 -3.92 15.96
C GLY A 652 44.62 -4.93 17.09
N ALA A 653 44.64 -6.21 16.74
CA ALA A 653 44.88 -7.26 17.72
C ALA A 653 46.18 -7.98 17.42
N GLU A 654 46.90 -8.34 18.47
CA GLU A 654 48.15 -9.07 18.32
C GLU A 654 47.91 -10.56 18.36
N HIS A 655 48.27 -11.24 17.28
CA HIS A 655 48.11 -12.69 17.23
C HIS A 655 49.21 -13.38 18.02
N VAL A 656 48.82 -14.34 18.85
CA VAL A 656 49.78 -15.10 19.64
C VAL A 656 49.57 -16.60 19.43
N ASN A 657 50.60 -17.39 19.72
CA ASN A 657 50.56 -18.83 19.51
C ASN A 657 50.13 -19.59 20.76
N ASN A 658 49.79 -18.87 21.83
CA ASN A 658 49.30 -19.50 23.05
C ASN A 658 47.82 -19.79 22.91
N SER A 659 47.24 -20.40 23.93
CA SER A 659 45.81 -20.69 23.91
C SER A 659 45.21 -20.45 25.28
N TYR A 660 44.04 -19.84 25.29
CA TYR A 660 43.34 -19.53 26.53
C TYR A 660 41.87 -19.84 26.37
N GLU A 661 41.12 -19.77 27.46
CA GLU A 661 39.68 -19.86 27.36
C GLU A 661 39.16 -18.72 26.54
N CYS A 662 38.08 -18.91 25.76
CA CYS A 662 37.51 -17.93 24.93
C CYS A 662 36.97 -16.72 25.71
N ASP A 663 37.30 -15.53 25.37
CA ASP A 663 36.80 -14.33 26.02
C ASP A 663 35.78 -13.65 25.12
N ILE A 664 36.26 -12.94 24.10
CA ILE A 664 35.38 -12.41 23.07
C ILE A 664 35.55 -13.22 21.78
N PRO A 665 34.53 -13.96 21.36
CA PRO A 665 34.55 -14.85 20.22
C PRO A 665 34.67 -14.08 18.92
N ILE A 666 35.57 -14.52 18.05
CA ILE A 666 35.71 -13.94 16.72
C ILE A 666 35.08 -14.88 15.70
N GLY A 667 35.41 -16.16 15.79
CA GLY A 667 34.85 -17.17 14.91
C GLY A 667 35.93 -18.12 14.40
N ALA A 668 35.52 -19.31 14.01
CA ALA A 668 36.42 -20.32 13.45
C ALA A 668 37.58 -20.63 14.39
N GLY A 669 37.27 -20.72 15.68
CA GLY A 669 38.25 -21.13 16.67
C GLY A 669 39.05 -19.97 17.24
N ILE A 670 38.86 -18.78 16.68
CA ILE A 670 39.61 -17.61 17.11
C ILE A 670 38.81 -16.77 18.10
N CYS A 671 39.48 -16.38 19.18
CA CYS A 671 38.90 -15.51 20.23
C CYS A 671 39.89 -14.38 20.52
N ALA A 672 39.39 -13.27 21.07
CA ALA A 672 40.24 -12.15 21.44
C ALA A 672 40.03 -11.77 22.89
N SER A 673 41.07 -11.20 23.50
CA SER A 673 40.99 -10.75 24.88
C SER A 673 41.92 -9.57 25.13
N TYR A 674 41.66 -8.85 26.21
CA TYR A 674 42.53 -7.75 26.62
C TYR A 674 43.52 -8.23 27.68
N GLN A 675 44.81 -8.15 27.35
CA GLN A 675 45.89 -8.67 28.21
C GLN A 675 46.86 -7.55 28.57
N GLN A 690 49.15 -2.87 28.32
CA GLN A 690 48.18 -3.90 27.97
C GLN A 690 47.65 -3.68 26.55
N SER A 691 47.26 -4.78 25.89
CA SER A 691 46.79 -4.74 24.51
C SER A 691 45.78 -5.84 24.22
N ILE A 692 45.11 -5.72 23.09
CA ILE A 692 44.19 -6.75 22.63
C ILE A 692 44.93 -7.82 21.85
N ILE A 693 44.68 -9.08 22.19
CA ILE A 693 45.34 -10.20 21.54
C ILE A 693 44.33 -11.13 20.89
N ALA A 694 44.79 -11.90 19.91
CA ALA A 694 43.95 -12.88 19.24
C ALA A 694 44.63 -14.25 19.27
N TYR A 695 43.84 -15.28 19.54
CA TYR A 695 44.39 -16.62 19.74
C TYR A 695 43.38 -17.70 19.38
N THR A 696 43.86 -18.92 19.17
CA THR A 696 43.00 -20.08 19.06
C THR A 696 42.57 -20.51 20.45
N MET A 697 41.27 -20.68 20.65
CA MET A 697 40.75 -20.97 21.96
C MET A 697 41.12 -22.38 22.43
N SER A 698 41.41 -22.48 23.71
CA SER A 698 41.67 -23.77 24.36
C SER A 698 40.37 -24.44 24.74
N LEU A 699 40.31 -25.75 24.64
CA LEU A 699 39.11 -26.49 25.01
C LEU A 699 39.20 -27.01 26.44
N GLY A 700 40.35 -26.81 27.07
CA GLY A 700 40.57 -27.29 28.43
C GLY A 700 41.94 -27.93 28.58
N ALA A 701 42.33 -28.19 29.82
CA ALA A 701 43.61 -28.82 30.12
C ALA A 701 43.58 -30.30 29.77
N GLU A 702 44.71 -30.84 29.34
CA GLU A 702 44.80 -32.25 29.00
C GLU A 702 44.90 -33.12 30.24
N ASN A 703 44.29 -34.30 30.19
CA ASN A 703 44.35 -35.25 31.29
C ASN A 703 44.40 -36.69 30.81
N SER A 704 45.58 -37.30 30.90
CA SER A 704 45.70 -38.71 30.57
C SER A 704 45.40 -39.55 31.81
N VAL A 705 44.28 -40.24 31.78
CA VAL A 705 43.84 -41.04 32.92
C VAL A 705 44.67 -42.31 33.02
N ALA A 706 45.10 -42.64 34.24
CA ALA A 706 45.98 -43.78 34.46
C ALA A 706 45.24 -45.10 34.40
N TYR A 707 44.79 -45.46 33.21
CA TYR A 707 44.04 -46.69 33.01
C TYR A 707 44.93 -47.92 32.98
N SER A 708 44.46 -48.98 33.63
CA SER A 708 45.05 -50.31 33.48
C SER A 708 43.98 -51.36 33.79
N ASN A 709 44.29 -52.62 33.56
CA ASN A 709 43.29 -53.69 33.70
C ASN A 709 43.10 -54.14 35.14
N ASN A 710 43.86 -53.60 36.08
CA ASN A 710 43.72 -53.95 37.49
C ASN A 710 43.94 -52.76 38.43
N SER A 711 43.74 -51.55 37.93
CA SER A 711 43.93 -50.35 38.74
C SER A 711 42.64 -49.59 38.95
N ILE A 712 42.35 -49.26 40.20
CA ILE A 712 41.16 -48.49 40.53
C ILE A 712 41.48 -47.29 41.42
N ALA A 713 40.80 -46.18 41.19
CA ALA A 713 40.94 -45.02 42.06
C ALA A 713 39.70 -44.83 42.93
N ILE A 714 39.92 -44.66 44.22
CA ILE A 714 38.83 -44.49 45.17
C ILE A 714 39.05 -43.26 46.05
N PRO A 715 38.05 -42.38 46.18
CA PRO A 715 38.03 -41.21 47.04
C PRO A 715 38.21 -41.60 48.49
N THR A 716 39.09 -40.89 49.18
CA THR A 716 39.24 -41.07 50.63
C THR A 716 38.55 -39.96 51.40
N ASN A 717 38.01 -38.98 50.68
CA ASN A 717 37.36 -37.80 51.26
C ASN A 717 36.29 -37.27 50.31
N PHE A 718 35.63 -36.19 50.69
CA PHE A 718 34.63 -35.53 49.87
C PHE A 718 34.48 -34.09 50.26
N THR A 719 33.86 -33.31 49.38
CA THR A 719 33.48 -31.95 49.71
C THR A 719 32.01 -31.72 49.44
N ILE A 720 31.40 -30.87 50.26
CA ILE A 720 30.03 -30.48 50.03
C ILE A 720 30.01 -29.20 49.22
N SER A 721 29.36 -29.26 48.07
CA SER A 721 29.35 -28.15 47.14
C SER A 721 27.97 -27.54 47.00
N VAL A 722 27.92 -26.21 46.92
CA VAL A 722 26.68 -25.52 46.65
C VAL A 722 26.82 -24.66 45.41
N THR A 723 25.94 -24.88 44.45
CA THR A 723 25.98 -24.13 43.20
C THR A 723 24.64 -23.47 42.91
N THR A 724 24.67 -22.42 42.09
CA THR A 724 23.48 -21.64 41.79
C THR A 724 22.99 -21.84 40.36
N GLU A 725 21.68 -21.99 40.21
CA GLU A 725 21.06 -22.01 38.90
C GLU A 725 19.92 -21.00 38.82
N ILE A 726 19.96 -20.17 37.79
CA ILE A 726 18.98 -19.10 37.62
C ILE A 726 18.11 -19.33 36.40
N LEU A 727 16.78 -19.29 36.60
CA LEU A 727 15.84 -19.43 35.50
C LEU A 727 14.78 -18.33 35.54
N PRO A 728 14.43 -17.76 34.38
CA PRO A 728 13.28 -16.91 34.14
C PRO A 728 11.99 -17.68 34.32
N VAL A 729 10.99 -17.02 34.88
CA VAL A 729 9.68 -17.62 35.04
C VAL A 729 8.61 -16.83 34.31
N SER A 730 8.71 -15.50 34.33
CA SER A 730 7.64 -14.68 33.78
C SER A 730 8.16 -13.39 33.13
N MET A 731 7.34 -12.82 32.26
CA MET A 731 7.56 -11.50 31.70
C MET A 731 6.65 -10.49 32.33
N THR A 732 6.93 -9.22 32.10
CA THR A 732 6.00 -8.15 32.45
C THR A 732 4.74 -8.28 31.60
N LYS A 733 3.58 -8.16 32.25
CA LYS A 733 2.31 -8.31 31.56
C LYS A 733 1.87 -7.01 30.91
N THR A 734 2.02 -6.90 29.61
CA THR A 734 1.69 -5.67 28.92
C THR A 734 0.37 -5.79 28.18
N SER A 735 -0.21 -4.63 27.87
CA SER A 735 -1.42 -4.57 27.05
C SER A 735 -1.37 -3.33 26.19
N VAL A 736 -1.76 -3.45 24.93
CA VAL A 736 -1.76 -2.32 24.03
C VAL A 736 -3.14 -2.08 23.46
N ASP A 737 -3.65 -0.88 23.65
CA ASP A 737 -4.93 -0.50 23.06
C ASP A 737 -4.70 -0.16 21.59
N CYS A 738 -5.05 -1.09 20.70
CA CYS A 738 -4.75 -1.02 19.29
C CYS A 738 -5.21 0.32 18.68
N THR A 739 -6.47 0.66 18.97
CA THR A 739 -7.04 1.89 18.40
C THR A 739 -6.32 3.13 18.88
N MET A 740 -6.01 3.21 20.17
CA MET A 740 -5.34 4.38 20.69
C MET A 740 -3.94 4.53 20.12
N TYR A 741 -3.21 3.42 20.04
CA TYR A 741 -1.86 3.46 19.50
C TYR A 741 -1.86 3.98 18.07
N ILE A 742 -2.77 3.47 17.26
CA ILE A 742 -2.82 3.82 15.84
C ILE A 742 -3.40 5.22 15.59
N CYS A 743 -4.47 5.58 16.30
CA CYS A 743 -5.28 6.76 15.95
C CYS A 743 -5.31 7.80 17.05
N GLY A 744 -4.96 7.44 18.26
CA GLY A 744 -5.18 8.33 19.39
C GLY A 744 -6.68 8.59 19.56
N ASP A 745 -7.06 9.86 19.61
CA ASP A 745 -8.46 10.23 19.78
C ASP A 745 -9.10 10.73 18.48
N SER A 746 -8.46 10.44 17.36
CA SER A 746 -8.99 10.85 16.07
C SER A 746 -10.11 9.93 15.60
N THR A 747 -11.30 10.49 15.42
CA THR A 747 -12.44 9.72 14.95
C THR A 747 -12.29 9.42 13.47
N GLU A 748 -11.65 10.33 12.75
CA GLU A 748 -11.42 10.15 11.33
C GLU A 748 -10.54 8.92 11.05
N CYS A 749 -9.45 8.79 11.81
CA CYS A 749 -8.57 7.64 11.75
C CYS A 749 -9.30 6.39 12.23
N SER A 750 -10.05 6.52 13.32
CA SER A 750 -10.77 5.39 13.89
C SER A 750 -11.73 4.81 12.87
N ASN A 751 -12.42 5.66 12.13
CA ASN A 751 -13.37 5.22 11.12
C ASN A 751 -12.67 4.49 9.98
N LEU A 752 -11.51 4.98 9.57
CA LEU A 752 -10.74 4.33 8.52
C LEU A 752 -10.23 2.97 8.95
N LEU A 753 -9.87 2.85 10.22
CA LEU A 753 -9.32 1.63 10.78
C LEU A 753 -10.35 0.49 10.75
N LEU A 754 -11.62 0.84 10.75
CA LEU A 754 -12.69 -0.16 10.73
C LEU A 754 -12.70 -0.96 9.44
N GLN A 755 -12.18 -0.41 8.34
CA GLN A 755 -12.18 -1.09 7.03
C GLN A 755 -11.27 -2.31 7.04
N TYR A 756 -10.43 -2.45 8.07
CA TYR A 756 -9.45 -3.53 8.10
C TYR A 756 -9.97 -4.76 8.82
N GLY A 757 -11.17 -4.68 9.39
CA GLY A 757 -11.78 -5.85 10.01
C GLY A 757 -11.28 -6.12 11.42
N SER A 758 -10.97 -7.37 11.70
CA SER A 758 -10.74 -7.87 13.05
C SER A 758 -9.29 -7.78 13.51
N PHE A 759 -8.42 -7.19 12.71
CA PHE A 759 -7.00 -7.18 13.04
C PHE A 759 -6.71 -6.70 14.46
N CYS A 760 -7.30 -5.57 14.86
CA CYS A 760 -7.07 -5.02 16.20
C CYS A 760 -7.60 -5.94 17.30
N THR A 761 -8.76 -6.55 17.07
CA THR A 761 -9.30 -7.50 18.03
C THR A 761 -8.37 -8.69 18.19
N GLN A 762 -7.81 -9.17 17.08
CA GLN A 762 -6.89 -10.30 17.10
C GLN A 762 -5.64 -9.99 17.90
N LEU A 763 -5.14 -8.76 17.75
CA LEU A 763 -3.91 -8.36 18.43
C LEU A 763 -4.13 -8.20 19.92
N ASN A 764 -5.27 -7.65 20.31
CA ASN A 764 -5.60 -7.49 21.70
C ASN A 764 -5.76 -8.85 22.37
N ARG A 765 -6.37 -9.78 21.64
CA ARG A 765 -6.58 -11.14 22.12
C ARG A 765 -5.25 -11.85 22.34
N ALA A 766 -4.33 -11.67 21.41
CA ALA A 766 -3.02 -12.32 21.48
C ALA A 766 -2.24 -11.86 22.71
N LEU A 767 -2.28 -10.57 23.01
CA LEU A 767 -1.55 -10.04 24.15
C LEU A 767 -2.21 -10.46 25.47
N THR A 768 -3.53 -10.59 25.46
CA THR A 768 -4.24 -11.06 26.65
C THR A 768 -3.83 -12.48 26.99
N GLY A 769 -3.72 -13.33 25.97
CA GLY A 769 -3.32 -14.71 26.17
C GLY A 769 -1.93 -14.80 26.80
N ILE A 770 -1.03 -13.93 26.36
CA ILE A 770 0.32 -13.91 26.92
C ILE A 770 0.28 -13.55 28.41
N ALA A 771 -0.49 -12.52 28.74
CA ALA A 771 -0.59 -12.05 30.11
C ALA A 771 -1.10 -13.15 31.04
N VAL A 772 -2.08 -13.91 30.58
CA VAL A 772 -2.63 -14.99 31.39
C VAL A 772 -1.59 -16.07 31.65
N GLU A 773 -0.82 -16.39 30.62
CA GLU A 773 0.23 -17.40 30.72
C GLU A 773 1.28 -17.00 31.75
N GLN A 774 1.56 -15.72 31.88
CA GLN A 774 2.60 -15.28 32.81
C GLN A 774 2.24 -15.58 34.24
N ASP A 775 0.95 -15.50 34.57
CA ASP A 775 0.50 -15.84 35.91
C ASP A 775 0.50 -17.34 36.10
N LYS A 776 0.13 -18.06 35.04
CA LYS A 776 0.15 -19.50 35.07
C LYS A 776 1.57 -20.02 35.27
N ASN A 777 2.53 -19.39 34.60
CA ASN A 777 3.93 -19.77 34.71
C ASN A 777 4.40 -19.72 36.15
N THR A 778 4.09 -18.60 36.82
CA THR A 778 4.51 -18.41 38.20
C THR A 778 3.86 -19.43 39.12
N GLN A 779 2.58 -19.69 38.92
CA GLN A 779 1.85 -20.64 39.75
C GLN A 779 2.41 -22.05 39.60
N GLU A 780 2.76 -22.43 38.38
CA GLU A 780 3.29 -23.77 38.12
C GLU A 780 4.61 -24.02 38.83
N VAL A 781 5.40 -22.97 38.98
CA VAL A 781 6.71 -23.07 39.61
C VAL A 781 6.64 -23.03 41.13
N PHE A 782 5.92 -22.05 41.69
CA PHE A 782 6.00 -21.79 43.12
C PHE A 782 4.90 -22.43 43.94
N ALA A 783 3.71 -22.58 43.37
CA ALA A 783 2.59 -23.13 44.12
C ALA A 783 2.56 -24.64 44.02
N GLN A 784 3.60 -25.28 44.54
CA GLN A 784 3.72 -26.74 44.49
C GLN A 784 3.62 -27.34 45.89
N VAL A 785 3.03 -26.61 46.81
CA VAL A 785 2.90 -27.07 48.17
C VAL A 785 1.45 -27.02 48.62
N LYS A 786 1.03 -28.07 49.34
CA LYS A 786 -0.36 -28.19 49.80
C LYS A 786 -0.66 -27.25 50.95
N GLN A 787 0.33 -27.02 51.81
CA GLN A 787 0.15 -26.24 53.01
C GLN A 787 1.32 -25.28 53.22
N ILE A 788 1.09 -24.23 54.01
CA ILE A 788 2.15 -23.29 54.30
C ILE A 788 2.91 -23.72 55.54
N TYR A 789 4.07 -24.32 55.32
CA TYR A 789 4.87 -24.89 56.40
C TYR A 789 5.74 -23.82 57.05
N LYS A 790 5.99 -23.98 58.34
CA LYS A 790 6.90 -23.10 59.05
C LYS A 790 7.97 -23.88 59.79
N THR A 791 9.17 -23.32 59.87
CA THR A 791 10.25 -23.90 60.65
C THR A 791 10.01 -23.65 62.14
N PRO A 792 10.59 -24.47 63.03
CA PRO A 792 10.49 -24.36 64.47
C PRO A 792 11.17 -23.08 64.96
N PRO A 793 10.68 -22.51 66.07
CA PRO A 793 11.20 -21.33 66.76
C PRO A 793 12.69 -21.45 67.08
N ILE A 794 13.14 -22.66 67.40
CA ILE A 794 14.54 -22.89 67.72
C ILE A 794 15.24 -23.63 66.59
N LYS A 795 16.21 -22.97 65.97
CA LYS A 795 16.87 -23.50 64.79
C LYS A 795 18.02 -24.42 65.14
N ASP A 796 17.70 -25.56 65.74
CA ASP A 796 18.69 -26.57 66.05
C ASP A 796 18.61 -27.74 65.07
N PHE A 797 19.50 -27.72 64.08
CA PHE A 797 19.45 -28.73 63.03
C PHE A 797 20.73 -29.55 62.98
N GLY A 798 21.40 -29.68 64.12
CA GLY A 798 22.57 -30.56 64.21
C GLY A 798 23.84 -29.92 63.67
N GLY A 799 23.89 -28.58 63.64
CA GLY A 799 25.06 -27.87 63.17
C GLY A 799 24.84 -27.23 61.81
N PHE A 800 23.76 -27.61 61.14
CA PHE A 800 23.44 -27.05 59.83
C PHE A 800 22.71 -25.72 59.97
N ASN A 801 23.25 -24.69 59.35
CA ASN A 801 22.78 -23.33 59.49
C ASN A 801 22.14 -22.82 58.19
N PHE A 802 20.86 -22.50 58.24
CA PHE A 802 20.08 -22.12 57.06
C PHE A 802 19.70 -20.64 57.07
N SER A 803 20.37 -19.85 57.90
CA SER A 803 19.95 -18.47 58.15
C SER A 803 20.00 -17.59 56.90
N GLN A 804 20.80 -17.98 55.92
CA GLN A 804 20.96 -17.16 54.72
C GLN A 804 19.86 -17.42 53.70
N ILE A 805 19.16 -18.55 53.86
CA ILE A 805 18.09 -18.89 52.93
C ILE A 805 16.72 -18.76 53.58
N LEU A 806 16.68 -18.72 54.90
CA LEU A 806 15.42 -18.51 55.63
C LEU A 806 15.11 -17.03 55.73
N PRO A 807 13.82 -16.67 55.87
CA PRO A 807 13.31 -15.32 55.99
C PRO A 807 13.95 -14.58 57.15
N ASP A 808 14.30 -13.32 56.93
CA ASP A 808 14.79 -12.45 57.98
C ASP A 808 13.65 -11.56 58.48
N PRO A 809 13.09 -11.85 59.66
CA PRO A 809 11.86 -11.30 60.19
C PRO A 809 11.98 -9.80 60.50
N SER A 810 13.21 -9.29 60.54
CA SER A 810 13.45 -7.89 60.84
C SER A 810 13.15 -7.00 59.65
N LYS A 811 13.01 -7.61 58.47
CA LYS A 811 12.70 -6.86 57.26
C LYS A 811 11.24 -7.11 56.86
N PRO A 812 10.51 -6.05 56.51
CA PRO A 812 9.07 -6.03 56.25
C PRO A 812 8.70 -6.88 55.06
N SER A 813 9.65 -7.15 54.18
CA SER A 813 9.42 -7.97 53.00
C SER A 813 9.48 -9.45 53.34
N LYS A 814 10.03 -9.74 54.51
CA LYS A 814 10.22 -11.13 54.97
C LYS A 814 10.99 -11.97 53.96
N ARG A 815 11.98 -11.37 53.33
CA ARG A 815 12.87 -12.08 52.42
C ARG A 815 14.05 -12.63 53.18
N SER A 816 14.66 -13.68 52.65
CA SER A 816 15.93 -14.17 53.18
C SER A 816 17.03 -13.18 52.80
N PRO A 817 18.19 -13.20 53.47
CA PRO A 817 19.40 -12.47 53.15
C PRO A 817 19.81 -12.62 51.69
N ILE A 818 19.71 -13.84 51.16
CA ILE A 818 20.03 -14.08 49.76
C ILE A 818 18.96 -13.51 48.84
N GLU A 819 17.69 -13.70 49.16
CA GLU A 819 16.62 -13.16 48.34
C GLU A 819 16.66 -11.65 48.30
N ASP A 820 17.00 -11.03 49.42
CA ASP A 820 17.03 -9.58 49.49
C ASP A 820 18.14 -9.04 48.59
N LEU A 821 19.23 -9.79 48.49
CA LEU A 821 20.32 -9.43 47.60
C LEU A 821 19.91 -9.61 46.13
N LEU A 822 19.21 -10.70 45.83
CA LEU A 822 18.80 -10.97 44.47
C LEU A 822 17.86 -9.89 43.95
N PHE A 823 16.98 -9.41 44.82
CA PHE A 823 16.00 -8.39 44.46
C PHE A 823 16.64 -7.02 44.26
N ASN A 824 17.73 -6.76 44.95
CA ASN A 824 18.44 -5.49 44.79
C ASN A 824 19.23 -5.43 43.48
N LYS A 825 19.55 -6.60 42.93
CA LYS A 825 20.45 -6.68 41.79
C LYS A 825 19.77 -6.63 40.42
N VAL A 826 18.47 -6.93 40.35
CA VAL A 826 17.74 -6.91 39.08
C VAL A 826 16.71 -5.79 39.09
N GLN A 853 5.23 5.67 27.32
CA GLN A 853 4.51 4.47 26.89
C GLN A 853 3.02 4.57 27.24
N LYS A 854 2.75 4.86 28.52
CA LYS A 854 1.37 4.92 29.03
C LYS A 854 0.49 5.84 28.19
N PHE A 855 1.08 6.93 27.76
CA PHE A 855 0.35 7.98 27.07
C PHE A 855 -0.08 7.59 25.65
N ASN A 856 0.36 6.41 25.19
CA ASN A 856 0.05 5.97 23.83
C ASN A 856 -0.77 4.68 23.81
N GLY A 857 -1.40 4.34 24.92
CA GLY A 857 -2.26 3.17 24.98
C GLY A 857 -1.52 1.92 25.42
N LEU A 858 -0.28 2.09 25.88
CA LEU A 858 0.52 0.97 26.34
C LEU A 858 0.48 0.90 27.86
N THR A 859 0.04 -0.22 28.41
CA THR A 859 -0.09 -0.32 29.85
C THR A 859 0.53 -1.60 30.41
N VAL A 860 0.81 -1.56 31.72
CA VAL A 860 1.33 -2.71 32.42
C VAL A 860 0.37 -3.17 33.51
N LEU A 861 0.05 -4.44 33.48
CA LEU A 861 -0.85 -5.05 34.45
C LEU A 861 -0.01 -5.73 35.54
N PRO A 862 -0.46 -5.66 36.79
CA PRO A 862 0.18 -6.27 37.95
C PRO A 862 0.03 -7.79 37.87
N PRO A 863 1.02 -8.54 38.36
CA PRO A 863 0.99 -9.96 38.59
C PRO A 863 -0.10 -10.33 39.58
N LEU A 864 -0.67 -11.52 39.43
CA LEU A 864 -1.66 -12.01 40.37
C LEU A 864 -1.03 -12.27 41.74
N LEU A 865 0.15 -12.89 41.74
CA LEU A 865 0.88 -13.13 42.97
C LEU A 865 1.88 -12.02 43.21
N THR A 866 1.81 -11.41 44.37
CA THR A 866 2.75 -10.38 44.76
C THR A 866 4.09 -10.99 45.13
N ASP A 867 5.13 -10.17 45.24
CA ASP A 867 6.44 -10.67 45.62
C ASP A 867 6.43 -11.24 47.02
N GLU A 868 5.60 -10.67 47.89
CA GLU A 868 5.45 -11.19 49.23
C GLU A 868 4.87 -12.60 49.19
N MET A 869 3.86 -12.81 48.36
CA MET A 869 3.24 -14.12 48.23
C MET A 869 4.22 -15.15 47.67
N ILE A 870 5.04 -14.75 46.72
CA ILE A 870 6.02 -15.66 46.15
C ILE A 870 7.05 -16.04 47.21
N ALA A 871 7.49 -15.08 48.00
CA ALA A 871 8.41 -15.33 49.09
C ALA A 871 7.79 -16.27 50.11
N GLN A 872 6.49 -16.15 50.34
CA GLN A 872 5.79 -17.03 51.28
C GLN A 872 5.76 -18.47 50.77
N TYR A 873 5.53 -18.66 49.47
CA TYR A 873 5.58 -19.98 48.89
C TYR A 873 6.97 -20.58 49.01
N THR A 874 7.98 -19.77 48.75
CA THR A 874 9.36 -20.22 48.83
C THR A 874 9.70 -20.64 50.25
N SER A 875 9.24 -19.86 51.22
CA SER A 875 9.48 -20.18 52.63
C SER A 875 8.85 -21.50 53.02
N ALA A 876 7.64 -21.77 52.54
CA ALA A 876 6.94 -23.01 52.84
C ALA A 876 7.69 -24.20 52.27
N LEU A 877 8.25 -24.04 51.07
CA LEU A 877 8.99 -25.11 50.43
C LEU A 877 10.27 -25.41 51.20
N LEU A 878 10.93 -24.37 51.69
CA LEU A 878 12.15 -24.53 52.47
C LEU A 878 11.86 -25.16 53.82
N ALA A 879 10.78 -24.73 54.47
CA ALA A 879 10.41 -25.26 55.76
C ALA A 879 10.04 -26.74 55.65
N GLY A 880 9.35 -27.09 54.58
CA GLY A 880 8.97 -28.47 54.36
C GLY A 880 10.20 -29.35 54.20
N THR A 881 11.14 -28.90 53.39
CA THR A 881 12.35 -29.67 53.12
C THR A 881 13.19 -29.86 54.37
N ILE A 882 13.36 -28.80 55.14
CA ILE A 882 14.20 -28.85 56.33
C ILE A 882 13.63 -29.72 57.43
N THR A 883 12.31 -29.71 57.60
CA THR A 883 11.70 -30.45 58.70
C THR A 883 11.21 -31.84 58.32
N SER A 884 10.92 -32.09 57.04
CA SER A 884 10.31 -33.37 56.65
C SER A 884 10.89 -33.99 55.38
N GLY A 885 11.99 -33.44 54.89
CA GLY A 885 12.65 -34.02 53.72
C GLY A 885 11.77 -34.04 52.49
N TRP A 886 11.65 -35.19 51.86
CA TRP A 886 10.88 -35.32 50.63
C TRP A 886 9.47 -35.84 50.86
N THR A 887 9.08 -36.01 52.11
CA THR A 887 7.79 -36.64 52.40
C THR A 887 6.62 -35.71 52.12
N PHE A 888 6.82 -34.40 52.31
CA PHE A 888 5.72 -33.45 52.15
C PHE A 888 5.32 -33.30 50.69
N GLY A 889 6.17 -33.77 49.80
CA GLY A 889 5.90 -33.68 48.37
C GLY A 889 5.16 -34.91 47.84
N ALA A 890 4.98 -35.92 48.69
CA ALA A 890 4.32 -37.16 48.28
C ALA A 890 3.05 -37.41 49.08
N GLY A 891 3.00 -36.88 50.29
CA GLY A 891 1.89 -37.09 51.20
C GLY A 891 1.92 -36.04 52.29
N PRO A 892 1.54 -36.43 53.51
CA PRO A 892 1.64 -35.67 54.73
C PRO A 892 3.10 -35.39 55.03
N ALA A 893 3.39 -34.24 55.63
CA ALA A 893 4.75 -33.95 56.03
C ALA A 893 5.11 -34.74 57.28
N LEU A 894 6.13 -35.57 57.18
CA LEU A 894 6.56 -36.40 58.29
C LEU A 894 7.88 -35.91 58.83
N GLN A 895 7.93 -35.57 60.11
CA GLN A 895 9.14 -35.01 60.66
C GLN A 895 10.24 -36.06 60.79
N ILE A 896 11.46 -35.61 60.61
CA ILE A 896 12.66 -36.40 60.83
C ILE A 896 13.78 -35.43 61.19
N PRO A 897 14.71 -35.77 62.09
CA PRO A 897 15.88 -35.00 62.44
C PRO A 897 16.69 -34.72 61.19
N PHE A 898 17.21 -33.50 61.06
CA PHE A 898 17.87 -33.12 59.82
C PHE A 898 19.09 -33.99 59.49
N PRO A 899 19.99 -34.31 60.43
CA PRO A 899 21.13 -35.19 60.26
C PRO A 899 20.70 -36.56 59.77
N MET A 900 19.52 -37.02 60.18
CA MET A 900 19.04 -38.31 59.75
C MET A 900 18.51 -38.23 58.32
N GLN A 901 17.93 -37.10 57.98
CA GLN A 901 17.52 -36.81 56.62
C GLN A 901 18.73 -36.79 55.70
N MET A 902 19.81 -36.18 56.16
CA MET A 902 21.03 -36.09 55.37
C MET A 902 21.67 -37.46 55.22
N ALA A 903 21.55 -38.29 56.24
CA ALA A 903 22.03 -39.67 56.18
C ALA A 903 21.25 -40.46 55.14
N TYR A 904 19.95 -40.23 55.04
CA TYR A 904 19.12 -40.85 54.03
C TYR A 904 19.61 -40.46 52.63
N ARG A 905 19.96 -39.19 52.49
CA ARG A 905 20.40 -38.66 51.21
C ARG A 905 21.80 -39.14 50.83
N PHE A 906 22.62 -39.47 51.83
CA PHE A 906 23.91 -40.09 51.55
C PHE A 906 23.71 -41.49 50.99
N ASN A 907 22.76 -42.23 51.54
CA ASN A 907 22.42 -43.55 51.01
C ASN A 907 21.93 -43.45 49.58
N GLY A 908 21.24 -42.35 49.28
CA GLY A 908 20.68 -42.11 47.95
C GLY A 908 21.76 -41.95 46.88
N ILE A 909 23.00 -41.72 47.30
CA ILE A 909 24.10 -41.57 46.37
C ILE A 909 25.13 -42.68 46.52
N GLY A 910 24.73 -43.73 47.24
CA GLY A 910 25.57 -44.92 47.37
C GLY A 910 26.65 -44.79 48.44
N VAL A 911 26.45 -43.91 49.40
CA VAL A 911 27.40 -43.75 50.51
C VAL A 911 26.73 -44.18 51.81
N THR A 912 27.41 -45.02 52.58
CA THR A 912 26.79 -45.57 53.78
C THR A 912 26.49 -44.47 54.81
N GLN A 913 25.44 -44.68 55.60
CA GLN A 913 24.94 -43.64 56.49
C GLN A 913 25.90 -43.31 57.63
N ASN A 914 26.79 -44.24 57.96
CA ASN A 914 27.73 -43.99 59.04
C ASN A 914 28.76 -42.95 58.63
N VAL A 915 28.92 -42.74 57.33
CA VAL A 915 29.87 -41.75 56.84
C VAL A 915 29.37 -40.35 57.17
N LEU A 916 28.06 -40.16 57.09
CA LEU A 916 27.44 -38.90 57.47
C LEU A 916 27.60 -38.66 58.97
N TYR A 917 27.28 -39.68 59.77
CA TYR A 917 27.25 -39.52 61.21
C TYR A 917 28.63 -39.37 61.83
N GLU A 918 29.62 -40.00 61.23
CA GLU A 918 30.98 -39.95 61.77
C GLU A 918 31.68 -38.65 61.39
N ASN A 919 31.17 -37.98 60.37
CA ASN A 919 31.76 -36.74 59.88
C ASN A 919 30.78 -35.59 59.98
N GLN A 920 29.81 -35.69 60.88
CA GLN A 920 28.71 -34.73 60.93
C GLN A 920 29.19 -33.31 61.14
N LYS A 921 30.18 -33.11 62.00
CA LYS A 921 30.68 -31.77 62.28
C LYS A 921 31.35 -31.19 61.05
N LEU A 922 32.19 -31.98 60.40
CA LEU A 922 32.88 -31.57 59.18
C LEU A 922 31.89 -31.23 58.07
N ILE A 923 30.88 -32.08 57.91
CA ILE A 923 29.90 -31.90 56.85
C ILE A 923 29.08 -30.64 57.05
N ALA A 924 28.64 -30.40 58.27
CA ALA A 924 27.88 -29.19 58.58
C ALA A 924 28.73 -27.96 58.33
N ASN A 925 30.02 -28.02 58.64
CA ASN A 925 30.91 -26.89 58.42
C ASN A 925 31.11 -26.62 56.93
N GLN A 926 31.29 -27.68 56.15
CA GLN A 926 31.48 -27.54 54.71
C GLN A 926 30.23 -26.95 54.08
N PHE A 927 29.08 -27.39 54.53
CA PHE A 927 27.81 -26.88 54.06
C PHE A 927 27.66 -25.40 54.37
N ASN A 928 27.91 -25.03 55.62
CA ASN A 928 27.72 -23.66 56.07
C ASN A 928 28.63 -22.70 55.32
N SER A 929 29.85 -23.14 55.04
CA SER A 929 30.79 -22.33 54.29
C SER A 929 30.36 -22.16 52.85
N ALA A 930 29.87 -23.23 52.25
CA ALA A 930 29.43 -23.20 50.86
C ALA A 930 28.27 -22.22 50.69
N ILE A 931 27.35 -22.19 51.64
CA ILE A 931 26.23 -21.26 51.57
C ILE A 931 26.71 -19.83 51.70
N GLY A 932 27.64 -19.59 52.62
CA GLY A 932 28.20 -18.26 52.82
C GLY A 932 28.85 -17.73 51.57
N LYS A 933 29.50 -18.61 50.80
CA LYS A 933 30.15 -18.22 49.57
C LYS A 933 29.15 -17.75 48.53
N ILE A 934 27.95 -18.31 48.54
CA ILE A 934 26.91 -17.88 47.61
C ILE A 934 26.57 -16.42 47.83
N GLN A 935 26.43 -16.04 49.09
CA GLN A 935 26.12 -14.67 49.45
C GLN A 935 27.25 -13.73 49.02
N ASP A 936 28.49 -14.16 49.24
CA ASP A 936 29.65 -13.35 48.89
C ASP A 936 29.82 -13.22 47.39
N SER A 937 29.54 -14.30 46.66
CA SER A 937 29.67 -14.32 45.22
C SER A 937 28.69 -13.35 44.58
N LEU A 938 27.44 -13.41 45.01
CA LEU A 938 26.40 -12.54 44.47
C LEU A 938 26.71 -11.08 44.79
N SER A 939 27.25 -10.84 45.98
CA SER A 939 27.57 -9.49 46.44
C SER A 939 28.75 -8.88 45.69
N SER A 940 29.45 -9.68 44.90
CA SER A 940 30.66 -9.22 44.23
C SER A 940 30.66 -9.49 42.72
N THR A 941 29.52 -9.89 42.17
CA THR A 941 29.45 -10.18 40.73
C THR A 941 28.22 -9.60 40.05
N PRO A 942 28.37 -8.42 39.44
CA PRO A 942 27.34 -7.64 38.74
C PRO A 942 26.63 -8.42 37.63
N SER A 943 27.34 -9.37 37.01
CA SER A 943 26.82 -10.10 35.85
C SER A 943 26.12 -11.40 36.23
N ALA A 944 26.06 -11.70 37.52
CA ALA A 944 25.58 -13.00 37.98
C ALA A 944 24.15 -13.29 37.54
N LEU A 945 23.31 -12.26 37.46
CA LEU A 945 21.89 -12.46 37.19
C LEU A 945 21.50 -12.04 35.79
N GLY A 946 22.44 -12.13 34.85
CA GLY A 946 22.19 -11.73 33.46
C GLY A 946 20.99 -12.43 32.85
N LYS A 947 20.73 -13.68 33.23
CA LYS A 947 19.61 -14.41 32.65
C LYS A 947 18.28 -13.72 32.92
N LEU A 948 18.15 -13.07 34.07
CA LEU A 948 16.92 -12.39 34.40
C LEU A 948 16.92 -10.98 33.85
N GLN A 949 18.10 -10.37 33.83
CA GLN A 949 18.24 -9.00 33.35
C GLN A 949 17.97 -8.92 31.85
N ASP A 950 18.35 -9.95 31.12
CA ASP A 950 18.13 -9.99 29.68
C ASP A 950 16.65 -9.97 29.34
N VAL A 951 15.83 -10.62 30.16
CA VAL A 951 14.40 -10.64 29.91
C VAL A 951 13.82 -9.25 30.09
N VAL A 952 14.26 -8.57 31.14
CA VAL A 952 13.84 -7.21 31.40
C VAL A 952 14.27 -6.29 30.26
N ASN A 953 15.50 -6.46 29.79
CA ASN A 953 16.04 -5.60 28.75
C ASN A 953 15.34 -5.83 27.41
N GLN A 954 15.10 -7.08 27.07
CA GLN A 954 14.49 -7.40 25.78
C GLN A 954 13.08 -6.86 25.69
N ASN A 955 12.34 -6.91 26.79
CA ASN A 955 10.98 -6.41 26.81
C ASN A 955 10.96 -4.89 26.75
N ALA A 956 11.90 -4.25 27.45
CA ALA A 956 12.00 -2.80 27.44
C ALA A 956 12.36 -2.32 26.04
N GLN A 957 13.26 -3.01 25.34
CA GLN A 957 13.67 -2.63 23.98
C GLN A 957 12.55 -2.82 22.97
N ALA A 958 11.69 -3.81 23.16
CA ALA A 958 10.53 -3.98 22.29
C ALA A 958 9.50 -2.88 22.46
N LEU A 959 9.23 -2.47 23.70
CA LEU A 959 8.24 -1.44 23.94
C LEU A 959 8.74 -0.08 23.47
N ASN A 960 10.02 0.20 23.69
CA ASN A 960 10.57 1.48 23.29
C ASN A 960 10.63 1.57 21.78
N THR A 961 10.92 0.47 21.12
CA THR A 961 10.92 0.42 19.67
C THR A 961 9.53 0.70 19.12
N LEU A 962 8.52 0.11 19.74
CA LEU A 962 7.14 0.30 19.31
C LEU A 962 6.73 1.75 19.43
N VAL A 963 7.08 2.41 20.53
CA VAL A 963 6.71 3.80 20.73
C VAL A 963 7.42 4.70 19.73
N LYS A 964 8.69 4.45 19.48
CA LYS A 964 9.47 5.25 18.54
C LYS A 964 8.90 5.19 17.13
N GLN A 965 8.21 4.12 16.79
CA GLN A 965 7.61 3.99 15.46
C GLN A 965 6.49 5.01 15.27
N LEU A 966 6.01 5.61 16.33
CA LEU A 966 4.99 6.65 16.23
C LEU A 966 5.57 7.93 15.68
N SER A 967 6.91 7.98 15.59
CA SER A 967 7.60 9.13 15.03
C SER A 967 7.85 8.94 13.54
N SER A 968 7.44 7.80 13.01
CA SER A 968 7.66 7.50 11.60
C SER A 968 6.59 8.13 10.72
N ASN A 969 7.01 8.61 9.55
CA ASN A 969 6.09 9.21 8.59
C ASN A 969 5.42 8.15 7.73
N PHE A 970 6.15 7.09 7.40
CA PHE A 970 5.64 6.03 6.55
C PHE A 970 5.19 6.56 5.20
N GLY A 971 5.77 7.69 4.78
CA GLY A 971 5.46 8.27 3.48
C GLY A 971 4.50 9.46 3.59
N ALA A 972 3.93 9.64 4.78
CA ALA A 972 3.01 10.75 5.02
C ALA A 972 3.77 12.06 5.19
N ILE A 973 3.04 13.16 5.06
CA ILE A 973 3.63 14.50 5.20
C ILE A 973 4.12 14.76 6.61
N SER A 974 3.54 14.07 7.58
CA SER A 974 3.92 14.23 8.98
C SER A 974 3.60 12.99 9.78
N SER A 975 4.42 12.72 10.79
CA SER A 975 4.17 11.64 11.73
C SER A 975 3.05 11.97 12.69
N VAL A 976 2.75 13.26 12.81
CA VAL A 976 1.74 13.72 13.74
C VAL A 976 0.37 13.78 13.08
N LEU A 977 -0.56 13.01 13.61
CA LEU A 977 -1.86 12.86 13.00
C LEU A 977 -2.64 14.17 13.03
N ASN A 978 -2.46 14.94 14.09
CA ASN A 978 -3.15 16.21 14.23
C ASN A 978 -2.67 17.23 13.20
N ASP A 979 -1.41 17.13 12.78
CA ASP A 979 -0.89 18.05 11.79
C ASP A 979 -1.61 17.85 10.47
N ILE A 980 -1.88 16.59 10.14
CA ILE A 980 -2.58 16.26 8.91
C ILE A 980 -4.00 16.77 8.94
N LEU A 981 -4.68 16.55 10.06
CA LEU A 981 -6.08 16.93 10.20
C LEU A 981 -6.27 18.45 10.26
N SER A 982 -5.29 19.15 10.82
CA SER A 982 -5.39 20.61 10.94
C SER A 982 -5.06 21.33 9.64
N ARG A 983 -4.26 20.73 8.78
CA ARG A 983 -3.80 21.39 7.56
C ARG A 983 -4.60 21.02 6.33
N LEU A 984 -4.96 19.74 6.20
CA LEU A 984 -5.64 19.26 4.99
C LEU A 984 -7.15 18.95 5.35
N CYS A 985 -7.87 19.02 4.20
CA CYS A 985 -9.47 18.62 4.33
C CYS A 985 -9.55 17.22 3.92
N PRO A 986 -10.82 16.65 4.16
CA PRO A 986 -11.05 15.19 4.14
C PRO A 986 -10.51 14.41 2.90
N PRO A 987 -10.64 14.84 1.65
CA PRO A 987 -10.19 14.05 0.50
C PRO A 987 -8.67 13.78 0.48
N GLU A 988 -7.85 14.72 0.95
CA GLU A 988 -6.42 14.52 0.91
C GLU A 988 -5.86 14.04 2.26
N ALA A 989 -6.63 14.26 3.31
CA ALA A 989 -6.19 13.83 4.62
C ALA A 989 -6.25 12.31 4.73
N GLU A 990 -7.29 11.74 4.13
CA GLU A 990 -7.49 10.30 4.22
C GLU A 990 -6.34 9.54 3.61
N VAL A 991 -5.76 10.06 2.54
CA VAL A 991 -4.61 9.42 1.92
C VAL A 991 -3.42 9.44 2.86
N GLN A 992 -3.20 10.58 3.50
CA GLN A 992 -2.09 10.72 4.44
C GLN A 992 -2.30 9.88 5.68
N ILE A 993 -3.55 9.78 6.13
CA ILE A 993 -3.86 9.00 7.30
C ILE A 993 -3.69 7.52 7.02
N ASP A 994 -4.12 7.07 5.84
CA ASP A 994 -3.98 5.69 5.43
C ASP A 994 -2.53 5.25 5.51
N ARG A 995 -1.61 6.13 5.17
CA ARG A 995 -0.18 5.80 5.22
C ARG A 995 0.29 5.60 6.64
N LEU A 996 -0.20 6.41 7.56
CA LEU A 996 0.16 6.25 8.95
C LEU A 996 -0.48 5.02 9.56
N ILE A 997 -1.72 4.73 9.17
CA ILE A 997 -2.40 3.55 9.66
C ILE A 997 -1.70 2.28 9.20
N THR A 998 -1.33 2.25 7.92
CA THR A 998 -0.66 1.08 7.37
C THR A 998 0.64 0.80 8.12
N GLY A 999 1.43 1.83 8.35
CA GLY A 999 2.71 1.69 9.02
C GLY A 999 2.54 1.33 10.49
N ARG A 1000 1.60 1.99 11.15
CA ARG A 1000 1.40 1.77 12.59
C ARG A 1000 0.80 0.41 12.86
N LEU A 1001 -0.06 -0.06 11.97
CA LEU A 1001 -0.62 -1.39 12.08
C LEU A 1001 0.47 -2.43 11.89
N GLN A 1002 1.34 -2.20 10.91
CA GLN A 1002 2.46 -3.10 10.64
C GLN A 1002 3.42 -3.15 11.83
N SER A 1003 3.64 -2.00 12.46
CA SER A 1003 4.54 -1.93 13.61
C SER A 1003 3.99 -2.71 14.78
N LEU A 1004 2.68 -2.63 14.98
CA LEU A 1004 2.05 -3.33 16.09
C LEU A 1004 2.00 -4.83 15.84
N GLN A 1005 1.76 -5.23 14.60
CA GLN A 1005 1.74 -6.64 14.27
C GLN A 1005 3.12 -7.26 14.49
N THR A 1006 4.17 -6.50 14.16
CA THR A 1006 5.53 -6.96 14.40
C THR A 1006 5.78 -7.16 15.88
N TYR A 1007 5.34 -6.20 16.68
CA TYR A 1007 5.50 -6.27 18.13
C TYR A 1007 4.84 -7.51 18.71
N VAL A 1008 3.59 -7.75 18.35
CA VAL A 1008 2.83 -8.86 18.91
C VAL A 1008 3.44 -10.20 18.51
N THR A 1009 3.86 -10.34 17.26
CA THR A 1009 4.48 -11.57 16.81
C THR A 1009 5.73 -11.87 17.62
N GLN A 1010 6.53 -10.84 17.87
CA GLN A 1010 7.75 -11.01 18.65
C GLN A 1010 7.45 -11.38 20.10
N GLN A 1011 6.36 -10.84 20.64
CA GLN A 1011 5.97 -11.13 22.00
C GLN A 1011 5.50 -12.58 22.14
N LEU A 1012 4.84 -13.10 21.10
CA LEU A 1012 4.37 -14.47 21.11
C LEU A 1012 5.54 -15.45 21.06
N ILE A 1013 6.54 -15.12 20.27
CA ILE A 1013 7.74 -15.95 20.16
C ILE A 1013 8.53 -15.91 21.45
N ARG A 1014 8.69 -14.71 22.00
CA ARG A 1014 9.38 -14.53 23.27
C ARG A 1014 8.65 -15.23 24.40
N ALA A 1015 7.33 -15.16 24.39
CA ALA A 1015 6.51 -15.79 25.42
C ALA A 1015 6.70 -17.29 25.42
N ALA A 1016 6.82 -17.88 24.24
CA ALA A 1016 6.99 -19.31 24.12
C ALA A 1016 8.31 -19.75 24.74
N GLU A 1017 9.34 -18.94 24.57
CA GLU A 1017 10.64 -19.25 25.14
C GLU A 1017 10.61 -19.17 26.67
N ILE A 1018 9.92 -18.17 27.20
CA ILE A 1018 9.77 -18.01 28.63
C ILE A 1018 8.96 -19.14 29.22
N ARG A 1019 7.92 -19.57 28.50
CA ARG A 1019 7.09 -20.67 28.94
C ARG A 1019 7.91 -21.95 29.11
N ALA A 1020 8.78 -22.23 28.14
CA ALA A 1020 9.65 -23.40 28.23
C ALA A 1020 10.59 -23.30 29.41
N SER A 1021 11.09 -22.10 29.69
CA SER A 1021 11.95 -21.88 30.84
C SER A 1021 11.19 -22.12 32.14
N ALA A 1022 9.95 -21.64 32.20
CA ALA A 1022 9.09 -21.85 33.36
C ALA A 1022 8.76 -23.32 33.54
N ASN A 1023 8.58 -24.04 32.43
CA ASN A 1023 8.29 -25.46 32.50
C ASN A 1023 9.46 -26.23 33.08
N LEU A 1024 10.66 -25.82 32.72
CA LEU A 1024 11.87 -26.43 33.24
C LEU A 1024 12.04 -26.13 34.73
N ALA A 1025 11.75 -24.89 35.12
CA ALA A 1025 11.85 -24.48 36.51
C ALA A 1025 10.87 -25.26 37.37
N ALA A 1026 9.67 -25.49 36.86
CA ALA A 1026 8.67 -26.25 37.59
C ALA A 1026 9.10 -27.70 37.76
N THR A 1027 9.76 -28.26 36.76
CA THR A 1027 10.27 -29.62 36.84
C THR A 1027 11.38 -29.73 37.89
N LYS A 1028 12.26 -28.74 37.92
CA LYS A 1028 13.34 -28.72 38.89
C LYS A 1028 12.82 -28.56 40.30
N MET A 1029 11.78 -27.76 40.47
CA MET A 1029 11.18 -27.62 41.78
C MET A 1029 10.69 -28.98 42.28
N SER A 1030 10.05 -29.73 41.40
CA SER A 1030 9.53 -31.05 41.76
C SER A 1030 10.63 -32.08 41.98
N GLU A 1031 11.63 -32.08 41.12
CA GLU A 1031 12.62 -33.16 41.13
C GLU A 1031 13.91 -32.88 41.95
N CYS A 1032 14.20 -31.66 42.19
CA CYS A 1032 15.43 -31.18 42.98
C CYS A 1032 15.06 -30.70 44.31
N VAL A 1033 13.96 -30.06 44.49
CA VAL A 1033 13.56 -29.53 45.79
C VAL A 1033 12.66 -30.49 46.54
N LEU A 1034 11.68 -31.07 45.87
CA LEU A 1034 10.75 -31.99 46.51
C LEU A 1034 11.24 -33.43 46.47
N GLY A 1035 12.48 -33.62 46.08
CA GLY A 1035 13.07 -34.95 46.07
C GLY A 1035 14.55 -34.93 45.74
N GLN A 1036 15.17 -36.10 45.77
CA GLN A 1036 16.57 -36.29 45.41
C GLN A 1036 16.67 -36.94 44.05
N SER A 1037 17.33 -36.28 43.11
CA SER A 1037 17.34 -36.72 41.72
C SER A 1037 18.56 -37.57 41.38
N LYS A 1038 18.34 -38.61 40.58
CA LYS A 1038 19.43 -39.42 40.06
C LYS A 1038 19.79 -39.02 38.63
N ARG A 1039 19.11 -38.00 38.10
CA ARG A 1039 19.39 -37.53 36.75
C ARG A 1039 20.67 -36.72 36.74
N VAL A 1040 21.62 -37.14 35.92
CA VAL A 1040 22.94 -36.52 35.93
C VAL A 1040 22.91 -35.07 35.44
N ASP A 1041 23.49 -34.20 36.25
CA ASP A 1041 23.61 -32.77 35.96
C ASP A 1041 22.27 -32.07 35.81
N PHE A 1042 21.20 -32.69 36.28
CA PHE A 1042 19.91 -32.03 36.30
C PHE A 1042 19.78 -31.05 37.47
N CYS A 1043 20.36 -31.40 38.62
CA CYS A 1043 20.28 -30.58 39.86
C CYS A 1043 21.69 -30.26 40.33
N GLY A 1044 22.49 -29.69 39.45
CA GLY A 1044 23.85 -29.26 39.80
C GLY A 1044 24.89 -30.31 39.41
N LYS A 1045 26.17 -29.90 39.49
CA LYS A 1045 27.27 -30.80 39.12
C LYS A 1045 27.76 -31.55 40.37
N GLY A 1046 27.86 -32.86 40.27
CA GLY A 1046 28.19 -33.73 41.39
C GLY A 1046 26.98 -34.60 41.71
N TYR A 1047 27.04 -35.37 42.79
CA TYR A 1047 25.94 -36.24 43.14
C TYR A 1047 24.93 -35.47 43.98
N HIS A 1048 23.71 -35.34 43.47
CA HIS A 1048 22.71 -34.49 44.11
C HIS A 1048 22.30 -34.98 45.48
N LEU A 1049 22.33 -34.08 46.44
CA LEU A 1049 21.82 -34.36 47.78
C LEU A 1049 20.46 -33.70 47.97
N MET A 1050 20.41 -32.39 47.76
CA MET A 1050 19.17 -31.63 47.94
C MET A 1050 19.29 -30.25 47.33
N SER A 1051 18.16 -29.57 47.17
CA SER A 1051 18.16 -28.21 46.64
C SER A 1051 17.22 -27.29 47.39
N PHE A 1052 17.53 -26.00 47.36
CA PHE A 1052 16.73 -24.99 48.01
C PHE A 1052 16.38 -23.87 47.02
N PRO A 1053 15.10 -23.53 46.87
CA PRO A 1053 14.61 -22.44 46.06
C PRO A 1053 14.78 -21.09 46.75
N GLN A 1054 15.02 -20.06 45.95
CA GLN A 1054 14.98 -18.67 46.38
C GLN A 1054 14.25 -17.85 45.33
N SER A 1055 13.39 -16.93 45.75
CA SER A 1055 12.68 -16.12 44.78
C SER A 1055 13.57 -15.00 44.24
N ALA A 1056 13.29 -14.61 43.01
CA ALA A 1056 14.00 -13.50 42.36
C ALA A 1056 13.01 -12.79 41.44
N PRO A 1057 13.24 -11.54 41.07
CA PRO A 1057 12.42 -10.76 40.19
C PRO A 1057 12.19 -11.52 38.87
N HIS A 1058 10.93 -11.86 38.63
CA HIS A 1058 10.52 -12.54 37.39
C HIS A 1058 11.19 -13.89 37.19
N GLY A 1059 11.70 -14.49 38.26
CA GLY A 1059 12.38 -15.77 38.11
C GLY A 1059 12.61 -16.49 39.43
N VAL A 1060 13.34 -17.59 39.35
CA VAL A 1060 13.65 -18.42 40.50
C VAL A 1060 15.13 -18.76 40.52
N VAL A 1061 15.70 -18.81 41.70
CA VAL A 1061 17.07 -19.25 41.87
C VAL A 1061 17.14 -20.53 42.68
N PHE A 1062 17.84 -21.52 42.15
CA PHE A 1062 18.00 -22.78 42.87
C PHE A 1062 19.40 -22.92 43.41
N LEU A 1063 19.51 -23.28 44.67
CA LEU A 1063 20.79 -23.62 45.27
C LEU A 1063 20.91 -25.12 45.40
N HIS A 1064 21.77 -25.71 44.59
CA HIS A 1064 21.90 -27.15 44.55
C HIS A 1064 23.04 -27.61 45.44
N VAL A 1065 22.76 -28.58 46.30
CA VAL A 1065 23.78 -29.13 47.19
C VAL A 1065 24.19 -30.50 46.70
N THR A 1066 25.47 -30.66 46.39
CA THR A 1066 25.95 -31.91 45.84
C THR A 1066 27.13 -32.47 46.62
N TYR A 1067 27.30 -33.78 46.51
CA TYR A 1067 28.44 -34.49 47.08
C TYR A 1067 29.49 -34.69 46.01
N VAL A 1068 30.68 -34.13 46.23
CA VAL A 1068 31.77 -34.26 45.27
C VAL A 1068 32.95 -34.99 45.89
N PRO A 1069 33.29 -36.17 45.37
CA PRO A 1069 34.40 -37.01 45.79
C PRO A 1069 35.70 -36.24 45.78
N ALA A 1070 36.58 -36.52 46.73
CA ALA A 1070 37.84 -35.79 46.85
C ALA A 1070 38.97 -36.69 47.34
N HIS A 1071 40.20 -36.29 47.02
CA HIS A 1071 41.40 -36.93 47.57
C HIS A 1071 41.44 -38.42 47.25
N GLU A 1072 41.41 -38.76 45.98
CA GLU A 1072 41.42 -40.14 45.55
C GLU A 1072 42.78 -40.78 45.71
N LYS A 1073 42.80 -42.10 45.91
CA LYS A 1073 44.05 -42.86 45.99
C LYS A 1073 43.99 -44.00 45.00
N ASN A 1074 45.15 -44.49 44.51
CA ASN A 1074 45.28 -45.62 43.59
C ASN A 1074 45.34 -46.92 44.37
N PHE A 1075 44.56 -47.95 43.98
CA PHE A 1075 44.58 -49.30 44.55
C PHE A 1075 44.65 -50.36 43.46
N THR A 1076 45.15 -51.54 43.81
CA THR A 1076 45.03 -52.70 42.94
C THR A 1076 43.70 -53.37 43.16
N THR A 1077 43.06 -53.82 42.09
CA THR A 1077 41.74 -54.42 42.21
C THR A 1077 41.63 -55.77 41.53
N ALA A 1078 40.52 -56.43 41.78
CA ALA A 1078 40.21 -57.72 41.17
C ALA A 1078 38.69 -57.88 41.09
N PRO A 1079 38.19 -58.54 40.05
CA PRO A 1079 36.79 -58.82 39.79
C PRO A 1079 36.22 -59.85 40.76
N ALA A 1080 37.08 -60.72 41.28
CA ALA A 1080 36.63 -61.79 42.16
C ALA A 1080 37.79 -62.34 42.98
N ILE A 1081 37.45 -62.97 44.10
CA ILE A 1081 38.42 -63.67 44.93
C ILE A 1081 38.22 -65.16 44.89
N CYS A 1082 39.26 -65.98 44.75
CA CYS A 1082 39.27 -67.34 44.76
C CYS A 1082 39.47 -67.98 46.15
N HIS A 1083 38.67 -68.70 46.75
CA HIS A 1083 38.89 -69.32 48.05
C HIS A 1083 38.19 -70.65 48.15
N ASP A 1084 38.93 -71.68 48.52
CA ASP A 1084 38.39 -73.04 48.59
C ASP A 1084 37.79 -73.49 47.26
N GLY A 1085 38.35 -72.98 46.17
CA GLY A 1085 37.91 -73.37 44.84
C GLY A 1085 36.64 -72.65 44.39
N LYS A 1086 36.14 -71.75 45.22
CA LYS A 1086 34.92 -71.02 44.92
C LYS A 1086 35.22 -69.58 44.56
N ALA A 1087 34.48 -69.04 43.60
CA ALA A 1087 34.63 -67.64 43.20
C ALA A 1087 33.72 -66.74 44.03
N HIS A 1088 34.32 -65.73 44.66
CA HIS A 1088 33.60 -64.81 45.52
C HIS A 1088 33.53 -63.42 44.91
N PHE A 1089 32.35 -62.81 44.97
CA PHE A 1089 32.15 -61.46 44.47
C PHE A 1089 31.64 -60.58 45.61
N PRO A 1090 31.91 -59.28 45.59
CA PRO A 1090 31.44 -58.30 46.55
C PRO A 1090 29.93 -58.18 46.48
N ARG A 1091 29.27 -58.02 47.63
CA ARG A 1091 27.84 -57.80 47.64
C ARG A 1091 27.49 -56.35 47.35
N GLU A 1092 28.26 -55.42 47.90
CA GLU A 1092 27.93 -54.01 47.82
C GLU A 1092 29.08 -53.11 47.40
N GLY A 1093 30.27 -53.69 47.22
CA GLY A 1093 31.45 -52.86 47.00
C GLY A 1093 32.41 -53.44 45.98
N VAL A 1094 33.68 -53.10 46.14
CA VAL A 1094 34.74 -53.50 45.24
C VAL A 1094 35.95 -54.02 46.02
N PHE A 1095 36.60 -55.06 45.50
CA PHE A 1095 37.80 -55.59 46.13
C PHE A 1095 39.01 -54.72 45.83
N VAL A 1096 39.77 -54.40 46.87
CA VAL A 1096 40.96 -53.57 46.73
C VAL A 1096 42.13 -54.12 47.51
N SER A 1097 43.32 -53.90 46.98
CA SER A 1097 44.54 -54.26 47.67
C SER A 1097 45.41 -53.04 47.93
N ASN A 1098 45.96 -52.96 49.13
CA ASN A 1098 46.88 -51.87 49.49
C ASN A 1098 48.33 -52.21 49.16
N GLY A 1099 48.52 -53.31 48.41
CA GLY A 1099 49.83 -53.76 47.96
C GLY A 1099 50.21 -55.07 48.63
N THR A 1100 49.61 -55.35 49.78
CA THR A 1100 49.92 -56.58 50.50
C THR A 1100 48.67 -57.30 51.01
N HIS A 1101 47.62 -56.55 51.33
CA HIS A 1101 46.41 -57.14 51.89
C HIS A 1101 45.17 -56.76 51.09
N TRP A 1102 44.25 -57.70 50.97
CA TRP A 1102 43.00 -57.47 50.25
C TRP A 1102 41.84 -57.13 51.19
N PHE A 1103 41.05 -56.16 50.76
CA PHE A 1103 39.87 -55.71 51.49
C PHE A 1103 38.70 -55.50 50.55
N VAL A 1104 37.52 -55.35 51.11
CA VAL A 1104 36.38 -54.90 50.33
C VAL A 1104 35.92 -53.55 50.84
N THR A 1105 35.64 -52.63 49.93
CA THR A 1105 35.22 -51.29 50.30
C THR A 1105 34.00 -50.83 49.51
N GLN A 1106 33.20 -49.97 50.12
CA GLN A 1106 32.17 -49.26 49.37
C GLN A 1106 32.81 -48.43 48.28
N ARG A 1107 32.07 -48.19 47.21
CA ARG A 1107 32.66 -47.70 45.96
C ARG A 1107 33.04 -46.22 45.96
N ASN A 1108 32.28 -45.40 46.67
CA ASN A 1108 32.44 -43.95 46.57
C ASN A 1108 33.19 -43.35 47.75
N PHE A 1109 33.69 -44.19 48.63
CA PHE A 1109 34.37 -43.73 49.82
C PHE A 1109 35.23 -44.84 50.39
N TYR A 1110 36.52 -44.58 50.55
CA TYR A 1110 37.43 -45.61 50.99
C TYR A 1110 37.19 -45.97 52.45
N GLU A 1111 36.78 -47.21 52.67
CA GLU A 1111 36.48 -47.71 54.00
C GLU A 1111 36.66 -49.22 54.02
N PRO A 1112 37.90 -49.69 54.03
CA PRO A 1112 38.31 -51.06 53.81
C PRO A 1112 37.85 -51.98 54.93
N GLN A 1113 37.31 -53.13 54.55
CA GLN A 1113 36.87 -54.13 55.50
C GLN A 1113 37.46 -55.49 55.16
N ILE A 1114 37.61 -56.33 56.17
CA ILE A 1114 38.06 -57.70 55.95
C ILE A 1114 37.07 -58.45 55.09
N ILE A 1115 37.58 -59.20 54.12
CA ILE A 1115 36.72 -59.97 53.23
C ILE A 1115 36.18 -61.19 53.94
N THR A 1116 34.87 -61.28 54.04
CA THR A 1116 34.22 -62.33 54.79
C THR A 1116 33.08 -62.93 53.99
N THR A 1117 32.45 -63.96 54.55
CA THR A 1117 31.30 -64.59 53.93
C THR A 1117 30.05 -63.70 54.02
N ASP A 1118 30.12 -62.65 54.83
CA ASP A 1118 28.97 -61.76 55.04
C ASP A 1118 28.94 -60.57 54.08
N ASN A 1119 30.06 -60.26 53.45
CA ASN A 1119 30.11 -59.13 52.54
C ASN A 1119 30.47 -59.56 51.12
N THR A 1120 30.42 -60.87 50.89
CA THR A 1120 30.63 -61.44 49.56
C THR A 1120 29.55 -62.47 49.25
N PHE A 1121 29.47 -62.89 47.99
CA PHE A 1121 28.64 -64.02 47.62
C PHE A 1121 29.38 -64.93 46.66
N VAL A 1122 28.97 -66.19 46.60
CA VAL A 1122 29.66 -67.18 45.79
C VAL A 1122 28.92 -67.51 44.51
N SER A 1123 29.67 -67.60 43.42
CA SER A 1123 29.10 -68.07 42.16
C SER A 1123 30.09 -68.84 41.31
N GLY A 1124 29.93 -70.17 41.29
CA GLY A 1124 30.75 -71.03 40.43
C GLY A 1124 32.15 -71.24 40.96
N ASN A 1125 32.97 -71.93 40.18
CA ASN A 1125 34.36 -72.19 40.53
C ASN A 1125 35.26 -71.07 40.02
N CYS A 1126 36.56 -71.18 40.28
CA CYS A 1126 37.51 -70.10 39.97
C CYS A 1126 38.07 -70.19 38.54
N ASP A 1127 37.60 -71.10 37.72
CA ASP A 1127 38.18 -71.33 36.40
C ASP A 1127 37.66 -70.37 35.34
N VAL A 1128 36.53 -69.73 35.58
CA VAL A 1128 35.86 -68.95 34.53
C VAL A 1128 36.27 -67.48 34.54
N VAL A 1129 36.40 -66.88 35.71
CA VAL A 1129 36.59 -65.44 35.79
C VAL A 1129 38.02 -65.01 35.46
N ILE A 1130 38.12 -64.08 34.52
CA ILE A 1130 39.42 -63.57 34.10
C ILE A 1130 39.92 -62.53 35.09
N GLY A 1131 41.09 -62.76 35.66
CA GLY A 1131 41.68 -61.82 36.60
C GLY A 1131 41.39 -62.15 38.06
N ILE A 1132 40.78 -63.31 38.32
CA ILE A 1132 40.50 -63.74 39.68
C ILE A 1132 41.80 -63.91 40.46
N VAL A 1133 41.81 -63.49 41.73
CA VAL A 1133 43.00 -63.61 42.56
C VAL A 1133 42.76 -64.49 43.78
N ASN A 1134 43.81 -65.12 44.28
CA ASN A 1134 43.77 -65.97 45.45
C ASN A 1134 43.85 -65.18 46.75
N ASN A 1135 42.92 -65.36 47.65
CA ASN A 1135 42.92 -64.70 48.97
C ASN A 1135 42.05 -65.45 49.95
N THR A 1136 42.28 -65.24 51.24
CA THR A 1136 41.45 -65.84 52.27
C THR A 1136 40.11 -65.13 52.41
N VAL A 1137 39.05 -65.93 52.51
CA VAL A 1137 37.74 -65.40 52.83
C VAL A 1137 37.32 -65.90 54.19
N TYR A 1138 37.09 -64.97 55.12
CA TYR A 1138 36.87 -65.30 56.52
C TYR A 1138 35.41 -65.62 56.83
N ASP A 1139 35.20 -66.73 57.54
CA ASP A 1139 33.86 -67.11 58.01
C ASP A 1139 33.74 -66.82 59.52
N PRO A 1140 32.95 -65.81 59.91
CA PRO A 1140 32.78 -65.31 61.27
C PRO A 1140 32.37 -66.37 62.28
N LEU A 1141 31.78 -67.46 61.82
CA LEU A 1141 31.32 -68.50 62.73
C LEU A 1141 32.37 -69.56 62.98
N GLN A 1142 33.45 -69.48 62.22
CA GLN A 1142 34.53 -70.45 62.31
C GLN A 1142 35.08 -70.61 63.73
N PRO A 1143 35.51 -69.52 64.42
CA PRO A 1143 36.03 -69.53 65.77
C PRO A 1143 34.95 -69.78 66.80
N GLU A 1144 33.71 -69.49 66.45
CA GLU A 1144 32.59 -69.72 67.36
C GLU A 1144 32.30 -71.21 67.49
N LEU A 1145 32.41 -71.92 66.37
CA LEU A 1145 32.20 -73.36 66.32
C LEU A 1145 33.29 -74.03 65.49
N VAL B 1 29.73 24.11 -19.94
CA VAL B 1 31.07 24.66 -19.76
C VAL B 1 31.15 26.05 -20.36
N ILE B 2 31.71 27.00 -19.59
CA ILE B 2 31.92 28.34 -20.08
C ILE B 2 33.31 28.45 -20.70
N TRP B 3 33.35 28.63 -22.01
CA TRP B 3 34.61 28.76 -22.73
C TRP B 3 35.14 30.18 -22.65
N MET B 4 36.46 30.32 -22.64
CA MET B 4 37.09 31.63 -22.61
C MET B 4 37.93 31.88 -23.86
N THR B 5 37.98 33.14 -24.30
CA THR B 5 38.78 33.51 -25.46
C THR B 5 39.48 34.84 -25.24
N GLN B 6 40.57 35.08 -25.96
CA GLN B 6 41.35 36.31 -25.82
C GLN B 6 41.72 36.90 -27.18
N SER B 7 41.90 38.22 -27.20
CA SER B 7 42.28 38.92 -28.42
C SER B 7 43.14 40.15 -28.13
N PRO B 8 44.22 40.33 -28.87
CA PRO B 8 44.77 39.47 -29.91
C PRO B 8 45.45 38.26 -29.31
N SER B 9 45.81 37.29 -30.15
CA SER B 9 46.60 36.16 -29.69
C SER B 9 48.00 36.59 -29.26
N SER B 10 48.50 37.64 -29.92
CA SER B 10 49.80 38.20 -29.58
C SER B 10 49.89 39.66 -30.04
N LEU B 11 50.73 40.43 -29.36
CA LEU B 11 50.98 41.81 -29.75
C LEU B 11 52.44 42.19 -29.52
N SER B 12 52.91 43.18 -30.27
CA SER B 12 54.24 43.75 -30.04
C SER B 12 54.15 45.22 -29.62
N ALA B 13 54.89 45.58 -28.58
CA ALA B 13 54.85 46.96 -28.07
C ALA B 13 56.20 47.34 -27.44
N SER B 14 56.48 48.64 -27.40
CA SER B 14 57.73 49.16 -26.85
C SER B 14 57.54 49.73 -25.47
N VAL B 15 58.64 50.06 -24.79
CA VAL B 15 58.56 50.66 -23.48
C VAL B 15 57.90 52.03 -23.54
N GLY B 16 56.91 52.24 -22.68
CA GLY B 16 56.19 53.49 -22.64
C GLY B 16 54.87 53.43 -23.39
N ASP B 17 54.68 52.38 -24.19
CA ASP B 17 53.46 52.20 -24.95
C ASP B 17 52.32 51.71 -24.06
N ARG B 18 51.09 52.02 -24.44
CA ARG B 18 49.92 51.48 -23.76
C ARG B 18 49.51 50.15 -24.36
N VAL B 19 49.33 49.14 -23.52
CA VAL B 19 48.98 47.81 -23.98
C VAL B 19 47.60 47.38 -23.50
N THR B 20 46.73 47.04 -24.45
CA THR B 20 45.39 46.58 -24.09
C THR B 20 45.16 45.16 -24.58
N ILE B 21 44.70 44.31 -23.65
CA ILE B 21 44.40 42.92 -23.94
C ILE B 21 42.93 42.62 -23.64
N THR B 22 42.24 42.02 -24.59
CA THR B 22 40.82 41.73 -24.42
C THR B 22 40.56 40.28 -24.07
N CYS B 23 39.76 40.01 -23.05
CA CYS B 23 39.30 38.73 -22.66
C CYS B 23 37.79 38.58 -22.77
N GLN B 24 37.24 37.56 -23.28
CA GLN B 24 35.81 37.39 -23.39
C GLN B 24 35.37 36.04 -22.86
N ALA B 25 34.26 36.04 -22.14
CA ALA B 25 33.68 34.81 -21.64
C ALA B 25 32.59 34.36 -22.60
N SER B 26 32.42 33.03 -22.69
CA SER B 26 31.37 32.48 -23.58
C SER B 26 30.01 32.84 -23.01
N GLN B 27 29.90 33.23 -21.73
CA GLN B 27 28.60 33.55 -21.08
C GLN B 27 28.83 34.59 -19.98
N ASP B 28 27.76 35.23 -19.51
CA ASP B 28 27.84 36.28 -18.42
C ASP B 28 28.40 35.75 -17.09
N ILE B 29 29.57 36.24 -16.69
CA ILE B 29 30.23 35.82 -15.47
C ILE B 29 30.35 36.97 -14.47
N ARG B 30 29.44 37.93 -14.60
CA ARG B 30 29.42 39.10 -13.71
C ARG B 30 30.77 39.81 -13.74
N PHE B 31 31.39 39.91 -12.57
CA PHE B 31 32.70 40.54 -12.46
C PHE B 31 33.74 39.52 -12.00
N TYR B 32 33.37 38.26 -12.04
CA TYR B 32 34.21 37.20 -11.50
C TYR B 32 35.23 36.70 -12.51
N LEU B 33 36.37 37.38 -12.56
CA LEU B 33 37.42 37.03 -13.52
C LEU B 33 38.81 37.34 -12.97
N ASN B 34 39.71 36.35 -13.06
CA ASN B 34 41.08 36.53 -12.61
C ASN B 34 42.04 36.74 -13.77
N TRP B 35 42.97 37.67 -13.60
CA TRP B 35 44.02 37.93 -14.61
C TRP B 35 45.38 37.50 -14.10
N TYR B 36 46.03 36.61 -14.84
CA TYR B 36 47.33 36.07 -14.46
C TYR B 36 48.41 36.42 -15.48
N GLN B 37 49.63 36.63 -15.00
CA GLN B 37 50.77 36.88 -15.86
C GLN B 37 51.82 35.79 -15.68
N GLN B 38 52.28 35.21 -16.78
CA GLN B 38 53.27 34.14 -16.72
C GLN B 38 54.49 34.44 -17.58
N LYS B 39 55.67 34.29 -16.97
CA LYS B 39 56.92 34.36 -17.72
C LYS B 39 57.44 32.93 -17.91
N PRO B 40 58.19 32.67 -18.99
CA PRO B 40 58.71 31.38 -19.36
C PRO B 40 59.47 30.72 -18.20
N GLY B 41 59.13 29.47 -17.91
CA GLY B 41 59.82 28.69 -16.88
C GLY B 41 59.24 28.88 -15.49
N LYS B 42 58.24 29.76 -15.36
CA LYS B 42 57.67 30.06 -14.05
C LYS B 42 56.17 29.80 -13.98
N ALA B 43 55.69 29.56 -12.77
CA ALA B 43 54.25 29.49 -12.50
C ALA B 43 53.63 30.86 -12.67
N PRO B 44 52.36 30.93 -13.09
CA PRO B 44 51.57 32.14 -13.25
C PRO B 44 51.41 32.92 -11.97
N LYS B 45 51.37 34.24 -12.07
CA LYS B 45 51.15 35.11 -10.93
C LYS B 45 49.89 35.93 -11.11
N LEU B 46 49.06 36.00 -10.07
CA LEU B 46 47.83 36.77 -10.15
C LEU B 46 48.09 38.26 -10.05
N LEU B 47 47.50 39.03 -10.96
CA LEU B 47 47.58 40.48 -10.90
C LEU B 47 46.25 41.11 -10.49
N ILE B 48 45.15 40.57 -11.01
CA ILE B 48 43.83 41.13 -10.75
C ILE B 48 42.79 40.05 -10.47
N SER B 49 41.92 40.31 -9.49
CA SER B 49 40.80 39.42 -9.19
C SER B 49 39.48 40.18 -9.19
N ASP B 50 38.39 39.44 -9.36
CA ASP B 50 37.08 40.07 -9.37
C ASP B 50 37.05 41.22 -10.39
N ALA B 51 37.65 40.98 -11.55
CA ALA B 51 37.67 41.93 -12.67
C ALA B 51 38.60 43.12 -12.44
N SER B 52 38.41 43.86 -11.36
CA SER B 52 39.12 45.13 -11.19
C SER B 52 39.99 45.20 -9.93
N ASN B 53 39.87 44.24 -9.03
CA ASN B 53 40.58 44.32 -7.77
C ASN B 53 42.05 43.97 -7.92
N MET B 54 42.91 44.95 -7.69
CA MET B 54 44.34 44.77 -7.85
C MET B 54 44.92 43.96 -6.70
N GLU B 55 45.85 43.07 -7.00
CA GLU B 55 46.52 42.31 -5.97
C GLU B 55 47.59 43.15 -5.28
N THR B 56 47.77 42.93 -3.99
CA THR B 56 48.78 43.67 -3.24
C THR B 56 50.17 43.41 -3.80
N GLY B 57 50.92 44.49 -4.03
CA GLY B 57 52.28 44.39 -4.54
C GLY B 57 52.35 44.64 -6.05
N VAL B 58 51.21 44.65 -6.71
CA VAL B 58 51.15 44.90 -8.15
C VAL B 58 51.25 46.40 -8.45
N PRO B 59 52.18 46.80 -9.33
CA PRO B 59 52.42 48.18 -9.74
C PRO B 59 51.15 48.85 -10.26
N SER B 60 51.05 50.14 -9.98
CA SER B 60 49.84 50.93 -10.30
C SER B 60 49.63 51.12 -11.80
N ARG B 61 50.64 50.78 -12.59
CA ARG B 61 50.54 50.90 -14.04
C ARG B 61 49.58 49.86 -14.61
N PHE B 62 49.24 48.86 -13.81
CA PHE B 62 48.34 47.81 -14.25
C PHE B 62 46.91 48.11 -13.82
N SER B 63 45.95 47.80 -14.68
CA SER B 63 44.53 47.97 -14.37
C SER B 63 43.68 47.01 -15.19
N GLY B 64 42.39 46.95 -14.86
CA GLY B 64 41.44 46.15 -15.61
C GLY B 64 40.02 46.55 -15.28
N SER B 65 39.10 46.22 -16.19
CA SER B 65 37.70 46.56 -16.03
C SER B 65 36.81 45.69 -16.92
N GLY B 66 35.51 45.76 -16.70
CA GLY B 66 34.57 45.05 -17.55
C GLY B 66 33.54 44.27 -16.73
N SER B 67 32.60 43.66 -17.43
CA SER B 67 31.54 42.90 -16.80
C SER B 67 30.86 41.98 -17.81
N GLY B 68 30.14 40.98 -17.30
CA GLY B 68 29.37 40.10 -18.16
C GLY B 68 30.30 39.20 -18.96
N THR B 69 30.31 39.39 -20.27
CA THR B 69 31.17 38.59 -21.13
C THR B 69 32.42 39.37 -21.52
N ASP B 70 32.46 40.65 -21.15
CA ASP B 70 33.45 41.57 -21.70
C ASP B 70 34.43 42.11 -20.66
N PHE B 71 35.69 41.75 -20.80
CA PHE B 71 36.70 42.22 -19.88
C PHE B 71 37.95 42.72 -20.60
N THR B 72 38.54 43.78 -20.06
CA THR B 72 39.78 44.35 -20.62
C THR B 72 40.89 44.46 -19.58
N PHE B 73 42.11 44.11 -19.98
CA PHE B 73 43.29 44.33 -19.15
C PHE B 73 44.19 45.33 -19.79
N THR B 74 44.70 46.24 -18.97
CA THR B 74 45.50 47.31 -19.51
C THR B 74 46.80 47.52 -18.75
N ILE B 75 47.85 47.81 -19.51
CA ILE B 75 49.08 48.36 -18.97
C ILE B 75 49.26 49.79 -19.49
N SER B 76 49.18 50.77 -18.61
CA SER B 76 49.15 52.17 -19.02
C SER B 76 50.48 52.64 -19.60
N SER B 77 51.55 51.98 -19.21
CA SER B 77 52.89 52.33 -19.69
C SER B 77 53.82 51.13 -19.57
N LEU B 78 54.00 50.42 -20.67
CA LEU B 78 54.72 49.15 -20.65
C LEU B 78 56.19 49.31 -20.23
N GLN B 79 56.61 48.46 -19.30
CA GLN B 79 58.01 48.39 -18.86
C GLN B 79 58.66 47.15 -19.46
N PRO B 80 60.00 47.09 -19.55
CA PRO B 80 60.78 45.98 -20.07
C PRO B 80 60.58 44.70 -19.25
N GLU B 81 60.09 44.86 -18.03
CA GLU B 81 59.86 43.73 -17.13
C GLU B 81 58.48 43.11 -17.34
N ASP B 82 57.69 43.71 -18.23
CA ASP B 82 56.30 43.30 -18.44
C ASP B 82 56.13 42.40 -19.65
N ILE B 83 57.23 41.90 -20.20
CA ILE B 83 57.16 41.01 -21.35
C ILE B 83 56.82 39.60 -20.89
N ALA B 84 55.59 39.18 -21.18
CA ALA B 84 55.03 37.97 -20.61
C ALA B 84 53.75 37.55 -21.34
N THR B 85 53.25 36.37 -21.00
CA THR B 85 51.96 35.91 -21.50
C THR B 85 50.88 36.12 -20.45
N TYR B 86 49.78 36.73 -20.85
CA TYR B 86 48.69 37.02 -19.92
C TYR B 86 47.49 36.11 -20.16
N TYR B 87 46.99 35.51 -19.09
CA TYR B 87 45.83 34.63 -19.16
C TYR B 87 44.68 35.18 -18.35
N CYS B 88 43.47 34.95 -18.84
CA CYS B 88 42.27 35.36 -18.06
C CYS B 88 41.47 34.11 -17.70
N GLN B 89 40.99 34.01 -16.46
CA GLN B 89 40.32 32.79 -15.98
C GLN B 89 39.01 33.12 -15.30
N GLN B 90 37.96 32.39 -15.64
CA GLN B 90 36.66 32.59 -15.02
C GLN B 90 36.45 31.60 -13.90
N TYR B 91 35.96 32.10 -12.77
CA TYR B 91 35.69 31.25 -11.63
C TYR B 91 34.23 31.31 -11.22
N ASP B 92 33.38 31.66 -12.17
CA ASP B 92 31.95 31.78 -11.89
C ASP B 92 31.30 30.42 -11.74
N ASN B 93 31.67 29.48 -12.60
CA ASN B 93 31.04 28.17 -12.62
C ASN B 93 32.06 27.07 -12.83
N LEU B 94 31.97 26.02 -12.02
CA LEU B 94 32.81 24.85 -12.19
C LEU B 94 32.30 24.00 -13.36
N PRO B 95 33.22 23.46 -14.15
CA PRO B 95 34.66 23.54 -14.08
C PRO B 95 35.16 24.94 -14.44
N PHE B 96 36.26 25.35 -13.81
CA PHE B 96 36.87 26.62 -14.11
C PHE B 96 37.67 26.57 -15.39
N THR B 97 37.75 27.69 -16.10
CA THR B 97 38.39 27.71 -17.40
C THR B 97 39.33 28.90 -17.60
N PHE B 98 40.48 28.62 -18.21
CA PHE B 98 41.44 29.65 -18.59
C PHE B 98 41.34 29.98 -20.07
N GLY B 99 41.65 31.20 -20.44
CA GLY B 99 41.72 31.59 -21.85
C GLY B 99 43.02 31.07 -22.45
N PRO B 100 43.16 31.20 -23.78
CA PRO B 100 44.30 30.76 -24.57
C PRO B 100 45.60 31.46 -24.23
N GLY B 101 45.49 32.66 -23.66
CA GLY B 101 46.66 33.45 -23.31
C GLY B 101 47.04 34.42 -24.41
N THR B 102 47.42 35.63 -24.02
CA THR B 102 47.89 36.63 -24.98
C THR B 102 49.36 36.92 -24.77
N LYS B 103 50.15 36.75 -25.81
CA LYS B 103 51.59 36.94 -25.72
C LYS B 103 52.01 38.37 -26.05
N VAL B 104 52.77 38.97 -25.14
CA VAL B 104 53.30 40.32 -25.36
C VAL B 104 54.79 40.27 -25.69
N ASP B 105 55.15 40.80 -26.85
CA ASP B 105 56.54 40.87 -27.27
C ASP B 105 57.09 42.29 -27.08
N PHE B 106 58.40 42.41 -27.04
CA PHE B 106 59.03 43.71 -26.96
C PHE B 106 59.41 44.19 -28.35
N ALA B 107 58.83 45.29 -28.80
CA ALA B 107 59.05 45.82 -30.15
C ALA B 107 60.28 46.73 -30.16
N GLU C 1 57.61 32.10 2.94
CA GLU C 1 57.16 31.14 3.94
C GLU C 1 56.25 30.07 3.33
N VAL C 2 55.27 30.52 2.54
CA VAL C 2 54.29 29.63 1.92
C VAL C 2 54.92 28.82 0.79
N GLN C 3 54.77 27.50 0.86
CA GLN C 3 55.37 26.63 -0.14
C GLN C 3 54.42 25.52 -0.60
N LEU C 4 54.49 25.22 -1.88
CA LEU C 4 53.76 24.10 -2.47
C LEU C 4 54.71 23.30 -3.35
N VAL C 5 54.89 22.02 -3.03
CA VAL C 5 55.90 21.21 -3.69
C VAL C 5 55.33 19.94 -4.31
N GLU C 6 55.31 19.90 -5.64
CA GLU C 6 54.82 18.75 -6.38
C GLU C 6 55.88 17.66 -6.50
N SER C 7 55.43 16.41 -6.54
CA SER C 7 56.32 15.29 -6.75
C SER C 7 55.59 14.10 -7.39
N GLY C 8 56.35 13.12 -7.85
CA GLY C 8 55.77 11.91 -8.43
C GLY C 8 55.75 11.95 -9.96
N GLY C 9 56.41 12.96 -10.54
CA GLY C 9 56.46 13.08 -11.99
C GLY C 9 57.42 12.06 -12.60
N GLY C 10 57.50 12.04 -13.93
CA GLY C 10 58.35 11.08 -14.62
C GLY C 10 57.76 10.63 -15.95
N VAL C 11 58.26 9.52 -16.47
CA VAL C 11 57.85 9.01 -17.78
C VAL C 11 57.09 7.69 -17.66
N VAL C 12 55.91 7.64 -18.26
CA VAL C 12 55.06 6.45 -18.24
C VAL C 12 54.59 6.07 -19.65
N GLN C 13 54.06 4.85 -19.78
CA GLN C 13 53.52 4.41 -21.07
C GLN C 13 52.02 4.69 -21.17
N PRO C 14 51.47 4.84 -22.38
CA PRO C 14 50.06 5.01 -22.67
C PRO C 14 49.24 3.87 -22.08
N GLY C 15 48.10 4.22 -21.50
CA GLY C 15 47.22 3.23 -20.88
C GLY C 15 47.62 2.98 -19.44
N GLY C 16 48.73 3.58 -19.02
CA GLY C 16 49.26 3.37 -17.68
C GLY C 16 48.64 4.32 -16.67
N SER C 17 49.25 4.39 -15.48
CA SER C 17 48.75 5.22 -14.40
C SER C 17 49.89 5.86 -13.61
N LEU C 18 49.60 6.97 -12.96
CA LEU C 18 50.59 7.69 -12.18
C LEU C 18 49.97 8.47 -11.04
N ARG C 19 50.60 8.41 -9.86
CA ARG C 19 50.11 9.15 -8.71
C ARG C 19 50.98 10.36 -8.40
N LEU C 20 50.39 11.55 -8.52
CA LEU C 20 51.09 12.78 -8.20
C LEU C 20 50.70 13.27 -6.82
N SER C 21 51.60 13.99 -6.17
CA SER C 21 51.31 14.57 -4.87
C SER C 21 51.86 15.98 -4.76
N CYS C 22 51.36 16.75 -3.82
CA CYS C 22 51.81 18.09 -3.54
C CYS C 22 51.87 18.37 -2.05
N ALA C 23 53.02 18.50 -1.46
CA ALA C 23 53.18 18.80 -0.06
C ALA C 23 52.98 20.29 0.15
N ALA C 24 52.36 20.65 1.26
CA ALA C 24 52.08 22.03 1.55
C ALA C 24 52.61 22.44 2.91
N SER C 25 53.10 23.67 3.00
CA SER C 25 53.54 24.23 4.27
C SER C 25 53.45 25.76 4.26
N GLY C 26 53.41 26.36 5.45
CA GLY C 26 53.44 27.81 5.59
C GLY C 26 52.05 28.42 5.56
N PHE C 27 51.03 27.60 5.33
CA PHE C 27 49.66 28.08 5.27
C PHE C 27 48.68 27.04 5.79
N THR C 28 47.47 27.48 6.07
CA THR C 28 46.45 26.60 6.64
C THR C 28 45.83 25.72 5.58
N PHE C 29 46.57 24.71 5.16
CA PHE C 29 46.15 23.81 4.10
C PHE C 29 44.74 23.28 4.34
N ASN C 30 44.44 22.91 5.58
CA ASN C 30 43.17 22.26 5.91
C ASN C 30 42.00 23.23 5.90
N SER C 31 42.28 24.50 5.61
CA SER C 31 41.24 25.52 5.56
C SER C 31 40.82 25.81 4.12
N TYR C 32 41.62 25.40 3.15
CA TYR C 32 41.39 25.80 1.77
C TYR C 32 41.03 24.64 0.87
N GLY C 33 40.18 24.91 -0.11
CA GLY C 33 40.00 24.00 -1.23
C GLY C 33 41.21 24.11 -2.15
N MET C 34 41.51 23.04 -2.88
CA MET C 34 42.71 23.02 -3.71
C MET C 34 42.43 22.61 -5.15
N HIS C 35 43.18 23.21 -6.08
CA HIS C 35 43.00 22.94 -7.51
C HIS C 35 44.24 22.32 -8.13
N TRP C 36 44.04 21.54 -9.18
CA TRP C 36 45.12 21.09 -10.03
C TRP C 36 45.02 21.74 -11.40
N VAL C 37 46.14 22.20 -11.92
CA VAL C 37 46.23 22.81 -13.24
C VAL C 37 47.42 22.24 -14.00
N ARG C 38 47.28 22.02 -15.30
CA ARG C 38 48.38 21.48 -16.09
C ARG C 38 48.69 22.33 -17.31
N GLN C 39 49.94 22.26 -17.79
CA GLN C 39 50.35 23.01 -18.97
C GLN C 39 51.25 22.19 -19.88
N ALA C 40 50.73 21.81 -21.04
CA ALA C 40 51.52 21.09 -22.03
C ALA C 40 52.56 22.03 -22.62
N PRO C 41 53.71 21.53 -23.07
CA PRO C 41 54.80 22.28 -23.66
C PRO C 41 54.30 23.15 -24.81
N GLY C 42 54.56 24.45 -24.70
CA GLY C 42 54.20 25.39 -25.77
C GLY C 42 52.73 25.78 -25.75
N LYS C 43 51.99 25.28 -24.76
CA LYS C 43 50.56 25.53 -24.67
C LYS C 43 50.20 26.39 -23.47
N GLY C 44 48.93 26.81 -23.41
CA GLY C 44 48.43 27.60 -22.29
C GLY C 44 48.02 26.71 -21.13
N LEU C 45 47.36 27.30 -20.13
CA LEU C 45 46.98 26.57 -18.93
C LEU C 45 45.66 25.84 -19.10
N GLU C 46 45.57 24.65 -18.50
CA GLU C 46 44.34 23.89 -18.48
C GLU C 46 43.97 23.49 -17.06
N TRP C 47 42.76 23.87 -16.61
CA TRP C 47 42.28 23.53 -15.28
C TRP C 47 41.88 22.06 -15.25
N VAL C 48 42.34 21.31 -14.23
CA VAL C 48 42.13 19.86 -14.18
C VAL C 48 41.03 19.45 -13.19
N ALA C 49 41.18 19.83 -11.93
CA ALA C 49 40.27 19.35 -10.90
C ALA C 49 40.30 20.24 -9.65
N PHE C 50 39.22 20.16 -8.85
CA PHE C 50 39.14 20.88 -7.56
C PHE C 50 38.53 20.02 -6.47
N ILE C 51 39.10 20.16 -5.28
CA ILE C 51 38.58 19.51 -4.10
C ILE C 51 38.35 20.50 -2.97
N ARG C 52 37.25 20.36 -2.25
CA ARG C 52 36.92 21.26 -1.16
C ARG C 52 37.79 21.04 0.07
N TYR C 53 37.79 22.02 0.96
CA TYR C 53 38.62 22.02 2.18
C TYR C 53 38.48 20.74 3.00
N ASP C 54 37.29 20.16 3.03
CA ASP C 54 37.04 19.00 3.87
C ASP C 54 37.33 17.69 3.15
N GLY C 55 37.77 17.79 1.90
CA GLY C 55 38.07 16.61 1.10
C GLY C 55 36.80 15.93 0.61
N GLY C 56 35.70 16.67 0.59
CA GLY C 56 34.40 16.11 0.21
C GLY C 56 34.13 16.26 -1.29
N ASN C 57 33.47 17.35 -1.65
CA ASN C 57 33.06 17.55 -3.04
C ASN C 57 34.27 17.64 -3.96
N LYS C 58 34.18 16.98 -5.11
CA LYS C 58 35.25 16.98 -6.09
C LYS C 58 34.73 17.33 -7.49
N TYR C 59 35.53 18.05 -8.24
CA TYR C 59 35.16 18.49 -9.59
C TYR C 59 36.27 18.22 -10.59
N TYR C 60 35.90 17.92 -11.83
CA TYR C 60 36.87 17.61 -12.87
C TYR C 60 36.53 18.28 -14.21
N ALA C 61 37.56 18.52 -15.02
CA ALA C 61 37.38 18.94 -16.40
C ALA C 61 36.96 17.74 -17.24
N ASP C 62 36.26 18.01 -18.35
CA ASP C 62 35.76 16.93 -19.20
C ASP C 62 36.88 16.10 -19.82
N SER C 63 38.06 16.68 -19.93
CA SER C 63 39.20 16.02 -20.55
C SER C 63 39.81 14.96 -19.64
N VAL C 64 39.50 15.03 -18.34
CA VAL C 64 40.06 14.10 -17.37
C VAL C 64 38.98 13.39 -16.57
N LYS C 65 37.75 13.88 -16.65
CA LYS C 65 36.65 13.31 -15.89
C LYS C 65 36.44 11.85 -16.26
N GLY C 66 36.39 11.00 -15.24
CA GLY C 66 36.18 9.57 -15.44
C GLY C 66 37.50 8.81 -15.47
N ARG C 67 38.60 9.54 -15.59
CA ARG C 67 39.92 8.93 -15.63
C ARG C 67 40.74 9.31 -14.41
N PHE C 68 40.67 10.57 -14.01
CA PHE C 68 41.50 11.08 -12.92
C PHE C 68 40.70 11.20 -11.61
N THR C 69 41.41 11.03 -10.50
CA THR C 69 40.81 11.19 -9.16
C THR C 69 41.62 12.16 -8.31
N ILE C 70 40.91 13.05 -7.60
CA ILE C 70 41.51 14.05 -6.74
C ILE C 70 41.23 13.73 -5.29
N SER C 71 42.22 13.86 -4.44
CA SER C 71 42.07 13.57 -3.03
C SER C 71 43.06 14.37 -2.21
N ARG C 72 42.92 14.34 -0.89
CA ARG C 72 43.81 15.06 0.00
C ARG C 72 43.92 14.42 1.36
N ASP C 73 44.99 14.74 2.08
CA ASP C 73 45.16 14.31 3.45
C ASP C 73 45.53 15.50 4.33
N ASN C 74 44.57 15.96 5.13
CA ASN C 74 44.73 17.19 5.89
C ASN C 74 45.60 17.01 7.13
N SER C 75 45.90 15.75 7.47
CA SER C 75 46.78 15.49 8.59
C SER C 75 48.23 15.50 8.15
N LYS C 76 48.44 15.24 6.86
CA LYS C 76 49.77 15.25 6.27
C LYS C 76 49.99 16.47 5.38
N ASN C 77 49.01 17.37 5.37
CA ASN C 77 49.11 18.60 4.59
C ASN C 77 49.50 18.30 3.15
N THR C 78 48.89 17.29 2.54
CA THR C 78 49.26 16.87 1.20
C THR C 78 48.05 16.73 0.26
N LEU C 79 48.22 17.25 -0.95
CA LEU C 79 47.21 17.08 -2.01
C LEU C 79 47.66 16.01 -3.00
N TYR C 80 46.70 15.22 -3.49
CA TYR C 80 47.03 14.14 -4.42
C TYR C 80 46.19 14.19 -5.70
N LEU C 81 46.78 13.71 -6.80
CA LEU C 81 46.06 13.48 -8.04
C LEU C 81 46.42 12.12 -8.61
N GLN C 82 45.43 11.23 -8.69
CA GLN C 82 45.65 9.89 -9.20
C GLN C 82 45.16 9.77 -10.63
N MET C 83 46.08 9.53 -11.56
CA MET C 83 45.74 9.48 -12.96
C MET C 83 45.77 8.05 -13.49
N LYS C 84 44.73 7.68 -14.25
CA LYS C 84 44.65 6.36 -14.86
C LYS C 84 44.38 6.48 -16.35
N SER C 85 44.68 5.41 -17.08
CA SER C 85 44.45 5.37 -18.53
C SER C 85 45.05 6.60 -19.20
N LEU C 86 46.33 6.83 -18.96
CA LEU C 86 47.01 8.02 -19.45
C LEU C 86 47.20 7.96 -20.96
N ARG C 87 47.17 9.13 -21.60
CA ARG C 87 47.37 9.25 -23.03
C ARG C 87 48.50 10.21 -23.35
N ALA C 88 48.97 10.17 -24.59
CA ALA C 88 50.05 11.07 -25.02
C ALA C 88 49.67 12.52 -24.80
N GLU C 89 48.39 12.82 -24.92
CA GLU C 89 47.88 14.18 -24.77
C GLU C 89 47.99 14.69 -23.34
N ASP C 90 48.25 13.78 -22.40
CA ASP C 90 48.33 14.14 -20.99
C ASP C 90 49.74 14.60 -20.63
N THR C 91 50.64 14.61 -21.61
CA THR C 91 51.99 15.09 -21.37
C THR C 91 51.94 16.59 -21.06
N ALA C 92 52.40 16.95 -19.86
CA ALA C 92 52.30 18.33 -19.40
C ALA C 92 53.03 18.51 -18.07
N VAL C 93 53.25 19.76 -17.69
CA VAL C 93 53.68 20.07 -16.34
C VAL C 93 52.46 20.26 -15.45
N TYR C 94 52.40 19.51 -14.37
CA TYR C 94 51.27 19.57 -13.46
C TYR C 94 51.58 20.43 -12.25
N TYR C 95 50.69 21.37 -11.97
CA TYR C 95 50.86 22.27 -10.84
C TYR C 95 49.72 22.09 -9.84
N CYS C 96 50.05 22.18 -8.56
CA CYS C 96 49.07 22.31 -7.48
C CYS C 96 48.97 23.77 -7.12
N ALA C 97 47.77 24.24 -6.80
CA ALA C 97 47.61 25.65 -6.53
C ALA C 97 46.39 25.95 -5.68
N ASN C 98 46.50 27.05 -4.95
CA ASN C 98 45.38 27.63 -4.23
C ASN C 98 44.94 28.90 -4.95
N LEU C 99 43.92 28.77 -5.79
CA LEU C 99 43.53 29.86 -6.66
C LEU C 99 42.56 30.81 -5.98
N LYS C 100 42.83 32.10 -6.09
CA LYS C 100 41.95 33.09 -5.48
C LYS C 100 40.54 32.98 -6.05
N ASP C 101 39.55 32.92 -5.16
CA ASP C 101 38.18 32.70 -5.56
C ASP C 101 37.21 33.19 -4.50
N SER C 102 36.23 33.98 -4.92
CA SER C 102 35.26 34.58 -4.00
C SER C 102 33.93 33.84 -4.01
N ARG C 103 33.85 32.74 -4.73
CA ARG C 103 32.60 32.01 -4.86
C ARG C 103 32.63 30.60 -4.26
N TYR C 104 33.71 29.86 -4.48
CA TYR C 104 33.73 28.44 -4.09
C TYR C 104 34.75 28.15 -2.99
N SER C 105 36.02 28.48 -3.23
CA SER C 105 37.07 28.14 -2.29
C SER C 105 37.16 29.16 -1.15
N GLY C 106 36.74 30.39 -1.43
CA GLY C 106 36.80 31.46 -0.44
C GLY C 106 38.23 31.92 -0.19
N SER C 107 39.13 31.62 -1.12
CA SER C 107 40.53 31.98 -0.96
C SER C 107 40.77 33.45 -1.23
N TYR C 108 41.50 34.08 -0.32
CA TYR C 108 41.88 35.48 -0.47
C TYR C 108 43.26 35.58 -1.12
N TYR C 109 44.10 34.58 -0.87
CA TYR C 109 45.46 34.59 -1.36
C TYR C 109 45.65 33.58 -2.49
N ASP C 110 46.55 33.89 -3.42
CA ASP C 110 46.80 33.03 -4.58
C ASP C 110 48.20 32.44 -4.55
N TYR C 111 48.28 31.11 -4.44
CA TYR C 111 49.56 30.42 -4.35
C TYR C 111 49.70 29.28 -5.36
N TRP C 112 50.91 29.13 -5.90
CA TRP C 112 51.19 28.04 -6.84
C TRP C 112 52.49 27.32 -6.46
N GLY C 113 52.57 26.04 -6.82
CA GLY C 113 53.79 25.26 -6.64
C GLY C 113 54.75 25.46 -7.81
N GLN C 114 55.79 24.64 -7.86
CA GLN C 114 56.83 24.75 -8.89
C GLN C 114 56.52 23.90 -10.12
N GLY C 115 55.67 22.89 -9.94
CA GLY C 115 55.21 22.04 -11.04
C GLY C 115 56.05 20.80 -11.20
N THR C 116 55.41 19.73 -11.68
CA THR C 116 56.11 18.49 -11.96
C THR C 116 55.76 17.96 -13.33
N LEU C 117 56.78 17.56 -14.09
CA LEU C 117 56.58 17.12 -15.46
C LEU C 117 56.16 15.66 -15.56
N VAL C 118 55.08 15.41 -16.30
CA VAL C 118 54.66 14.06 -16.60
C VAL C 118 54.66 13.81 -18.10
N THR C 119 55.37 12.77 -18.52
CA THR C 119 55.45 12.45 -19.94
C THR C 119 54.89 11.07 -20.22
N VAL C 120 54.02 10.99 -21.22
CA VAL C 120 53.46 9.72 -21.65
C VAL C 120 54.03 9.33 -23.01
N SER C 121 54.69 8.17 -23.05
CA SER C 121 55.45 7.74 -24.23
C SER C 121 55.44 6.22 -24.37
N VAL D 1 30.10 25.04 -41.80
CA VAL D 1 29.99 24.19 -42.98
C VAL D 1 30.70 24.78 -44.18
N GLN D 2 31.46 23.96 -44.88
CA GLN D 2 32.20 24.41 -46.05
C GLN D 2 32.22 23.36 -47.16
N LEU D 3 31.96 23.80 -48.39
CA LEU D 3 32.06 22.96 -49.56
C LEU D 3 33.07 23.54 -50.54
N VAL D 4 33.94 22.70 -51.07
CA VAL D 4 34.95 23.14 -52.02
C VAL D 4 34.96 22.26 -53.26
N GLN D 5 35.39 22.84 -54.38
CA GLN D 5 35.37 22.12 -55.65
C GLN D 5 36.71 22.22 -56.39
N SER D 6 36.80 21.49 -57.50
CA SER D 6 37.99 21.52 -58.34
C SER D 6 38.10 22.84 -59.11
N GLY D 7 39.29 23.10 -59.65
CA GLY D 7 39.52 24.34 -60.39
C GLY D 7 38.96 24.28 -61.80
N ALA D 8 39.09 25.39 -62.52
CA ALA D 8 38.55 25.50 -63.87
C ALA D 8 39.25 24.54 -64.82
N GLU D 9 38.50 24.04 -65.80
CA GLU D 9 39.03 23.11 -66.78
C GLU D 9 38.63 23.47 -68.22
N VAL D 10 39.48 23.10 -69.17
CA VAL D 10 39.19 23.29 -70.59
C VAL D 10 39.16 21.95 -71.32
N LYS D 11 38.08 21.70 -72.06
CA LYS D 11 37.90 20.43 -72.76
C LYS D 11 37.52 20.61 -74.22
N LYS D 12 37.86 19.63 -75.04
CA LYS D 12 37.43 19.62 -76.43
C LYS D 12 36.06 18.94 -76.54
N PRO D 13 35.26 19.29 -77.55
CA PRO D 13 33.95 18.72 -77.84
C PRO D 13 34.02 17.20 -77.95
N GLY D 14 33.06 16.51 -77.34
CA GLY D 14 32.99 15.06 -77.37
C GLY D 14 33.65 14.43 -76.14
N ALA D 15 34.41 15.23 -75.40
CA ALA D 15 35.11 14.76 -74.21
C ALA D 15 34.17 14.74 -73.01
N SER D 16 34.73 14.50 -71.83
CA SER D 16 33.96 14.48 -70.60
C SER D 16 34.69 15.17 -69.46
N VAL D 17 33.93 15.68 -68.49
CA VAL D 17 34.51 16.35 -67.33
C VAL D 17 33.97 15.78 -66.02
N LYS D 18 34.85 15.60 -65.05
CA LYS D 18 34.45 15.16 -63.72
C LYS D 18 34.76 16.23 -62.68
N VAL D 19 33.71 16.76 -62.05
CA VAL D 19 33.86 17.82 -61.06
C VAL D 19 33.70 17.29 -59.64
N SER D 20 34.68 17.59 -58.79
CA SER D 20 34.66 17.15 -57.40
C SER D 20 33.91 18.13 -56.50
N CYS D 21 33.51 17.65 -55.32
CA CYS D 21 32.87 18.49 -54.31
C CYS D 21 33.14 17.96 -52.91
N LYS D 22 34.22 18.44 -52.29
CA LYS D 22 34.58 18.03 -50.95
C LYS D 22 33.77 18.84 -49.94
N ALA D 23 33.24 18.18 -48.92
CA ALA D 23 32.37 18.84 -47.96
C ALA D 23 32.73 18.48 -46.53
N SER D 24 32.57 19.45 -45.63
CA SER D 24 32.85 19.24 -44.21
C SER D 24 32.02 20.17 -43.32
N GLY D 25 32.00 19.88 -42.02
CA GLY D 25 31.35 20.75 -41.04
C GLY D 25 29.93 20.26 -40.69
N TYR D 26 29.56 19.12 -41.23
CA TYR D 26 28.23 18.54 -41.00
C TYR D 26 28.30 17.02 -41.18
N PRO D 27 27.34 16.27 -40.64
CA PRO D 27 27.17 14.86 -40.84
C PRO D 27 26.88 14.57 -42.31
N PHE D 28 27.90 14.14 -43.03
CA PHE D 28 27.85 14.03 -44.48
C PHE D 28 26.67 13.21 -44.96
N THR D 29 26.44 12.07 -44.32
CA THR D 29 25.44 11.11 -44.79
C THR D 29 24.02 11.54 -44.48
N SER D 30 23.86 12.64 -43.75
CA SER D 30 22.54 13.12 -43.37
C SER D 30 21.94 14.04 -44.42
N TYR D 31 22.75 14.51 -45.36
CA TYR D 31 22.28 15.47 -46.35
C TYR D 31 22.68 15.07 -47.75
N GLY D 32 21.79 15.28 -48.70
CA GLY D 32 22.07 14.95 -50.09
C GLY D 32 22.94 16.02 -50.75
N ILE D 33 23.37 15.75 -51.96
CA ILE D 33 24.17 16.69 -52.73
C ILE D 33 23.47 17.06 -54.02
N SER D 34 23.36 18.36 -54.28
CA SER D 34 22.71 18.83 -55.49
C SER D 34 23.69 19.51 -56.42
N TRP D 35 23.40 19.48 -57.72
CA TRP D 35 24.24 20.14 -58.70
C TRP D 35 23.44 21.09 -59.58
N VAL D 36 23.98 22.30 -59.77
CA VAL D 36 23.36 23.35 -60.57
C VAL D 36 24.36 23.97 -61.54
N ARG D 37 23.93 24.19 -62.78
CA ARG D 37 24.79 24.78 -63.80
C ARG D 37 24.38 26.22 -64.11
N GLN D 38 25.35 27.06 -64.44
CA GLN D 38 25.06 28.42 -64.86
C GLN D 38 26.00 28.92 -65.97
N ALA D 39 25.51 28.94 -67.20
CA ALA D 39 26.27 29.46 -68.33
C ALA D 39 26.37 30.98 -68.20
N PRO D 40 27.39 31.62 -68.79
CA PRO D 40 27.65 33.04 -68.71
C PRO D 40 26.42 33.86 -69.07
N GLY D 41 25.99 34.69 -68.12
CA GLY D 41 24.86 35.61 -68.34
C GLY D 41 23.50 34.91 -68.23
N GLN D 42 23.51 33.63 -67.89
CA GLN D 42 22.28 32.84 -67.82
C GLN D 42 21.82 32.62 -66.39
N GLY D 43 20.59 32.15 -66.23
CA GLY D 43 20.03 31.85 -64.92
C GLY D 43 20.49 30.47 -64.45
N LEU D 44 19.91 29.99 -63.36
CA LEU D 44 20.31 28.73 -62.76
C LEU D 44 19.57 27.54 -63.37
N GLU D 45 20.32 26.50 -63.72
CA GLU D 45 19.74 25.29 -64.29
C GLU D 45 20.09 24.07 -63.45
N TRP D 46 19.08 23.30 -63.04
CA TRP D 46 19.32 22.12 -62.23
C TRP D 46 19.81 20.95 -63.05
N MET D 47 20.81 20.23 -62.53
CA MET D 47 21.32 19.04 -63.19
C MET D 47 20.80 17.76 -62.57
N GLY D 48 20.84 17.66 -61.24
CA GLY D 48 20.42 16.44 -60.55
C GLY D 48 20.67 16.48 -59.04
N TRP D 49 20.42 15.33 -58.41
CA TRP D 49 20.58 15.16 -56.96
C TRP D 49 21.01 13.74 -56.60
N ILE D 50 21.90 13.62 -55.63
CA ILE D 50 22.35 12.31 -55.15
C ILE D 50 22.28 12.20 -53.63
N SER D 51 21.87 11.03 -53.15
CA SER D 51 21.87 10.75 -51.73
C SER D 51 23.23 10.25 -51.26
N THR D 52 23.77 10.88 -50.23
CA THR D 52 25.07 10.51 -49.69
C THR D 52 24.96 9.28 -48.81
N TYR D 53 23.73 8.94 -48.44
CA TYR D 53 23.46 7.81 -47.57
C TYR D 53 23.40 6.50 -48.34
N ASN D 54 22.64 6.46 -49.44
CA ASN D 54 22.41 5.20 -50.14
C ASN D 54 22.77 5.23 -51.63
N GLY D 55 23.19 6.38 -52.14
CA GLY D 55 23.64 6.48 -53.54
C GLY D 55 22.50 6.63 -54.54
N ASN D 56 21.28 6.79 -54.05
CA ASN D 56 20.13 6.98 -54.93
C ASN D 56 20.21 8.31 -55.64
N THR D 57 19.81 8.36 -56.92
CA THR D 57 19.96 9.58 -57.70
C THR D 57 18.68 9.99 -58.44
N ASN D 58 18.60 11.28 -58.76
CA ASN D 58 17.55 11.84 -59.61
C ASN D 58 18.16 12.88 -60.53
N TYR D 59 17.78 12.84 -61.81
CA TYR D 59 18.37 13.75 -62.78
C TYR D 59 17.33 14.54 -63.57
N ALA D 60 17.69 15.75 -63.95
CA ALA D 60 16.87 16.56 -64.84
C ALA D 60 16.84 15.92 -66.21
N GLN D 61 15.73 16.10 -66.92
CA GLN D 61 15.47 15.43 -68.19
C GLN D 61 16.50 15.76 -69.27
N LYS D 62 17.20 16.87 -69.13
CA LYS D 62 18.15 17.30 -70.15
C LYS D 62 19.49 16.62 -69.97
N PHE D 63 19.70 16.00 -68.82
CA PHE D 63 20.99 15.42 -68.48
C PHE D 63 20.92 13.92 -68.30
N GLN D 64 19.77 13.32 -68.60
CA GLN D 64 19.64 11.89 -68.45
C GLN D 64 20.40 11.16 -69.54
N GLY D 65 21.35 10.32 -69.12
CA GLY D 65 22.21 9.62 -70.07
C GLY D 65 23.51 10.37 -70.32
N ARG D 66 23.58 11.61 -69.85
CA ARG D 66 24.77 12.44 -70.02
C ARG D 66 25.52 12.61 -68.71
N VAL D 67 24.79 12.59 -67.60
CA VAL D 67 25.38 12.87 -66.29
C VAL D 67 25.32 11.68 -65.34
N THR D 68 26.45 11.41 -64.70
CA THR D 68 26.52 10.40 -63.65
C THR D 68 27.09 10.99 -62.37
N MET D 69 26.39 10.77 -61.26
CA MET D 69 26.85 11.24 -59.95
C MET D 69 27.32 10.10 -59.08
N THR D 70 28.38 10.35 -58.32
CA THR D 70 28.91 9.36 -57.40
C THR D 70 29.34 10.02 -56.09
N THR D 71 29.36 9.25 -55.02
CA THR D 71 29.74 9.78 -53.71
C THR D 71 30.76 8.90 -52.99
N ASP D 72 31.78 9.53 -52.42
CA ASP D 72 32.75 8.85 -51.58
C ASP D 72 32.53 9.22 -50.12
N THR D 73 32.03 8.28 -49.33
CA THR D 73 31.65 8.55 -47.95
C THR D 73 32.85 8.53 -47.01
N SER D 74 33.99 8.03 -47.48
CA SER D 74 35.19 7.95 -46.67
C SER D 74 35.96 9.25 -46.72
N THR D 75 35.82 9.97 -47.83
CA THR D 75 36.47 11.25 -48.01
C THR D 75 35.47 12.40 -48.00
N THR D 76 34.24 12.09 -47.60
CA THR D 76 33.15 13.07 -47.58
C THR D 76 33.18 13.96 -48.81
N THR D 77 33.19 13.33 -49.99
CA THR D 77 33.27 14.06 -51.25
C THR D 77 32.28 13.56 -52.29
N GLY D 78 31.57 14.49 -52.92
CA GLY D 78 30.69 14.16 -54.02
C GLY D 78 31.37 14.46 -55.36
N TYR D 79 30.96 13.75 -56.41
CA TYR D 79 31.47 14.00 -57.75
C TYR D 79 30.36 13.96 -58.79
N MET D 80 30.51 14.75 -59.85
CA MET D 80 29.59 14.71 -60.97
C MET D 80 30.32 14.67 -62.30
N GLU D 81 29.96 13.73 -63.15
CA GLU D 81 30.59 13.59 -64.45
C GLU D 81 29.63 13.89 -65.59
N LEU D 82 30.04 14.77 -66.51
CA LEU D 82 29.24 15.10 -67.68
C LEU D 82 29.92 14.62 -68.95
N ARG D 83 29.22 13.81 -69.73
CA ARG D 83 29.78 13.21 -70.94
C ARG D 83 29.32 13.89 -72.22
N ARG D 84 30.04 13.64 -73.31
CA ARG D 84 29.68 14.16 -74.64
C ARG D 84 29.58 15.68 -74.61
N LEU D 85 30.65 16.34 -74.20
CA LEU D 85 30.64 17.78 -74.01
C LEU D 85 30.40 18.55 -75.30
N ARG D 86 29.61 19.61 -75.18
CA ARG D 86 29.29 20.51 -76.28
C ARG D 86 29.75 21.93 -75.95
N SER D 87 29.90 22.75 -76.98
CA SER D 87 30.35 24.12 -76.77
C SER D 87 29.38 24.91 -75.89
N ASP D 88 28.12 24.52 -75.91
CA ASP D 88 27.10 25.22 -75.11
C ASP D 88 27.03 24.68 -73.69
N ASP D 89 27.95 23.77 -73.35
CA ASP D 89 28.06 23.27 -71.99
C ASP D 89 29.05 24.12 -71.21
N THR D 90 29.58 25.16 -71.86
CA THR D 90 30.47 26.09 -71.19
C THR D 90 29.70 26.84 -70.11
N ALA D 91 30.09 26.63 -68.86
CA ALA D 91 29.33 27.12 -67.73
C ALA D 91 30.06 26.91 -66.42
N VAL D 92 29.59 27.55 -65.36
CA VAL D 92 30.05 27.26 -64.02
C VAL D 92 29.17 26.19 -63.36
N TYR D 93 29.81 25.17 -62.82
CA TYR D 93 29.08 24.05 -62.21
C TYR D 93 29.17 24.13 -60.68
N TYR D 94 28.02 24.31 -60.05
CA TYR D 94 27.97 24.50 -58.61
C TYR D 94 27.49 23.24 -57.88
N CYS D 95 28.11 22.98 -56.73
CA CYS D 95 27.71 21.91 -55.80
C CYS D 95 27.18 22.50 -54.47
N ALA D 96 26.04 22.00 -54.04
CA ALA D 96 25.40 22.52 -52.84
C ALA D 96 24.84 21.41 -51.96
N ARG D 97 24.75 21.68 -50.66
CA ARG D 97 24.13 20.76 -49.72
C ARG D 97 22.61 20.83 -49.84
N ASP D 98 21.98 19.67 -49.92
CA ASP D 98 20.56 19.62 -50.23
C ASP D 98 19.67 19.33 -49.03
N TYR D 99 18.55 20.04 -48.96
CA TYR D 99 17.46 19.71 -48.05
C TYR D 99 16.10 19.80 -48.74
N THR D 100 16.08 19.52 -50.04
CA THR D 100 14.83 19.45 -50.78
C THR D 100 14.35 18.01 -50.87
N ARG D 101 15.25 17.07 -50.65
CA ARG D 101 14.93 15.65 -50.65
C ARG D 101 15.70 14.90 -49.56
N GLY D 102 15.04 13.94 -48.92
CA GLY D 102 15.67 13.15 -47.87
C GLY D 102 16.70 12.19 -48.41
N ALA D 103 17.75 11.95 -47.63
CA ALA D 103 18.82 11.04 -48.01
C ALA D 103 18.43 9.58 -47.78
N TRP D 104 17.59 9.32 -46.77
CA TRP D 104 17.27 7.96 -46.41
C TRP D 104 16.03 7.45 -47.12
N PHE D 105 15.00 8.28 -47.20
CA PHE D 105 13.71 7.86 -47.74
C PHE D 105 13.49 8.36 -49.16
N GLY D 106 14.18 9.44 -49.52
CA GLY D 106 14.06 10.02 -50.86
C GLY D 106 12.79 10.84 -51.05
N GLU D 107 12.22 11.32 -49.95
CA GLU D 107 10.99 12.11 -50.02
C GLU D 107 11.30 13.59 -50.00
N SER D 108 10.41 14.38 -50.60
CA SER D 108 10.59 15.83 -50.65
C SER D 108 10.52 16.45 -49.26
N LEU D 109 11.38 17.44 -49.02
CA LEU D 109 11.48 18.10 -47.72
C LEU D 109 11.24 19.60 -47.80
N ILE D 110 10.96 20.21 -46.64
CA ILE D 110 10.83 21.65 -46.54
C ILE D 110 12.21 22.28 -46.33
N GLY D 111 12.75 22.89 -47.38
CA GLY D 111 14.11 23.39 -47.37
C GLY D 111 14.53 23.82 -48.78
N GLY D 112 15.84 23.82 -49.01
CA GLY D 112 16.40 24.25 -50.29
C GLY D 112 17.85 23.81 -50.40
N PHE D 113 18.66 24.53 -51.18
CA PHE D 113 20.08 24.22 -51.18
C PHE D 113 20.75 25.11 -50.13
N ASP D 114 20.93 24.56 -48.89
CA ASP D 114 21.40 25.35 -47.76
C ASP D 114 22.79 25.95 -47.92
N ASN D 115 23.79 25.12 -48.35
CA ASN D 115 25.18 25.61 -48.43
C ASN D 115 25.77 25.30 -49.79
N TRP D 116 26.40 26.31 -50.45
CA TRP D 116 26.91 26.14 -51.82
C TRP D 116 28.44 26.14 -51.83
N GLY D 117 29.04 25.72 -52.97
CA GLY D 117 30.48 25.77 -53.15
C GLY D 117 30.89 26.94 -54.02
N GLN D 118 32.16 26.99 -54.40
CA GLN D 118 32.69 28.12 -55.15
C GLN D 118 32.28 28.06 -56.62
N GLY D 119 32.10 26.86 -57.13
CA GLY D 119 31.72 26.67 -58.52
C GLY D 119 32.94 26.34 -59.36
N THR D 120 32.79 25.38 -60.27
CA THR D 120 33.88 25.00 -61.15
C THR D 120 33.58 25.41 -62.58
N LEU D 121 34.44 26.25 -63.15
CA LEU D 121 34.21 26.72 -64.50
C LEU D 121 34.74 25.73 -65.52
N VAL D 122 33.86 25.28 -66.41
CA VAL D 122 34.25 24.36 -67.46
C VAL D 122 34.06 24.99 -68.83
N THR D 123 35.15 25.05 -69.60
CA THR D 123 35.09 25.63 -70.93
C THR D 123 35.25 24.55 -71.99
N VAL D 124 34.32 24.50 -72.97
CA VAL D 124 34.42 23.47 -74.01
C VAL D 124 34.71 24.11 -75.35
N SER D 125 36.04 24.29 -75.63
CA SER D 125 36.49 24.88 -76.90
C SER D 125 37.50 23.97 -77.56
N SER D 126 37.30 23.69 -78.89
CA SER D 126 38.26 22.89 -79.62
C SER D 126 39.62 23.58 -79.67
N ALA D 127 39.61 24.92 -79.88
CA ALA D 127 40.83 25.71 -79.87
C ALA D 127 41.41 25.73 -78.47
N SER D 128 42.76 25.59 -78.33
CA SER D 128 43.41 25.59 -77.03
C SER D 128 43.26 26.94 -76.33
N VAL E 1 6.71 25.46 -64.84
CA VAL E 1 7.50 26.59 -65.30
C VAL E 1 7.35 27.78 -64.36
N LEU E 2 8.48 28.39 -63.99
CA LEU E 2 8.46 29.56 -63.13
C LEU E 2 8.87 30.81 -63.90
N THR E 3 8.12 31.89 -63.70
CA THR E 3 8.40 33.16 -64.34
C THR E 3 8.43 34.29 -63.32
N GLN E 4 9.37 35.22 -63.50
CA GLN E 4 9.54 36.30 -62.54
C GLN E 4 9.38 37.66 -63.18
N SER E 5 9.01 38.65 -62.37
CA SER E 5 8.78 40.01 -62.86
C SER E 5 8.97 41.06 -61.76
N PRO E 6 9.51 42.22 -62.12
CA PRO E 6 10.08 42.60 -63.41
C PRO E 6 11.44 41.96 -63.61
N GLY E 7 11.86 41.84 -64.87
CA GLY E 7 13.17 41.30 -65.19
C GLY E 7 14.25 42.09 -64.47
N THR E 8 14.16 43.42 -64.55
CA THR E 8 15.07 44.29 -63.82
C THR E 8 14.28 45.30 -62.99
N LEU E 9 14.53 45.32 -61.69
CA LEU E 9 13.85 46.23 -60.78
C LEU E 9 14.75 47.42 -60.44
N SER E 10 14.35 48.61 -60.88
CA SER E 10 15.16 49.81 -60.65
C SER E 10 14.69 50.60 -59.45
N LEU E 11 15.49 50.59 -58.39
CA LEU E 11 15.17 51.26 -57.15
C LEU E 11 16.42 51.89 -56.54
N SER E 12 16.25 52.99 -55.82
CA SER E 12 17.35 53.61 -55.08
C SER E 12 17.54 52.90 -53.75
N PRO E 13 18.72 53.02 -53.13
CA PRO E 13 19.03 52.58 -51.79
C PRO E 13 18.08 53.25 -50.80
N GLY E 14 17.63 52.49 -49.81
CA GLY E 14 16.73 53.02 -48.79
C GLY E 14 15.26 52.79 -49.18
N GLU E 15 15.02 52.32 -50.39
CA GLU E 15 13.66 52.08 -50.87
C GLU E 15 13.21 50.65 -50.60
N ARG E 16 11.90 50.44 -50.55
CA ARG E 16 11.33 49.10 -50.38
C ARG E 16 11.21 48.40 -51.73
N ALA E 17 11.60 47.12 -51.77
CA ALA E 17 11.57 46.36 -53.01
C ALA E 17 10.57 45.21 -52.95
N THR E 18 9.89 44.96 -54.07
CA THR E 18 9.01 43.81 -54.22
C THR E 18 9.29 43.06 -55.53
N LEU E 19 9.51 41.75 -55.42
CA LEU E 19 9.76 40.89 -56.59
C LEU E 19 8.77 39.74 -56.66
N SER E 20 8.21 39.50 -57.85
CA SER E 20 7.19 38.48 -58.02
C SER E 20 7.71 37.22 -58.73
N CYS E 21 7.14 36.07 -58.37
CA CYS E 21 7.35 34.76 -59.11
C CYS E 21 6.02 34.07 -59.25
N ARG E 22 5.77 33.61 -60.48
CA ARG E 22 4.51 32.94 -60.81
C ARG E 22 4.76 31.56 -61.38
N ALA E 23 3.79 30.67 -61.22
CA ALA E 23 3.93 29.29 -61.67
C ALA E 23 2.86 28.92 -62.70
N SER E 24 3.26 28.08 -63.66
CA SER E 24 2.34 27.56 -64.66
C SER E 24 1.30 26.62 -64.05
N GLN E 25 1.65 26.04 -62.90
CA GLN E 25 0.76 25.13 -62.19
C GLN E 25 0.84 25.42 -60.70
N THR E 26 -0.17 25.00 -59.96
CA THR E 26 -0.20 25.20 -58.52
C THR E 26 1.02 24.57 -57.85
N VAL E 27 1.68 25.36 -57.00
CA VAL E 27 2.85 24.88 -56.26
C VAL E 27 2.60 24.93 -54.77
N SER E 28 2.80 23.81 -54.09
CA SER E 28 2.64 23.77 -52.65
C SER E 28 3.61 24.75 -51.97
N SER E 29 3.14 25.41 -50.92
CA SER E 29 3.96 26.39 -50.20
C SER E 29 5.14 25.73 -49.50
N THR E 30 5.04 24.42 -49.31
CA THR E 30 6.09 23.66 -48.62
C THR E 30 7.25 23.37 -49.55
N SER E 31 7.07 23.63 -50.84
CA SER E 31 8.02 23.22 -51.86
C SER E 31 8.54 24.40 -52.69
N LEU E 32 8.63 25.57 -52.08
CA LEU E 32 9.13 26.75 -52.79
C LEU E 32 10.26 27.44 -52.01
N ALA E 33 11.21 28.00 -52.74
CA ALA E 33 12.36 28.69 -52.13
C ALA E 33 12.80 29.92 -52.94
N TRP E 34 13.52 30.83 -52.27
CA TRP E 34 14.09 32.01 -52.92
C TRP E 34 15.58 32.13 -52.63
N TYR E 35 16.34 32.58 -53.64
CA TYR E 35 17.80 32.69 -53.55
C TYR E 35 18.30 34.06 -53.98
N GLN E 36 19.49 34.43 -53.53
CA GLN E 36 20.15 35.66 -53.94
C GLN E 36 21.54 35.39 -54.46
N GLN E 37 21.90 36.00 -55.59
CA GLN E 37 23.23 35.85 -56.14
C GLN E 37 23.90 37.20 -56.38
N LYS E 38 24.99 37.45 -55.68
CA LYS E 38 25.77 38.67 -55.88
C LYS E 38 26.72 38.44 -57.06
N PRO E 39 27.14 39.50 -57.74
CA PRO E 39 28.10 39.48 -58.83
C PRO E 39 29.39 38.79 -58.41
N GLY E 40 29.79 37.79 -59.20
CA GLY E 40 31.05 37.08 -58.96
C GLY E 40 30.96 36.05 -57.83
N GLN E 41 29.73 35.77 -57.37
CA GLN E 41 29.55 34.86 -56.25
C GLN E 41 28.50 33.78 -56.53
N ALA E 42 28.62 32.66 -55.81
CA ALA E 42 27.60 31.61 -55.85
C ALA E 42 26.32 32.10 -55.17
N PRO E 43 25.15 31.59 -55.56
CA PRO E 43 23.84 31.81 -54.96
C PRO E 43 23.78 31.37 -53.50
N ARG E 44 22.94 32.03 -52.73
CA ARG E 44 22.67 31.66 -51.34
C ARG E 44 21.18 31.60 -51.07
N LEU E 45 20.76 30.66 -50.23
CA LEU E 45 19.35 30.51 -49.88
C LEU E 45 18.89 31.60 -48.92
N LEU E 46 17.78 32.26 -49.25
CA LEU E 46 17.24 33.29 -48.38
C LEU E 46 15.96 32.82 -47.69
N ILE E 47 15.08 32.20 -48.46
CA ILE E 47 13.80 31.72 -47.95
C ILE E 47 13.50 30.30 -48.42
N TYR E 48 13.01 29.48 -47.50
CA TYR E 48 12.58 28.14 -47.85
C TYR E 48 11.18 27.88 -47.32
N GLY E 49 10.46 26.93 -47.90
CA GLY E 49 9.13 26.62 -47.43
C GLY E 49 8.20 27.81 -47.63
N ALA E 50 8.49 28.58 -48.67
CA ALA E 50 7.72 29.80 -49.02
C ALA E 50 7.95 30.95 -48.06
N SER E 51 7.75 30.73 -46.76
CA SER E 51 7.74 31.83 -45.80
C SER E 51 8.75 31.70 -44.67
N SER E 52 9.64 30.70 -44.74
CA SER E 52 10.61 30.49 -43.66
C SER E 52 11.97 31.09 -43.97
N ARG E 53 12.47 31.91 -43.06
CA ARG E 53 13.77 32.57 -43.22
C ARG E 53 14.92 31.58 -43.05
N ALA E 54 15.91 31.67 -43.92
CA ALA E 54 17.12 30.85 -43.84
C ALA E 54 18.09 31.42 -42.82
N THR E 55 19.00 30.58 -42.35
CA THR E 55 19.96 30.97 -41.33
C THR E 55 20.88 32.08 -41.79
N GLY E 56 21.00 33.12 -40.96
CA GLY E 56 21.94 34.21 -41.22
C GLY E 56 21.32 35.33 -42.03
N ILE E 57 20.07 35.17 -42.45
CA ILE E 57 19.41 36.20 -43.24
C ILE E 57 18.74 37.25 -42.35
N PRO E 58 19.09 38.53 -42.58
CA PRO E 58 18.60 39.69 -41.83
C PRO E 58 17.12 39.92 -41.98
N ASP E 59 16.55 40.68 -41.05
CA ASP E 59 15.10 40.91 -40.97
C ASP E 59 14.59 41.74 -42.14
N ARG E 60 15.49 42.25 -42.95
CA ARG E 60 15.13 43.04 -44.12
C ARG E 60 14.37 42.19 -45.13
N PHE E 61 14.64 40.89 -45.15
CA PHE E 61 14.03 39.99 -46.13
C PHE E 61 12.81 39.26 -45.58
N SER E 62 11.78 39.15 -46.41
CA SER E 62 10.59 38.37 -46.08
C SER E 62 9.89 37.92 -47.35
N GLY E 63 8.89 37.06 -47.22
CA GLY E 63 8.15 36.60 -48.39
C GLY E 63 6.85 35.92 -48.00
N SER E 64 6.01 35.69 -49.01
CA SER E 64 4.70 35.07 -48.81
C SER E 64 4.14 34.60 -50.14
N GLY E 65 3.04 33.84 -50.09
CA GLY E 65 2.34 33.47 -51.31
C GLY E 65 1.70 32.10 -51.23
N SER E 66 0.92 31.78 -52.26
CA SER E 66 0.23 30.51 -52.35
C SER E 66 -0.22 30.28 -53.78
N GLY E 67 -0.67 29.06 -54.09
CA GLY E 67 -1.22 28.79 -55.41
C GLY E 67 -0.17 28.97 -56.50
N THR E 68 -0.38 29.94 -57.37
CA THR E 68 0.52 30.21 -58.48
C THR E 68 1.16 31.59 -58.38
N ASP E 69 1.09 32.22 -57.21
CA ASP E 69 1.62 33.58 -57.02
C ASP E 69 2.40 33.74 -55.72
N PHE E 70 3.71 33.93 -55.85
CA PHE E 70 4.58 34.10 -54.69
C PHE E 70 5.41 35.38 -54.79
N THR E 71 5.74 35.97 -53.63
CA THR E 71 6.44 37.24 -53.60
C THR E 71 7.62 37.26 -52.63
N LEU E 72 8.70 37.92 -53.05
CA LEU E 72 9.82 38.23 -52.18
C LEU E 72 9.87 39.74 -51.96
N THR E 73 10.04 40.15 -50.70
CA THR E 73 10.12 41.58 -50.41
C THR E 73 11.37 41.94 -49.58
N ILE E 74 11.84 43.17 -49.78
CA ILE E 74 12.91 43.74 -48.96
C ILE E 74 12.44 45.06 -48.37
N SER E 75 12.40 45.15 -47.04
CA SER E 75 11.81 46.31 -46.37
C SER E 75 12.56 47.59 -46.67
N ARG E 76 13.86 47.49 -46.87
CA ARG E 76 14.70 48.64 -47.18
C ARG E 76 16.00 48.19 -47.82
N LEU E 77 16.28 48.66 -49.01
CA LEU E 77 17.46 48.21 -49.73
C LEU E 77 18.74 48.83 -49.17
N GLU E 78 19.65 47.96 -48.75
CA GLU E 78 21.01 48.36 -48.41
C GLU E 78 21.88 48.05 -49.62
N PRO E 79 23.07 48.64 -49.74
CA PRO E 79 23.99 48.47 -50.85
C PRO E 79 24.28 47.00 -51.14
N GLU E 80 24.12 46.14 -50.14
CA GLU E 80 24.40 44.71 -50.28
C GLU E 80 23.19 43.95 -50.80
N ASP E 81 22.05 44.62 -50.92
CA ASP E 81 20.82 43.97 -51.35
C ASP E 81 20.60 44.08 -52.84
N PHE E 82 21.55 44.74 -53.52
CA PHE E 82 21.49 44.89 -54.96
C PHE E 82 22.15 43.67 -55.62
N ALA E 83 21.32 42.78 -56.12
CA ALA E 83 21.74 41.46 -56.55
C ALA E 83 20.68 40.84 -57.44
N VAL E 84 20.99 39.68 -58.02
CA VAL E 84 20.02 38.94 -58.79
C VAL E 84 19.34 37.88 -57.94
N TYR E 85 18.01 37.93 -57.91
CA TYR E 85 17.24 36.99 -57.10
C TYR E 85 16.56 35.95 -57.98
N TYR E 86 16.47 34.73 -57.49
CA TYR E 86 15.81 33.66 -58.22
C TYR E 86 14.78 32.95 -57.34
N CYS E 87 13.69 32.51 -57.97
CA CYS E 87 12.68 31.70 -57.25
C CYS E 87 12.81 30.25 -57.73
N GLN E 88 12.56 29.28 -56.85
CA GLN E 88 12.69 27.86 -57.15
C GLN E 88 11.50 27.08 -56.61
N GLN E 89 11.17 25.98 -57.29
CA GLN E 89 10.19 25.04 -56.76
C GLN E 89 10.66 23.61 -56.95
N HIS E 90 10.29 22.75 -55.99
CA HIS E 90 10.60 21.33 -56.07
C HIS E 90 9.37 20.49 -55.73
N ASP E 91 8.19 21.02 -56.05
CA ASP E 91 6.95 20.29 -55.84
C ASP E 91 6.79 19.24 -56.93
N THR E 92 7.14 19.62 -58.15
CA THR E 92 7.20 18.69 -59.26
C THR E 92 8.55 18.82 -59.93
N SER E 93 9.27 17.71 -60.04
CA SER E 93 10.66 17.76 -60.50
C SER E 93 11.39 18.83 -59.71
N LEU E 94 12.23 19.61 -60.40
CA LEU E 94 12.87 20.76 -59.79
C LEU E 94 13.21 21.81 -60.84
N THR E 95 12.69 23.02 -60.67
CA THR E 95 12.92 24.09 -61.63
C THR E 95 13.20 25.44 -60.97
N PHE E 96 13.85 26.32 -61.72
CA PHE E 96 14.13 27.68 -61.27
C PHE E 96 13.48 28.69 -62.21
N GLY E 97 13.22 29.91 -61.70
CA GLY E 97 12.72 30.99 -62.53
C GLY E 97 13.86 31.61 -63.33
N GLY E 98 13.53 32.60 -64.16
CA GLY E 98 14.53 33.23 -65.02
C GLY E 98 15.42 34.21 -64.26
N GLY E 99 14.97 34.61 -63.07
CA GLY E 99 15.73 35.53 -62.24
C GLY E 99 15.32 36.97 -62.44
N THR E 100 15.54 37.78 -61.41
CA THR E 100 15.29 39.21 -61.48
C THR E 100 16.47 39.99 -60.89
N GLN F 14 -65.89 19.13 7.03
CA GLN F 14 -66.30 19.97 8.14
C GLN F 14 -65.62 19.53 9.44
N CYS F 15 -64.81 20.43 10.01
CA CYS F 15 -64.11 20.19 11.26
C CYS F 15 -65.04 20.37 12.46
N VAL F 16 -64.77 19.60 13.51
CA VAL F 16 -65.52 19.69 14.75
C VAL F 16 -64.58 19.88 15.94
N ASN F 17 -64.98 20.77 16.87
CA ASN F 17 -64.18 21.06 18.04
C ASN F 17 -64.75 20.36 19.28
N LEU F 18 -64.19 19.18 19.59
CA LEU F 18 -64.69 18.33 20.66
C LEU F 18 -64.31 18.90 22.03
N GLN F 23 -54.53 19.54 29.79
CA GLN F 23 -53.73 18.35 29.52
C GLN F 23 -53.57 17.49 30.79
N LEU F 24 -53.72 16.18 30.64
CA LEU F 24 -53.57 15.22 31.72
C LEU F 24 -52.11 14.82 31.90
N PRO F 25 -51.70 14.46 33.12
CA PRO F 25 -50.39 13.95 33.46
C PRO F 25 -50.21 12.56 32.85
N PRO F 26 -49.03 12.27 32.32
CA PRO F 26 -48.66 11.06 31.61
C PRO F 26 -48.59 9.85 32.53
N ALA F 27 -49.00 8.70 32.00
CA ALA F 27 -48.76 7.42 32.64
C ALA F 27 -47.62 6.72 31.94
N TYR F 28 -46.91 5.84 32.63
CA TYR F 28 -45.77 5.17 32.02
C TYR F 28 -45.78 3.67 32.28
N THR F 29 -45.24 2.93 31.32
CA THR F 29 -45.08 1.48 31.46
C THR F 29 -43.67 1.05 31.05
N ASN F 30 -43.31 -0.18 31.39
CA ASN F 30 -42.00 -0.74 31.04
C ASN F 30 -42.04 -1.51 29.71
N SER F 31 -41.20 -1.17 28.77
CA SER F 31 -41.05 -1.94 27.55
C SER F 31 -39.95 -2.97 27.76
N PHE F 32 -40.25 -4.16 28.30
CA PHE F 32 -39.23 -5.08 28.79
C PHE F 32 -38.22 -5.52 27.70
N THR F 33 -38.71 -6.05 26.59
CA THR F 33 -37.90 -6.53 25.50
C THR F 33 -38.72 -6.32 24.26
N ARG F 34 -39.24 -5.09 24.09
CA ARG F 34 -40.23 -4.87 23.09
C ARG F 34 -39.76 -3.90 22.02
N GLY F 35 -40.18 -4.13 20.79
CA GLY F 35 -39.97 -3.16 19.72
C GLY F 35 -38.81 -3.51 18.81
N VAL F 36 -38.34 -4.76 18.85
CA VAL F 36 -37.27 -5.18 17.96
C VAL F 36 -37.82 -5.49 16.57
N TYR F 37 -37.10 -5.07 15.54
CA TYR F 37 -37.53 -5.27 14.16
C TYR F 37 -36.37 -5.73 13.28
N TYR F 38 -36.69 -6.29 12.12
CA TYR F 38 -35.69 -6.74 11.17
C TYR F 38 -34.96 -5.54 10.54
N PRO F 39 -33.65 -5.40 10.75
CA PRO F 39 -32.84 -4.27 10.32
C PRO F 39 -32.68 -4.19 8.80
N ASP F 40 -32.79 -5.35 8.14
CA ASP F 40 -32.73 -5.39 6.68
C ASP F 40 -33.49 -6.59 6.15
N LYS F 41 -33.45 -6.77 4.84
CA LYS F 41 -34.27 -7.78 4.19
C LYS F 41 -33.47 -9.01 3.75
N VAL F 42 -32.25 -9.14 4.26
CA VAL F 42 -31.40 -10.26 3.91
C VAL F 42 -31.67 -11.45 4.79
N PHE F 43 -31.87 -12.62 4.18
CA PHE F 43 -32.16 -13.82 4.94
C PHE F 43 -30.93 -14.31 5.69
N ARG F 44 -31.11 -14.60 6.98
CA ARG F 44 -30.07 -15.18 7.81
C ARG F 44 -30.68 -16.27 8.65
N SER F 45 -29.88 -17.24 9.07
CA SER F 45 -30.36 -18.27 9.99
C SER F 45 -29.24 -18.84 10.82
N SER F 46 -29.58 -19.38 11.99
CA SER F 46 -28.62 -20.03 12.87
C SER F 46 -27.39 -19.17 13.10
N VAL F 47 -27.59 -17.90 13.43
CA VAL F 47 -26.47 -16.97 13.58
C VAL F 47 -26.78 -15.84 14.55
N LEU F 48 -25.76 -15.37 15.25
CA LEU F 48 -25.87 -14.16 16.05
C LEU F 48 -25.30 -12.98 15.30
N HIS F 49 -26.13 -12.01 14.98
CA HIS F 49 -25.75 -10.89 14.13
C HIS F 49 -25.78 -9.56 14.87
N SER F 50 -24.68 -8.82 14.79
CA SER F 50 -24.59 -7.52 15.43
C SER F 50 -25.01 -6.40 14.49
N THR F 51 -25.86 -5.50 14.98
CA THR F 51 -26.35 -4.38 14.17
C THR F 51 -26.48 -3.09 14.96
N GLN F 52 -26.22 -1.97 14.27
CA GLN F 52 -26.42 -0.65 14.86
C GLN F 52 -27.53 0.09 14.12
N ASP F 53 -28.58 0.45 14.85
CA ASP F 53 -29.75 1.09 14.25
C ASP F 53 -30.56 1.83 15.31
N LEU F 54 -31.65 2.45 14.88
CA LEU F 54 -32.54 3.13 15.82
C LEU F 54 -33.53 2.14 16.43
N PHE F 55 -33.30 1.80 17.69
CA PHE F 55 -34.09 0.80 18.38
C PHE F 55 -34.65 1.37 19.66
N LEU F 56 -35.75 0.80 20.15
CA LEU F 56 -36.28 1.16 21.45
C LEU F 56 -35.47 0.44 22.53
N PRO F 57 -34.79 1.19 23.43
CA PRO F 57 -33.97 0.68 24.51
C PRO F 57 -34.77 -0.26 25.39
N PHE F 58 -34.14 -1.31 25.88
CA PHE F 58 -34.82 -2.28 26.72
C PHE F 58 -35.18 -1.69 28.07
N PHE F 59 -36.37 -2.03 28.54
CA PHE F 59 -36.86 -1.60 29.85
C PHE F 59 -36.94 -0.09 29.98
N SER F 60 -37.20 0.58 28.86
CA SER F 60 -37.41 2.02 28.84
C SER F 60 -38.77 2.38 29.37
N ASN F 61 -39.00 3.66 29.72
CA ASN F 61 -40.24 4.18 30.20
C ASN F 61 -41.14 4.66 29.06
N VAL F 62 -42.14 3.93 28.69
CA VAL F 62 -43.01 4.21 27.54
C VAL F 62 -44.29 4.92 27.98
N THR F 63 -44.68 5.94 27.24
CA THR F 63 -45.85 6.74 27.61
C THR F 63 -47.14 6.01 27.27
N TRP F 64 -48.05 5.97 28.23
CA TRP F 64 -49.32 5.25 28.09
C TRP F 64 -50.52 6.20 28.02
N PHE F 65 -51.31 6.08 26.96
CA PHE F 65 -52.48 6.92 26.74
C PHE F 65 -53.77 6.11 26.68
N HIS F 66 -54.90 6.75 26.97
CA HIS F 66 -56.20 6.10 26.86
C HIS F 66 -57.03 6.70 25.72
N ALA F 67 -57.51 5.85 24.81
CA ALA F 67 -58.28 6.30 23.64
C ALA F 67 -59.75 6.47 24.01
N ASP F 80 -57.73 12.03 25.02
CA ASP F 80 -56.30 11.89 25.30
C ASP F 80 -55.54 11.57 24.00
N ASN F 81 -55.55 12.53 23.06
CA ASN F 81 -54.85 12.39 21.80
C ASN F 81 -54.14 13.68 21.41
N PRO F 82 -53.08 14.04 22.13
CA PRO F 82 -52.27 15.22 21.96
C PRO F 82 -51.33 15.07 20.79
N VAL F 83 -50.78 16.19 20.32
CA VAL F 83 -49.70 16.14 19.35
C VAL F 83 -48.38 15.84 20.04
N LEU F 84 -47.68 14.84 19.53
CA LEU F 84 -46.42 14.39 20.13
C LEU F 84 -45.25 14.66 19.18
N PRO F 85 -44.05 14.86 19.71
CA PRO F 85 -42.80 14.97 18.98
C PRO F 85 -42.44 13.64 18.35
N PHE F 86 -41.82 13.67 17.17
CA PHE F 86 -41.44 12.46 16.46
C PHE F 86 -40.02 12.04 16.81
N ASN F 87 -39.18 13.01 17.13
CA ASN F 87 -37.78 12.77 17.45
C ASN F 87 -37.08 11.97 16.35
N ASP F 88 -36.48 10.83 16.70
CA ASP F 88 -35.71 10.06 15.73
C ASP F 88 -36.48 8.86 15.20
N GLY F 89 -37.74 8.77 15.56
CA GLY F 89 -38.54 7.62 15.18
C GLY F 89 -39.39 7.18 16.36
N VAL F 90 -40.45 6.44 16.07
CA VAL F 90 -41.40 6.10 17.11
C VAL F 90 -41.78 4.63 17.13
N TYR F 91 -41.81 4.07 18.33
CA TYR F 91 -42.42 2.77 18.54
C TYR F 91 -43.84 2.98 19.05
N PHE F 92 -44.80 2.42 18.34
CA PHE F 92 -46.20 2.60 18.69
C PHE F 92 -46.86 1.25 18.90
N ALA F 93 -47.69 1.15 19.93
CA ALA F 93 -48.43 -0.08 20.16
C ALA F 93 -49.80 0.22 20.72
N SER F 94 -50.75 -0.66 20.45
CA SER F 94 -52.08 -0.49 20.99
C SER F 94 -52.72 -1.81 21.36
N ILE F 95 -53.55 -1.78 22.40
CA ILE F 95 -54.33 -2.93 22.82
C ILE F 95 -55.81 -2.61 22.78
N GLU F 96 -56.55 -3.30 21.92
CA GLU F 96 -57.94 -3.01 21.70
C GLU F 96 -58.69 -4.20 21.13
N LYS F 97 -60.01 -4.18 21.23
CA LYS F 97 -60.84 -5.20 20.60
C LYS F 97 -61.93 -4.59 19.75
N SER F 98 -61.76 -3.31 19.40
CA SER F 98 -62.84 -2.58 18.73
C SER F 98 -62.38 -1.68 17.58
N ASN F 99 -61.12 -1.81 17.17
CA ASN F 99 -60.62 -1.05 16.02
C ASN F 99 -60.90 0.45 16.14
N ILE F 100 -60.46 1.05 17.25
CA ILE F 100 -60.66 2.48 17.45
C ILE F 100 -59.54 3.28 16.81
N ILE F 101 -58.31 2.80 16.90
CA ILE F 101 -57.19 3.49 16.29
C ILE F 101 -57.11 3.14 14.81
N ARG F 102 -57.32 4.14 13.96
CA ARG F 102 -57.42 3.92 12.53
C ARG F 102 -56.17 4.33 11.79
N GLY F 103 -55.44 5.29 12.32
CA GLY F 103 -54.29 5.82 11.61
C GLY F 103 -53.57 6.91 12.37
N TRP F 104 -52.76 7.67 11.64
CA TRP F 104 -51.89 8.68 12.23
C TRP F 104 -51.69 9.87 11.30
N ILE F 105 -51.34 11.01 11.87
CA ILE F 105 -50.85 12.15 11.11
C ILE F 105 -49.39 12.39 11.42
N PHE F 106 -48.57 12.52 10.39
CA PHE F 106 -47.16 12.84 10.56
C PHE F 106 -46.82 14.09 9.78
N GLY F 107 -46.08 15.01 10.39
CA GLY F 107 -45.69 16.23 9.68
C GLY F 107 -44.87 17.16 10.55
N THR F 108 -44.83 18.42 10.14
CA THR F 108 -44.05 19.43 10.84
C THR F 108 -44.95 20.55 11.37
N THR F 109 -45.45 21.38 10.47
CA THR F 109 -46.33 22.49 10.84
C THR F 109 -47.75 22.01 11.10
N LEU F 110 -48.13 20.90 10.46
CA LEU F 110 -49.49 20.36 10.58
C LEU F 110 -50.53 21.35 10.04
N ASP F 111 -50.15 22.07 8.99
CA ASP F 111 -51.04 23.02 8.33
C ASP F 111 -50.68 23.12 6.85
N SER F 112 -51.40 23.95 6.11
CA SER F 112 -51.26 24.05 4.66
C SER F 112 -49.90 24.60 4.24
N LYS F 113 -49.14 25.10 5.20
CA LYS F 113 -47.84 25.68 4.90
C LYS F 113 -46.81 24.64 4.47
N THR F 114 -47.02 23.38 4.88
CA THR F 114 -46.05 22.33 4.56
C THR F 114 -46.72 21.04 4.13
N GLN F 115 -45.97 20.16 3.47
CA GLN F 115 -46.45 18.85 3.13
C GLN F 115 -46.54 17.97 4.37
N SER F 116 -47.65 17.26 4.52
CA SER F 116 -47.84 16.36 5.66
C SER F 116 -48.30 14.98 5.21
N LEU F 117 -47.93 13.97 5.99
CA LEU F 117 -48.25 12.59 5.68
C LEU F 117 -49.45 12.09 6.47
N LEU F 118 -50.47 11.64 5.76
CA LEU F 118 -51.69 11.16 6.39
C LEU F 118 -51.89 9.67 6.12
N ILE F 119 -51.91 8.87 7.17
CA ILE F 119 -52.11 7.43 7.04
C ILE F 119 -53.39 7.00 7.72
N VAL F 120 -54.35 6.48 6.96
CA VAL F 120 -55.62 6.05 7.52
C VAL F 120 -56.01 4.67 7.05
N ASN F 121 -56.70 3.92 7.90
CA ASN F 121 -57.27 2.65 7.50
C ASN F 121 -58.79 2.71 7.47
N ASN F 122 -59.38 2.07 6.46
CA ASN F 122 -60.86 1.89 6.39
C ASN F 122 -61.15 0.38 6.31
N ALA F 123 -62.46 0.10 6.00
CA ALA F 123 -62.96 -1.29 6.08
C ALA F 123 -62.36 -2.19 5.00
N THR F 124 -61.76 -1.61 3.97
CA THR F 124 -61.28 -2.40 2.85
C THR F 124 -59.80 -2.15 2.51
N ASN F 125 -59.28 -0.99 2.91
CA ASN F 125 -57.95 -0.56 2.44
C ASN F 125 -57.22 0.34 3.42
N VAL F 126 -55.92 0.45 3.23
CA VAL F 126 -55.12 1.51 3.85
C VAL F 126 -54.90 2.62 2.83
N VAL F 127 -55.14 3.85 3.24
CA VAL F 127 -54.99 4.99 2.35
C VAL F 127 -53.91 5.94 2.86
N ILE F 128 -52.92 6.20 2.02
CA ILE F 128 -51.80 7.05 2.39
C ILE F 128 -51.66 8.23 1.43
N LYS F 129 -51.61 9.43 1.98
CA LYS F 129 -51.48 10.63 1.15
C LYS F 129 -50.49 11.62 1.72
N VAL F 130 -49.80 12.34 0.85
CA VAL F 130 -48.97 13.46 1.26
C VAL F 130 -49.38 14.73 0.52
N CYS F 131 -49.86 15.72 1.28
CA CYS F 131 -50.39 16.97 0.69
C CYS F 131 -50.20 18.11 1.68
N GLU F 132 -50.48 19.34 1.21
CA GLU F 132 -50.50 20.49 2.10
C GLU F 132 -51.83 20.54 2.82
N PHE F 133 -52.04 19.56 3.69
CA PHE F 133 -53.31 19.40 4.38
C PHE F 133 -53.54 20.48 5.42
N GLN F 134 -54.72 21.05 5.42
CA GLN F 134 -55.13 21.95 6.48
C GLN F 134 -55.91 21.18 7.51
N PHE F 135 -55.21 20.64 8.50
CA PHE F 135 -55.82 19.71 9.44
C PHE F 135 -56.72 20.44 10.43
N CYS F 136 -57.72 19.72 10.93
CA CYS F 136 -58.62 20.23 11.97
C CYS F 136 -57.87 20.40 13.29
N ASN F 137 -58.40 21.23 14.18
CA ASN F 137 -57.77 21.46 15.48
C ASN F 137 -57.78 20.19 16.32
N ASP F 138 -58.72 19.31 16.04
CA ASP F 138 -58.83 18.03 16.74
C ASP F 138 -59.45 16.99 15.81
N PRO F 139 -58.65 16.43 14.89
CA PRO F 139 -59.05 15.57 13.80
C PRO F 139 -59.49 14.21 14.28
N PHE F 140 -60.53 13.68 13.64
CA PHE F 140 -61.03 12.34 13.93
C PHE F 140 -61.92 11.84 12.79
N LEU F 141 -62.26 10.56 12.85
CA LEU F 141 -63.16 9.97 11.88
C LEU F 141 -64.51 9.71 12.53
N ASP F 142 -65.55 10.24 11.94
CA ASP F 142 -66.90 10.20 12.52
C ASP F 142 -67.66 8.96 12.08
N VAL F 143 -68.03 8.09 13.03
CA VAL F 143 -68.69 6.83 12.71
C VAL F 143 -70.16 6.80 13.13
N TYR F 144 -71.03 6.41 12.18
CA TYR F 144 -72.48 6.36 12.39
C TYR F 144 -72.93 4.92 12.64
N MET F 153 -71.31 1.77 11.05
CA MET F 153 -70.88 1.15 9.81
C MET F 153 -70.35 2.19 8.82
N LYS F 154 -71.13 3.26 8.61
CA LYS F 154 -70.74 4.36 7.73
C LYS F 154 -69.83 5.32 8.47
N SER F 155 -68.83 5.85 7.77
CA SER F 155 -67.89 6.77 8.39
C SER F 155 -67.61 7.99 7.51
N GLU F 156 -67.26 9.10 8.15
CA GLU F 156 -66.88 10.33 7.46
C GLU F 156 -65.65 10.93 8.08
N PHE F 157 -64.67 11.30 7.26
CA PHE F 157 -63.42 11.81 7.78
C PHE F 157 -63.52 13.28 8.15
N ARG F 158 -63.20 13.58 9.40
CA ARG F 158 -63.16 14.95 9.88
C ARG F 158 -61.73 15.27 10.28
N VAL F 159 -60.82 15.04 9.36
CA VAL F 159 -59.39 15.14 9.60
C VAL F 159 -58.83 16.47 9.09
N TYR F 160 -59.28 16.88 7.90
CA TYR F 160 -58.76 18.08 7.27
C TYR F 160 -59.86 18.84 6.54
N SER F 161 -59.63 20.14 6.33
CA SER F 161 -60.55 20.98 5.57
C SER F 161 -60.12 21.16 4.12
N SER F 162 -58.83 20.93 3.86
CA SER F 162 -58.29 21.04 2.49
C SER F 162 -57.08 20.13 2.30
N ALA F 163 -56.78 19.82 1.05
CA ALA F 163 -55.65 18.95 0.72
C ALA F 163 -55.00 19.37 -0.59
N ASN F 164 -54.34 20.51 -0.58
CA ASN F 164 -53.79 21.09 -1.79
C ASN F 164 -52.40 20.57 -2.11
N ASN F 165 -52.00 20.73 -3.37
CA ASN F 165 -50.61 20.36 -3.77
C ASN F 165 -50.21 18.99 -3.23
N CYS F 166 -50.94 17.95 -3.60
CA CYS F 166 -50.55 16.57 -3.20
C CYS F 166 -49.33 16.08 -3.98
N THR F 167 -48.40 15.47 -3.26
CA THR F 167 -47.14 15.03 -3.85
C THR F 167 -47.01 13.51 -3.90
N PHE F 168 -47.77 12.80 -3.08
CA PHE F 168 -47.67 11.34 -3.02
C PHE F 168 -49.00 10.70 -2.64
N GLU F 169 -49.29 9.56 -3.26
CA GLU F 169 -50.49 8.78 -2.91
C GLU F 169 -50.24 7.28 -3.03
N TYR F 170 -50.78 6.52 -2.08
CA TYR F 170 -50.63 5.08 -2.05
C TYR F 170 -51.86 4.39 -1.41
N VAL F 171 -52.34 3.33 -2.04
CA VAL F 171 -53.45 2.55 -1.49
C VAL F 171 -53.17 1.06 -1.54
N SER F 172 -53.50 0.36 -0.46
CA SER F 172 -53.32 -1.09 -0.37
C SER F 172 -54.28 -1.71 0.62
N GLN F 173 -54.00 -2.94 1.04
CA GLN F 173 -54.81 -3.60 2.05
C GLN F 173 -54.48 -3.00 3.42
N PRO F 174 -55.44 -3.02 4.36
CA PRO F 174 -55.34 -2.40 5.68
C PRO F 174 -54.09 -2.86 6.42
N PHE F 175 -53.43 -1.96 7.13
CA PHE F 175 -52.26 -2.30 7.91
C PHE F 175 -52.65 -3.27 9.02
N LEU F 176 -53.59 -2.78 9.81
CA LEU F 176 -53.99 -3.47 11.05
C LEU F 176 -54.81 -4.70 10.70
N MET F 177 -55.82 -4.57 9.86
CA MET F 177 -56.76 -5.63 9.52
C MET F 177 -56.18 -6.62 8.52
N PHE F 186 -59.87 -12.62 23.93
CA PHE F 186 -58.59 -11.92 23.91
C PHE F 186 -58.69 -10.60 23.14
N LYS F 187 -57.74 -9.70 23.39
CA LYS F 187 -57.64 -8.41 22.69
C LYS F 187 -56.57 -8.48 21.61
N ASN F 188 -56.59 -7.51 20.70
CA ASN F 188 -55.60 -7.46 19.64
C ASN F 188 -54.47 -6.50 19.99
N LEU F 189 -53.24 -7.03 20.01
CA LEU F 189 -52.06 -6.20 20.24
C LEU F 189 -51.38 -5.87 18.93
N ARG F 190 -51.38 -4.61 18.57
CA ARG F 190 -50.81 -4.17 17.31
C ARG F 190 -49.60 -3.30 17.56
N GLU F 191 -48.48 -3.65 16.95
CA GLU F 191 -47.23 -2.92 17.17
C GLU F 191 -46.67 -2.38 15.86
N PHE F 192 -46.15 -1.16 15.92
CA PHE F 192 -45.59 -0.50 14.75
C PHE F 192 -44.29 0.22 15.07
N VAL F 193 -43.41 0.32 14.08
CA VAL F 193 -42.24 1.17 14.17
C VAL F 193 -42.19 2.14 13.00
N PHE F 194 -42.08 3.42 13.32
CA PHE F 194 -42.04 4.46 12.29
C PHE F 194 -40.67 5.13 12.23
N LYS F 195 -40.04 5.07 11.06
CA LYS F 195 -38.75 5.70 10.86
C LYS F 195 -38.78 6.61 9.62
N ASN F 196 -37.98 7.67 9.64
CA ASN F 196 -37.90 8.56 8.48
C ASN F 196 -36.45 8.89 8.17
N ILE F 197 -35.86 8.13 7.24
CA ILE F 197 -34.43 8.23 6.96
C ILE F 197 -34.15 8.43 5.47
N ASP F 198 -33.36 9.45 5.17
CA ASP F 198 -32.97 9.73 3.78
C ASP F 198 -34.19 9.92 2.88
N GLY F 199 -35.26 10.47 3.44
CA GLY F 199 -36.47 10.75 2.67
C GLY F 199 -37.42 9.56 2.63
N TYR F 200 -37.00 8.42 3.16
CA TYR F 200 -37.82 7.23 3.12
C TYR F 200 -38.53 7.00 4.45
N PHE F 201 -39.85 6.87 4.38
CA PHE F 201 -40.65 6.61 5.57
C PHE F 201 -40.91 5.12 5.70
N LYS F 202 -40.30 4.49 6.69
CA LYS F 202 -40.35 3.06 6.83
C LYS F 202 -41.29 2.64 7.94
N ILE F 203 -42.09 1.62 7.69
CA ILE F 203 -42.99 1.08 8.70
C ILE F 203 -42.75 -0.41 8.91
N TYR F 204 -42.61 -0.79 10.17
CA TYR F 204 -42.53 -2.20 10.56
C TYR F 204 -43.73 -2.51 11.43
N SER F 205 -44.17 -3.77 11.47
CA SER F 205 -45.33 -4.09 12.30
C SER F 205 -45.41 -5.55 12.73
N LYS F 206 -46.22 -5.78 13.76
CA LYS F 206 -46.55 -7.12 14.25
C LYS F 206 -47.95 -7.13 14.85
N HIS F 207 -48.62 -8.28 14.78
CA HIS F 207 -49.95 -8.40 15.36
C HIS F 207 -50.12 -9.76 16.04
N THR F 208 -50.43 -9.69 17.33
CA THR F 208 -50.71 -10.87 18.14
C THR F 208 -51.97 -10.62 18.96
N PRO F 209 -52.62 -11.64 19.56
CA PRO F 209 -53.58 -11.56 20.59
C PRO F 209 -52.96 -11.24 21.89
N ILE F 210 -53.72 -10.72 22.81
CA ILE F 210 -53.23 -10.55 24.14
C ILE F 210 -54.30 -10.78 25.20
N ASN F 211 -53.87 -11.38 26.34
CA ASN F 211 -54.81 -11.63 27.43
C ASN F 211 -54.46 -10.85 28.70
N LEU F 212 -53.54 -9.90 28.57
CA LEU F 212 -53.13 -9.02 29.66
C LEU F 212 -53.88 -7.70 29.61
N VAL F 213 -53.83 -6.87 30.69
CA VAL F 213 -54.80 -5.78 30.74
C VAL F 213 -54.29 -4.37 30.44
N ARG F 214 -53.63 -3.68 31.39
CA ARG F 214 -53.28 -2.27 31.21
C ARG F 214 -51.78 -2.09 30.99
N ASP F 215 -51.19 -3.09 30.29
CA ASP F 215 -49.76 -3.14 30.12
C ASP F 215 -49.34 -3.97 28.92
N LEU F 216 -48.10 -3.76 28.50
CA LEU F 216 -47.49 -4.54 27.42
C LEU F 216 -46.95 -5.84 27.98
N PRO F 217 -46.94 -6.91 27.17
CA PRO F 217 -46.49 -8.25 27.51
C PRO F 217 -44.98 -8.35 27.53
N GLN F 218 -44.48 -9.33 28.28
CA GLN F 218 -43.07 -9.69 28.27
C GLN F 218 -42.82 -10.74 27.20
N GLY F 219 -41.54 -10.99 26.92
CA GLY F 219 -41.18 -11.98 25.92
C GLY F 219 -40.73 -11.31 24.63
N PHE F 220 -40.12 -12.09 23.74
CA PHE F 220 -39.56 -11.52 22.53
C PHE F 220 -40.46 -11.70 21.32
N SER F 221 -40.57 -10.65 20.52
CA SER F 221 -41.26 -10.72 19.24
C SER F 221 -40.70 -9.66 18.30
N ALA F 222 -40.33 -10.07 17.08
CA ALA F 222 -39.76 -9.14 16.12
C ALA F 222 -40.82 -8.64 15.14
N LEU F 223 -40.70 -7.37 14.78
CA LEU F 223 -41.62 -6.73 13.84
C LEU F 223 -41.07 -6.78 12.42
N GLU F 224 -41.91 -7.20 11.48
CA GLU F 224 -41.50 -7.33 10.09
C GLU F 224 -41.78 -6.03 9.34
N PRO F 225 -41.03 -5.75 8.27
CA PRO F 225 -41.24 -4.65 7.35
C PRO F 225 -42.64 -4.70 6.78
N LEU F 226 -43.30 -3.55 6.72
CA LEU F 226 -44.65 -3.45 6.20
C LEU F 226 -44.67 -2.67 4.89
N VAL F 227 -44.03 -1.50 4.89
CA VAL F 227 -43.95 -0.67 3.71
C VAL F 227 -42.78 0.31 3.78
N ASP F 228 -42.28 0.71 2.62
CA ASP F 228 -41.19 1.68 2.52
C ASP F 228 -41.53 2.74 1.48
N LEU F 229 -41.86 3.94 1.96
CA LEU F 229 -42.41 4.98 1.08
C LEU F 229 -41.40 6.10 0.77
N PRO F 230 -41.13 6.33 -0.53
CA PRO F 230 -40.22 7.33 -1.07
C PRO F 230 -40.87 8.70 -1.08
N ILE F 231 -41.11 9.25 0.10
CA ILE F 231 -41.92 10.47 0.23
C ILE F 231 -41.07 11.74 0.14
N GLY F 232 -39.96 11.78 0.86
CA GLY F 232 -39.04 12.93 0.77
C GLY F 232 -39.48 14.15 1.58
N ILE F 233 -40.12 13.95 2.73
CA ILE F 233 -40.50 15.07 3.58
C ILE F 233 -39.95 14.92 4.99
N ASN F 234 -39.83 16.03 5.71
CA ASN F 234 -39.45 16.04 7.11
C ASN F 234 -40.63 15.75 8.03
N ILE F 235 -40.41 15.02 9.10
CA ILE F 235 -41.42 14.79 10.14
C ILE F 235 -40.85 15.12 11.52
N THR F 236 -41.54 15.97 12.26
CA THR F 236 -41.09 16.37 13.58
C THR F 236 -42.17 16.18 14.64
N ARG F 237 -43.43 16.08 14.20
CA ARG F 237 -44.56 15.91 15.10
C ARG F 237 -45.55 14.90 14.52
N PHE F 238 -46.31 14.24 15.40
CA PHE F 238 -47.34 13.31 14.95
C PHE F 238 -48.53 13.23 15.90
N GLN F 239 -49.63 12.68 15.40
CA GLN F 239 -50.86 12.53 16.18
C GLN F 239 -51.61 11.26 15.78
N THR F 240 -52.39 10.70 16.69
CA THR F 240 -53.17 9.50 16.38
C THR F 240 -54.53 9.84 15.81
N LEU F 241 -55.04 8.99 14.94
CA LEU F 241 -56.38 9.16 14.40
C LEU F 241 -57.33 8.09 14.93
N LEU F 242 -58.36 8.54 15.63
CA LEU F 242 -59.32 7.64 16.26
C LEU F 242 -60.68 7.70 15.59
N ALA F 243 -61.38 6.57 15.58
CA ALA F 243 -62.75 6.52 15.13
C ALA F 243 -63.70 6.70 16.30
N LEU F 244 -64.54 7.72 16.22
CA LEU F 244 -65.46 8.05 17.29
C LEU F 244 -66.91 7.87 16.86
N HIS F 245 -67.72 7.26 17.71
CA HIS F 245 -69.12 7.03 17.40
C HIS F 245 -69.98 8.18 17.86
N ARG F 246 -71.06 8.44 17.13
CA ARG F 246 -72.03 9.47 17.49
C ARG F 246 -72.53 9.30 18.92
N ALA F 263 -59.97 1.16 24.63
CA ALA F 263 -58.71 0.98 23.92
C ALA F 263 -57.63 1.90 24.49
N ALA F 264 -56.37 1.48 24.32
CA ALA F 264 -55.22 2.25 24.80
C ALA F 264 -54.02 2.11 23.86
N TYR F 265 -53.15 3.11 23.89
CA TYR F 265 -51.95 3.06 23.06
C TYR F 265 -50.71 3.53 23.79
N TYR F 266 -49.56 3.09 23.30
CA TYR F 266 -48.28 3.34 23.93
C TYR F 266 -47.32 3.98 22.96
N VAL F 267 -46.54 4.95 23.43
CA VAL F 267 -45.56 5.62 22.59
C VAL F 267 -44.16 5.62 23.20
N GLY F 268 -43.21 5.03 22.48
CA GLY F 268 -41.81 5.04 22.91
C GLY F 268 -40.95 5.61 21.80
N TYR F 269 -39.77 6.10 22.15
CA TYR F 269 -38.91 6.70 21.15
C TYR F 269 -37.66 5.88 20.90
N LEU F 270 -37.26 5.82 19.64
CA LEU F 270 -36.11 5.04 19.24
C LEU F 270 -34.81 5.82 19.46
N GLN F 271 -33.75 5.10 19.75
CA GLN F 271 -32.43 5.70 19.90
C GLN F 271 -31.41 4.84 19.17
N PRO F 272 -30.29 5.42 18.74
CA PRO F 272 -29.17 4.75 18.12
C PRO F 272 -28.46 3.83 19.12
N ARG F 273 -28.72 2.54 18.97
CA ARG F 273 -28.25 1.49 19.88
C ARG F 273 -27.69 0.29 19.12
N THR F 274 -26.68 -0.36 19.70
CA THR F 274 -26.17 -1.58 19.11
C THR F 274 -26.83 -2.80 19.74
N PHE F 275 -27.38 -3.65 18.88
CA PHE F 275 -28.05 -4.87 19.31
C PHE F 275 -27.35 -6.12 18.79
N LEU F 276 -27.39 -7.19 19.57
CA LEU F 276 -27.01 -8.51 19.08
C LEU F 276 -28.26 -9.34 18.89
N LEU F 277 -28.53 -9.72 17.64
CA LEU F 277 -29.76 -10.42 17.30
C LEU F 277 -29.55 -11.89 17.05
N LYS F 278 -30.41 -12.72 17.62
CA LYS F 278 -30.34 -14.16 17.44
C LYS F 278 -31.32 -14.64 16.38
N TYR F 279 -30.79 -15.07 15.24
CA TYR F 279 -31.61 -15.64 14.18
C TYR F 279 -31.66 -17.16 14.36
N ASN F 280 -32.85 -17.72 14.49
CA ASN F 280 -32.97 -19.16 14.70
C ASN F 280 -32.76 -19.92 13.40
N GLU F 281 -32.92 -21.22 13.44
CA GLU F 281 -32.71 -22.07 12.26
C GLU F 281 -33.69 -21.76 11.12
N ASN F 282 -34.79 -21.09 11.45
CA ASN F 282 -35.84 -20.75 10.48
C ASN F 282 -35.74 -19.29 10.01
N GLY F 283 -34.70 -18.59 10.45
CA GLY F 283 -34.40 -17.24 9.98
C GLY F 283 -35.23 -16.16 10.67
N THR F 284 -35.90 -16.50 11.76
CA THR F 284 -36.67 -15.54 12.49
C THR F 284 -35.89 -15.10 13.73
N ILE F 285 -35.93 -13.81 14.05
CA ILE F 285 -35.25 -13.31 15.25
C ILE F 285 -36.04 -13.71 16.49
N THR F 286 -35.37 -14.40 17.41
CA THR F 286 -36.06 -14.94 18.60
C THR F 286 -35.52 -14.38 19.91
N ASP F 287 -34.39 -13.70 19.86
CA ASP F 287 -33.78 -13.14 21.05
C ASP F 287 -32.86 -11.98 20.67
N ALA F 288 -32.54 -11.13 21.65
CA ALA F 288 -31.67 -10.00 21.40
C ALA F 288 -31.01 -9.47 22.67
N VAL F 289 -29.83 -8.88 22.50
CA VAL F 289 -29.16 -8.18 23.59
C VAL F 289 -28.98 -6.69 23.27
N ASP F 290 -29.48 -5.86 24.17
CA ASP F 290 -29.29 -4.41 24.08
C ASP F 290 -27.95 -4.06 24.72
N CYS F 291 -26.93 -3.82 23.90
CA CYS F 291 -25.53 -3.83 24.36
C CYS F 291 -25.24 -2.69 25.31
N ALA F 292 -26.03 -1.64 25.29
CA ALA F 292 -25.78 -0.45 26.10
C ALA F 292 -26.60 -0.44 27.38
N LEU F 293 -27.30 -1.53 27.66
CA LEU F 293 -28.18 -1.59 28.82
C LEU F 293 -27.41 -1.68 30.14
N ASP F 294 -26.48 -2.60 30.22
CA ASP F 294 -25.69 -2.81 31.44
C ASP F 294 -24.38 -3.54 31.08
N PRO F 295 -23.41 -3.62 32.00
CA PRO F 295 -22.10 -4.22 31.80
C PRO F 295 -22.18 -5.68 31.39
N LEU F 296 -23.23 -6.39 31.83
CA LEU F 296 -23.39 -7.78 31.45
C LEU F 296 -23.79 -7.90 29.99
N SER F 297 -24.65 -6.99 29.54
CA SER F 297 -25.06 -6.96 28.15
C SER F 297 -23.89 -6.60 27.27
N GLU F 298 -23.04 -5.68 27.73
CA GLU F 298 -21.84 -5.33 26.99
C GLU F 298 -20.89 -6.52 26.94
N THR F 299 -20.83 -7.31 28.00
CA THR F 299 -20.02 -8.53 28.01
C THR F 299 -20.55 -9.55 27.01
N LYS F 300 -21.86 -9.75 26.99
CA LYS F 300 -22.48 -10.67 26.05
C LYS F 300 -22.22 -10.26 24.60
N CYS F 301 -22.28 -8.96 24.33
CA CYS F 301 -22.02 -8.43 22.99
C CYS F 301 -20.54 -8.53 22.62
N THR F 302 -19.66 -8.30 23.59
CA THR F 302 -18.23 -8.41 23.38
C THR F 302 -17.83 -9.83 23.04
N LEU F 303 -18.43 -10.78 23.75
CA LEU F 303 -18.15 -12.20 23.53
C LEU F 303 -19.04 -12.77 22.43
N LYS F 304 -19.94 -11.94 21.93
CA LYS F 304 -20.91 -12.36 20.92
C LYS F 304 -21.59 -13.68 21.30
N SER F 305 -22.11 -13.70 22.52
CA SER F 305 -22.79 -14.87 23.05
C SER F 305 -23.88 -14.50 24.05
N PHE F 306 -24.94 -15.28 24.09
CA PHE F 306 -26.03 -15.02 25.03
C PHE F 306 -25.80 -15.69 26.39
N THR F 307 -24.76 -16.51 26.47
CA THR F 307 -24.38 -17.16 27.72
C THR F 307 -22.92 -16.87 28.03
N VAL F 308 -22.66 -16.46 29.27
CA VAL F 308 -21.31 -16.10 29.66
C VAL F 308 -20.80 -16.93 30.83
N GLU F 309 -19.59 -17.46 30.68
CA GLU F 309 -18.97 -18.28 31.71
C GLU F 309 -18.37 -17.42 32.81
N LYS F 310 -18.18 -18.01 33.99
CA LYS F 310 -17.53 -17.33 35.09
C LYS F 310 -16.15 -16.84 34.69
N GLY F 311 -15.86 -15.58 35.00
CA GLY F 311 -14.54 -15.02 34.69
C GLY F 311 -14.54 -13.50 34.69
N ILE F 312 -13.42 -12.94 34.24
CA ILE F 312 -13.25 -11.50 34.13
C ILE F 312 -12.99 -11.13 32.67
N TYR F 313 -13.74 -10.18 32.13
CA TYR F 313 -13.64 -9.86 30.72
C TYR F 313 -13.47 -8.37 30.48
N GLN F 314 -12.50 -8.01 29.63
CA GLN F 314 -12.40 -6.64 29.19
C GLN F 314 -13.39 -6.38 28.09
N THR F 315 -14.23 -5.38 28.27
CA THR F 315 -15.31 -5.14 27.34
C THR F 315 -15.22 -3.78 26.66
N SER F 316 -14.57 -2.82 27.30
CA SER F 316 -14.51 -1.47 26.77
C SER F 316 -13.35 -0.69 27.35
N ASN F 317 -13.12 0.50 26.83
CA ASN F 317 -12.13 1.40 27.39
C ASN F 317 -12.79 2.70 27.82
N PHE F 318 -12.47 3.17 29.01
CA PHE F 318 -12.99 4.43 29.49
C PHE F 318 -12.02 5.55 29.16
N ARG F 319 -12.54 6.76 29.01
CA ARG F 319 -11.71 7.92 28.78
C ARG F 319 -12.37 9.18 29.30
N VAL F 320 -11.62 9.95 30.09
CA VAL F 320 -12.11 11.21 30.59
C VAL F 320 -12.21 12.23 29.46
N GLN F 321 -13.37 12.83 29.33
CA GLN F 321 -13.62 13.79 28.26
C GLN F 321 -13.25 15.19 28.71
N PRO F 322 -12.88 16.07 27.78
CA PRO F 322 -12.54 17.46 28.01
C PRO F 322 -13.72 18.21 28.60
N THR F 323 -13.46 18.96 29.65
CA THR F 323 -14.48 19.74 30.33
C THR F 323 -14.78 21.03 29.57
N GLU F 324 -13.78 21.53 28.85
CA GLU F 324 -13.92 22.75 28.07
C GLU F 324 -12.87 22.84 26.98
N SER F 325 -13.02 23.84 26.10
CA SER F 325 -12.05 24.08 25.04
C SER F 325 -11.45 25.48 25.15
N ILE F 326 -10.11 25.55 25.19
CA ILE F 326 -9.42 26.81 25.34
C ILE F 326 -8.54 27.13 24.13
N VAL F 327 -8.49 28.41 23.78
CA VAL F 327 -7.68 28.86 22.65
C VAL F 327 -6.71 29.96 23.06
N ARG F 328 -5.43 29.78 22.74
CA ARG F 328 -4.42 30.76 23.12
C ARG F 328 -3.56 31.17 21.94
N PHE F 329 -3.82 32.36 21.41
CA PHE F 329 -3.06 32.95 20.32
C PHE F 329 -2.28 34.17 20.81
N PRO F 330 -1.27 34.62 20.08
CA PRO F 330 -0.48 35.81 20.35
C PRO F 330 -1.36 37.04 20.43
N ASN F 331 -0.85 38.06 21.12
CA ASN F 331 -1.62 39.32 21.32
C ASN F 331 -1.23 40.34 20.24
N ILE F 332 -1.70 40.14 19.01
CA ILE F 332 -1.29 41.05 17.90
C ILE F 332 -2.42 42.05 17.63
N THR F 333 -2.09 43.34 17.57
CA THR F 333 -3.14 44.39 17.43
C THR F 333 -3.26 44.84 15.97
N ASN F 334 -2.20 44.69 15.17
CA ASN F 334 -2.26 45.21 13.81
C ASN F 334 -2.69 44.13 12.83
N LEU F 335 -3.42 44.52 11.80
CA LEU F 335 -3.79 43.60 10.73
C LEU F 335 -2.73 43.60 9.65
N CYS F 336 -2.54 42.44 9.01
CA CYS F 336 -1.53 42.25 7.98
C CYS F 336 -1.91 43.02 6.70
N PRO F 337 -0.90 43.64 6.05
CA PRO F 337 -1.00 44.57 4.94
C PRO F 337 -1.22 43.84 3.63
N PHE F 338 -2.23 43.00 3.56
CA PHE F 338 -2.48 42.27 2.34
C PHE F 338 -3.08 43.19 1.28
N GLY F 339 -3.88 44.15 1.72
CA GLY F 339 -4.52 45.07 0.78
C GLY F 339 -3.49 45.84 -0.02
N GLU F 340 -2.39 46.20 0.62
CA GLU F 340 -1.33 46.99 -0.01
C GLU F 340 -0.47 46.14 -0.94
N VAL F 341 -0.69 44.84 -0.93
CA VAL F 341 0.06 43.93 -1.78
C VAL F 341 -0.68 43.69 -3.09
N PHE F 342 -1.98 43.50 -2.99
CA PHE F 342 -2.80 43.14 -4.14
C PHE F 342 -3.40 44.33 -4.91
N ASN F 343 -3.59 45.46 -4.22
CA ASN F 343 -4.20 46.66 -4.86
C ASN F 343 -3.12 47.69 -5.22
N ALA F 344 -1.86 47.26 -5.42
CA ALA F 344 -0.78 48.16 -5.87
C ALA F 344 -1.08 48.71 -7.25
N THR F 345 -0.74 49.97 -7.47
CA THR F 345 -0.99 50.59 -8.77
C THR F 345 -0.10 49.98 -9.84
N ARG F 346 1.13 49.61 -9.47
CA ARG F 346 2.08 49.02 -10.40
C ARG F 346 2.66 47.73 -9.86
N PHE F 347 2.93 46.79 -10.76
CA PHE F 347 3.48 45.50 -10.39
C PHE F 347 4.83 45.28 -11.06
N ALA F 348 5.66 44.47 -10.43
CA ALA F 348 7.00 44.18 -10.94
C ALA F 348 6.95 43.19 -12.09
N SER F 349 8.01 43.18 -12.88
CA SER F 349 8.21 42.21 -13.94
C SER F 349 8.51 40.85 -13.34
N VAL F 350 8.44 39.81 -14.17
CA VAL F 350 8.70 38.46 -13.71
C VAL F 350 10.20 38.21 -13.51
N TYR F 351 11.04 38.88 -14.29
CA TYR F 351 12.48 38.71 -14.18
C TYR F 351 13.01 39.39 -12.92
N ALA F 352 12.30 40.40 -12.45
CA ALA F 352 12.68 41.14 -11.26
C ALA F 352 11.52 41.16 -10.27
N TRP F 353 11.04 39.97 -9.93
CA TRP F 353 9.87 39.84 -9.08
C TRP F 353 10.07 40.52 -7.72
N ASN F 354 8.98 41.05 -7.17
CA ASN F 354 9.04 41.81 -5.93
C ASN F 354 8.66 40.98 -4.70
N ARG F 355 9.39 41.17 -3.61
CA ARG F 355 9.13 40.43 -2.37
C ARG F 355 8.69 41.36 -1.25
N LYS F 356 7.54 41.07 -0.67
CA LYS F 356 7.05 41.81 0.49
C LYS F 356 6.92 40.90 1.70
N ARG F 357 7.56 41.26 2.80
CA ARG F 357 7.53 40.46 4.01
C ARG F 357 6.37 40.86 4.92
N ILE F 358 5.58 39.87 5.33
CA ILE F 358 4.46 40.08 6.23
C ILE F 358 4.75 39.49 7.60
N SER F 359 4.65 40.30 8.64
CA SER F 359 4.96 39.86 9.98
C SER F 359 4.32 40.73 11.06
N ASN F 360 4.31 40.20 12.28
CA ASN F 360 3.87 40.92 13.47
C ASN F 360 2.46 41.49 13.31
N CYS F 361 1.53 40.61 12.89
CA CYS F 361 0.17 41.00 12.57
C CYS F 361 -0.81 39.83 12.57
N VAL F 362 -2.09 40.17 12.43
CA VAL F 362 -3.17 39.19 12.24
C VAL F 362 -3.63 39.15 10.79
N ALA F 363 -3.89 37.96 10.27
CA ALA F 363 -4.23 37.81 8.86
C ALA F 363 -5.63 37.23 8.64
N ASP F 364 -6.44 37.90 7.85
CA ASP F 364 -7.76 37.35 7.51
C ASP F 364 -7.77 36.86 6.05
N TYR F 365 -7.68 35.55 5.87
CA TYR F 365 -7.61 34.98 4.53
C TYR F 365 -9.00 34.77 3.95
N SER F 366 -10.03 35.05 4.75
CA SER F 366 -11.41 34.84 4.33
C SER F 366 -11.80 35.83 3.24
N VAL F 367 -11.08 36.94 3.18
CA VAL F 367 -11.31 37.95 2.16
C VAL F 367 -10.67 37.55 0.84
N LEU F 368 -9.71 36.65 0.90
CA LEU F 368 -8.94 36.28 -0.29
C LEU F 368 -9.52 35.05 -0.96
N TYR F 369 -9.76 33.99 -0.19
CA TYR F 369 -10.22 32.73 -0.75
C TYR F 369 -11.64 32.82 -1.27
N ASN F 370 -12.43 33.65 -0.63
CA ASN F 370 -13.82 33.76 -0.98
C ASN F 370 -14.05 34.86 -2.00
N SER F 371 -12.96 35.41 -2.51
CA SER F 371 -13.04 36.48 -3.52
C SER F 371 -13.34 35.93 -4.90
N ALA F 372 -14.19 36.62 -5.64
CA ALA F 372 -14.56 36.22 -6.99
C ALA F 372 -13.60 36.83 -8.02
N SER F 373 -12.65 37.64 -7.55
CA SER F 373 -11.77 38.38 -8.45
C SER F 373 -10.58 37.56 -8.95
N PHE F 374 -10.38 36.38 -8.37
CA PHE F 374 -9.22 35.58 -8.70
C PHE F 374 -9.55 34.47 -9.69
N SER F 375 -8.69 34.30 -10.69
CA SER F 375 -8.86 33.24 -11.67
C SER F 375 -8.19 31.97 -11.21
N THR F 376 -7.13 32.11 -10.42
CA THR F 376 -6.40 30.98 -9.86
C THR F 376 -6.15 31.17 -8.37
N PHE F 377 -6.35 30.11 -7.60
CA PHE F 377 -6.08 30.11 -6.16
C PHE F 377 -5.65 28.73 -5.69
N LYS F 378 -4.40 28.36 -5.96
CA LYS F 378 -3.99 27.01 -5.69
C LYS F 378 -3.06 26.92 -4.48
N CYS F 379 -3.45 26.09 -3.50
CA CYS F 379 -2.61 25.93 -2.27
C CYS F 379 -1.96 24.57 -2.25
N TYR F 380 -0.71 24.59 -1.73
CA TYR F 380 0.08 23.38 -1.58
C TYR F 380 0.48 23.18 -0.13
N GLY F 381 0.17 22.00 0.41
CA GLY F 381 0.55 21.64 1.77
C GLY F 381 -0.45 22.16 2.81
N VAL F 382 -1.42 22.93 2.37
CA VAL F 382 -2.41 23.51 3.28
C VAL F 382 -3.72 23.82 2.58
N CYS F 383 -4.84 23.74 3.32
CA CYS F 383 -6.15 24.08 2.88
C CYS F 383 -6.44 25.54 3.20
N PRO F 384 -6.87 26.38 2.24
CA PRO F 384 -7.19 27.78 2.38
C PRO F 384 -8.34 28.04 3.37
N THR F 385 -9.19 27.03 3.57
CA THR F 385 -10.31 27.18 4.49
C THR F 385 -9.87 26.91 5.92
N LYS F 386 -8.73 26.23 6.07
CA LYS F 386 -8.18 25.92 7.37
C LYS F 386 -7.04 26.86 7.71
N LEU F 387 -6.58 27.59 6.71
CA LEU F 387 -5.48 28.54 6.88
C LEU F 387 -5.87 29.65 7.84
N ASN F 388 -7.17 29.83 8.03
CA ASN F 388 -7.70 30.95 8.81
C ASN F 388 -7.53 30.77 10.30
N ASP F 389 -6.97 29.67 10.75
CA ASP F 389 -6.70 29.53 12.17
C ASP F 389 -5.31 28.96 12.43
N LEU F 390 -4.42 29.10 11.47
CA LEU F 390 -3.03 28.66 11.62
C LEU F 390 -2.12 29.85 11.93
N CYS F 391 -0.94 29.56 12.46
CA CYS F 391 0.07 30.58 12.76
C CYS F 391 1.39 30.28 12.05
N PHE F 392 2.13 31.35 11.76
CA PHE F 392 3.42 31.26 11.06
C PHE F 392 4.46 32.19 11.64
N THR F 393 5.74 31.88 11.39
CA THR F 393 6.82 32.75 11.81
C THR F 393 7.03 33.89 10.82
N ASN F 394 6.74 33.61 9.55
CA ASN F 394 6.82 34.63 8.50
C ASN F 394 5.95 34.28 7.31
N VAL F 395 5.44 35.30 6.63
CA VAL F 395 4.78 35.11 5.34
C VAL F 395 5.38 36.03 4.29
N TYR F 396 5.76 35.48 3.15
CA TYR F 396 6.34 36.28 2.08
C TYR F 396 5.45 36.32 0.85
N ALA F 397 5.15 37.52 0.38
CA ALA F 397 4.31 37.71 -0.79
C ALA F 397 5.14 38.11 -2.01
N ASP F 398 5.26 37.19 -2.95
CA ASP F 398 6.02 37.43 -4.18
C ASP F 398 5.09 37.88 -5.30
N SER F 399 5.35 39.04 -5.89
CA SER F 399 4.42 39.63 -6.85
C SER F 399 5.08 40.01 -8.18
N PHE F 400 4.39 39.68 -9.27
CA PHE F 400 4.87 39.98 -10.62
C PHE F 400 3.76 39.86 -11.66
N VAL F 401 4.07 40.24 -12.91
CA VAL F 401 3.12 40.11 -14.02
C VAL F 401 3.63 39.19 -15.15
N ILE F 402 2.78 38.24 -15.56
CA ILE F 402 3.09 37.33 -16.67
C ILE F 402 1.90 37.18 -17.63
N ARG F 403 2.12 36.52 -18.76
CA ARG F 403 1.03 36.18 -19.67
C ARG F 403 0.23 34.98 -19.15
N GLY F 404 -1.00 34.85 -19.61
CA GLY F 404 -1.91 33.80 -19.11
C GLY F 404 -1.36 32.40 -19.30
N ASP F 405 -0.74 32.16 -20.45
CA ASP F 405 -0.25 30.84 -20.76
C ASP F 405 0.89 30.42 -19.83
N GLU F 406 1.48 31.39 -19.14
CA GLU F 406 2.63 31.13 -18.28
C GLU F 406 2.22 30.89 -16.83
N VAL F 407 0.93 31.06 -16.53
CA VAL F 407 0.46 30.94 -15.15
C VAL F 407 0.68 29.54 -14.61
N ARG F 408 0.54 28.55 -15.47
CA ARG F 408 0.69 27.15 -15.09
C ARG F 408 2.11 26.83 -14.64
N GLN F 409 3.06 27.71 -14.96
CA GLN F 409 4.45 27.49 -14.58
C GLN F 409 4.71 27.90 -13.15
N ILE F 410 3.75 28.61 -12.55
CA ILE F 410 3.90 29.04 -11.16
C ILE F 410 3.38 27.95 -10.23
N ALA F 411 4.20 26.93 -10.08
CA ALA F 411 3.87 25.75 -9.28
C ALA F 411 5.13 24.94 -9.06
N PRO F 412 5.22 24.18 -7.97
CA PRO F 412 6.33 23.33 -7.61
C PRO F 412 6.54 22.22 -8.63
N GLY F 413 7.80 22.01 -9.00
CA GLY F 413 8.16 20.90 -9.89
C GLY F 413 7.97 21.24 -11.37
N GLN F 414 7.60 22.48 -11.68
CA GLN F 414 7.36 22.87 -13.06
C GLN F 414 8.63 23.36 -13.76
N THR F 415 8.62 23.27 -15.09
CA THR F 415 9.72 23.76 -15.91
C THR F 415 9.20 24.71 -16.98
N GLY F 416 10.09 25.44 -17.63
CA GLY F 416 9.72 26.38 -18.68
C GLY F 416 10.44 27.71 -18.52
N LYS F 417 10.19 28.63 -19.45
CA LYS F 417 10.92 29.90 -19.46
C LYS F 417 10.78 30.67 -18.16
N ILE F 418 9.60 30.64 -17.57
CA ILE F 418 9.39 31.37 -16.33
C ILE F 418 9.89 30.57 -15.15
N ALA F 419 9.50 29.31 -15.09
CA ALA F 419 9.90 28.46 -13.98
C ALA F 419 11.41 28.32 -13.89
N ASP F 420 12.09 28.32 -15.02
CA ASP F 420 13.53 28.09 -15.05
C ASP F 420 14.37 29.36 -14.99
N TYR F 421 13.91 30.43 -15.62
CA TYR F 421 14.78 31.61 -15.79
C TYR F 421 14.28 32.86 -15.07
N ASN F 422 13.07 32.83 -14.52
CA ASN F 422 12.52 34.04 -13.93
C ASN F 422 12.11 33.85 -12.47
N TYR F 423 11.29 32.85 -12.19
CA TYR F 423 10.75 32.66 -10.86
C TYR F 423 10.57 31.17 -10.54
N LYS F 424 11.40 30.66 -9.64
CA LYS F 424 11.40 29.23 -9.33
C LYS F 424 10.88 28.96 -7.92
N LEU F 425 9.94 28.01 -7.82
CA LEU F 425 9.47 27.52 -6.53
C LEU F 425 10.10 26.16 -6.25
N PRO F 426 10.35 25.82 -4.99
CA PRO F 426 10.89 24.57 -4.50
C PRO F 426 9.86 23.45 -4.61
N ASP F 427 10.35 22.21 -4.68
CA ASP F 427 9.48 21.05 -4.80
C ASP F 427 8.62 20.85 -3.56
N ASP F 428 9.11 21.34 -2.41
CA ASP F 428 8.39 21.21 -1.15
C ASP F 428 7.72 22.52 -0.75
N PHE F 429 7.39 23.35 -1.74
CA PHE F 429 6.74 24.62 -1.48
C PHE F 429 5.46 24.48 -0.70
N THR F 430 5.31 25.29 0.34
CA THR F 430 4.08 25.35 1.10
C THR F 430 3.49 26.76 1.04
N GLY F 431 2.26 26.87 0.57
CA GLY F 431 1.63 28.17 0.41
C GLY F 431 0.64 28.17 -0.74
N CYS F 432 0.23 29.38 -1.16
CA CYS F 432 -0.85 29.53 -2.16
C CYS F 432 -0.45 30.46 -3.31
N VAL F 433 -0.82 30.04 -4.52
CA VAL F 433 -0.58 30.84 -5.72
C VAL F 433 -1.88 31.51 -6.19
N ILE F 434 -1.88 32.83 -6.17
CA ILE F 434 -3.06 33.61 -6.51
C ILE F 434 -2.82 34.48 -7.74
N ALA F 435 -3.70 34.38 -8.73
CA ALA F 435 -3.52 35.15 -9.96
C ALA F 435 -4.84 35.64 -10.52
N TRP F 436 -4.79 36.77 -11.24
CA TRP F 436 -5.96 37.32 -11.90
C TRP F 436 -5.60 38.08 -13.18
N ASN F 437 -6.55 38.15 -14.10
CA ASN F 437 -6.38 38.88 -15.36
C ASN F 437 -6.35 40.39 -15.11
N SER F 438 -5.37 41.06 -15.70
CA SER F 438 -5.22 42.50 -15.54
C SER F 438 -5.15 43.22 -16.88
N ASN F 439 -5.84 42.68 -17.86
CA ASN F 439 -5.83 43.24 -19.21
C ASN F 439 -6.31 44.68 -19.23
N ASN F 440 -7.19 45.04 -18.30
CA ASN F 440 -7.74 46.38 -18.27
C ASN F 440 -6.81 47.38 -17.59
N LEU F 441 -5.73 46.88 -16.99
CA LEU F 441 -4.83 47.73 -16.23
C LEU F 441 -3.40 47.73 -16.78
N ASP F 442 -2.93 46.55 -17.20
CA ASP F 442 -1.53 46.39 -17.59
C ASP F 442 -1.32 46.32 -19.10
N SER F 443 -2.39 46.47 -19.87
CA SER F 443 -2.27 46.45 -21.33
C SER F 443 -2.42 47.84 -21.92
N LYS F 444 -1.82 48.05 -23.08
CA LYS F 444 -1.90 49.33 -23.77
C LYS F 444 -2.21 49.12 -25.25
N VAL F 445 -2.87 50.10 -25.86
CA VAL F 445 -3.29 49.97 -27.25
C VAL F 445 -2.11 49.73 -28.17
N GLY F 446 -0.99 50.41 -27.91
CA GLY F 446 0.20 50.27 -28.73
C GLY F 446 1.15 49.20 -28.17
N GLY F 447 0.71 48.51 -27.13
CA GLY F 447 1.54 47.50 -26.47
C GLY F 447 2.22 48.11 -25.24
N ASN F 448 2.28 47.33 -24.16
CA ASN F 448 2.91 47.81 -22.93
C ASN F 448 4.26 47.14 -22.70
N TYR F 449 5.29 47.67 -23.33
CA TYR F 449 6.58 47.00 -23.31
C TYR F 449 7.35 47.29 -22.02
N ASN F 450 6.65 47.87 -21.04
CA ASN F 450 7.25 48.14 -19.75
C ASN F 450 7.51 46.84 -18.99
N TYR F 451 6.74 45.79 -19.28
CA TYR F 451 6.96 44.48 -18.63
C TYR F 451 7.77 43.57 -19.54
N ARG F 452 8.75 42.87 -18.93
CA ARG F 452 9.69 42.01 -19.66
C ARG F 452 9.91 40.68 -18.93
N TYR F 453 10.55 39.73 -19.61
CA TYR F 453 10.93 38.45 -19.02
C TYR F 453 12.28 38.00 -19.56
N ARG F 454 12.93 37.11 -18.81
CA ARG F 454 14.20 36.54 -19.24
C ARG F 454 13.99 35.38 -20.20
N LEU F 455 14.66 35.46 -21.34
CA LEU F 455 14.56 34.42 -22.37
C LEU F 455 15.80 33.54 -22.39
N PHE F 456 16.96 34.12 -22.08
CA PHE F 456 18.21 33.37 -22.16
C PHE F 456 18.91 33.27 -20.81
N ARG F 457 19.50 32.11 -20.54
CA ARG F 457 20.31 31.90 -19.35
C ARG F 457 21.23 30.70 -19.54
N LYS F 458 22.30 30.67 -18.75
CA LYS F 458 23.28 29.58 -18.78
C LYS F 458 22.76 28.31 -18.10
N SER F 459 21.96 28.48 -17.04
CA SER F 459 21.42 27.37 -16.26
C SER F 459 20.14 27.77 -15.55
N ASN F 460 19.40 26.80 -15.04
CA ASN F 460 18.16 27.07 -14.34
C ASN F 460 18.40 27.69 -12.97
N LEU F 461 17.49 28.53 -12.54
CA LEU F 461 17.57 29.18 -11.23
C LEU F 461 17.24 28.21 -10.11
N LYS F 462 17.87 28.41 -8.95
CA LYS F 462 17.47 27.71 -7.75
C LYS F 462 16.24 28.42 -7.19
N PRO F 463 15.46 27.76 -6.32
CA PRO F 463 14.26 28.29 -5.71
C PRO F 463 14.52 29.63 -5.04
N PHE F 464 13.63 30.57 -5.31
CA PHE F 464 13.65 31.92 -4.72
C PHE F 464 14.85 32.77 -5.14
N GLU F 465 15.51 32.43 -6.24
CA GLU F 465 16.57 33.28 -6.77
C GLU F 465 16.00 34.42 -7.61
N ARG F 466 16.74 35.53 -7.66
CA ARG F 466 16.33 36.70 -8.44
C ARG F 466 17.51 37.29 -9.21
N ASP F 467 17.46 37.19 -10.53
CA ASP F 467 18.56 37.63 -11.38
C ASP F 467 18.16 38.79 -12.29
N ILE F 468 18.78 39.94 -12.09
CA ILE F 468 18.44 41.14 -12.85
C ILE F 468 19.58 41.62 -13.74
N SER F 469 20.51 40.73 -14.06
CA SER F 469 21.60 41.06 -14.95
C SER F 469 21.10 41.34 -16.36
N THR F 470 21.71 42.33 -17.00
CA THR F 470 21.31 42.74 -18.35
C THR F 470 22.42 42.54 -19.37
N GLU F 471 23.44 41.75 -19.03
CA GLU F 471 24.58 41.57 -19.90
C GLU F 471 24.28 40.60 -21.05
N ILE F 472 25.06 40.72 -22.12
CA ILE F 472 24.81 39.99 -23.37
C ILE F 472 25.11 38.50 -23.27
N TYR F 473 24.20 37.70 -23.83
CA TYR F 473 24.34 36.26 -23.88
C TYR F 473 24.95 35.80 -25.20
N GLN F 474 26.01 35.01 -25.12
CA GLN F 474 26.64 34.44 -26.32
C GLN F 474 26.10 33.04 -26.56
N ALA F 475 25.42 32.87 -27.69
CA ALA F 475 24.70 31.63 -27.97
C ALA F 475 25.53 30.61 -28.74
N GLY F 476 26.67 31.03 -29.30
CA GLY F 476 27.49 30.10 -30.11
C GLY F 476 28.84 29.83 -29.48
N SER F 477 29.91 30.01 -30.25
CA SER F 477 31.28 29.79 -29.71
C SER F 477 32.10 31.07 -29.82
N THR F 478 31.53 32.10 -30.46
CA THR F 478 32.29 33.34 -30.67
C THR F 478 31.78 34.41 -29.74
N PRO F 479 32.71 35.15 -29.14
CA PRO F 479 32.35 36.11 -28.11
C PRO F 479 31.68 37.41 -28.56
N CYS F 480 31.05 38.15 -27.62
CA CYS F 480 30.30 39.46 -28.06
C CYS F 480 30.96 40.73 -27.78
N ASN F 481 31.88 41.01 -26.92
CA ASN F 481 32.38 42.42 -26.91
C ASN F 481 31.30 43.35 -26.34
N GLY F 482 30.24 42.80 -25.72
CA GLY F 482 29.17 43.63 -25.12
C GLY F 482 28.29 44.13 -26.20
N VAL F 483 28.54 43.58 -27.37
CA VAL F 483 27.84 44.08 -28.55
C VAL F 483 26.89 43.03 -29.05
N GLN F 484 25.66 43.45 -29.27
CA GLN F 484 24.65 42.58 -29.84
C GLN F 484 24.96 42.27 -31.30
N GLY F 485 24.56 41.10 -31.76
CA GLY F 485 24.85 40.67 -33.11
C GLY F 485 24.60 39.18 -33.29
N PHE F 486 25.32 38.56 -34.23
CA PHE F 486 25.15 37.11 -34.50
C PHE F 486 25.59 36.30 -33.28
N ASN F 487 24.69 35.47 -32.76
CA ASN F 487 25.00 34.64 -31.56
C ASN F 487 25.23 35.53 -30.34
N CYS F 488 24.76 36.78 -30.37
CA CYS F 488 24.88 37.68 -29.19
C CYS F 488 23.53 38.35 -28.95
N TYR F 489 22.84 37.99 -27.86
CA TYR F 489 21.46 38.51 -27.67
C TYR F 489 21.25 39.12 -26.29
N PHE F 490 20.55 40.25 -26.23
CA PHE F 490 20.14 40.84 -24.95
C PHE F 490 19.12 39.91 -24.29
N PRO F 491 19.40 39.47 -23.06
CA PRO F 491 18.75 38.38 -22.34
C PRO F 491 17.27 38.61 -22.03
N LEU F 492 16.84 39.86 -22.01
CA LEU F 492 15.46 40.17 -21.66
C LEU F 492 14.61 40.55 -22.86
N GLN F 493 13.40 40.02 -22.90
CA GLN F 493 12.45 40.32 -23.97
C GLN F 493 11.20 40.96 -23.40
N SER F 494 10.56 41.80 -24.20
CA SER F 494 9.36 42.47 -23.77
C SER F 494 8.13 41.67 -24.10
N TYR F 495 7.08 41.90 -23.38
CA TYR F 495 5.83 41.25 -23.64
C TYR F 495 4.95 42.16 -24.50
N GLY F 496 4.24 41.57 -25.43
CA GLY F 496 3.28 42.30 -26.22
C GLY F 496 1.95 42.36 -25.48
N PHE F 497 1.72 43.45 -24.76
CA PHE F 497 0.53 43.57 -23.95
C PHE F 497 -0.48 44.54 -24.55
N GLN F 498 -1.32 44.05 -25.44
CA GLN F 498 -2.38 44.86 -26.03
C GLN F 498 -3.73 44.30 -25.59
N PRO F 499 -4.71 45.17 -25.37
CA PRO F 499 -6.03 44.86 -24.86
C PRO F 499 -6.82 43.97 -25.78
N THR F 500 -6.38 43.87 -27.04
CA THR F 500 -7.07 43.06 -28.04
C THR F 500 -6.46 41.66 -28.17
N ASN F 501 -5.46 41.39 -27.36
CA ASN F 501 -4.78 40.10 -27.41
C ASN F 501 -5.64 38.99 -26.81
N GLY F 502 -5.35 37.75 -27.21
CA GLY F 502 -6.10 36.59 -26.74
C GLY F 502 -5.83 36.32 -25.26
N VAL F 503 -6.66 35.45 -24.68
CA VAL F 503 -6.60 35.20 -23.24
C VAL F 503 -5.22 34.74 -22.80
N GLY F 504 -4.58 33.89 -23.59
CA GLY F 504 -3.29 33.34 -23.20
C GLY F 504 -2.17 34.37 -23.31
N TYR F 505 -2.45 35.48 -23.99
CA TYR F 505 -1.44 36.50 -24.23
C TYR F 505 -1.62 37.72 -23.33
N GLN F 506 -2.84 37.90 -22.81
CA GLN F 506 -3.12 39.02 -21.93
C GLN F 506 -2.30 38.88 -20.65
N PRO F 507 -1.99 40.00 -19.98
CA PRO F 507 -1.26 40.07 -18.72
C PRO F 507 -2.10 39.59 -17.55
N TYR F 508 -1.44 38.94 -16.60
CA TYR F 508 -2.06 38.52 -15.35
C TYR F 508 -1.21 38.94 -14.17
N ARG F 509 -1.84 39.47 -13.14
CA ARG F 509 -1.15 39.84 -11.93
C ARG F 509 -1.07 38.65 -10.99
N VAL F 510 0.11 38.38 -10.46
CA VAL F 510 0.32 37.19 -9.65
C VAL F 510 0.89 37.52 -8.29
N VAL F 511 0.28 36.94 -7.25
CA VAL F 511 0.82 37.01 -5.90
C VAL F 511 0.98 35.61 -5.34
N VAL F 512 2.20 35.26 -4.96
CA VAL F 512 2.46 33.96 -4.35
C VAL F 512 2.74 34.11 -2.86
N LEU F 513 1.93 33.46 -2.05
CA LEU F 513 2.08 33.58 -0.61
C LEU F 513 2.82 32.38 -0.04
N SER F 514 4.06 32.61 0.37
CA SER F 514 4.92 31.58 0.91
C SER F 514 4.87 31.60 2.43
N PHE F 515 4.52 30.46 3.04
CA PHE F 515 4.32 30.39 4.49
C PHE F 515 5.43 29.57 5.13
N GLU F 516 6.08 30.14 6.18
CA GLU F 516 7.13 29.44 6.91
C GLU F 516 6.83 29.38 8.40
N LEU F 517 7.08 28.21 8.99
CA LEU F 517 6.87 28.02 10.41
C LEU F 517 8.11 27.49 11.10
N LEU F 518 9.04 28.38 11.42
CA LEU F 518 10.24 28.01 12.16
C LEU F 518 9.94 27.96 13.64
N HIS F 519 10.87 27.43 14.43
CA HIS F 519 10.65 27.40 15.87
C HIS F 519 10.91 28.76 16.48
N ALA F 520 9.90 29.61 16.44
CA ALA F 520 9.98 30.96 16.96
C ALA F 520 8.56 31.46 17.26
N PRO F 521 8.40 32.44 18.14
CA PRO F 521 7.16 33.10 18.43
C PRO F 521 6.51 33.53 17.13
N ALA F 522 5.29 33.08 16.89
CA ALA F 522 4.63 33.35 15.63
C ALA F 522 4.36 34.84 15.51
N THR F 523 4.67 35.38 14.34
CA THR F 523 4.48 36.78 14.10
C THR F 523 3.21 37.00 13.27
N VAL F 524 2.71 35.92 12.67
CA VAL F 524 1.46 35.97 11.90
C VAL F 524 0.47 34.88 12.32
N CYS F 525 -0.75 35.30 12.68
CA CYS F 525 -1.84 34.37 13.02
C CYS F 525 -3.17 34.82 12.38
N GLY F 526 -3.98 33.86 11.93
CA GLY F 526 -5.28 34.17 11.30
C GLY F 526 -6.22 34.81 12.32
N PRO F 527 -7.49 35.08 11.97
CA PRO F 527 -8.46 35.68 12.86
C PRO F 527 -8.44 34.87 14.14
N LYS F 528 -8.24 35.50 15.26
CA LYS F 528 -8.09 34.77 16.47
C LYS F 528 -9.07 35.21 17.54
N LYS F 529 -9.71 34.24 18.16
CA LYS F 529 -10.48 34.48 19.37
C LYS F 529 -9.82 33.72 20.52
N SER F 530 -9.28 34.45 21.48
CA SER F 530 -8.57 33.80 22.57
C SER F 530 -9.42 33.68 23.83
N THR F 531 -9.13 32.67 24.61
CA THR F 531 -9.85 32.40 25.85
C THR F 531 -8.91 32.42 27.04
N ASN F 532 -9.46 32.27 28.24
CA ASN F 532 -8.66 32.17 29.46
C ASN F 532 -7.98 30.81 29.56
N LEU F 533 -6.90 30.75 30.34
CA LEU F 533 -6.14 29.52 30.51
C LEU F 533 -6.64 28.71 31.71
N VAL F 534 -6.87 27.42 31.49
CA VAL F 534 -7.39 26.52 32.52
C VAL F 534 -6.42 25.38 32.81
N LYS F 535 -6.21 25.11 34.09
CA LYS F 535 -5.25 24.08 34.50
C LYS F 535 -5.84 23.06 35.48
N ASN F 536 -5.17 21.92 35.56
CA ASN F 536 -5.49 20.82 36.49
C ASN F 536 -6.80 20.11 36.13
N LYS F 537 -7.28 20.35 34.92
CA LYS F 537 -8.47 19.68 34.42
C LYS F 537 -8.28 19.27 32.96
N CYS F 538 -8.98 18.23 32.53
CA CYS F 538 -8.98 17.76 31.17
C CYS F 538 -9.59 18.79 30.21
N VAL F 539 -8.84 19.35 29.31
CA VAL F 539 -9.37 20.33 28.37
C VAL F 539 -8.88 20.10 26.95
N ASN F 540 -9.64 20.60 25.98
CA ASN F 540 -9.18 20.70 24.62
C ASN F 540 -8.46 22.03 24.46
N PHE F 541 -7.32 22.03 23.79
CA PHE F 541 -6.56 23.26 23.65
C PHE F 541 -6.07 23.53 22.24
N ASN F 542 -5.89 24.81 21.94
CA ASN F 542 -5.21 25.26 20.73
C ASN F 542 -4.20 26.35 21.06
N PHE F 543 -2.92 25.98 21.12
CA PHE F 543 -1.87 26.93 21.44
C PHE F 543 -1.12 27.34 20.19
N ASN F 544 -1.38 28.55 19.72
CA ASN F 544 -0.68 29.09 18.57
C ASN F 544 -0.78 28.17 17.34
N GLY F 545 -1.94 27.54 17.16
CA GLY F 545 -2.17 26.67 16.01
C GLY F 545 -1.96 25.20 16.35
N LEU F 546 -1.41 24.93 17.53
CA LEU F 546 -1.18 23.55 17.97
C LEU F 546 -2.38 23.01 18.73
N THR F 547 -3.07 22.06 18.12
CA THR F 547 -4.29 21.53 18.70
C THR F 547 -4.06 20.18 19.37
N GLY F 548 -4.78 19.94 20.47
CA GLY F 548 -4.70 18.66 21.18
C GLY F 548 -5.59 18.67 22.42
N THR F 549 -5.62 17.56 23.14
CA THR F 549 -6.42 17.43 24.35
C THR F 549 -5.60 16.85 25.49
N GLY F 550 -5.77 17.39 26.68
CA GLY F 550 -5.08 16.87 27.85
C GLY F 550 -5.19 17.81 29.05
N VAL F 551 -4.56 17.40 30.15
CA VAL F 551 -4.51 18.20 31.37
C VAL F 551 -3.28 19.11 31.36
N LEU F 552 -3.50 20.39 31.67
CA LEU F 552 -2.42 21.35 31.68
C LEU F 552 -2.05 21.77 33.09
N THR F 553 -0.76 21.82 33.37
CA THR F 553 -0.28 22.29 34.66
C THR F 553 0.97 23.15 34.51
N GLU F 554 1.31 23.92 35.55
CA GLU F 554 2.58 24.64 35.56
C GLU F 554 3.73 23.65 35.48
N SER F 555 4.70 23.94 34.62
CA SER F 555 5.82 23.04 34.41
C SER F 555 7.04 23.41 35.23
N ASN F 556 7.80 22.41 35.65
CA ASN F 556 9.08 22.62 36.32
C ASN F 556 10.23 22.52 35.33
N LYS F 557 9.91 22.37 34.05
CA LYS F 557 10.94 22.26 33.01
C LYS F 557 11.60 23.60 32.75
N LYS F 558 12.92 23.62 32.82
CA LYS F 558 13.67 24.86 32.69
C LYS F 558 13.92 25.24 31.24
N PHE F 559 12.90 25.76 30.58
CA PHE F 559 13.02 26.20 29.21
C PHE F 559 13.93 27.41 29.11
N LEU F 560 14.75 27.45 28.07
CA LEU F 560 15.51 28.65 27.75
C LEU F 560 14.63 29.56 26.90
N PRO F 561 14.85 30.89 26.94
CA PRO F 561 14.00 31.94 26.38
C PRO F 561 13.59 31.72 24.93
N PHE F 562 14.43 31.00 24.18
CA PHE F 562 14.16 30.80 22.77
C PHE F 562 13.30 29.57 22.49
N GLN F 563 13.03 28.79 23.53
CA GLN F 563 12.28 27.55 23.41
C GLN F 563 10.79 27.78 23.60
N GLN F 564 9.98 27.20 22.71
CA GLN F 564 8.52 27.35 22.76
C GLN F 564 7.81 26.08 23.21
N PHE F 565 8.44 24.92 22.99
CA PHE F 565 7.81 23.65 23.31
C PHE F 565 8.82 22.52 23.44
N GLY F 566 8.39 21.41 24.03
CA GLY F 566 9.20 20.19 24.10
C GLY F 566 8.49 19.03 23.39
N ARG F 567 9.22 17.94 23.18
CA ARG F 567 8.64 16.75 22.54
C ARG F 567 9.05 15.47 23.26
N ASP F 568 8.22 14.44 23.14
CA ASP F 568 8.51 13.11 23.66
C ASP F 568 9.08 12.21 22.57
N ILE F 569 9.40 10.98 22.93
CA ILE F 569 9.97 10.01 21.99
C ILE F 569 8.99 9.58 20.91
N ALA F 570 7.71 9.87 21.13
CA ALA F 570 6.66 9.56 20.15
C ALA F 570 6.45 10.73 19.20
N ASP F 571 7.29 11.75 19.31
CA ASP F 571 7.23 12.95 18.47
C ASP F 571 6.02 13.81 18.81
N THR F 572 5.39 13.54 19.93
CA THR F 572 4.29 14.36 20.39
C THR F 572 4.79 15.48 21.29
N THR F 573 4.06 16.60 21.32
CA THR F 573 4.41 17.72 22.19
C THR F 573 3.96 17.44 23.62
N ASP F 574 4.85 17.67 24.58
CA ASP F 574 4.53 17.37 25.98
C ASP F 574 4.73 18.57 26.89
N ALA F 575 5.03 19.72 26.29
CA ALA F 575 5.17 20.96 27.03
C ALA F 575 5.15 22.14 26.08
N VAL F 576 4.46 23.21 26.46
CA VAL F 576 4.37 24.40 25.62
C VAL F 576 4.58 25.68 26.40
N ARG F 577 4.94 26.74 25.68
CA ARG F 577 4.96 28.07 26.26
C ARG F 577 3.70 28.84 25.87
N ASP F 578 3.01 29.35 26.87
CA ASP F 578 1.81 30.13 26.62
C ASP F 578 2.19 31.42 25.91
N PRO F 579 1.61 31.66 24.73
CA PRO F 579 1.93 32.75 23.86
C PRO F 579 1.52 34.08 24.44
N GLN F 580 0.89 34.15 25.62
CA GLN F 580 0.62 35.47 26.14
C GLN F 580 1.34 35.75 27.43
N THR F 581 1.37 34.76 28.29
CA THR F 581 1.96 34.91 29.62
C THR F 581 3.38 34.37 29.66
N LEU F 582 3.75 33.64 28.62
CA LEU F 582 5.09 33.04 28.49
C LEU F 582 5.36 31.98 29.56
N GLU F 583 4.31 31.51 30.21
CA GLU F 583 4.40 30.44 31.20
C GLU F 583 4.58 29.10 30.51
N ILE F 584 5.42 28.24 31.08
CA ILE F 584 5.60 26.90 30.55
C ILE F 584 4.63 25.92 31.19
N LEU F 585 3.90 25.19 30.36
CA LEU F 585 2.89 24.26 30.82
C LEU F 585 3.23 22.83 30.44
N ASP F 586 2.97 21.90 31.36
CA ASP F 586 3.08 20.48 31.07
C ASP F 586 1.82 19.98 30.41
N ILE F 587 1.96 19.06 29.46
CA ILE F 587 0.81 18.46 28.83
C ILE F 587 0.79 16.96 29.03
N THR F 588 -0.27 16.48 29.66
CA THR F 588 -0.51 15.07 29.82
C THR F 588 -1.89 14.75 29.39
N PRO F 589 -2.18 13.70 28.60
CA PRO F 589 -3.52 13.34 28.24
C PRO F 589 -4.31 12.86 29.43
N CYS F 590 -5.63 12.90 29.31
CA CYS F 590 -6.66 12.69 30.32
C CYS F 590 -6.79 11.22 30.63
N SER F 591 -7.19 10.91 31.86
CA SER F 591 -7.20 9.52 32.31
C SER F 591 -8.02 8.62 31.41
N PHE F 592 -7.48 7.44 31.16
CA PHE F 592 -8.13 6.43 30.33
C PHE F 592 -7.66 5.06 30.76
N GLY F 593 -8.35 4.02 30.35
CA GLY F 593 -7.93 2.66 30.67
C GLY F 593 -9.00 1.64 30.34
N GLY F 594 -8.72 0.38 30.62
CA GLY F 594 -9.66 -0.70 30.31
C GLY F 594 -10.77 -0.82 31.35
N VAL F 595 -11.92 -1.28 30.89
CA VAL F 595 -13.02 -1.62 31.77
C VAL F 595 -13.28 -3.12 31.70
N SER F 596 -13.17 -3.79 32.83
CA SER F 596 -13.39 -5.23 32.87
C SER F 596 -14.59 -5.59 33.73
N VAL F 597 -15.37 -6.54 33.24
CA VAL F 597 -16.56 -6.99 33.96
C VAL F 597 -16.33 -8.36 34.59
N ILE F 598 -16.54 -8.42 35.89
CA ILE F 598 -16.37 -9.64 36.66
C ILE F 598 -17.70 -10.29 36.88
N THR F 599 -17.82 -11.55 36.51
CA THR F 599 -19.10 -12.22 36.62
C THR F 599 -18.93 -13.69 36.99
N PRO F 600 -19.89 -14.25 37.72
CA PRO F 600 -20.18 -15.66 37.81
C PRO F 600 -20.86 -16.05 36.52
N GLY F 601 -21.02 -17.33 36.25
CA GLY F 601 -21.70 -17.68 35.03
C GLY F 601 -23.10 -17.10 35.05
N THR F 602 -23.62 -16.76 33.87
CA THR F 602 -25.01 -16.31 33.76
C THR F 602 -25.98 -17.42 34.14
N ASN F 603 -25.46 -18.64 34.28
CA ASN F 603 -26.25 -19.83 34.68
C ASN F 603 -26.33 -19.85 36.20
N THR F 604 -25.65 -18.92 36.86
CA THR F 604 -25.72 -18.79 38.34
C THR F 604 -26.34 -17.46 38.76
N SER F 605 -25.92 -16.37 38.11
CA SER F 605 -26.39 -15.04 38.48
C SER F 605 -26.18 -14.01 37.38
N ASN F 606 -27.00 -12.96 37.40
CA ASN F 606 -26.83 -11.84 36.47
C ASN F 606 -26.11 -10.66 37.12
N GLN F 607 -25.59 -10.87 38.32
CA GLN F 607 -24.85 -9.83 39.03
C GLN F 607 -23.42 -9.71 38.50
N VAL F 608 -22.92 -8.49 38.39
CA VAL F 608 -21.54 -8.28 37.99
C VAL F 608 -20.84 -7.23 38.84
N ALA F 609 -19.51 -7.22 38.78
CA ALA F 609 -18.70 -6.15 39.34
C ALA F 609 -17.83 -5.58 38.23
N VAL F 610 -17.45 -4.30 38.35
CA VAL F 610 -16.67 -3.67 37.30
C VAL F 610 -15.33 -3.16 37.81
N LEU F 611 -14.27 -3.51 37.09
CA LEU F 611 -12.93 -3.04 37.41
C LEU F 611 -12.48 -1.96 36.44
N TYR F 612 -12.16 -0.78 36.96
CA TYR F 612 -11.61 0.30 36.17
C TYR F 612 -10.10 0.31 36.30
N GLN F 613 -9.43 -0.22 35.30
CA GLN F 613 -8.02 -0.55 35.44
C GLN F 613 -7.14 0.69 35.46
N GLY F 614 -6.27 0.73 36.46
CA GLY F 614 -5.21 1.75 36.53
C GLY F 614 -5.67 3.10 37.03
N VAL F 615 -6.87 3.21 37.59
CA VAL F 615 -7.34 4.51 38.04
C VAL F 615 -7.77 4.56 39.48
N ASN F 616 -7.86 5.81 39.96
CA ASN F 616 -8.42 6.03 41.30
C ASN F 616 -9.94 6.01 41.24
N CYS F 617 -10.58 5.58 42.31
CA CYS F 617 -11.90 5.52 42.46
C CYS F 617 -12.67 6.94 42.36
N THR F 618 -11.74 7.92 42.67
CA THR F 618 -12.20 9.31 42.68
C THR F 618 -12.40 9.86 41.28
N GLU F 619 -11.84 9.17 40.29
CA GLU F 619 -11.88 9.65 38.90
C GLU F 619 -12.86 8.83 38.05
N VAL F 620 -13.55 7.88 38.67
CA VAL F 620 -14.35 6.95 37.88
C VAL F 620 -15.60 7.57 37.22
N PRO F 621 -16.46 8.34 37.94
CA PRO F 621 -17.67 8.96 37.42
C PRO F 621 -17.35 9.87 36.24
N ASN F 641 -20.12 -0.21 47.71
CA ASN F 641 -19.21 -1.24 47.23
C ASN F 641 -18.18 -0.66 46.26
N VAL F 642 -17.34 0.26 46.75
CA VAL F 642 -16.23 0.82 45.99
C VAL F 642 -14.92 0.53 46.71
N PHE F 643 -14.03 -0.20 46.04
CA PHE F 643 -12.78 -0.63 46.64
C PHE F 643 -11.59 -0.34 45.75
N GLN F 644 -10.56 0.28 46.32
CA GLN F 644 -9.37 0.61 45.55
C GLN F 644 -8.33 -0.51 45.64
N THR F 645 -8.10 -1.18 44.52
CA THR F 645 -7.07 -2.21 44.45
C THR F 645 -5.87 -1.66 43.70
N ARG F 646 -4.75 -2.37 43.73
CA ARG F 646 -3.59 -1.94 42.97
C ARG F 646 -3.81 -2.14 41.48
N ALA F 647 -4.84 -2.91 41.15
CA ALA F 647 -5.21 -3.16 39.75
C ALA F 647 -6.12 -2.06 39.21
N GLY F 648 -6.63 -1.21 40.10
CA GLY F 648 -7.60 -0.20 39.71
C GLY F 648 -8.79 -0.16 40.65
N CYS F 649 -9.84 0.57 40.27
CA CYS F 649 -11.01 0.74 41.12
C CYS F 649 -12.04 -0.34 40.85
N LEU F 650 -12.40 -1.09 41.89
CA LEU F 650 -13.37 -2.16 41.76
C LEU F 650 -14.71 -1.73 42.34
N ILE F 651 -15.74 -1.74 41.50
CA ILE F 651 -17.06 -1.30 41.91
C ILE F 651 -18.08 -2.42 41.78
N GLY F 652 -18.84 -2.67 42.84
CA GLY F 652 -19.90 -3.67 42.81
C GLY F 652 -19.53 -4.92 43.60
N ALA F 653 -18.33 -4.94 44.17
CA ALA F 653 -17.89 -6.06 44.99
C ALA F 653 -17.68 -5.62 46.42
N GLU F 654 -18.05 -6.48 47.36
CA GLU F 654 -17.87 -6.20 48.77
C GLU F 654 -16.52 -6.70 49.26
N HIS F 655 -15.69 -5.79 49.75
CA HIS F 655 -14.40 -6.17 50.28
C HIS F 655 -14.53 -6.78 51.65
N VAL F 656 -13.86 -7.91 51.86
CA VAL F 656 -13.88 -8.59 53.15
C VAL F 656 -12.46 -8.85 53.63
N ASN F 657 -12.30 -9.05 54.94
CA ASN F 657 -10.97 -9.25 55.55
C ASN F 657 -10.62 -10.73 55.67
N ASN F 658 -11.48 -11.62 55.18
CA ASN F 658 -11.20 -13.04 55.19
C ASN F 658 -10.33 -13.40 54.01
N SER F 659 -9.94 -14.66 53.91
CA SER F 659 -9.14 -15.11 52.80
C SER F 659 -9.59 -16.47 52.33
N TYR F 660 -9.64 -16.64 51.01
CA TYR F 660 -10.08 -17.89 50.42
C TYR F 660 -9.19 -18.23 49.25
N GLU F 661 -9.34 -19.42 48.69
CA GLU F 661 -8.67 -19.75 47.46
C GLU F 661 -9.12 -18.83 46.37
N CYS F 662 -8.27 -18.46 45.41
CA CYS F 662 -8.57 -17.58 44.36
C CYS F 662 -9.66 -18.13 43.41
N ASP F 663 -10.67 -17.40 43.12
CA ASP F 663 -11.72 -17.82 42.21
C ASP F 663 -11.58 -17.08 40.89
N ILE F 664 -11.99 -15.82 40.85
CA ILE F 664 -11.73 -14.96 39.71
C ILE F 664 -10.65 -13.95 40.06
N PRO F 665 -9.47 -14.04 39.46
CA PRO F 665 -8.31 -13.22 39.74
C PRO F 665 -8.54 -11.77 39.32
N ILE F 666 -8.22 -10.85 40.21
CA ILE F 666 -8.27 -9.42 39.89
C ILE F 666 -6.87 -8.90 39.64
N GLY F 667 -5.95 -9.24 40.54
CA GLY F 667 -4.56 -8.84 40.41
C GLY F 667 -4.00 -8.33 41.73
N ALA F 668 -2.67 -8.40 41.87
CA ALA F 668 -1.98 -7.91 43.06
C ALA F 668 -2.51 -8.54 44.33
N GLY F 669 -2.79 -9.84 44.27
CA GLY F 669 -3.18 -10.60 45.45
C GLY F 669 -4.68 -10.60 45.68
N ILE F 670 -5.40 -9.81 44.90
CA ILE F 670 -6.85 -9.70 45.07
C ILE F 670 -7.60 -10.60 44.10
N CYS F 671 -8.58 -11.31 44.65
CA CYS F 671 -9.47 -12.21 43.87
C CYS F 671 -10.93 -11.91 44.25
N ALA F 672 -11.86 -12.25 43.38
CA ALA F 672 -13.27 -12.07 43.64
C ALA F 672 -14.04 -13.37 43.47
N SER F 673 -15.14 -13.49 44.18
CA SER F 673 -15.99 -14.67 44.08
C SER F 673 -17.44 -14.34 44.39
N TYR F 674 -18.35 -15.21 43.97
CA TYR F 674 -19.76 -15.05 44.28
C TYR F 674 -20.13 -15.89 45.50
N GLN F 675 -20.58 -15.21 46.56
CA GLN F 675 -20.88 -15.85 47.84
C GLN F 675 -22.34 -15.63 48.23
N GLN F 690 -27.11 -13.52 48.05
CA GLN F 690 -25.73 -13.73 47.63
C GLN F 690 -25.19 -12.50 46.88
N SER F 691 -23.88 -12.29 46.97
CA SER F 691 -23.22 -11.13 46.36
C SER F 691 -21.79 -11.44 45.94
N ILE F 692 -21.21 -10.54 45.16
CA ILE F 692 -19.81 -10.64 44.76
C ILE F 692 -18.92 -10.00 45.82
N ILE F 693 -17.88 -10.73 46.21
CA ILE F 693 -16.96 -10.24 47.23
C ILE F 693 -15.54 -10.17 46.69
N ALA F 694 -14.72 -9.34 47.33
CA ALA F 694 -13.32 -9.21 46.96
C ALA F 694 -12.45 -9.43 48.19
N TYR F 695 -11.35 -10.16 48.01
CA TYR F 695 -10.51 -10.57 49.13
C TYR F 695 -9.07 -10.80 48.70
N THR F 696 -8.15 -10.78 49.67
CA THR F 696 -6.80 -11.24 49.43
C THR F 696 -6.76 -12.75 49.43
N MET F 697 -6.18 -13.33 48.39
CA MET F 697 -6.19 -14.77 48.22
C MET F 697 -5.33 -15.48 49.26
N SER F 698 -5.81 -16.61 49.73
CA SER F 698 -5.06 -17.47 50.63
C SER F 698 -4.11 -18.36 49.84
N LEU F 699 -2.94 -18.63 50.39
CA LEU F 699 -1.99 -19.50 49.73
C LEU F 699 -2.10 -20.94 50.22
N GLY F 700 -2.94 -21.16 51.22
CA GLY F 700 -3.12 -22.48 51.81
C GLY F 700 -3.17 -22.41 53.33
N ALA F 701 -3.55 -23.52 53.94
CA ALA F 701 -3.63 -23.62 55.40
C ALA F 701 -2.24 -23.70 56.00
N GLU F 702 -2.08 -23.14 57.19
CA GLU F 702 -0.79 -23.17 57.88
C GLU F 702 -0.54 -24.52 58.53
N ASN F 703 0.71 -24.96 58.54
CA ASN F 703 1.10 -26.22 59.16
C ASN F 703 2.47 -26.15 59.80
N SER F 704 2.50 -26.07 61.13
CA SER F 704 3.75 -26.11 61.86
C SER F 704 4.14 -27.55 62.14
N VAL F 705 5.18 -28.03 61.46
CA VAL F 705 5.61 -29.41 61.58
C VAL F 705 6.32 -29.61 62.92
N ALA F 706 5.99 -30.71 63.60
CA ALA F 706 6.52 -30.98 64.93
C ALA F 706 7.96 -31.48 64.88
N TYR F 707 8.87 -30.60 64.50
CA TYR F 707 10.28 -30.95 64.39
C TYR F 707 10.98 -31.01 65.73
N SER F 708 11.82 -32.02 65.90
CA SER F 708 12.76 -32.08 67.00
C SER F 708 13.96 -32.93 66.58
N ASN F 709 14.99 -32.97 67.41
CA ASN F 709 16.25 -33.66 67.05
C ASN F 709 16.19 -35.15 67.27
N ASN F 710 15.08 -35.68 67.80
CA ASN F 710 14.92 -37.11 68.03
C ASN F 710 13.49 -37.60 67.79
N SER F 711 12.73 -36.87 66.99
CA SER F 711 11.35 -37.25 66.70
C SER F 711 11.14 -37.60 65.25
N ILE F 712 10.52 -38.74 65.00
CA ILE F 712 10.22 -39.16 63.64
C ILE F 712 8.76 -39.58 63.48
N ALA F 713 8.17 -39.26 62.34
CA ALA F 713 6.82 -39.71 62.03
C ALA F 713 6.84 -40.80 60.98
N ILE F 714 6.13 -41.89 61.25
CA ILE F 714 6.08 -43.02 60.33
C ILE F 714 4.64 -43.44 60.07
N PRO F 715 4.24 -43.61 58.80
CA PRO F 715 2.95 -44.09 58.35
C PRO F 715 2.68 -45.48 58.87
N THR F 716 1.49 -45.69 59.40
CA THR F 716 1.06 -47.04 59.80
C THR F 716 0.11 -47.65 58.77
N ASN F 717 -0.25 -46.86 57.76
CA ASN F 717 -1.19 -47.26 56.72
C ASN F 717 -0.89 -46.53 55.42
N PHE F 718 -1.68 -46.78 54.39
CA PHE F 718 -1.54 -46.11 53.10
C PHE F 718 -2.84 -46.13 52.35
N THR F 719 -2.94 -45.28 51.34
CA THR F 719 -4.06 -45.33 50.42
C THR F 719 -3.58 -45.42 48.99
N ILE F 720 -4.35 -46.12 48.16
CA ILE F 720 -4.07 -46.18 46.74
C ILE F 720 -4.84 -45.09 46.03
N SER F 721 -4.13 -44.22 45.34
CA SER F 721 -4.72 -43.06 44.72
C SER F 721 -4.65 -43.15 43.20
N VAL F 722 -5.73 -42.74 42.54
CA VAL F 722 -5.72 -42.64 41.09
C VAL F 722 -6.05 -41.22 40.66
N THR F 723 -5.18 -40.64 39.87
CA THR F 723 -5.38 -39.27 39.40
C THR F 723 -5.31 -39.20 37.88
N THR F 724 -5.91 -38.14 37.33
CA THR F 724 -5.99 -37.98 35.88
C THR F 724 -5.12 -36.85 35.36
N GLU F 725 -4.42 -37.11 34.26
CA GLU F 725 -3.68 -36.08 33.55
C GLU F 725 -4.07 -36.04 32.08
N ILE F 726 -4.41 -34.86 31.60
CA ILE F 726 -4.87 -34.69 30.23
C ILE F 726 -3.90 -33.86 29.41
N LEU F 727 -3.48 -34.39 28.26
CA LEU F 727 -2.60 -33.67 27.36
C LEU F 727 -3.12 -33.70 25.92
N PRO F 728 -3.05 -32.57 25.21
CA PRO F 728 -3.23 -32.44 23.78
C PRO F 728 -2.14 -33.16 23.02
N VAL F 729 -2.50 -33.78 21.91
CA VAL F 729 -1.53 -34.44 21.05
C VAL F 729 -1.52 -33.86 19.66
N SER F 730 -2.69 -33.49 19.13
CA SER F 730 -2.77 -33.05 17.75
C SER F 730 -3.82 -31.97 17.53
N MET F 731 -3.68 -31.24 16.43
CA MET F 731 -4.67 -30.30 15.95
C MET F 731 -5.40 -30.87 14.75
N THR F 732 -6.51 -30.24 14.39
CA THR F 732 -7.17 -30.53 13.12
C THR F 732 -6.26 -30.13 11.96
N LYS F 733 -6.13 -31.00 10.98
CA LYS F 733 -5.26 -30.75 9.84
C LYS F 733 -5.96 -29.94 8.77
N THR F 734 -5.64 -28.66 8.69
CA THR F 734 -6.30 -27.78 7.75
C THR F 734 -5.40 -27.49 6.55
N SER F 735 -6.04 -27.05 5.47
CA SER F 735 -5.33 -26.60 4.28
C SER F 735 -6.09 -25.47 3.63
N VAL F 736 -5.37 -24.44 3.19
CA VAL F 736 -6.00 -23.30 2.56
C VAL F 736 -5.47 -23.09 1.16
N ASP F 737 -6.35 -23.09 0.18
CA ASP F 737 -5.95 -22.79 -1.18
C ASP F 737 -5.80 -21.28 -1.32
N CYS F 738 -4.55 -20.81 -1.33
CA CYS F 738 -4.23 -19.40 -1.27
C CYS F 738 -4.96 -18.59 -2.37
N THR F 739 -4.86 -19.12 -3.59
CA THR F 739 -5.45 -18.43 -4.73
C THR F 739 -6.97 -18.34 -4.61
N MET F 740 -7.62 -19.42 -4.21
CA MET F 740 -9.07 -19.41 -4.10
C MET F 740 -9.55 -18.47 -3.01
N TYR F 741 -8.86 -18.48 -1.87
CA TYR F 741 -9.22 -17.61 -0.77
C TYR F 741 -9.16 -16.15 -1.19
N ILE F 742 -8.07 -15.78 -1.86
CA ILE F 742 -7.84 -14.39 -2.24
C ILE F 742 -8.70 -13.94 -3.43
N CYS F 743 -8.84 -14.79 -4.44
CA CYS F 743 -9.39 -14.38 -5.75
C CYS F 743 -10.66 -15.12 -6.11
N GLY F 744 -10.93 -16.24 -5.49
CA GLY F 744 -12.00 -17.11 -5.96
C GLY F 744 -11.69 -17.60 -7.36
N ASP F 745 -12.63 -17.41 -8.28
CA ASP F 745 -12.46 -17.85 -9.66
C ASP F 745 -12.16 -16.70 -10.61
N SER F 746 -11.77 -15.56 -10.06
CA SER F 746 -11.43 -14.41 -10.88
C SER F 746 -10.06 -14.53 -11.50
N THR F 747 -9.99 -14.54 -12.83
CA THR F 747 -8.72 -14.62 -13.52
C THR F 747 -8.00 -13.29 -13.45
N GLU F 748 -8.75 -12.20 -13.39
CA GLU F 748 -8.17 -10.87 -13.28
C GLU F 748 -7.39 -10.70 -11.98
N CYS F 749 -7.98 -11.15 -10.87
CA CYS F 749 -7.33 -11.16 -9.57
C CYS F 749 -6.16 -12.14 -9.57
N SER F 750 -6.37 -13.31 -10.15
CA SER F 750 -5.33 -14.34 -10.20
C SER F 750 -4.09 -13.81 -10.90
N ASN F 751 -4.29 -13.09 -11.99
CA ASN F 751 -3.17 -12.53 -12.74
C ASN F 751 -2.41 -11.48 -11.94
N LEU F 752 -3.14 -10.66 -11.19
CA LEU F 752 -2.52 -9.65 -10.35
C LEU F 752 -1.71 -10.28 -9.23
N LEU F 753 -2.23 -11.39 -8.69
CA LEU F 753 -1.60 -12.07 -7.58
C LEU F 753 -0.22 -12.63 -7.95
N LEU F 754 -0.01 -12.88 -9.24
CA LEU F 754 1.26 -13.43 -9.72
C LEU F 754 2.40 -12.45 -9.52
N GLN F 755 2.12 -11.14 -9.45
CA GLN F 755 3.18 -10.12 -9.31
C GLN F 755 3.84 -10.21 -7.94
N TYR F 756 3.27 -10.96 -7.01
CA TYR F 756 3.78 -11.01 -5.65
C TYR F 756 4.77 -12.15 -5.45
N GLY F 757 4.97 -12.98 -6.46
CA GLY F 757 5.97 -14.03 -6.38
C GLY F 757 5.49 -15.27 -5.64
N SER F 758 6.33 -15.77 -4.75
CA SER F 758 6.17 -17.10 -4.15
C SER F 758 5.36 -17.10 -2.86
N PHE F 759 4.80 -15.97 -2.47
CA PHE F 759 4.13 -15.88 -1.18
C PHE F 759 3.09 -16.98 -0.97
N CYS F 760 2.22 -17.21 -1.97
CA CYS F 760 1.19 -18.25 -1.85
C CYS F 760 1.76 -19.65 -1.75
N THR F 761 2.82 -19.92 -2.51
CA THR F 761 3.50 -21.21 -2.42
C THR F 761 4.09 -21.41 -1.04
N GLN F 762 4.66 -20.36 -0.47
CA GLN F 762 5.25 -20.43 0.87
C GLN F 762 4.21 -20.75 1.92
N LEU F 763 3.02 -20.15 1.77
CA LEU F 763 1.96 -20.33 2.76
C LEU F 763 1.38 -21.73 2.68
N ASN F 764 1.22 -22.25 1.46
CA ASN F 764 0.71 -23.58 1.28
C ASN F 764 1.69 -24.61 1.85
N ARG F 765 2.98 -24.34 1.66
CA ARG F 765 4.03 -25.22 2.16
C ARG F 765 4.03 -25.24 3.68
N ALA F 766 3.85 -24.09 4.29
CA ALA F 766 3.85 -23.97 5.74
C ALA F 766 2.73 -24.76 6.37
N LEU F 767 1.54 -24.71 5.78
CA LEU F 767 0.40 -25.43 6.32
C LEU F 767 0.54 -26.93 6.10
N THR F 768 1.16 -27.33 5.00
CA THR F 768 1.42 -28.74 4.74
C THR F 768 2.33 -29.32 5.80
N GLY F 769 3.37 -28.58 6.16
CA GLY F 769 4.31 -29.02 7.18
C GLY F 769 3.62 -29.25 8.51
N ILE F 770 2.68 -28.37 8.86
CA ILE F 770 1.93 -28.51 10.09
C ILE F 770 1.11 -29.79 10.08
N ALA F 771 0.42 -30.04 8.98
CA ALA F 771 -0.44 -31.21 8.84
C ALA F 771 0.35 -32.50 9.02
N VAL F 772 1.55 -32.55 8.45
CA VAL F 772 2.40 -33.73 8.56
C VAL F 772 2.79 -33.97 10.02
N GLU F 773 3.14 -32.90 10.71
CA GLU F 773 3.55 -32.98 12.10
C GLU F 773 2.43 -33.53 12.98
N GLN F 774 1.19 -33.24 12.64
CA GLN F 774 0.07 -33.68 13.47
C GLN F 774 -0.05 -35.20 13.47
N ASP F 775 0.27 -35.83 12.35
CA ASP F 775 0.26 -37.28 12.28
C ASP F 775 1.46 -37.86 12.99
N LYS F 776 2.59 -37.18 12.87
CA LYS F 776 3.79 -37.57 13.56
C LYS F 776 3.59 -37.51 15.08
N ASN F 777 2.92 -36.46 15.54
CA ASN F 777 2.66 -36.28 16.96
C ASN F 777 1.91 -37.47 17.53
N THR F 778 0.85 -37.87 16.83
CA THR F 778 0.02 -39.00 17.28
C THR F 778 0.80 -40.29 17.30
N GLN F 779 1.60 -40.52 16.26
CA GLN F 779 2.39 -41.74 16.17
C GLN F 779 3.43 -41.82 17.29
N GLU F 780 4.05 -40.70 17.62
CA GLU F 780 5.08 -40.68 18.67
C GLU F 780 4.50 -41.05 20.03
N VAL F 781 3.25 -40.69 20.26
CA VAL F 781 2.59 -40.93 21.54
C VAL F 781 2.04 -42.35 21.65
N PHE F 782 1.30 -42.80 20.64
CA PHE F 782 0.53 -44.03 20.77
C PHE F 782 1.20 -45.26 20.19
N ALA F 783 2.00 -45.09 19.15
CA ALA F 783 2.63 -46.25 18.51
C ALA F 783 3.96 -46.56 19.18
N GLN F 784 3.91 -46.93 20.45
CA GLN F 784 5.11 -47.25 21.23
C GLN F 784 5.16 -48.72 21.59
N VAL F 785 4.43 -49.54 20.84
CA VAL F 785 4.37 -50.96 21.12
C VAL F 785 4.76 -51.75 19.88
N LYS F 786 5.54 -52.81 20.09
CA LYS F 786 6.02 -53.64 18.98
C LYS F 786 4.94 -54.54 18.42
N GLN F 787 4.05 -55.00 19.30
CA GLN F 787 3.01 -55.96 18.93
C GLN F 787 1.67 -55.58 19.54
N ILE F 788 0.59 -56.09 18.96
CA ILE F 788 -0.72 -55.82 19.49
C ILE F 788 -1.11 -56.87 20.51
N TYR F 789 -0.98 -56.51 21.78
CA TYR F 789 -1.20 -57.44 22.88
C TYR F 789 -2.67 -57.51 23.24
N LYS F 790 -3.10 -58.69 23.69
CA LYS F 790 -4.47 -58.85 24.18
C LYS F 790 -4.49 -59.45 25.57
N THR F 791 -5.47 -59.05 26.37
CA THR F 791 -5.68 -59.63 27.69
C THR F 791 -6.34 -61.01 27.54
N PRO F 792 -6.19 -61.89 28.54
CA PRO F 792 -6.77 -63.22 28.59
C PRO F 792 -8.29 -63.15 28.65
N PRO F 793 -8.99 -64.16 28.10
CA PRO F 793 -10.44 -64.33 28.10
C PRO F 793 -11.04 -64.25 29.51
N ILE F 794 -10.30 -64.75 30.49
CA ILE F 794 -10.77 -64.72 31.88
C ILE F 794 -10.01 -63.68 32.68
N LYS F 795 -10.74 -62.68 33.16
CA LYS F 795 -10.12 -61.54 33.83
C LYS F 795 -9.91 -61.80 35.31
N ASP F 796 -9.03 -62.74 35.63
CA ASP F 796 -8.69 -63.02 37.02
C ASP F 796 -7.33 -62.46 37.35
N PHE F 797 -7.33 -61.30 38.00
CA PHE F 797 -6.08 -60.61 38.30
C PHE F 797 -5.87 -60.43 39.79
N GLY F 798 -6.42 -61.33 40.58
CA GLY F 798 -6.19 -61.34 42.02
C GLY F 798 -7.03 -60.32 42.77
N GLY F 799 -8.16 -59.93 42.19
CA GLY F 799 -9.06 -58.98 42.84
C GLY F 799 -9.02 -57.61 42.17
N PHE F 800 -8.03 -57.38 41.32
CA PHE F 800 -7.91 -56.12 40.61
C PHE F 800 -8.80 -56.09 39.37
N ASN F 801 -9.66 -55.09 39.30
CA ASN F 801 -10.68 -54.98 38.28
C ASN F 801 -10.39 -53.82 37.31
N PHE F 802 -10.16 -54.13 36.04
CA PHE F 802 -9.75 -53.15 35.04
C PHE F 802 -10.86 -52.88 34.02
N SER F 803 -12.09 -53.25 34.35
CA SER F 803 -13.19 -53.22 33.38
C SER F 803 -13.50 -51.82 32.86
N GLN F 804 -13.14 -50.79 33.62
CA GLN F 804 -13.46 -49.43 33.23
C GLN F 804 -12.44 -48.86 32.25
N ILE F 805 -11.26 -49.49 32.18
CA ILE F 805 -10.21 -49.02 31.28
C ILE F 805 -10.03 -49.96 30.09
N LEU F 806 -10.52 -51.19 30.21
CA LEU F 806 -10.46 -52.13 29.11
C LEU F 806 -11.64 -51.93 28.15
N PRO F 807 -11.47 -52.31 26.87
CA PRO F 807 -12.47 -52.20 25.82
C PRO F 807 -13.77 -52.90 26.19
N ASP F 808 -14.88 -52.26 25.88
CA ASP F 808 -16.19 -52.87 26.04
C ASP F 808 -16.67 -53.41 24.69
N PRO F 809 -16.64 -54.72 24.49
CA PRO F 809 -16.82 -55.41 23.21
C PRO F 809 -18.24 -55.25 22.68
N SER F 810 -19.16 -54.82 23.53
CA SER F 810 -20.55 -54.66 23.12
C SER F 810 -20.75 -53.40 22.30
N LYS F 811 -19.76 -52.52 22.31
CA LYS F 811 -19.83 -51.29 21.53
C LYS F 811 -18.91 -51.38 20.33
N PRO F 812 -19.39 -50.97 19.14
CA PRO F 812 -18.75 -51.12 17.84
C PRO F 812 -17.44 -50.34 17.75
N SER F 813 -17.28 -49.35 18.60
CA SER F 813 -16.07 -48.54 18.63
C SER F 813 -14.96 -49.23 19.41
N LYS F 814 -15.36 -50.24 20.18
CA LYS F 814 -14.43 -50.99 21.04
C LYS F 814 -13.66 -50.06 21.98
N ARG F 815 -14.33 -49.05 22.50
CA ARG F 815 -13.74 -48.16 23.49
C ARG F 815 -14.02 -48.68 24.88
N SER F 816 -13.19 -48.31 25.83
CA SER F 816 -13.46 -48.58 27.24
C SER F 816 -14.58 -47.66 27.70
N PRO F 817 -15.27 -47.98 28.80
CA PRO F 817 -16.24 -47.16 29.48
C PRO F 817 -15.75 -45.73 29.74
N ILE F 818 -14.49 -45.59 30.15
CA ILE F 818 -13.90 -44.27 30.36
C ILE F 818 -13.64 -43.56 29.04
N GLU F 819 -13.09 -44.26 28.06
CA GLU F 819 -12.84 -43.66 26.76
C GLU F 819 -14.12 -43.20 26.10
N ASP F 820 -15.18 -43.97 26.25
CA ASP F 820 -16.44 -43.64 25.63
C ASP F 820 -17.00 -42.36 26.23
N LEU F 821 -16.76 -42.17 27.52
CA LEU F 821 -17.16 -40.96 28.19
C LEU F 821 -16.33 -39.76 27.73
N LEU F 822 -15.03 -39.96 27.59
CA LEU F 822 -14.14 -38.89 27.17
C LEU F 822 -14.51 -38.38 25.78
N PHE F 823 -14.87 -39.30 24.90
CA PHE F 823 -15.23 -38.96 23.53
C PHE F 823 -16.56 -38.23 23.43
N ASN F 824 -17.47 -38.49 24.36
CA ASN F 824 -18.76 -37.82 24.37
C ASN F 824 -18.65 -36.38 24.88
N LYS F 825 -17.58 -36.10 25.62
CA LYS F 825 -17.46 -34.82 26.31
C LYS F 825 -16.74 -33.72 25.52
N VAL F 826 -15.95 -34.09 24.51
CA VAL F 826 -15.22 -33.11 23.69
C VAL F 826 -15.76 -33.11 22.26
N GLN F 853 -16.70 -22.31 5.42
CA GLN F 853 -15.25 -22.42 5.29
C GLN F 853 -14.88 -23.13 3.97
N LYS F 854 -15.47 -24.31 3.76
CA LYS F 854 -15.17 -25.14 2.59
C LYS F 854 -15.30 -24.36 1.30
N PHE F 855 -16.30 -23.50 1.24
CA PHE F 855 -16.65 -22.79 0.03
C PHE F 855 -15.64 -21.70 -0.34
N ASN F 856 -14.65 -21.47 0.53
CA ASN F 856 -13.66 -20.42 0.29
C ASN F 856 -12.24 -20.96 0.18
N GLY F 857 -12.11 -22.25 -0.09
CA GLY F 857 -10.81 -22.86 -0.31
C GLY F 857 -10.20 -23.40 0.98
N LEU F 858 -10.99 -23.44 2.05
CA LEU F 858 -10.52 -23.95 3.33
C LEU F 858 -10.99 -25.38 3.51
N THR F 859 -10.08 -26.30 3.72
CA THR F 859 -10.46 -27.70 3.84
C THR F 859 -9.83 -28.39 5.04
N VAL F 860 -10.44 -29.51 5.43
CA VAL F 860 -9.93 -30.33 6.51
C VAL F 860 -9.55 -31.70 6.02
N LEU F 861 -8.32 -32.12 6.31
CA LEU F 861 -7.82 -33.42 5.93
C LEU F 861 -7.97 -34.38 7.11
N PRO F 862 -8.30 -35.63 6.85
CA PRO F 862 -8.44 -36.70 7.84
C PRO F 862 -7.08 -37.07 8.39
N PRO F 863 -7.01 -37.46 9.67
CA PRO F 863 -5.87 -38.05 10.34
C PRO F 863 -5.49 -39.37 9.67
N LEU F 864 -4.21 -39.70 9.70
CA LEU F 864 -3.75 -40.98 9.18
C LEU F 864 -4.28 -42.13 10.03
N LEU F 865 -4.21 -41.98 11.34
CA LEU F 865 -4.74 -42.98 12.25
C LEU F 865 -6.16 -42.63 12.65
N THR F 866 -7.07 -43.56 12.46
CA THR F 866 -8.45 -43.38 12.85
C THR F 866 -8.58 -43.53 14.36
N ASP F 867 -9.72 -43.12 14.91
CA ASP F 867 -9.95 -43.24 16.34
C ASP F 867 -9.97 -44.70 16.77
N GLU F 868 -10.45 -45.57 15.89
CA GLU F 868 -10.43 -47.00 16.16
C GLU F 868 -9.00 -47.50 16.29
N MET F 869 -8.12 -47.05 15.40
CA MET F 869 -6.72 -47.45 15.45
C MET F 869 -6.03 -46.95 16.71
N ILE F 870 -6.35 -45.74 17.13
CA ILE F 870 -5.77 -45.19 18.34
C ILE F 870 -6.23 -45.98 19.55
N ALA F 871 -7.50 -46.33 19.60
CA ALA F 871 -8.04 -47.16 20.66
C ALA F 871 -7.37 -48.53 20.67
N GLN F 872 -7.04 -49.06 19.49
CA GLN F 872 -6.36 -50.35 19.42
C GLN F 872 -4.95 -50.28 19.98
N TYR F 873 -4.24 -49.19 19.71
CA TYR F 873 -2.92 -49.00 20.28
C TYR F 873 -3.00 -48.89 21.80
N THR F 874 -3.99 -48.15 22.28
CA THR F 874 -4.19 -47.97 23.71
C THR F 874 -4.48 -49.29 24.39
N SER F 875 -5.30 -50.12 23.74
CA SER F 875 -5.63 -51.44 24.28
C SER F 875 -4.41 -52.33 24.38
N ALA F 876 -3.54 -52.29 23.38
CA ALA F 876 -2.32 -53.08 23.38
C ALA F 876 -1.40 -52.66 24.52
N LEU F 877 -1.32 -51.36 24.79
CA LEU F 877 -0.48 -50.86 25.85
C LEU F 877 -1.01 -51.30 27.21
N LEU F 878 -2.32 -51.30 27.36
CA LEU F 878 -2.95 -51.73 28.60
C LEU F 878 -2.78 -53.22 28.82
N ALA F 879 -2.95 -53.99 27.75
CA ALA F 879 -2.83 -55.44 27.84
C ALA F 879 -1.41 -55.83 28.18
N GLY F 880 -0.44 -55.12 27.60
CA GLY F 880 0.96 -55.39 27.87
C GLY F 880 1.27 -55.14 29.34
N THR F 881 0.82 -54.01 29.86
CA THR F 881 1.09 -53.64 31.24
C THR F 881 0.47 -54.62 32.22
N ILE F 882 -0.77 -55.00 31.97
CA ILE F 882 -1.50 -55.88 32.89
C ILE F 882 -0.93 -57.29 32.93
N THR F 883 -0.48 -57.80 31.79
CA THR F 883 -0.01 -59.19 31.73
C THR F 883 1.50 -59.33 31.91
N SER F 884 2.29 -58.30 31.60
CA SER F 884 3.74 -58.45 31.60
C SER F 884 4.49 -57.28 32.24
N GLY F 885 3.78 -56.38 32.89
CA GLY F 885 4.43 -55.27 33.60
C GLY F 885 5.23 -54.38 32.67
N TRP F 886 6.49 -54.14 33.02
CA TRP F 886 7.34 -53.25 32.25
C TRP F 886 8.25 -53.99 31.28
N THR F 887 8.10 -55.30 31.17
CA THR F 887 9.03 -56.08 30.37
C THR F 887 8.81 -55.89 28.87
N PHE F 888 7.55 -55.66 28.46
CA PHE F 888 7.23 -55.57 27.05
C PHE F 888 7.79 -54.29 26.44
N GLY F 889 8.18 -53.35 27.30
CA GLY F 889 8.73 -52.09 26.83
C GLY F 889 10.25 -52.13 26.68
N ALA F 890 10.87 -53.23 27.10
CA ALA F 890 12.32 -53.36 27.05
C ALA F 890 12.74 -54.52 26.14
N GLY F 891 11.88 -55.51 26.00
CA GLY F 891 12.17 -56.71 25.23
C GLY F 891 10.87 -57.43 24.92
N PRO F 892 10.92 -58.76 24.92
CA PRO F 892 9.79 -59.66 24.81
C PRO F 892 8.87 -59.46 26.00
N ALA F 893 7.57 -59.63 25.81
CA ALA F 893 6.65 -59.55 26.91
C ALA F 893 6.72 -60.82 27.75
N LEU F 894 7.05 -60.67 29.02
CA LEU F 894 7.19 -61.80 29.92
C LEU F 894 6.06 -61.81 30.92
N GLN F 895 5.30 -62.88 30.96
CA GLN F 895 4.14 -62.91 31.84
C GLN F 895 4.55 -63.01 33.31
N ILE F 896 3.75 -62.39 34.15
CA ILE F 896 3.89 -62.48 35.60
C ILE F 896 2.49 -62.24 36.17
N PRO F 897 2.09 -62.91 37.26
CA PRO F 897 0.85 -62.71 37.98
C PRO F 897 0.74 -61.26 38.40
N PHE F 898 -0.45 -60.68 38.28
CA PHE F 898 -0.59 -59.25 38.53
C PHE F 898 -0.20 -58.83 39.96
N PRO F 899 -0.63 -59.55 41.01
CA PRO F 899 -0.27 -59.31 42.40
C PRO F 899 1.23 -59.34 42.59
N MET F 900 1.94 -60.17 41.82
CA MET F 900 3.38 -60.25 41.94
C MET F 900 4.04 -59.06 41.26
N GLN F 901 3.42 -58.59 40.19
CA GLN F 901 3.84 -57.37 39.52
C GLN F 901 3.67 -56.18 40.46
N MET F 902 2.55 -56.16 41.18
CA MET F 902 2.29 -55.07 42.11
C MET F 902 3.26 -55.11 43.28
N ALA F 903 3.64 -56.32 43.69
CA ALA F 903 4.63 -56.49 44.74
C ALA F 903 5.99 -55.96 44.29
N TYR F 904 6.33 -56.16 43.03
CA TYR F 904 7.56 -55.61 42.47
C TYR F 904 7.54 -54.09 42.53
N ARG F 905 6.38 -53.52 42.24
CA ARG F 905 6.22 -52.07 42.22
C ARG F 905 6.20 -51.47 43.62
N PHE F 906 5.81 -52.26 44.61
CA PHE F 906 5.92 -51.82 46.00
C PHE F 906 7.38 -51.73 46.41
N ASN F 907 8.19 -52.69 45.98
CA ASN F 907 9.62 -52.65 46.23
C ASN F 907 10.25 -51.44 45.56
N GLY F 908 9.71 -51.05 44.42
CA GLY F 908 10.20 -49.91 43.65
C GLY F 908 10.02 -48.58 44.39
N ILE F 909 9.19 -48.57 45.42
CA ILE F 909 8.96 -47.36 46.21
C ILE F 909 9.45 -47.53 47.63
N GLY F 910 10.23 -48.58 47.86
CA GLY F 910 10.86 -48.79 49.17
C GLY F 910 9.94 -49.45 50.19
N VAL F 911 8.93 -50.16 49.73
CA VAL F 911 8.03 -50.88 50.62
C VAL F 911 8.18 -52.37 50.41
N THR F 912 8.35 -53.13 51.48
CA THR F 912 8.62 -54.56 51.34
C THR F 912 7.44 -55.29 50.71
N GLN F 913 7.74 -56.36 49.99
CA GLN F 913 6.73 -57.06 49.17
C GLN F 913 5.67 -57.76 50.01
N ASN F 914 5.98 -58.06 51.26
CA ASN F 914 5.03 -58.73 52.10
C ASN F 914 3.89 -57.80 52.48
N VAL F 915 4.10 -56.49 52.36
CA VAL F 915 3.08 -55.52 52.67
C VAL F 915 1.97 -55.59 51.63
N LEU F 916 2.35 -55.82 50.38
CA LEU F 916 1.39 -56.00 49.30
C LEU F 916 0.59 -57.28 49.52
N TYR F 917 1.28 -58.38 49.82
CA TYR F 917 0.65 -59.68 49.89
C TYR F 917 -0.26 -59.83 51.12
N GLU F 918 0.11 -59.17 52.21
CA GLU F 918 -0.66 -59.29 53.43
C GLU F 918 -1.90 -58.40 53.40
N ASN F 919 -1.90 -57.42 52.52
CA ASN F 919 -3.01 -56.48 52.40
C ASN F 919 -3.63 -56.53 51.02
N GLN F 920 -3.47 -57.65 50.33
CA GLN F 920 -3.88 -57.74 48.92
C GLN F 920 -5.34 -57.42 48.72
N LYS F 921 -6.21 -57.90 49.60
CA LYS F 921 -7.64 -57.66 49.46
C LYS F 921 -7.96 -56.19 49.62
N LEU F 922 -7.39 -55.57 50.64
CA LEU F 922 -7.56 -54.14 50.90
C LEU F 922 -7.06 -53.30 49.73
N ILE F 923 -5.89 -53.65 49.22
CA ILE F 923 -5.27 -52.89 48.15
C ILE F 923 -6.08 -52.96 46.88
N ALA F 924 -6.56 -54.15 46.53
CA ALA F 924 -7.40 -54.31 45.35
C ALA F 924 -8.68 -53.52 45.49
N ASN F 925 -9.25 -53.48 46.68
CA ASN F 925 -10.47 -52.73 46.92
C ASN F 925 -10.24 -51.22 46.79
N GLN F 926 -9.14 -50.74 47.33
CA GLN F 926 -8.81 -49.32 47.25
C GLN F 926 -8.59 -48.91 45.81
N PHE F 927 -7.92 -49.77 45.05
CA PHE F 927 -7.69 -49.54 43.64
C PHE F 927 -8.99 -49.47 42.87
N ASN F 928 -9.86 -50.46 43.08
CA ASN F 928 -11.10 -50.56 42.33
C ASN F 928 -12.00 -49.36 42.59
N SER F 929 -12.01 -48.89 43.83
CA SER F 929 -12.80 -47.72 44.19
C SER F 929 -12.25 -46.46 43.55
N ALA F 930 -10.93 -46.33 43.54
CA ALA F 930 -10.29 -45.17 42.96
C ALA F 930 -10.59 -45.05 41.47
N ILE F 931 -10.61 -46.18 40.77
CA ILE F 931 -10.92 -46.17 39.35
C ILE F 931 -12.38 -45.78 39.13
N GLY F 932 -13.27 -46.31 39.94
CA GLY F 932 -14.69 -46.00 39.85
C GLY F 932 -14.94 -44.51 40.02
N LYS F 933 -14.18 -43.86 40.90
CA LYS F 933 -14.32 -42.44 41.14
C LYS F 933 -13.95 -41.62 39.91
N ILE F 934 -13.01 -42.12 39.11
CA ILE F 934 -12.62 -41.42 37.90
C ILE F 934 -13.80 -41.33 36.95
N GLN F 935 -14.53 -42.43 36.80
CA GLN F 935 -15.69 -42.48 35.95
C GLN F 935 -16.77 -41.53 36.44
N ASP F 936 -16.98 -41.50 37.76
CA ASP F 936 -18.00 -40.65 38.36
C ASP F 936 -17.62 -39.18 38.26
N SER F 937 -16.34 -38.88 38.41
CA SER F 937 -15.86 -37.51 38.36
C SER F 937 -16.07 -36.93 36.97
N LEU F 938 -15.68 -37.69 35.95
CA LEU F 938 -15.81 -37.23 34.58
C LEU F 938 -17.28 -37.06 34.22
N SER F 939 -18.12 -37.94 34.73
CA SER F 939 -19.56 -37.93 34.44
C SER F 939 -20.26 -36.75 35.10
N SER F 940 -19.57 -36.03 35.99
CA SER F 940 -20.20 -34.96 36.75
C SER F 940 -19.43 -33.64 36.69
N THR F 941 -18.44 -33.54 35.80
CA THR F 941 -17.65 -32.32 35.70
C THR F 941 -17.42 -31.87 34.26
N PRO F 942 -18.26 -30.95 33.77
CA PRO F 942 -18.26 -30.38 32.41
C PRO F 942 -16.92 -29.75 32.01
N SER F 943 -16.17 -29.24 33.00
CA SER F 943 -14.93 -28.51 32.73
C SER F 943 -13.69 -29.40 32.76
N ALA F 944 -13.88 -30.67 33.02
CA ALA F 944 -12.76 -31.59 33.25
C ALA F 944 -11.79 -31.65 32.07
N LEU F 945 -12.30 -31.53 30.85
CA LEU F 945 -11.48 -31.72 29.66
C LEU F 945 -11.17 -30.42 28.95
N GLY F 946 -11.13 -29.32 29.70
CA GLY F 946 -10.87 -28.00 29.12
C GLY F 946 -9.58 -27.94 28.31
N LYS F 947 -8.57 -28.70 28.70
CA LYS F 947 -7.30 -28.67 27.98
C LYS F 947 -7.45 -29.10 26.54
N LEU F 948 -8.36 -30.02 26.26
CA LEU F 948 -8.57 -30.48 24.91
C LEU F 948 -9.56 -29.60 24.19
N GLN F 949 -10.54 -29.10 24.94
CA GLN F 949 -11.58 -28.24 24.38
C GLN F 949 -11.01 -26.92 23.90
N ASP F 950 -10.01 -26.41 24.62
CA ASP F 950 -9.37 -25.15 24.27
C ASP F 950 -8.69 -25.23 22.92
N VAL F 951 -8.11 -26.38 22.60
CA VAL F 951 -7.45 -26.55 21.32
C VAL F 951 -8.46 -26.50 20.20
N VAL F 952 -9.59 -27.17 20.40
CA VAL F 952 -10.67 -27.16 19.43
C VAL F 952 -11.20 -25.75 19.24
N ASN F 953 -11.37 -25.03 20.34
CA ASN F 953 -11.93 -23.69 20.29
C ASN F 953 -10.99 -22.70 19.62
N GLN F 954 -9.70 -22.78 19.94
CA GLN F 954 -8.73 -21.84 19.38
C GLN F 954 -8.60 -22.00 17.89
N ASN F 955 -8.67 -23.23 17.40
CA ASN F 955 -8.57 -23.49 15.98
C ASN F 955 -9.82 -23.03 15.25
N ALA F 956 -10.98 -23.26 15.87
CA ALA F 956 -12.24 -22.83 15.29
C ALA F 956 -12.28 -21.31 15.21
N GLN F 957 -11.79 -20.60 16.22
CA GLN F 957 -11.80 -19.12 16.25
C GLN F 957 -10.83 -18.55 15.21
N ALA F 958 -9.72 -19.24 14.93
CA ALA F 958 -8.81 -18.79 13.90
C ALA F 958 -9.40 -18.93 12.49
N LEU F 959 -10.07 -20.04 12.23
CA LEU F 959 -10.66 -20.26 10.92
C LEU F 959 -11.83 -19.32 10.67
N ASN F 960 -12.65 -19.10 11.69
CA ASN F 960 -13.81 -18.24 11.53
C ASN F 960 -13.36 -16.80 11.35
N THR F 961 -12.30 -16.41 12.03
CA THR F 961 -11.73 -15.08 11.87
C THR F 961 -11.24 -14.88 10.45
N LEU F 962 -10.56 -15.89 9.92
CA LEU F 962 -10.03 -15.81 8.57
C LEU F 962 -11.13 -15.65 7.54
N VAL F 963 -12.22 -16.40 7.69
CA VAL F 963 -13.32 -16.30 6.75
C VAL F 963 -14.01 -14.95 6.83
N LYS F 964 -14.20 -14.44 8.03
CA LYS F 964 -14.85 -13.14 8.23
C LYS F 964 -14.07 -12.02 7.58
N GLN F 965 -12.76 -12.17 7.42
CA GLN F 965 -11.95 -11.15 6.78
C GLN F 965 -12.28 -11.00 5.31
N LEU F 966 -13.01 -11.96 4.74
CA LEU F 966 -13.43 -11.86 3.36
C LEU F 966 -14.56 -10.85 3.21
N SER F 967 -15.08 -10.39 4.34
CA SER F 967 -16.13 -9.37 4.36
C SER F 967 -15.54 -7.98 4.47
N SER F 968 -14.21 -7.90 4.57
CA SER F 968 -13.54 -6.62 4.72
C SER F 968 -13.33 -5.93 3.39
N ASN F 969 -13.48 -4.60 3.39
CA ASN F 969 -13.28 -3.82 2.17
C ASN F 969 -11.81 -3.49 1.96
N PHE F 970 -11.09 -3.27 3.06
CA PHE F 970 -9.67 -2.90 2.99
C PHE F 970 -9.46 -1.63 2.18
N GLY F 971 -10.49 -0.79 2.12
CA GLY F 971 -10.39 0.48 1.41
C GLY F 971 -11.06 0.43 0.04
N ALA F 972 -11.43 -0.77 -0.40
CA ALA F 972 -12.08 -0.95 -1.69
C ALA F 972 -13.55 -0.55 -1.61
N ILE F 973 -14.16 -0.32 -2.77
CA ILE F 973 -15.57 0.05 -2.86
C ILE F 973 -16.49 -1.05 -2.36
N SER F 974 -16.03 -2.29 -2.44
CA SER F 974 -16.81 -3.43 -2.00
C SER F 974 -15.93 -4.59 -1.60
N SER F 975 -16.39 -5.37 -0.64
CA SER F 975 -15.71 -6.59 -0.23
C SER F 975 -15.90 -7.70 -1.25
N VAL F 976 -16.92 -7.54 -2.10
CA VAL F 976 -17.25 -8.57 -3.08
C VAL F 976 -16.53 -8.30 -4.39
N LEU F 977 -15.70 -9.26 -4.78
CA LEU F 977 -14.83 -9.09 -5.93
C LEU F 977 -15.64 -8.98 -7.22
N ASN F 978 -16.75 -9.69 -7.27
CA ASN F 978 -17.60 -9.68 -8.46
C ASN F 978 -18.28 -8.32 -8.64
N ASP F 979 -18.55 -7.63 -7.54
CA ASP F 979 -19.16 -6.31 -7.62
C ASP F 979 -18.24 -5.35 -8.34
N ILE F 980 -16.95 -5.45 -8.04
CA ILE F 980 -15.95 -4.59 -8.64
C ILE F 980 -15.84 -4.87 -10.13
N LEU F 981 -15.78 -6.15 -10.48
CA LEU F 981 -15.61 -6.57 -11.87
C LEU F 981 -16.84 -6.27 -12.73
N SER F 982 -18.02 -6.34 -12.13
CA SER F 982 -19.26 -6.08 -12.87
C SER F 982 -19.53 -4.60 -13.08
N ARG F 983 -19.02 -3.74 -12.20
CA ARG F 983 -19.33 -2.31 -12.27
C ARG F 983 -18.25 -1.50 -12.95
N LEU F 984 -16.99 -1.81 -12.69
CA LEU F 984 -15.87 -1.01 -13.22
C LEU F 984 -15.14 -1.84 -14.35
N CYS F 985 -14.52 -0.96 -15.16
CA CYS F 985 -13.59 -1.62 -16.37
C CYS F 985 -12.23 -1.64 -15.84
N PRO F 986 -11.34 -2.35 -16.66
CA PRO F 986 -9.99 -2.78 -16.19
C PRO F 986 -9.10 -1.71 -15.52
N PRO F 987 -8.96 -0.46 -15.98
CA PRO F 987 -8.06 0.51 -15.36
C PRO F 987 -8.42 0.87 -13.91
N GLU F 988 -9.71 0.91 -13.57
CA GLU F 988 -10.09 1.28 -12.22
C GLU F 988 -10.38 0.07 -11.35
N ALA F 989 -10.66 -1.06 -11.98
CA ALA F 989 -10.93 -2.26 -11.24
C ALA F 989 -9.66 -2.78 -10.57
N GLU F 990 -8.55 -2.67 -11.30
CA GLU F 990 -7.29 -3.20 -10.80
C GLU F 990 -6.88 -2.52 -9.51
N VAL F 991 -7.16 -1.24 -9.38
CA VAL F 991 -6.85 -0.52 -8.16
C VAL F 991 -7.68 -1.05 -7.00
N GLN F 992 -8.96 -1.28 -7.25
CA GLN F 992 -9.85 -1.81 -6.23
C GLN F 992 -9.50 -3.24 -5.86
N ILE F 993 -9.09 -4.02 -6.85
CA ILE F 993 -8.72 -5.41 -6.63
C ILE F 993 -7.44 -5.49 -5.83
N ASP F 994 -6.47 -4.63 -6.15
CA ASP F 994 -5.20 -4.59 -5.44
C ASP F 994 -5.43 -4.38 -3.95
N ARG F 995 -6.42 -3.59 -3.59
CA ARG F 995 -6.71 -3.32 -2.18
C ARG F 995 -7.24 -4.56 -1.49
N LEU F 996 -8.07 -5.33 -2.17
CA LEU F 996 -8.58 -6.57 -1.61
C LEU F 996 -7.50 -7.63 -1.53
N ILE F 997 -6.63 -7.68 -2.54
CA ILE F 997 -5.54 -8.64 -2.53
C ILE F 997 -4.58 -8.35 -1.39
N THR F 998 -4.23 -7.08 -1.21
CA THR F 998 -3.32 -6.70 -0.15
C THR F 998 -3.85 -7.11 1.21
N GLY F 999 -5.13 -6.83 1.46
CA GLY F 999 -5.75 -7.15 2.73
C GLY F 999 -5.91 -8.64 2.94
N ARG F 1000 -6.34 -9.34 1.89
CA ARG F 1000 -6.59 -10.77 2.00
C ARG F 1000 -5.30 -11.56 2.13
N LEU F 1001 -4.24 -11.09 1.49
CA LEU F 1001 -2.94 -11.70 1.62
C LEU F 1001 -2.42 -11.50 3.04
N GLN F 1002 -2.60 -10.31 3.57
CA GLN F 1002 -2.19 -10.00 4.93
C GLN F 1002 -2.94 -10.84 5.95
N SER F 1003 -4.23 -11.05 5.69
CA SER F 1003 -5.06 -11.85 6.59
C SER F 1003 -4.61 -13.29 6.62
N LEU F 1004 -4.24 -13.81 5.46
CA LEU F 1004 -3.79 -15.20 5.37
C LEU F 1004 -2.42 -15.39 5.98
N GLN F 1005 -1.52 -14.41 5.79
CA GLN F 1005 -0.21 -14.48 6.40
C GLN F 1005 -0.31 -14.48 7.92
N THR F 1006 -1.24 -13.68 8.45
CA THR F 1006 -1.48 -13.65 9.88
C THR F 1006 -1.94 -15.01 10.38
N TYR F 1007 -2.88 -15.62 9.65
CA TYR F 1007 -3.40 -16.93 10.01
C TYR F 1007 -2.29 -17.97 10.08
N VAL F 1008 -1.47 -18.04 9.04
CA VAL F 1008 -0.44 -19.07 8.96
C VAL F 1008 0.60 -18.89 10.06
N THR F 1009 1.01 -17.66 10.33
CA THR F 1009 1.97 -17.40 11.40
C THR F 1009 1.44 -17.89 12.73
N GLN F 1010 0.16 -17.63 13.00
CA GLN F 1010 -0.46 -18.06 14.24
C GLN F 1010 -0.55 -19.58 14.33
N GLN F 1011 -0.78 -20.23 13.19
CA GLN F 1011 -0.86 -21.68 13.16
C GLN F 1011 0.49 -22.32 13.42
N LEU F 1012 1.57 -21.67 12.96
CA LEU F 1012 2.91 -22.18 13.19
C LEU F 1012 3.29 -22.08 14.65
N ILE F 1013 2.92 -20.98 15.28
CA ILE F 1013 3.18 -20.77 16.70
C ILE F 1013 2.36 -21.75 17.54
N ARG F 1014 1.09 -21.89 17.19
CA ARG F 1014 0.21 -22.82 17.89
C ARG F 1014 0.68 -24.26 17.70
N ALA F 1015 1.14 -24.59 16.51
CA ALA F 1015 1.62 -25.93 16.21
C ALA F 1015 2.83 -26.28 17.07
N ALA F 1016 3.70 -25.32 17.29
CA ALA F 1016 4.89 -25.53 18.09
C ALA F 1016 4.52 -25.87 19.53
N GLU F 1017 3.49 -25.21 20.05
CA GLU F 1017 3.03 -25.47 21.40
C GLU F 1017 2.44 -26.86 21.53
N ILE F 1018 1.66 -27.27 20.54
CA ILE F 1018 1.07 -28.60 20.50
C ILE F 1018 2.13 -29.67 20.39
N ARG F 1019 3.16 -29.40 19.58
CA ARG F 1019 4.27 -30.33 19.42
C ARG F 1019 4.96 -30.60 20.75
N ALA F 1020 5.20 -29.55 21.53
CA ALA F 1020 5.82 -29.70 22.83
C ALA F 1020 4.93 -30.52 23.76
N SER F 1021 3.63 -30.31 23.68
CA SER F 1021 2.69 -31.08 24.49
C SER F 1021 2.73 -32.56 24.09
N ALA F 1022 2.78 -32.82 22.79
CA ALA F 1022 2.88 -34.18 22.28
C ALA F 1022 4.19 -34.83 22.69
N ASN F 1023 5.27 -34.05 22.72
CA ASN F 1023 6.56 -34.57 23.12
C ASN F 1023 6.53 -35.00 24.58
N LEU F 1024 5.85 -34.22 25.40
CA LEU F 1024 5.70 -34.53 26.82
C LEU F 1024 4.85 -35.78 27.01
N ALA F 1025 3.77 -35.89 26.24
CA ALA F 1025 2.88 -37.04 26.31
C ALA F 1025 3.62 -38.32 25.92
N ALA F 1026 4.47 -38.23 24.91
CA ALA F 1026 5.24 -39.38 24.47
C ALA F 1026 6.23 -39.81 25.54
N THR F 1027 6.82 -38.85 26.25
CA THR F 1027 7.74 -39.15 27.34
C THR F 1027 7.01 -39.85 28.49
N LYS F 1028 5.82 -39.37 28.81
CA LYS F 1028 5.03 -39.96 29.88
C LYS F 1028 4.58 -41.38 29.52
N MET F 1029 4.26 -41.60 28.26
CA MET F 1029 3.90 -42.94 27.84
C MET F 1029 5.06 -43.89 28.10
N SER F 1030 6.27 -43.46 27.77
CA SER F 1030 7.45 -44.28 27.97
C SER F 1030 7.82 -44.46 29.44
N GLU F 1031 7.73 -43.39 30.21
CA GLU F 1031 8.25 -43.42 31.58
C GLU F 1031 7.21 -43.75 32.68
N CYS F 1032 5.97 -43.56 32.41
CA CYS F 1032 4.81 -43.83 33.36
C CYS F 1032 4.06 -45.04 32.99
N VAL F 1033 3.90 -45.34 31.73
CA VAL F 1033 3.14 -46.49 31.31
C VAL F 1033 4.03 -47.70 31.06
N LEU F 1034 5.15 -47.50 30.39
CA LEU F 1034 6.06 -48.59 30.07
C LEU F 1034 7.10 -48.81 31.16
N GLY F 1035 6.92 -48.15 32.30
CA GLY F 1035 7.81 -48.34 33.42
C GLY F 1035 7.32 -47.62 34.68
N GLN F 1036 8.07 -47.79 35.76
CA GLN F 1036 7.81 -47.14 37.03
C GLN F 1036 8.81 -46.02 37.24
N SER F 1037 8.32 -44.80 37.40
CA SER F 1037 9.20 -43.62 37.44
C SER F 1037 9.56 -43.20 38.87
N LYS F 1038 10.82 -42.81 39.04
CA LYS F 1038 11.26 -42.24 40.31
C LYS F 1038 11.29 -40.71 40.27
N ARG F 1039 10.90 -40.14 39.13
CA ARG F 1039 10.87 -38.69 38.98
C ARG F 1039 9.68 -38.11 39.74
N VAL F 1040 9.96 -37.20 40.66
CA VAL F 1040 8.91 -36.69 41.53
C VAL F 1040 7.87 -35.87 40.77
N ASP F 1041 6.61 -36.22 41.00
CA ASP F 1041 5.47 -35.54 40.40
C ASP F 1041 5.45 -35.58 38.88
N PHE F 1042 6.22 -36.48 38.29
CA PHE F 1042 6.18 -36.66 36.85
C PHE F 1042 4.98 -37.52 36.43
N CYS F 1043 4.63 -38.52 37.24
CA CYS F 1043 3.51 -39.47 36.95
C CYS F 1043 2.52 -39.43 38.10
N GLY F 1044 2.04 -38.25 38.43
CA GLY F 1044 1.01 -38.09 39.46
C GLY F 1044 1.63 -37.72 40.82
N LYS F 1045 0.77 -37.33 41.77
CA LYS F 1045 1.22 -36.94 43.10
C LYS F 1045 1.21 -38.15 44.04
N GLY F 1046 2.33 -38.38 44.72
CA GLY F 1046 2.52 -39.56 45.54
C GLY F 1046 3.62 -40.41 44.93
N TYR F 1047 3.85 -41.60 45.47
CA TYR F 1047 4.90 -42.47 44.94
C TYR F 1047 4.35 -43.31 43.81
N HIS F 1048 4.89 -43.13 42.62
CA HIS F 1048 4.34 -43.77 41.43
C HIS F 1048 4.42 -45.28 41.47
N LEU F 1049 3.29 -45.93 41.19
CA LEU F 1049 3.25 -47.37 41.05
C LEU F 1049 3.16 -47.74 39.58
N MET F 1050 2.15 -47.21 38.89
CA MET F 1050 1.93 -47.51 37.49
C MET F 1050 0.94 -46.54 36.87
N SER F 1051 0.87 -46.53 35.54
CA SER F 1051 -0.09 -45.67 34.85
C SER F 1051 -0.77 -46.38 33.70
N PHE F 1052 -1.97 -45.92 33.37
CA PHE F 1052 -2.74 -46.48 32.27
C PHE F 1052 -3.20 -45.36 31.33
N PRO F 1053 -2.93 -45.47 30.04
CA PRO F 1053 -3.38 -44.57 28.99
C PRO F 1053 -4.83 -44.80 28.61
N GLN F 1054 -5.50 -43.72 28.24
CA GLN F 1054 -6.82 -43.75 27.62
C GLN F 1054 -6.85 -42.77 26.47
N SER F 1055 -7.45 -43.13 25.35
CA SER F 1055 -7.50 -42.23 24.22
C SER F 1055 -8.59 -41.18 24.42
N ALA F 1056 -8.38 -40.02 23.84
CA ALA F 1056 -9.36 -38.93 23.85
C ALA F 1056 -9.23 -38.16 22.56
N PRO F 1057 -10.25 -37.42 22.13
CA PRO F 1057 -10.27 -36.61 20.95
C PRO F 1057 -9.07 -35.67 20.92
N HIS F 1058 -8.20 -35.88 19.95
CA HIS F 1058 -7.02 -35.03 19.74
C HIS F 1058 -6.06 -35.03 20.93
N GLY F 1059 -6.14 -36.03 21.79
CA GLY F 1059 -5.28 -36.05 22.95
C GLY F 1059 -5.23 -37.40 23.65
N VAL F 1060 -4.54 -37.42 24.79
CA VAL F 1060 -4.38 -38.62 25.59
C VAL F 1060 -4.69 -38.32 27.06
N VAL F 1061 -5.30 -39.27 27.73
CA VAL F 1061 -5.54 -39.17 29.16
C VAL F 1061 -4.77 -40.24 29.92
N PHE F 1062 -4.00 -39.83 30.91
CA PHE F 1062 -3.27 -40.78 31.73
C PHE F 1062 -3.90 -40.93 33.10
N LEU F 1063 -4.10 -42.17 33.51
CA LEU F 1063 -4.53 -42.46 34.86
C LEU F 1063 -3.35 -42.96 35.68
N HIS F 1064 -2.88 -42.13 36.60
CA HIS F 1064 -1.70 -42.44 37.38
C HIS F 1064 -2.09 -43.08 38.71
N VAL F 1065 -1.47 -44.20 39.02
CA VAL F 1065 -1.72 -44.89 40.27
C VAL F 1065 -0.55 -44.70 41.22
N THR F 1066 -0.80 -44.10 42.36
CA THR F 1066 0.27 -43.79 43.30
C THR F 1066 -0.01 -44.34 44.69
N TYR F 1067 1.07 -44.54 45.43
CA TYR F 1067 1.02 -44.95 46.83
C TYR F 1067 1.15 -43.72 47.72
N VAL F 1068 0.14 -43.45 48.52
CA VAL F 1068 0.16 -42.31 49.42
C VAL F 1068 0.09 -42.75 50.88
N PRO F 1069 1.14 -42.49 51.66
CA PRO F 1069 1.27 -42.81 53.06
C PRO F 1069 0.11 -42.23 53.86
N ALA F 1070 -0.34 -42.95 54.87
CA ALA F 1070 -1.49 -42.52 55.65
C ALA F 1070 -1.36 -42.90 57.12
N HIS F 1071 -2.06 -42.17 57.98
CA HIS F 1071 -2.19 -42.51 59.40
C HIS F 1071 -0.83 -42.60 60.08
N GLU F 1072 -0.08 -41.52 60.06
CA GLU F 1072 1.26 -41.50 60.64
C GLU F 1072 1.19 -41.44 62.16
N LYS F 1073 2.22 -41.98 62.81
CA LYS F 1073 2.35 -41.92 64.26
C LYS F 1073 3.70 -41.32 64.62
N ASN F 1074 3.83 -40.68 65.80
CA ASN F 1074 5.08 -40.10 66.32
C ASN F 1074 5.87 -41.15 67.07
N PHE F 1075 7.18 -41.27 66.81
CA PHE F 1075 8.10 -42.16 67.53
C PHE F 1075 9.37 -41.42 67.94
N THR F 1076 10.04 -41.92 68.96
CA THR F 1076 11.38 -41.46 69.29
C THR F 1076 12.40 -42.21 68.45
N THR F 1077 13.41 -41.51 67.96
CA THR F 1077 14.40 -42.14 67.10
C THR F 1077 15.82 -41.90 67.54
N ALA F 1078 16.74 -42.61 66.90
CA ALA F 1078 18.17 -42.47 67.15
C ALA F 1078 18.93 -42.86 65.88
N PRO F 1079 20.07 -42.21 65.61
CA PRO F 1079 20.94 -42.43 64.48
C PRO F 1079 21.69 -43.76 64.57
N ALA F 1080 21.89 -44.24 65.80
CA ALA F 1080 22.66 -45.46 66.01
C ALA F 1080 22.38 -46.04 67.38
N ILE F 1081 22.64 -47.34 67.53
CA ILE F 1081 22.55 -48.03 68.80
C ILE F 1081 23.90 -48.45 69.31
N CYS F 1082 24.24 -48.26 70.57
CA CYS F 1082 25.39 -48.62 71.22
C CYS F 1082 25.34 -50.02 71.86
N HIS F 1083 26.04 -50.98 71.58
CA HIS F 1083 26.02 -52.29 72.22
C HIS F 1083 27.39 -52.94 72.22
N ASP F 1084 27.83 -53.35 73.40
CA ASP F 1084 29.16 -53.93 73.56
C ASP F 1084 30.26 -52.98 73.07
N GLY F 1085 30.00 -51.68 73.19
CA GLY F 1085 30.98 -50.67 72.83
C GLY F 1085 31.03 -50.41 71.32
N LYS F 1086 30.17 -51.08 70.57
CA LYS F 1086 30.15 -50.94 69.12
C LYS F 1086 28.94 -50.14 68.67
N ALA F 1087 29.12 -49.31 67.65
CA ALA F 1087 28.03 -48.53 67.08
C ALA F 1087 27.31 -49.31 65.98
N HIS F 1088 26.00 -49.45 66.13
CA HIS F 1088 25.20 -50.20 65.17
C HIS F 1088 24.26 -49.28 64.39
N PHE F 1089 24.19 -49.49 63.08
CA PHE F 1089 23.32 -48.72 62.22
C PHE F 1089 22.36 -49.68 61.50
N PRO F 1090 21.15 -49.25 61.14
CA PRO F 1090 20.17 -50.01 60.40
C PRO F 1090 20.69 -50.32 59.00
N ARG F 1091 20.39 -51.51 58.50
CA ARG F 1091 20.77 -51.86 57.14
C ARG F 1091 19.78 -51.30 56.12
N GLU F 1092 18.49 -51.35 56.44
CA GLU F 1092 17.47 -50.99 55.49
C GLU F 1092 16.40 -50.05 56.04
N GLY F 1093 16.49 -49.71 57.32
CA GLY F 1093 15.40 -48.96 57.95
C GLY F 1093 15.88 -47.91 58.93
N VAL F 1094 15.03 -47.63 59.91
CA VAL F 1094 15.29 -46.61 60.91
C VAL F 1094 14.97 -47.14 62.31
N PHE F 1095 15.78 -46.76 63.30
CA PHE F 1095 15.53 -47.15 64.67
C PHE F 1095 14.43 -46.31 65.29
N VAL F 1096 13.48 -46.98 65.94
CA VAL F 1096 12.36 -46.31 66.59
C VAL F 1096 12.09 -46.85 67.97
N SER F 1097 11.62 -45.98 68.85
CA SER F 1097 11.20 -46.38 70.18
C SER F 1097 9.74 -46.05 70.40
N ASN F 1098 9.01 -47.00 71.00
CA ASN F 1098 7.60 -46.79 71.35
C ASN F 1098 7.44 -46.18 72.74
N GLY F 1099 8.56 -45.73 73.32
CA GLY F 1099 8.58 -45.07 74.62
C GLY F 1099 9.31 -45.93 75.64
N THR F 1100 9.36 -47.23 75.39
CA THR F 1100 10.03 -48.14 76.32
C THR F 1100 10.94 -49.15 75.62
N HIS F 1101 10.60 -49.53 74.40
CA HIS F 1101 11.37 -50.54 73.67
C HIS F 1101 11.82 -50.04 72.31
N TRP F 1102 13.03 -50.43 71.92
CA TRP F 1102 13.59 -50.04 70.63
C TRP F 1102 13.41 -51.13 69.57
N PHE F 1103 13.06 -50.70 68.37
CA PHE F 1103 12.88 -51.57 67.22
C PHE F 1103 13.51 -50.96 65.99
N VAL F 1104 13.64 -51.76 64.94
CA VAL F 1104 13.99 -51.24 63.64
C VAL F 1104 12.84 -51.47 62.67
N THR F 1105 12.50 -50.46 61.89
CA THR F 1105 11.40 -50.56 60.95
C THR F 1105 11.78 -50.04 59.57
N GLN F 1106 11.14 -50.59 58.55
CA GLN F 1106 11.22 -50.00 57.21
C GLN F 1106 10.66 -48.59 57.26
N ARG F 1107 11.12 -47.74 56.36
CA ARG F 1107 10.94 -46.29 56.49
C ARG F 1107 9.54 -45.79 56.14
N ASN F 1108 8.88 -46.44 55.19
CA ASN F 1108 7.63 -45.91 54.65
C ASN F 1108 6.39 -46.64 55.17
N PHE F 1109 6.60 -47.54 56.12
CA PHE F 1109 5.52 -48.33 56.65
C PHE F 1109 5.91 -48.91 58.00
N TYR F 1110 5.12 -48.64 59.02
CA TYR F 1110 5.48 -49.08 60.35
C TYR F 1110 5.35 -50.60 60.50
N GLU F 1111 6.48 -51.24 60.73
CA GLU F 1111 6.54 -52.68 60.87
C GLU F 1111 7.74 -53.06 61.72
N PRO F 1112 7.65 -52.85 63.04
CA PRO F 1112 8.72 -52.90 64.00
C PRO F 1112 9.28 -54.31 64.16
N GLN F 1113 10.60 -54.41 64.16
CA GLN F 1113 11.27 -55.68 64.37
C GLN F 1113 12.32 -55.57 65.47
N ILE F 1114 12.62 -56.68 66.11
CA ILE F 1114 13.67 -56.72 67.12
C ILE F 1114 15.00 -56.39 66.49
N ILE F 1115 15.79 -55.57 67.15
CA ILE F 1115 17.09 -55.18 66.64
C ILE F 1115 18.08 -56.30 66.83
N THR F 1116 18.64 -56.78 65.73
CA THR F 1116 19.52 -57.93 65.73
C THR F 1116 20.76 -57.67 64.90
N THR F 1117 21.67 -58.63 64.91
CA THR F 1117 22.88 -58.54 64.10
C THR F 1117 22.59 -58.72 62.61
N ASP F 1118 21.38 -59.17 62.29
CA ASP F 1118 21.00 -59.45 60.90
C ASP F 1118 20.36 -58.26 60.19
N ASN F 1119 19.88 -57.28 60.96
CA ASN F 1119 19.23 -56.12 60.36
C ASN F 1119 19.97 -54.83 60.70
N THR F 1120 21.17 -54.98 61.22
CA THR F 1120 22.06 -53.85 61.51
C THR F 1120 23.47 -54.13 61.00
N PHE F 1121 24.30 -53.09 60.97
CA PHE F 1121 25.72 -53.28 60.71
C PHE F 1121 26.55 -52.43 61.67
N VAL F 1122 27.79 -52.83 61.88
CA VAL F 1122 28.66 -52.15 62.84
C VAL F 1122 29.68 -51.26 62.18
N SER F 1123 29.87 -50.07 62.74
CA SER F 1123 30.94 -49.19 62.29
C SER F 1123 31.51 -48.34 63.42
N GLY F 1124 32.70 -48.72 63.89
CA GLY F 1124 33.41 -47.94 64.89
C GLY F 1124 32.85 -48.10 66.29
N ASN F 1125 33.39 -47.33 67.23
CA ASN F 1125 32.94 -47.35 68.62
C ASN F 1125 31.82 -46.34 68.82
N CYS F 1126 31.32 -46.25 70.04
CA CYS F 1126 30.14 -45.40 70.35
C CYS F 1126 30.50 -43.96 70.69
N ASP F 1127 31.76 -43.58 70.60
CA ASP F 1127 32.20 -42.26 71.04
C ASP F 1127 31.97 -41.16 70.02
N VAL F 1128 31.80 -41.52 68.76
CA VAL F 1128 31.77 -40.53 67.68
C VAL F 1128 30.36 -40.03 67.37
N VAL F 1129 29.39 -40.92 67.34
CA VAL F 1129 28.06 -40.56 66.85
C VAL F 1129 27.26 -39.75 67.87
N ILE F 1130 26.77 -38.59 67.42
CA ILE F 1130 25.98 -37.72 68.27
C ILE F 1130 24.54 -38.23 68.34
N GLY F 1131 24.08 -38.50 69.55
CA GLY F 1131 22.71 -38.95 69.76
C GLY F 1131 22.58 -40.46 69.84
N ILE F 1132 23.71 -41.18 69.87
CA ILE F 1132 23.68 -42.63 69.99
C ILE F 1132 23.04 -43.04 71.32
N VAL F 1133 22.23 -44.10 71.29
CA VAL F 1133 21.56 -44.57 72.50
C VAL F 1133 21.95 -46.00 72.84
N ASN F 1134 21.89 -46.35 74.12
CA ASN F 1134 22.20 -47.66 74.63
C ASN F 1134 21.03 -48.63 74.49
N ASN F 1135 21.23 -49.77 73.87
CA ASN F 1135 20.21 -50.80 73.74
C ASN F 1135 20.83 -52.16 73.44
N THR F 1136 20.08 -53.22 73.71
CA THR F 1136 20.54 -54.57 73.39
C THR F 1136 20.43 -54.86 71.91
N VAL F 1137 21.48 -55.46 71.35
CA VAL F 1137 21.44 -55.98 69.99
C VAL F 1137 21.53 -57.49 70.03
N TYR F 1138 20.50 -58.15 69.52
CA TYR F 1138 20.36 -59.60 69.65
C TYR F 1138 21.09 -60.38 68.55
N ASP F 1139 21.86 -61.38 68.97
CA ASP F 1139 22.52 -62.28 68.03
C ASP F 1139 21.80 -63.63 67.98
N PRO F 1140 21.11 -63.94 66.88
CA PRO F 1140 20.26 -65.10 66.66
C PRO F 1140 20.96 -66.43 66.91
N LEU F 1141 22.28 -66.46 66.85
CA LEU F 1141 23.01 -67.72 67.03
C LEU F 1141 23.39 -67.94 68.48
N GLN F 1142 23.18 -66.91 69.31
CA GLN F 1142 23.56 -66.96 70.71
C GLN F 1142 22.95 -68.17 71.45
N PRO F 1143 21.62 -68.41 71.40
CA PRO F 1143 20.93 -69.51 72.03
C PRO F 1143 21.19 -70.83 71.32
N GLU F 1144 21.58 -70.76 70.06
CA GLU F 1144 21.86 -71.97 69.30
C GLU F 1144 23.20 -72.57 69.74
N LEU F 1145 24.16 -71.70 70.03
CA LEU F 1145 25.48 -72.09 70.51
C LEU F 1145 25.90 -71.20 71.67
N VAL G 1 -24.89 32.99 12.46
CA VAL G 1 -25.95 33.34 13.40
C VAL G 1 -26.95 34.28 12.75
N ILE G 2 -28.23 33.98 12.91
CA ILE G 2 -29.28 34.85 12.41
C ILE G 2 -29.70 35.82 13.49
N TRP G 3 -29.39 37.10 13.29
CA TRP G 3 -29.73 38.13 14.24
C TRP G 3 -31.18 38.59 14.06
N MET G 4 -31.81 38.98 15.15
CA MET G 4 -33.19 39.48 15.11
C MET G 4 -33.27 40.93 15.57
N THR G 5 -34.19 41.68 14.98
CA THR G 5 -34.40 43.07 15.36
C THR G 5 -35.89 43.41 15.39
N GLN G 6 -36.26 44.44 16.15
CA GLN G 6 -37.65 44.85 16.27
C GLN G 6 -37.82 46.36 16.16
N SER G 7 -38.99 46.79 15.71
CA SER G 7 -39.29 48.21 15.57
C SER G 7 -40.78 48.50 15.78
N PRO G 8 -41.09 49.53 16.56
CA PRO G 8 -40.21 50.41 17.31
C PRO G 8 -39.66 49.71 18.54
N SER G 9 -38.68 50.33 19.19
CA SER G 9 -38.20 49.82 20.47
C SER G 9 -39.26 49.93 21.56
N SER G 10 -40.12 50.95 21.43
CA SER G 10 -41.23 51.14 22.35
C SER G 10 -42.33 51.98 21.70
N LEU G 11 -43.55 51.79 22.17
CA LEU G 11 -44.67 52.58 21.70
C LEU G 11 -45.65 52.88 22.83
N SER G 12 -46.41 53.95 22.70
CA SER G 12 -47.49 54.26 23.64
C SER G 12 -48.85 54.25 22.93
N ALA G 13 -49.83 53.58 23.54
CA ALA G 13 -51.17 53.47 22.95
C ALA G 13 -52.24 53.35 24.02
N SER G 14 -53.46 53.74 23.68
CA SER G 14 -54.59 53.71 24.60
C SER G 14 -55.51 52.53 24.34
N VAL G 15 -56.44 52.30 25.25
CA VAL G 15 -57.40 51.22 25.07
C VAL G 15 -58.27 51.47 23.85
N GLY G 16 -58.38 50.46 22.98
CA GLY G 16 -59.18 50.55 21.78
C GLY G 16 -58.32 50.87 20.55
N ASP G 17 -57.08 51.28 20.77
CA ASP G 17 -56.17 51.59 19.68
C ASP G 17 -55.63 50.33 19.03
N ARG G 18 -55.27 50.44 17.76
CA ARG G 18 -54.61 49.34 17.06
C ARG G 18 -53.10 49.43 17.25
N VAL G 19 -52.48 48.33 17.65
CA VAL G 19 -51.04 48.31 17.90
C VAL G 19 -50.31 47.38 16.95
N THR G 20 -49.34 47.92 16.22
CA THR G 20 -48.56 47.11 15.31
C THR G 20 -47.09 47.11 15.69
N ILE G 21 -46.52 45.91 15.80
CA ILE G 21 -45.12 45.71 16.14
C ILE G 21 -44.40 44.95 15.03
N THR G 22 -43.27 45.49 14.58
CA THR G 22 -42.54 44.86 13.50
C THR G 22 -41.34 44.08 13.98
N CYS G 23 -41.17 42.84 13.53
CA CYS G 23 -40.03 42.02 13.76
C CYS G 23 -39.27 41.66 12.49
N GLN G 24 -38.01 41.72 12.42
CA GLN G 24 -37.27 41.38 11.23
C GLN G 24 -36.15 40.41 11.53
N ALA G 25 -35.96 39.45 10.65
CA ALA G 25 -34.88 38.50 10.77
C ALA G 25 -33.73 38.96 9.90
N SER G 26 -32.51 38.65 10.35
CA SER G 26 -31.30 39.04 9.57
C SER G 26 -31.28 38.23 8.28
N GLN G 27 -32.03 37.12 8.17
CA GLN G 27 -32.02 36.25 6.96
C GLN G 27 -33.39 35.57 6.82
N ASP G 28 -33.67 35.02 5.64
CA ASP G 28 -34.98 34.31 5.37
C ASP G 28 -35.24 33.10 6.27
N ILE G 29 -36.25 33.18 7.11
CA ILE G 29 -36.60 32.12 8.05
C ILE G 29 -37.99 31.54 7.75
N ARG G 30 -38.39 31.66 6.48
CA ARG G 30 -39.69 31.16 6.05
C ARG G 30 -40.82 31.73 6.90
N PHE G 31 -41.56 30.85 7.55
CA PHE G 31 -42.66 31.27 8.42
C PHE G 31 -42.37 30.86 9.86
N TYR G 32 -41.14 30.45 10.11
CA TYR G 32 -40.77 29.90 11.40
C TYR G 32 -40.38 30.98 12.41
N LEU G 33 -41.38 31.53 13.09
CA LEU G 33 -41.16 32.60 14.04
C LEU G 33 -42.16 32.56 15.20
N ASN G 34 -41.65 32.62 16.43
CA ASN G 34 -42.50 32.63 17.61
C ASN G 34 -42.64 34.02 18.21
N TRP G 35 -43.85 34.37 18.62
CA TRP G 35 -44.11 35.64 19.28
C TRP G 35 -44.48 35.44 20.76
N TYR G 36 -43.71 36.06 21.64
CA TYR G 36 -43.90 35.92 23.08
C TYR G 36 -44.25 37.25 23.73
N GLN G 37 -45.10 37.20 24.77
CA GLN G 37 -45.43 38.38 25.55
C GLN G 37 -44.99 38.20 27.00
N GLN G 38 -44.28 39.20 27.52
CA GLN G 38 -43.78 39.12 28.89
C GLN G 38 -44.21 40.33 29.73
N LYS G 39 -44.77 40.05 30.90
CA LYS G 39 -45.05 41.10 31.87
C LYS G 39 -43.98 41.04 32.97
N PRO G 40 -43.66 42.17 33.60
CA PRO G 40 -42.63 42.31 34.62
C PRO G 40 -42.79 41.26 35.73
N GLY G 41 -41.71 40.58 36.05
CA GLY G 41 -41.69 39.61 37.14
C GLY G 41 -42.13 38.21 36.72
N LYS G 42 -42.53 38.06 35.46
CA LYS G 42 -43.03 36.77 34.99
C LYS G 42 -42.25 36.22 33.79
N ALA G 43 -42.28 34.91 33.64
CA ALA G 43 -41.76 34.25 32.44
C ALA G 43 -42.62 34.60 31.24
N PRO G 44 -42.03 34.66 30.04
CA PRO G 44 -42.68 34.91 28.76
C PRO G 44 -43.74 33.89 28.43
N LYS G 45 -44.81 34.33 27.78
CA LYS G 45 -45.86 33.44 27.32
C LYS G 45 -46.00 33.49 25.81
N LEU G 46 -46.12 32.33 25.18
CA LEU G 46 -46.24 32.27 23.73
C LEU G 46 -47.64 32.64 23.28
N LEU G 47 -47.73 33.53 22.29
CA LEU G 47 -49.02 33.88 21.71
C LEU G 47 -49.17 33.31 20.31
N ILE G 48 -48.09 33.35 19.53
CA ILE G 48 -48.13 32.90 18.13
C ILE G 48 -46.92 32.06 17.76
N SER G 49 -47.15 30.99 16.99
CA SER G 49 -46.07 30.17 16.46
C SER G 49 -46.19 30.01 14.96
N ASP G 50 -45.08 29.67 14.31
CA ASP G 50 -45.09 29.49 12.87
C ASP G 50 -45.68 30.73 12.18
N ALA G 51 -45.30 31.90 12.67
CA ALA G 51 -45.70 33.20 12.11
C ALA G 51 -47.16 33.56 12.41
N SER G 52 -48.11 32.71 12.05
CA SER G 52 -49.52 33.08 12.10
C SER G 52 -50.37 32.18 12.99
N ASN G 53 -49.83 31.06 13.44
CA ASN G 53 -50.64 30.10 14.18
C ASN G 53 -50.87 30.55 15.62
N MET G 54 -52.12 30.83 15.95
CA MET G 54 -52.46 31.32 17.27
C MET G 54 -52.43 30.20 18.29
N GLU G 55 -51.93 30.49 19.49
CA GLU G 55 -51.92 29.52 20.56
C GLU G 55 -53.30 29.40 21.19
N THR G 56 -53.66 28.20 21.62
CA THR G 56 -54.94 27.98 22.26
C THR G 56 -55.08 28.81 23.52
N GLY G 57 -56.19 29.52 23.65
CA GLY G 57 -56.45 30.33 24.83
C GLY G 57 -56.16 31.81 24.58
N VAL G 58 -55.47 32.12 23.49
CA VAL G 58 -55.14 33.50 23.15
C VAL G 58 -56.34 34.20 22.51
N PRO G 59 -56.74 35.37 23.02
CA PRO G 59 -57.84 36.19 22.55
C PRO G 59 -57.73 36.50 21.06
N SER G 60 -58.88 36.56 20.41
CA SER G 60 -58.96 36.74 18.95
C SER G 60 -58.49 38.11 18.48
N ARG G 61 -58.32 39.03 19.42
CA ARG G 61 -57.86 40.37 19.10
C ARG G 61 -56.39 40.37 18.67
N PHE G 62 -55.71 39.26 18.93
CA PHE G 62 -54.30 39.13 18.56
C PHE G 62 -54.15 38.42 17.22
N SER G 63 -53.20 38.89 16.42
CA SER G 63 -52.90 38.26 15.14
C SER G 63 -51.46 38.52 14.72
N GLY G 64 -51.03 37.85 13.66
CA GLY G 64 -49.70 38.08 13.11
C GLY G 64 -49.58 37.49 11.71
N SER G 65 -48.62 37.99 10.94
CA SER G 65 -48.42 37.55 9.58
C SER G 65 -47.02 37.89 9.09
N GLY G 66 -46.64 37.35 7.94
CA GLY G 66 -45.37 37.69 7.33
C GLY G 66 -44.60 36.45 6.89
N SER G 67 -43.46 36.67 6.26
CA SER G 67 -42.62 35.59 5.76
C SER G 67 -41.21 36.10 5.46
N GLY G 68 -40.27 35.17 5.36
CA GLY G 68 -38.91 35.52 4.98
C GLY G 68 -38.23 36.26 6.11
N THR G 69 -37.92 37.53 5.87
CA THR G 69 -37.28 38.36 6.89
C THR G 69 -38.29 39.26 7.57
N ASP G 70 -39.52 39.27 7.06
CA ASP G 70 -40.49 40.29 7.44
C ASP G 70 -41.70 39.74 8.18
N PHE G 71 -41.84 40.12 9.43
CA PHE G 71 -42.97 39.67 10.22
C PHE G 71 -43.62 40.81 10.99
N THR G 72 -44.95 40.77 11.10
CA THR G 72 -45.70 41.77 11.84
C THR G 72 -46.62 41.14 12.90
N PHE G 73 -46.65 41.74 14.08
CA PHE G 73 -47.60 41.36 15.12
C PHE G 73 -48.58 42.47 15.38
N THR G 74 -49.83 42.10 15.51
CA THR G 74 -50.87 43.09 15.64
C THR G 74 -51.83 42.80 16.79
N ILE G 75 -52.21 43.87 17.48
CA ILE G 75 -53.36 43.86 18.37
C ILE G 75 -54.44 44.77 17.80
N SER G 76 -55.56 44.19 17.39
CA SER G 76 -56.59 44.93 16.66
C SER G 76 -57.30 45.95 17.54
N SER G 77 -57.30 45.72 18.84
CA SER G 77 -57.95 46.61 19.79
C SER G 77 -57.35 46.45 21.18
N LEU G 78 -56.41 47.32 21.53
CA LEU G 78 -55.63 47.16 22.74
C LEU G 78 -56.50 47.21 24.01
N GLN G 79 -56.28 46.24 24.89
CA GLN G 79 -56.93 46.20 26.20
C GLN G 79 -55.92 46.60 27.28
N PRO G 80 -56.36 47.04 28.47
CA PRO G 80 -55.54 47.42 29.60
C PRO G 80 -54.69 46.27 30.12
N GLU G 81 -55.07 45.05 29.76
CA GLU G 81 -54.34 43.86 30.21
C GLU G 81 -53.20 43.51 29.25
N ASP G 82 -53.08 44.27 28.17
CA ASP G 82 -52.11 43.98 27.11
C ASP G 82 -50.84 44.81 27.22
N ILE G 83 -50.65 45.48 28.35
CA ILE G 83 -49.46 46.29 28.56
C ILE G 83 -48.30 45.40 28.97
N ALA G 84 -47.35 45.22 28.04
CA ALA G 84 -46.32 44.21 28.18
C ALA G 84 -45.20 44.43 27.16
N THR G 85 -44.12 43.67 27.31
CA THR G 85 -43.04 43.65 26.33
C THR G 85 -43.17 42.44 25.41
N TYR G 86 -43.11 42.67 24.11
CA TYR G 86 -43.27 41.60 23.14
C TYR G 86 -41.95 41.24 22.48
N TYR G 87 -41.62 39.96 22.46
CA TYR G 87 -40.40 39.48 21.83
C TYR G 87 -40.71 38.56 20.67
N CYS G 88 -39.86 38.62 19.65
CA CYS G 88 -40.02 37.68 18.52
C CYS G 88 -38.77 36.80 18.43
N GLN G 89 -38.94 35.49 18.21
CA GLN G 89 -37.82 34.54 18.24
C GLN G 89 -37.84 33.64 17.02
N GLN G 90 -36.67 33.48 16.40
CA GLN G 90 -36.56 32.61 15.24
C GLN G 90 -36.06 31.24 15.66
N TYR G 91 -36.68 30.20 15.14
CA TYR G 91 -36.26 28.84 15.44
C TYR G 91 -35.89 28.08 14.18
N ASP G 92 -35.51 28.82 13.15
CA ASP G 92 -35.16 28.20 11.88
C ASP G 92 -33.79 27.52 11.95
N ASN G 93 -32.84 28.17 12.60
CA ASN G 93 -31.48 27.66 12.65
C ASN G 93 -30.87 27.85 14.03
N LEU G 94 -30.24 26.79 14.54
CA LEU G 94 -29.52 26.87 15.79
C LEU G 94 -28.18 27.58 15.60
N PRO G 95 -27.79 28.42 16.55
CA PRO G 95 -28.46 28.77 17.79
C PRO G 95 -29.71 29.61 17.54
N PHE G 96 -30.71 29.44 18.39
CA PHE G 96 -31.93 30.22 18.30
C PHE G 96 -31.73 31.61 18.86
N THR G 97 -32.46 32.59 18.33
CA THR G 97 -32.26 33.97 18.72
C THR G 97 -33.55 34.73 18.97
N PHE G 98 -33.55 35.54 20.03
CA PHE G 98 -34.67 36.42 20.35
C PHE G 98 -34.36 37.84 19.91
N GLY G 99 -35.40 38.60 19.59
CA GLY G 99 -35.24 40.02 19.28
C GLY G 99 -35.09 40.80 20.59
N PRO G 100 -34.77 42.10 20.49
CA PRO G 100 -34.57 43.02 21.60
C PRO G 100 -35.80 43.25 22.46
N GLY G 101 -36.97 43.02 21.88
CA GLY G 101 -38.24 43.22 22.58
C GLY G 101 -38.80 44.60 22.33
N THR G 102 -40.12 44.67 22.16
CA THR G 102 -40.80 45.94 21.98
C THR G 102 -41.70 46.23 23.16
N LYS G 103 -41.50 47.37 23.81
CA LYS G 103 -42.25 47.72 24.99
C LYS G 103 -43.51 48.52 24.66
N VAL G 104 -44.64 48.06 25.16
CA VAL G 104 -45.91 48.76 24.98
C VAL G 104 -46.33 49.47 26.27
N ASP G 105 -46.51 50.77 26.19
CA ASP G 105 -46.96 51.56 27.32
C ASP G 105 -48.45 51.91 27.18
N PHE G 106 -49.08 52.27 28.29
CA PHE G 106 -50.46 52.71 28.24
C PHE G 106 -50.51 54.23 28.18
N ALA G 107 -51.05 54.77 27.10
CA ALA G 107 -51.10 56.23 26.89
C ALA G 107 -52.35 56.81 27.54
N GLU H 1 -50.85 21.59 36.12
CA GLU H 1 -50.23 20.28 36.31
C GLU H 1 -48.75 20.31 35.91
N VAL H 2 -48.46 20.90 34.76
CA VAL H 2 -47.10 20.97 34.22
C VAL H 2 -46.25 21.96 35.00
N GLN H 3 -45.11 21.51 35.50
CA GLN H 3 -44.24 22.36 36.30
C GLN H 3 -42.77 22.24 35.93
N LEU H 4 -42.07 23.36 35.95
CA LEU H 4 -40.62 23.41 35.76
C LEU H 4 -40.01 24.26 36.86
N VAL H 5 -39.12 23.67 37.65
CA VAL H 5 -38.58 24.35 38.83
C VAL H 5 -37.06 24.43 38.82
N GLU H 6 -36.54 25.63 38.66
CA GLU H 6 -35.10 25.88 38.67
C GLU H 6 -34.56 25.99 40.08
N SER H 7 -33.32 25.58 40.27
CA SER H 7 -32.64 25.71 41.54
C SER H 7 -31.12 25.78 41.36
N GLY H 8 -30.42 26.15 42.43
CA GLY H 8 -28.96 26.21 42.41
C GLY H 8 -28.44 27.62 42.18
N GLY H 9 -29.33 28.61 42.21
CA GLY H 9 -28.93 29.99 42.01
C GLY H 9 -28.23 30.55 43.26
N GLY H 10 -27.76 31.80 43.17
CA GLY H 10 -27.04 32.41 44.28
C GLY H 10 -25.95 33.36 43.80
N VAL H 11 -25.01 33.68 44.68
CA VAL H 11 -23.95 34.64 44.39
C VAL H 11 -22.58 33.96 44.34
N VAL H 12 -21.85 34.19 43.25
CA VAL H 12 -20.52 33.61 43.06
C VAL H 12 -19.51 34.69 42.65
N GLN H 13 -18.22 34.34 42.72
CA GLN H 13 -17.17 35.27 42.30
C GLN H 13 -16.79 35.02 40.83
N PRO H 14 -16.26 36.02 40.13
CA PRO H 14 -15.74 35.97 38.78
C PRO H 14 -14.65 34.89 38.66
N GLY H 15 -14.71 34.14 37.57
CA GLY H 15 -13.77 33.05 37.33
C GLY H 15 -14.23 31.77 37.98
N GLY H 16 -15.32 31.85 38.74
CA GLY H 16 -15.84 30.69 39.47
C GLY H 16 -16.77 29.85 38.61
N SER H 17 -17.49 28.93 39.27
CA SER H 17 -18.39 28.02 38.58
C SER H 17 -19.67 27.78 39.39
N LEU H 18 -20.73 27.39 38.70
CA LEU H 18 -22.01 27.13 39.33
C LEU H 18 -22.83 26.11 38.56
N ARG H 19 -23.45 25.19 39.30
CA ARG H 19 -24.30 24.17 38.67
C ARG H 19 -25.77 24.46 38.91
N LEU H 20 -26.51 24.72 37.84
CA LEU H 20 -27.94 24.95 37.93
C LEU H 20 -28.69 23.69 37.53
N SER H 21 -29.89 23.53 38.06
CA SER H 21 -30.74 22.41 37.71
C SER H 21 -32.19 22.84 37.56
N CYS H 22 -32.98 22.03 36.87
CA CYS H 22 -34.39 22.25 36.69
C CYS H 22 -35.19 20.96 36.80
N ALA H 23 -35.97 20.77 37.83
CA ALA H 23 -36.78 19.60 37.99
C ALA H 23 -38.04 19.75 37.17
N ALA H 24 -38.50 18.65 36.59
CA ALA H 24 -39.67 18.67 35.74
C ALA H 24 -40.71 17.67 36.20
N SER H 25 -41.98 18.06 36.07
CA SER H 25 -43.08 17.15 36.35
C SER H 25 -44.33 17.54 35.57
N GLY H 26 -45.25 16.58 35.40
CA GLY H 26 -46.55 16.85 34.78
C GLY H 26 -46.52 16.67 33.27
N PHE H 27 -45.34 16.38 32.74
CA PHE H 27 -45.17 16.20 31.30
C PHE H 27 -44.10 15.17 30.99
N THR H 28 -44.10 14.69 29.75
CA THR H 28 -43.16 13.66 29.33
C THR H 28 -41.78 14.23 29.06
N PHE H 29 -41.07 14.55 30.13
CA PHE H 29 -39.76 15.17 30.04
C PHE H 29 -38.84 14.42 29.08
N ASN H 30 -38.87 13.10 29.14
CA ASN H 30 -37.93 12.28 28.37
C ASN H 30 -38.29 12.22 26.89
N SER H 31 -39.36 12.90 26.51
CA SER H 31 -39.80 12.94 25.12
C SER H 31 -39.36 14.23 24.44
N TYR H 32 -38.99 15.24 25.21
CA TYR H 32 -38.74 16.57 24.66
C TYR H 32 -37.28 16.99 24.76
N GLY H 33 -36.81 17.73 23.76
CA GLY H 33 -35.58 18.47 23.88
C GLY H 33 -35.81 19.68 24.77
N MET H 34 -34.77 20.16 25.45
CA MET H 34 -34.92 21.25 26.40
C MET H 34 -33.94 22.39 26.17
N HIS H 35 -34.41 23.61 26.43
CA HIS H 35 -33.60 24.81 26.21
C HIS H 35 -33.34 25.56 27.51
N TRP H 36 -32.21 26.26 27.55
CA TRP H 36 -31.96 27.23 28.61
C TRP H 36 -31.97 28.64 28.04
N VAL H 37 -32.61 29.55 28.76
CA VAL H 37 -32.69 30.96 28.38
C VAL H 37 -32.41 31.83 29.60
N ARG H 38 -31.69 32.94 29.42
CA ARG H 38 -31.39 33.82 30.54
C ARG H 38 -31.79 35.26 30.25
N GLN H 39 -32.04 36.02 31.32
CA GLN H 39 -32.42 37.42 31.18
C GLN H 39 -31.75 38.29 32.24
N ALA H 40 -30.80 39.13 31.82
CA ALA H 40 -30.15 40.06 32.71
C ALA H 40 -31.14 41.15 33.13
N PRO H 41 -31.00 41.74 34.31
CA PRO H 41 -31.84 42.79 34.84
C PRO H 41 -31.98 43.95 33.86
N GLY H 42 -33.21 44.26 33.50
CA GLY H 42 -33.49 45.40 32.61
C GLY H 42 -33.25 45.08 31.14
N LYS H 43 -32.90 43.84 30.85
CA LYS H 43 -32.57 43.43 29.49
C LYS H 43 -33.60 42.45 28.93
N GLY H 44 -33.47 42.15 27.63
CA GLY H 44 -34.35 41.20 26.96
C GLY H 44 -33.85 39.77 27.16
N LEU H 45 -34.44 38.83 26.43
CA LEU H 45 -34.11 37.43 26.60
C LEU H 45 -32.91 37.02 25.74
N GLU H 46 -32.09 36.13 26.29
CA GLU H 46 -30.97 35.57 25.56
C GLU H 46 -31.00 34.04 25.61
N TRP H 47 -31.01 33.41 24.43
CA TRP H 47 -31.01 31.95 24.33
C TRP H 47 -29.62 31.43 24.66
N VAL H 48 -29.53 30.41 25.54
CA VAL H 48 -28.25 29.92 26.03
C VAL H 48 -27.83 28.60 25.38
N ALA H 49 -28.65 27.57 25.50
CA ALA H 49 -28.28 26.24 25.05
C ALA H 49 -29.48 25.33 24.81
N PHE H 50 -29.28 24.27 24.02
CA PHE H 50 -30.31 23.26 23.77
C PHE H 50 -29.76 21.85 23.78
N ILE H 51 -30.52 20.94 24.35
CA ILE H 51 -30.19 19.53 24.34
C ILE H 51 -31.35 18.69 23.83
N ARG H 52 -31.05 17.69 23.02
CA ARG H 52 -32.08 16.83 22.44
C ARG H 52 -32.68 15.87 23.47
N TYR H 53 -33.83 15.31 23.13
CA TYR H 53 -34.59 14.42 24.02
C TYR H 53 -33.75 13.28 24.59
N ASP H 54 -32.81 12.77 23.81
CA ASP H 54 -32.02 11.61 24.23
C ASP H 54 -30.78 12.01 25.01
N GLY H 55 -30.58 13.31 25.19
CA GLY H 55 -29.42 13.82 25.89
C GLY H 55 -28.17 13.74 25.03
N GLY H 56 -28.35 13.65 23.71
CA GLY H 56 -27.22 13.50 22.79
C GLY H 56 -26.71 14.85 22.29
N ASN H 57 -27.23 15.30 21.16
CA ASN H 57 -26.74 16.53 20.54
C ASN H 57 -26.96 17.73 21.44
N LYS H 58 -25.95 18.59 21.53
CA LYS H 58 -26.02 19.79 22.34
C LYS H 58 -25.61 21.03 21.54
N TYR H 59 -26.27 22.14 21.82
CA TYR H 59 -26.00 23.40 21.12
C TYR H 59 -25.86 24.56 22.10
N TYR H 60 -24.99 25.53 21.75
CA TYR H 60 -24.75 26.67 22.62
C TYR H 60 -24.70 27.99 21.84
N ALA H 61 -25.02 29.08 22.53
CA ALA H 61 -24.80 30.43 22.01
C ALA H 61 -23.31 30.77 22.09
N ASP H 62 -22.87 31.67 21.21
CA ASP H 62 -21.45 32.04 21.16
C ASP H 62 -20.97 32.68 22.44
N SER H 63 -21.90 33.27 23.20
CA SER H 63 -21.55 33.98 24.43
C SER H 63 -21.22 33.01 25.56
N VAL H 64 -21.63 31.76 25.43
CA VAL H 64 -21.41 30.76 26.48
C VAL H 64 -20.67 29.54 25.95
N LYS H 65 -20.58 29.41 24.64
CA LYS H 65 -19.94 28.25 24.03
C LYS H 65 -18.49 28.14 24.47
N GLY H 66 -18.12 26.96 24.95
CA GLY H 66 -16.75 26.70 25.39
C GLY H 66 -16.62 26.90 26.90
N ARG H 67 -17.63 27.49 27.52
CA ARG H 67 -17.61 27.73 28.95
C ARG H 67 -18.69 26.93 29.66
N PHE H 68 -19.87 26.87 29.06
CA PHE H 68 -21.02 26.22 29.68
C PHE H 68 -21.29 24.84 29.10
N THR H 69 -21.82 23.95 29.93
CA THR H 69 -22.20 22.60 29.51
C THR H 69 -23.65 22.30 29.87
N ILE H 70 -24.38 21.69 28.94
CA ILE H 70 -25.77 21.32 29.12
C ILE H 70 -25.90 19.82 29.19
N SER H 71 -26.72 19.34 30.11
CA SER H 71 -26.92 17.91 30.29
C SER H 71 -28.29 17.65 30.90
N ARG H 72 -28.67 16.37 30.94
CA ARG H 72 -29.96 16.00 31.51
C ARG H 72 -29.95 14.59 32.07
N ASP H 73 -30.90 14.31 32.96
CA ASP H 73 -31.10 12.97 33.48
C ASP H 73 -32.57 12.58 33.36
N ASN H 74 -32.87 11.69 32.41
CA ASN H 74 -34.25 11.36 32.07
C ASN H 74 -34.87 10.41 33.08
N SER H 75 -34.06 9.84 33.96
CA SER H 75 -34.59 8.97 34.99
C SER H 75 -35.01 9.79 36.21
N LYS H 76 -34.41 10.96 36.35
CA LYS H 76 -34.72 11.88 37.45
C LYS H 76 -35.52 13.08 36.96
N ASN H 77 -35.90 13.06 35.69
CA ASN H 77 -36.68 14.14 35.10
C ASN H 77 -36.08 15.50 35.41
N THR H 78 -34.76 15.62 35.26
CA THR H 78 -34.08 16.85 35.61
C THR H 78 -33.15 17.35 34.50
N LEU H 79 -33.20 18.66 34.25
CA LEU H 79 -32.28 19.31 33.31
C LEU H 79 -31.20 20.06 34.06
N TYR H 80 -29.98 20.05 33.54
CA TYR H 80 -28.86 20.71 34.20
C TYR H 80 -28.11 21.67 33.29
N LEU H 81 -27.54 22.73 33.89
CA LEU H 81 -26.61 23.61 33.20
C LEU H 81 -25.39 23.88 34.08
N GLN H 82 -24.23 23.44 33.61
CA GLN H 82 -23.00 23.61 34.35
C GLN H 82 -22.19 24.76 33.79
N MET H 83 -22.00 25.81 34.60
CA MET H 83 -21.32 26.99 34.14
C MET H 83 -19.93 27.12 34.76
N LYS H 84 -18.94 27.44 33.93
CA LYS H 84 -17.57 27.62 34.39
C LYS H 84 -17.02 28.97 33.91
N SER H 85 -15.97 29.44 34.58
CA SER H 85 -15.34 30.70 34.21
C SER H 85 -16.37 31.81 34.08
N LEU H 86 -17.16 32.00 35.13
CA LEU H 86 -18.25 32.96 35.13
C LEU H 86 -17.73 34.40 35.12
N ARG H 87 -18.48 35.28 34.48
CA ARG H 87 -18.14 36.69 34.41
C ARG H 87 -19.27 37.56 34.92
N ALA H 88 -18.99 38.82 35.20
CA ALA H 88 -20.01 39.75 35.68
C ALA H 88 -21.18 39.83 34.70
N GLU H 89 -20.88 39.67 33.42
CA GLU H 89 -21.88 39.76 32.36
C GLU H 89 -22.87 38.59 32.40
N ASP H 90 -22.55 37.56 33.17
CA ASP H 90 -23.39 36.38 33.26
C ASP H 90 -24.46 36.55 34.33
N THR H 91 -24.47 37.71 34.99
CA THR H 91 -25.50 37.98 35.98
C THR H 91 -26.86 38.08 35.29
N ALA H 92 -27.78 37.20 35.67
CA ALA H 92 -29.07 37.11 35.01
C ALA H 92 -29.99 36.13 35.73
N VAL H 93 -31.27 36.17 35.40
CA VAL H 93 -32.18 35.12 35.80
C VAL H 93 -32.19 34.02 34.76
N TYR H 94 -31.92 32.80 35.18
CA TYR H 94 -31.85 31.67 34.27
C TYR H 94 -33.13 30.87 34.30
N TYR H 95 -33.69 30.61 33.13
CA TYR H 95 -34.92 29.86 33.01
C TYR H 95 -34.69 28.57 32.21
N CYS H 96 -35.35 27.50 32.62
CA CYS H 96 -35.46 26.28 31.84
C CYS H 96 -36.79 26.30 31.12
N ALA H 97 -36.83 25.81 29.89
CA ALA H 97 -38.05 25.89 29.14
C ALA H 97 -38.14 24.85 28.02
N ASN H 98 -39.37 24.50 27.71
CA ASN H 98 -39.69 23.68 26.55
C ASN H 98 -40.31 24.57 25.48
N LEU H 99 -39.51 25.03 24.54
CA LEU H 99 -39.96 26.02 23.59
C LEU H 99 -40.63 25.39 22.39
N LYS H 100 -41.79 25.90 22.01
CA LYS H 100 -42.51 25.36 20.86
C LYS H 100 -41.65 25.47 19.60
N ASP H 101 -41.53 24.37 18.88
CA ASP H 101 -40.67 24.30 17.71
C ASP H 101 -41.08 23.18 16.77
N SER H 102 -41.21 23.51 15.49
CA SER H 102 -41.67 22.56 14.49
C SER H 102 -40.52 22.00 13.66
N ARG H 103 -39.29 22.36 14.01
CA ARG H 103 -38.13 21.94 13.22
C ARG H 103 -37.18 21.03 13.98
N TYR H 104 -36.88 21.33 15.24
CA TYR H 104 -35.85 20.59 15.97
C TYR H 104 -36.39 19.78 17.14
N SER H 105 -37.08 20.43 18.07
CA SER H 105 -37.56 19.75 19.26
C SER H 105 -38.86 19.00 19.01
N GLY H 106 -39.64 19.48 18.05
CA GLY H 106 -40.93 18.85 17.72
C GLY H 106 -41.96 19.15 18.80
N SER H 107 -41.71 20.17 19.61
CA SER H 107 -42.63 20.50 20.69
C SER H 107 -43.88 21.20 20.19
N TYR H 108 -45.03 20.72 20.65
CA TYR H 108 -46.30 21.36 20.33
C TYR H 108 -46.69 22.35 21.41
N TYR H 109 -46.27 22.08 22.64
CA TYR H 109 -46.63 22.92 23.77
C TYR H 109 -45.45 23.74 24.25
N ASP H 110 -45.73 24.93 24.79
CA ASP H 110 -44.69 25.84 25.25
C ASP H 110 -44.74 26.04 26.77
N TYR H 111 -43.69 25.60 27.46
CA TYR H 111 -43.65 25.69 28.92
C TYR H 111 -42.37 26.35 29.43
N TRP H 112 -42.52 27.13 30.50
CA TRP H 112 -41.38 27.80 31.14
C TRP H 112 -41.41 27.60 32.65
N GLY H 113 -40.23 27.62 33.27
CA GLY H 113 -40.13 27.58 34.73
C GLY H 113 -40.24 28.98 35.33
N GLN H 114 -39.94 29.09 36.62
CA GLN H 114 -40.07 30.35 37.35
C GLN H 114 -38.78 31.18 37.32
N GLY H 115 -37.66 30.50 37.05
CA GLY H 115 -36.37 31.17 36.91
C GLY H 115 -35.58 31.22 38.19
N THR H 116 -34.26 31.20 38.06
CA THR H 116 -33.39 31.31 39.22
C THR H 116 -32.30 32.35 38.99
N LEU H 117 -32.10 33.21 39.97
CA LEU H 117 -31.14 34.31 39.82
C LEU H 117 -29.71 33.90 40.11
N VAL H 118 -28.81 34.23 39.20
CA VAL H 118 -27.38 34.02 39.40
C VAL H 118 -26.64 35.34 39.33
N THR H 119 -25.89 35.65 40.38
CA THR H 119 -25.14 36.90 40.43
C THR H 119 -23.65 36.64 40.53
N VAL H 120 -22.88 37.30 39.67
CA VAL H 120 -21.43 37.20 39.71
C VAL H 120 -20.84 38.51 40.23
N SER H 121 -20.10 38.43 41.34
CA SER H 121 -19.61 39.61 42.06
C SER H 121 -18.27 39.34 42.74
N VAL I 1 -17.94 53.54 9.59
CA VAL I 1 -16.75 54.37 9.75
C VAL I 1 -17.10 55.84 9.94
N GLN I 2 -16.45 56.47 10.91
CA GLN I 2 -16.70 57.87 11.20
C GLN I 2 -15.42 58.63 11.56
N LEU I 3 -15.25 59.80 10.97
CA LEU I 3 -14.15 60.70 11.30
C LEU I 3 -14.69 62.02 11.79
N VAL I 4 -14.13 62.54 12.88
CA VAL I 4 -14.55 63.81 13.44
C VAL I 4 -13.37 64.72 13.70
N GLN I 5 -13.62 66.02 13.67
CA GLN I 5 -12.55 67.00 13.83
C GLN I 5 -12.89 68.07 14.86
N SER I 6 -11.91 68.93 15.15
CA SER I 6 -12.10 70.05 16.07
C SER I 6 -12.98 71.14 15.46
N GLY I 7 -13.47 72.03 16.31
CA GLY I 7 -14.35 73.10 15.85
C GLY I 7 -13.57 74.24 15.21
N ALA I 8 -14.29 75.23 14.72
CA ALA I 8 -13.69 76.37 14.02
C ALA I 8 -12.81 77.19 14.96
N GLU I 9 -11.74 77.76 14.41
CA GLU I 9 -10.80 78.55 15.18
C GLU I 9 -10.44 79.85 14.48
N VAL I 10 -10.11 80.88 15.28
CA VAL I 10 -9.66 82.16 14.75
C VAL I 10 -8.24 82.47 15.25
N LYS I 11 -7.35 82.80 14.33
CA LYS I 11 -5.95 83.05 14.67
C LYS I 11 -5.42 84.34 14.08
N LYS I 12 -4.42 84.93 14.72
CA LYS I 12 -3.75 86.10 14.16
C LYS I 12 -2.59 85.65 13.26
N PRO I 13 -2.21 86.45 12.28
CA PRO I 13 -1.11 86.20 11.35
C PRO I 13 0.19 85.92 12.10
N GLY I 14 0.92 84.91 11.65
CA GLY I 14 2.19 84.54 12.26
C GLY I 14 2.02 83.41 13.28
N ALA I 15 0.78 83.15 13.67
CA ALA I 15 0.47 82.11 14.65
C ALA I 15 0.42 80.74 13.99
N SER I 16 -0.02 79.75 14.74
CA SER I 16 -0.14 78.39 14.23
C SER I 16 -1.43 77.73 14.70
N VAL I 17 -1.90 76.75 13.92
CA VAL I 17 -3.11 76.02 14.26
C VAL I 17 -2.89 74.51 14.21
N LYS I 18 -3.44 73.80 15.20
CA LYS I 18 -3.39 72.35 15.20
C LYS I 18 -4.79 71.75 15.12
N VAL I 19 -5.05 71.02 14.04
CA VAL I 19 -6.36 70.44 13.80
C VAL I 19 -6.37 68.94 14.08
N SER I 20 -7.31 68.50 14.91
CA SER I 20 -7.44 67.09 15.27
C SER I 20 -8.29 66.32 14.28
N CYS I 21 -8.16 64.99 14.29
CA CYS I 21 -8.97 64.11 13.47
C CYS I 21 -9.15 62.74 14.13
N LYS I 22 -10.19 62.59 14.94
CA LYS I 22 -10.48 61.34 15.61
C LYS I 22 -11.21 60.41 14.66
N ALA I 23 -10.79 59.15 14.62
CA ALA I 23 -11.37 58.20 13.67
C ALA I 23 -11.72 56.88 14.34
N SER I 24 -12.80 56.25 13.86
CA SER I 24 -13.24 54.96 14.38
C SER I 24 -14.03 54.16 13.34
N GLY I 25 -14.24 52.88 13.62
CA GLY I 25 -15.07 52.02 12.77
C GLY I 25 -14.23 51.19 11.79
N TYR I 26 -12.92 51.28 11.92
CA TYR I 26 -12.00 50.55 11.06
C TYR I 26 -10.68 50.33 11.80
N PRO I 27 -9.85 49.37 11.36
CA PRO I 27 -8.51 49.14 11.84
C PRO I 27 -7.63 50.33 11.53
N PHE I 28 -7.41 51.16 12.54
CA PHE I 28 -6.78 52.46 12.36
C PHE I 28 -5.44 52.37 11.65
N THR I 29 -4.63 51.40 12.05
CA THR I 29 -3.25 51.31 11.57
C THR I 29 -3.17 50.75 10.15
N SER I 30 -4.30 50.33 9.60
CA SER I 30 -4.31 49.75 8.26
C SER I 30 -4.48 50.79 7.18
N TYR I 31 -4.86 52.01 7.55
CA TYR I 31 -5.13 53.05 6.57
C TYR I 31 -4.44 54.35 6.94
N GLY I 32 -3.93 55.05 5.93
CA GLY I 32 -3.27 56.31 6.16
C GLY I 32 -4.27 57.44 6.35
N ILE I 33 -3.77 58.62 6.69
CA ILE I 33 -4.60 59.79 6.87
C ILE I 33 -4.17 60.89 5.92
N SER I 34 -5.13 61.44 5.18
CA SER I 34 -4.84 62.51 4.25
C SER I 34 -5.48 63.82 4.68
N TRP I 35 -4.86 64.93 4.27
CA TRP I 35 -5.40 66.25 4.58
C TRP I 35 -5.57 67.10 3.33
N VAL I 36 -6.73 67.74 3.22
CA VAL I 36 -7.09 68.58 2.09
C VAL I 36 -7.66 69.93 2.56
N ARG I 37 -7.23 71.01 1.93
CA ARG I 37 -7.70 72.35 2.28
C ARG I 37 -8.64 72.92 1.22
N GLN I 38 -9.62 73.71 1.64
CA GLN I 38 -10.50 74.38 0.70
C GLN I 38 -10.90 75.79 1.16
N ALA I 39 -10.27 76.80 0.57
CA ALA I 39 -10.61 78.20 0.85
C ALA I 39 -11.98 78.50 0.24
N PRO I 40 -12.70 79.49 0.77
CA PRO I 40 -14.03 79.88 0.36
C PRO I 40 -14.12 80.09 -1.15
N GLY I 41 -14.99 79.31 -1.79
CA GLY I 41 -15.24 79.45 -3.24
C GLY I 41 -14.16 78.80 -4.09
N GLN I 42 -13.20 78.15 -3.45
CA GLN I 42 -12.09 77.54 -4.16
C GLN I 42 -12.24 76.02 -4.27
N GLY I 43 -11.41 75.42 -5.12
CA GLY I 43 -11.40 73.98 -5.30
C GLY I 43 -10.59 73.29 -4.21
N LEU I 44 -10.35 72.00 -4.37
CA LEU I 44 -9.65 71.22 -3.35
C LEU I 44 -8.14 71.26 -3.52
N GLU I 45 -7.43 71.53 -2.43
CA GLU I 45 -5.97 71.56 -2.45
C GLU I 45 -5.37 70.55 -1.47
N TRP I 46 -4.48 69.70 -1.95
CA TRP I 46 -3.87 68.70 -1.10
C TRP I 46 -2.77 69.28 -0.22
N MET I 47 -2.74 68.87 1.04
CA MET I 47 -1.69 69.31 1.96
C MET I 47 -0.64 68.24 2.17
N GLY I 48 -1.05 67.00 2.42
CA GLY I 48 -0.10 65.93 2.70
C GLY I 48 -0.77 64.61 3.10
N TRP I 49 0.07 63.65 3.49
CA TRP I 49 -0.37 62.32 3.89
C TRP I 49 0.53 61.73 4.97
N ILE I 50 -0.07 61.03 5.93
CA ILE I 50 0.69 60.37 6.99
C ILE I 50 0.27 58.91 7.17
N SER I 51 1.24 58.04 7.41
CA SER I 51 0.96 56.64 7.71
C SER I 51 0.68 56.46 9.20
N THR I 52 -0.44 55.82 9.52
CA THR I 52 -0.82 55.58 10.90
C THR I 52 -0.06 54.40 11.47
N TYR I 53 0.58 53.64 10.60
CA TYR I 53 1.33 52.46 10.99
C TYR I 53 2.74 52.80 11.45
N ASN I 54 3.46 53.60 10.66
CA ASN I 54 4.87 53.85 10.96
C ASN I 54 5.25 55.33 11.06
N GLY I 55 4.29 56.23 10.84
CA GLY I 55 4.54 57.67 11.02
C GLY I 55 5.22 58.32 9.81
N ASN I 56 5.38 57.58 8.73
CA ASN I 56 6.00 58.13 7.52
C ASN I 56 5.09 59.17 6.89
N THR I 57 5.67 60.24 6.36
CA THR I 57 4.86 61.33 5.82
C THR I 57 5.29 61.77 4.42
N ASN I 58 4.34 62.40 3.73
CA ASN I 58 4.58 63.04 2.43
C ASN I 58 3.80 64.34 2.36
N TYR I 59 4.43 65.41 1.89
CA TYR I 59 3.79 66.71 1.87
C TYR I 59 3.81 67.37 0.49
N ALA I 60 2.78 68.14 0.19
CA ALA I 60 2.75 68.95 -1.01
C ALA I 60 3.79 70.05 -0.91
N GLN I 61 4.32 70.44 -2.06
CA GLN I 61 5.46 71.37 -2.14
C GLN I 61 5.17 72.73 -1.53
N LYS I 62 3.90 73.09 -1.41
CA LYS I 62 3.53 74.41 -0.90
C LYS I 62 3.52 74.43 0.62
N PHE I 63 3.54 73.25 1.22
CA PHE I 63 3.40 73.13 2.67
C PHE I 63 4.63 72.56 3.33
N GLN I 64 5.69 72.36 2.57
CA GLN I 64 6.91 71.79 3.12
C GLN I 64 7.62 72.82 3.99
N GLY I 65 7.80 72.47 5.27
CA GLY I 65 8.41 73.39 6.22
C GLY I 65 7.35 74.18 6.99
N ARG I 66 6.10 74.09 6.54
CA ARG I 66 4.99 74.80 7.18
C ARG I 66 4.09 73.85 7.92
N VAL I 67 3.99 72.61 7.43
CA VAL I 67 3.05 71.63 7.98
C VAL I 67 3.73 70.43 8.60
N THR I 68 3.28 70.06 9.79
CA THR I 68 3.73 68.85 10.46
C THR I 68 2.54 67.97 10.85
N MET I 69 2.60 66.70 10.47
CA MET I 69 1.56 65.75 10.82
C MET I 69 2.02 64.76 11.88
N THR I 70 1.12 64.41 12.78
CA THR I 70 1.42 63.44 13.82
C THR I 70 0.22 62.53 14.06
N THR I 71 0.48 61.33 14.57
CA THR I 71 -0.60 60.37 14.82
C THR I 71 -0.51 59.75 16.21
N ASP I 72 -1.65 59.68 16.90
CA ASP I 72 -1.77 58.98 18.17
C ASP I 72 -2.52 57.66 17.98
N THR I 73 -1.80 56.55 18.08
CA THR I 73 -2.38 55.24 17.80
C THR I 73 -3.18 54.69 18.98
N SER I 74 -3.03 55.31 20.15
CA SER I 74 -3.73 54.86 21.34
C SER I 74 -5.12 55.47 21.42
N THR I 75 -5.27 56.65 20.81
CA THR I 75 -6.55 57.34 20.78
C THR I 75 -7.13 57.36 19.36
N THR I 76 -6.52 56.57 18.48
CA THR I 76 -6.92 56.51 17.06
C THR I 76 -7.24 57.90 16.53
N THR I 77 -6.29 58.82 16.68
CA THR I 77 -6.49 60.21 16.26
C THR I 77 -5.30 60.76 15.49
N GLY I 78 -5.58 61.39 14.36
CA GLY I 78 -4.56 62.09 13.59
C GLY I 78 -4.60 63.59 13.89
N TYR I 79 -3.46 64.26 13.73
CA TYR I 79 -3.39 65.71 13.89
C TYR I 79 -2.55 66.35 12.79
N MET I 80 -2.90 67.58 12.43
CA MET I 80 -2.09 68.35 11.50
C MET I 80 -1.87 69.78 12.00
N GLU I 81 -0.62 70.21 12.00
CA GLU I 81 -0.27 71.55 12.46
C GLU I 81 0.26 72.42 11.33
N LEU I 82 -0.32 73.60 11.16
CA LEU I 82 0.14 74.56 10.16
C LEU I 82 0.73 75.80 10.84
N ARG I 83 1.97 76.11 10.48
CA ARG I 83 2.71 77.22 11.10
C ARG I 83 2.77 78.47 10.22
N ARG I 84 3.09 79.60 10.84
CA ARG I 84 3.26 80.86 10.12
C ARG I 84 2.02 81.22 9.32
N LEU I 85 0.89 81.31 10.01
CA LEU I 85 -0.39 81.52 9.36
C LEU I 85 -0.49 82.85 8.64
N ARG I 86 -1.12 82.80 7.47
CA ARG I 86 -1.35 83.98 6.64
C ARG I 86 -2.85 84.18 6.42
N SER I 87 -3.24 85.38 6.04
CA SER I 87 -4.65 85.68 5.83
C SER I 87 -5.26 84.82 4.73
N ASP I 88 -4.43 84.38 3.79
CA ASP I 88 -4.90 83.56 2.68
C ASP I 88 -4.93 82.08 3.05
N ASP I 89 -4.64 81.77 4.31
CA ASP I 89 -4.76 80.41 4.82
C ASP I 89 -6.15 80.18 5.39
N THR I 90 -6.99 81.21 5.30
CA THR I 90 -8.38 81.09 5.73
C THR I 90 -9.09 80.08 4.84
N ALA I 91 -9.51 78.97 5.44
CA ALA I 91 -10.04 77.84 4.69
C ALA I 91 -10.63 76.78 5.60
N VAL I 92 -11.36 75.84 5.01
CA VAL I 92 -11.79 74.65 5.73
C VAL I 92 -10.77 73.52 5.53
N TYR I 93 -10.35 72.93 6.63
CA TYR I 93 -9.34 71.86 6.59
C TYR I 93 -9.99 70.49 6.82
N TYR I 94 -9.92 69.64 5.81
CA TYR I 94 -10.59 68.34 5.85
C TYR I 94 -9.60 67.21 6.11
N CYS I 95 -10.03 66.24 6.92
CA CYS I 95 -9.31 64.99 7.18
C CYS I 95 -10.07 63.78 6.61
N ALA I 96 -9.36 62.93 5.88
CA ALA I 96 -9.99 61.79 5.25
C ALA I 96 -9.14 60.53 5.38
N ARG I 97 -9.80 59.37 5.33
CA ARG I 97 -9.12 58.09 5.33
C ARG I 97 -8.54 57.80 3.96
N ASP I 98 -7.27 57.39 3.92
CA ASP I 98 -6.56 57.27 2.66
C ASP I 98 -6.40 55.84 2.16
N TYR I 99 -6.59 55.67 0.86
CA TYR I 99 -6.21 54.44 0.17
C TYR I 99 -5.50 54.73 -1.15
N THR I 100 -4.79 55.85 -1.21
CA THR I 100 -3.96 56.17 -2.37
C THR I 100 -2.53 55.74 -2.14
N ARG I 101 -2.17 55.54 -0.87
CA ARG I 101 -0.84 55.07 -0.50
C ARG I 101 -0.90 54.07 0.66
N GLY I 102 -0.07 53.04 0.60
CA GLY I 102 -0.02 52.03 1.64
C GLY I 102 0.58 52.56 2.94
N ALA I 103 0.09 52.06 4.06
CA ALA I 103 0.59 52.46 5.37
C ALA I 103 1.88 51.75 5.73
N TRP I 104 2.06 50.53 5.25
CA TRP I 104 3.21 49.74 5.64
C TRP I 104 4.39 49.91 4.69
N PHE I 105 4.12 49.92 3.39
CA PHE I 105 5.18 49.96 2.40
C PHE I 105 5.35 51.35 1.78
N GLY I 106 4.30 52.16 1.85
CA GLY I 106 4.34 53.52 1.31
C GLY I 106 4.21 53.57 -0.21
N GLU I 107 3.64 52.52 -0.79
CA GLU I 107 3.47 52.46 -2.24
C GLU I 107 2.09 52.93 -2.66
N SER I 108 1.99 53.45 -3.88
CA SER I 108 0.71 53.93 -4.40
C SER I 108 -0.29 52.79 -4.57
N LEU I 109 -1.55 53.06 -4.24
CA LEU I 109 -2.62 52.07 -4.30
C LEU I 109 -3.77 52.48 -5.21
N ILE I 110 -4.58 51.49 -5.59
CA ILE I 110 -5.80 51.75 -6.35
C ILE I 110 -6.94 52.10 -5.41
N GLY I 111 -7.28 53.38 -5.36
CA GLY I 111 -8.25 53.89 -4.39
C GLY I 111 -8.27 55.42 -4.39
N GLY I 112 -8.70 55.98 -3.27
CA GLY I 112 -8.82 57.43 -3.15
C GLY I 112 -8.98 57.82 -1.68
N PHE I 113 -9.63 58.95 -1.39
CA PHE I 113 -9.92 59.24 -0.01
C PHE I 113 -11.32 58.70 0.30
N ASP I 114 -11.37 57.46 0.88
CA ASP I 114 -12.63 56.75 1.06
C ASP I 114 -13.62 57.44 1.98
N ASN I 115 -13.17 57.89 3.20
CA ASN I 115 -14.10 58.48 4.18
C ASN I 115 -13.57 59.81 4.66
N TRP I 116 -14.44 60.86 4.67
CA TRP I 116 -14.00 62.22 5.02
C TRP I 116 -14.60 62.65 6.36
N GLY I 117 -14.07 63.75 6.94
CA GLY I 117 -14.61 64.33 8.16
C GLY I 117 -15.45 65.55 7.87
N GLN I 118 -15.85 66.27 8.92
CA GLN I 118 -16.75 67.40 8.76
C GLN I 118 -16.02 68.63 8.24
N GLY I 119 -14.74 68.74 8.58
CA GLY I 119 -13.93 69.87 8.16
C GLY I 119 -13.83 70.89 9.27
N THR I 120 -12.62 71.43 9.47
CA THR I 120 -12.41 72.44 10.49
C THR I 120 -12.13 73.79 9.86
N LEU I 121 -12.97 74.77 10.15
CA LEU I 121 -12.79 76.09 9.57
C LEU I 121 -11.79 76.92 10.36
N VAL I 122 -10.75 77.38 9.68
CA VAL I 122 -9.74 78.21 10.32
C VAL I 122 -9.71 79.59 9.69
N THR I 123 -9.91 80.61 10.52
CA THR I 123 -9.90 81.99 10.04
C THR I 123 -8.66 82.72 10.53
N VAL I 124 -7.91 83.35 9.62
CA VAL I 124 -6.70 84.06 10.05
C VAL I 124 -6.87 85.56 9.84
N SER I 125 -7.44 86.23 10.89
CA SER I 125 -7.65 87.67 10.85
C SER I 125 -7.04 88.33 12.08
N SER I 126 -6.25 89.42 11.87
CA SER I 126 -5.69 90.16 12.99
C SER I 126 -6.79 90.75 13.85
N ALA I 127 -7.85 91.30 13.20
CA ALA I 127 -8.99 91.84 13.91
C ALA I 127 -9.74 90.70 14.59
N SER I 128 -10.21 90.91 15.86
CA SER I 128 -10.93 89.88 16.58
C SER I 128 -12.27 89.55 15.92
N VAL J 1 -0.79 68.55 -14.05
CA VAL J 1 -1.89 69.49 -13.93
C VAL J 1 -3.18 68.90 -14.48
N LEU J 2 -4.27 69.04 -13.73
CA LEU J 2 -5.56 68.55 -14.19
C LEU J 2 -6.51 69.70 -14.50
N THR J 3 -7.19 69.60 -15.63
CA THR J 3 -8.14 70.61 -16.05
C THR J 3 -9.49 69.98 -16.41
N GLN J 4 -10.57 70.64 -16.05
CA GLN J 4 -11.89 70.09 -16.27
C GLN J 4 -12.76 71.01 -17.13
N SER J 5 -13.74 70.42 -17.80
CA SER J 5 -14.63 71.18 -18.68
C SER J 5 -15.97 70.49 -18.88
N PRO J 6 -17.05 71.28 -18.98
CA PRO J 6 -17.13 72.73 -18.82
C PRO J 6 -17.04 73.12 -17.35
N GLY J 7 -16.65 74.36 -17.09
CA GLY J 7 -16.60 74.88 -15.73
C GLY J 7 -17.95 74.72 -15.05
N THR J 8 -19.01 75.12 -15.75
CA THR J 8 -20.37 74.92 -15.27
C THR J 8 -21.22 74.22 -16.32
N LEU J 9 -21.80 73.08 -15.94
CA LEU J 9 -22.64 72.30 -16.85
C LEU J 9 -24.11 72.55 -16.57
N SER J 10 -24.80 73.16 -17.52
CA SER J 10 -26.22 73.50 -17.34
C SER J 10 -27.13 72.46 -17.97
N LEU J 11 -27.82 71.71 -17.11
CA LEU J 11 -28.72 70.65 -17.55
C LEU J 11 -29.96 70.59 -16.67
N SER J 12 -31.08 70.17 -17.24
CA SER J 12 -32.29 69.96 -16.46
C SER J 12 -32.25 68.59 -15.80
N PRO J 13 -33.05 68.38 -14.75
CA PRO J 13 -33.28 67.10 -14.11
C PRO J 13 -33.83 66.10 -15.12
N GLY J 14 -33.37 64.86 -15.04
CA GLY J 14 -33.82 63.82 -15.95
C GLY J 14 -32.92 63.71 -17.18
N GLU J 15 -31.98 64.64 -17.33
CA GLU J 15 -31.08 64.65 -18.47
C GLU J 15 -29.79 63.89 -18.17
N ARG J 16 -29.11 63.44 -19.22
CA ARG J 16 -27.82 62.77 -19.08
C ARG J 16 -26.69 63.79 -19.03
N ALA J 17 -25.75 63.60 -18.11
CA ALA J 17 -24.64 64.53 -17.93
C ALA J 17 -23.30 63.90 -18.27
N THR J 18 -22.42 64.68 -18.90
CA THR J 18 -21.04 64.27 -19.15
C THR J 18 -20.06 65.36 -18.72
N LEU J 19 -19.07 64.96 -17.92
CA LEU J 19 -18.02 65.89 -17.45
C LEU J 19 -16.64 65.37 -17.80
N SER J 20 -15.78 66.26 -18.32
CA SER J 20 -14.45 65.86 -18.77
C SER J 20 -13.34 66.32 -17.82
N CYS J 21 -12.27 65.53 -17.75
CA CYS J 21 -10.97 65.91 -17.05
C CYS J 21 -9.82 65.50 -17.92
N ARG J 22 -8.90 66.44 -18.08
CA ARG J 22 -7.71 66.23 -18.92
C ARG J 22 -6.43 66.46 -18.14
N ALA J 23 -5.36 65.80 -18.55
CA ALA J 23 -4.09 65.89 -17.85
C ALA J 23 -2.98 66.45 -18.75
N SER J 24 -2.08 67.22 -18.13
CA SER J 24 -0.92 67.76 -18.82
C SER J 24 0.07 66.66 -19.22
N GLN J 25 0.02 65.54 -18.50
CA GLN J 25 0.87 64.39 -18.78
C GLN J 25 0.06 63.12 -18.65
N THR J 26 0.55 62.04 -19.25
CA THR J 26 -0.13 60.75 -19.19
C THR J 26 -0.33 60.30 -17.75
N VAL J 27 -1.55 59.91 -17.42
CA VAL J 27 -1.87 59.42 -16.08
C VAL J 27 -2.36 57.98 -16.14
N SER J 28 -1.74 57.10 -15.35
CA SER J 28 -2.17 55.72 -15.29
C SER J 28 -3.61 55.62 -14.81
N SER J 29 -4.37 54.70 -15.39
CA SER J 29 -5.77 54.53 -15.03
C SER J 29 -5.93 54.03 -13.60
N THR J 30 -4.86 53.46 -13.07
CA THR J 30 -4.87 52.92 -11.72
C THR J 30 -4.75 54.02 -10.67
N SER J 31 -4.43 55.23 -11.12
CA SER J 31 -4.09 56.32 -10.22
C SER J 31 -4.99 57.55 -10.41
N LEU J 32 -6.24 57.32 -10.79
CA LEU J 32 -7.19 58.42 -10.99
C LEU J 32 -8.49 58.20 -10.23
N ALA J 33 -9.07 59.29 -9.74
CA ALA J 33 -10.32 59.22 -8.97
C ALA J 33 -11.24 60.41 -9.25
N TRP J 34 -12.54 60.23 -8.97
CA TRP J 34 -13.54 61.30 -9.09
C TRP J 34 -14.32 61.48 -7.79
N TYR J 35 -14.64 62.73 -7.47
CA TYR J 35 -15.33 63.07 -6.23
C TYR J 35 -16.53 63.98 -6.47
N GLN J 36 -17.49 63.98 -5.53
CA GLN J 36 -18.64 64.87 -5.58
C GLN J 36 -18.76 65.66 -4.29
N GLN J 37 -19.01 66.96 -4.41
CA GLN J 37 -19.22 67.80 -3.24
C GLN J 37 -20.53 68.57 -3.31
N LYS J 38 -21.42 68.28 -2.37
CA LYS J 38 -22.68 69.00 -2.28
C LYS J 38 -22.45 70.29 -1.49
N PRO J 39 -23.27 71.33 -1.69
CA PRO J 39 -23.23 72.59 -0.98
C PRO J 39 -23.30 72.37 0.54
N GLY J 40 -22.33 72.94 1.24
CA GLY J 40 -22.30 72.87 2.70
C GLY J 40 -21.80 71.53 3.24
N GLN J 41 -21.26 70.70 2.36
CA GLN J 41 -20.82 69.36 2.76
C GLN J 41 -19.39 69.05 2.30
N ALA J 42 -18.74 68.12 3.02
CA ALA J 42 -17.45 67.60 2.60
C ALA J 42 -17.61 66.75 1.34
N PRO J 43 -16.56 66.66 0.50
CA PRO J 43 -16.46 65.80 -0.68
C PRO J 43 -16.58 64.32 -0.35
N ARG J 44 -17.10 63.55 -1.29
CA ARG J 44 -17.19 62.09 -1.19
C ARG J 44 -16.64 61.42 -2.44
N LEU J 45 -15.98 60.28 -2.27
CA LEU J 45 -15.42 59.53 -3.39
C LEU J 45 -16.52 58.81 -4.17
N LEU J 46 -16.52 58.98 -5.50
CA LEU J 46 -17.49 58.31 -6.34
C LEU J 46 -16.84 57.20 -7.15
N ILE J 47 -15.69 57.50 -7.74
CA ILE J 47 -14.97 56.55 -8.58
C ILE J 47 -13.48 56.53 -8.25
N TYR J 48 -12.92 55.32 -8.18
CA TYR J 48 -11.49 55.17 -7.98
C TYR J 48 -10.92 54.23 -9.03
N GLY J 49 -9.61 54.32 -9.28
CA GLY J 49 -9.00 53.44 -10.25
C GLY J 49 -9.57 53.69 -11.65
N ALA J 50 -9.96 54.93 -11.89
CA ALA J 50 -10.56 55.37 -13.16
C ALA J 50 -11.98 54.84 -13.38
N SER J 51 -12.18 53.54 -13.28
CA SER J 51 -13.45 52.95 -13.68
C SER J 51 -14.15 52.14 -12.58
N SER J 52 -13.63 52.18 -11.35
CA SER J 52 -14.22 51.40 -10.26
C SER J 52 -15.15 52.21 -9.39
N ARG J 53 -16.37 51.72 -9.22
CA ARG J 53 -17.37 52.40 -8.40
C ARG J 53 -17.05 52.29 -6.91
N ALA J 54 -17.21 53.40 -6.19
CA ALA J 54 -17.01 53.43 -4.75
C ALA J 54 -18.25 52.91 -4.02
N THR J 55 -18.06 52.49 -2.78
CA THR J 55 -19.14 51.92 -1.99
C THR J 55 -20.27 52.90 -1.75
N GLY J 56 -21.49 52.44 -2.02
CA GLY J 56 -22.70 53.22 -1.73
C GLY J 56 -23.12 54.10 -2.90
N ILE J 57 -22.33 54.11 -3.97
CA ILE J 57 -22.64 54.93 -5.13
C ILE J 57 -23.61 54.21 -6.08
N PRO J 58 -24.74 54.86 -6.40
CA PRO J 58 -25.80 54.33 -7.27
C PRO J 58 -25.36 54.13 -8.70
N ASP J 59 -26.11 53.32 -9.43
CA ASP J 59 -25.77 52.92 -10.80
C ASP J 59 -25.84 54.08 -11.78
N ARG J 60 -26.34 55.21 -11.32
CA ARG J 60 -26.44 56.40 -12.15
C ARG J 60 -25.06 56.90 -12.56
N PHE J 61 -24.05 56.64 -11.73
CA PHE J 61 -22.71 57.15 -11.97
C PHE J 61 -21.81 56.10 -12.63
N SER J 62 -21.01 56.56 -13.58
CA SER J 62 -20.00 55.72 -14.23
C SER J 62 -18.88 56.59 -14.80
N GLY J 63 -17.81 55.97 -15.27
CA GLY J 63 -16.71 56.72 -15.84
C GLY J 63 -15.76 55.83 -16.62
N SER J 64 -14.88 56.46 -17.38
CA SER J 64 -13.91 55.76 -18.22
C SER J 64 -12.80 56.71 -18.66
N GLY J 65 -11.76 56.16 -19.28
CA GLY J 65 -10.73 57.00 -19.87
C GLY J 65 -9.35 56.38 -19.79
N SER J 66 -8.40 57.03 -20.46
CA SER J 66 -7.01 56.59 -20.49
C SER J 66 -6.12 57.73 -20.96
N GLY J 67 -4.82 57.56 -20.83
CA GLY J 67 -3.90 58.56 -21.35
C GLY J 67 -4.07 59.90 -20.64
N THR J 68 -4.49 60.91 -21.40
CA THR J 68 -4.67 62.26 -20.86
C THR J 68 -6.12 62.71 -20.92
N ASP J 69 -7.05 61.78 -21.12
CA ASP J 69 -8.47 62.11 -21.27
C ASP J 69 -9.39 61.16 -20.50
N PHE J 70 -10.01 61.68 -19.45
CA PHE J 70 -10.92 60.89 -18.62
C PHE J 70 -12.29 61.56 -18.49
N THR J 71 -13.34 60.74 -18.34
CA THR J 71 -14.70 61.23 -18.30
C THR J 71 -15.54 60.66 -17.15
N LEU J 72 -16.36 61.53 -16.57
CA LEU J 72 -17.38 61.11 -15.61
C LEU J 72 -18.76 61.32 -16.24
N THR J 73 -19.63 60.32 -16.12
CA THR J 73 -20.97 60.46 -16.67
C THR J 73 -22.06 60.13 -15.64
N ILE J 74 -23.22 60.77 -15.81
CA ILE J 74 -24.41 60.45 -15.04
C ILE J 74 -25.56 60.13 -15.98
N SER J 75 -26.10 58.91 -15.90
CA SER J 75 -27.08 58.45 -16.86
C SER J 75 -28.37 59.27 -16.83
N ARG J 76 -28.72 59.78 -15.67
CA ARG J 76 -29.91 60.61 -15.50
C ARG J 76 -29.80 61.43 -14.23
N LEU J 77 -29.88 62.74 -14.36
CA LEU J 77 -29.71 63.60 -13.20
C LEU J 77 -30.93 63.60 -12.29
N GLU J 78 -30.71 63.23 -11.04
CA GLU J 78 -31.70 63.39 -10.00
C GLU J 78 -31.36 64.66 -9.24
N PRO J 79 -32.27 65.26 -8.48
CA PRO J 79 -32.09 66.49 -7.73
C PRO J 79 -30.86 66.45 -6.83
N GLU J 80 -30.43 65.25 -6.45
CA GLU J 80 -29.28 65.07 -5.57
C GLU J 80 -27.97 65.02 -6.34
N ASP J 81 -28.05 65.00 -7.66
CA ASP J 81 -26.86 64.88 -8.51
C ASP J 81 -26.33 66.23 -8.92
N PHE J 82 -27.01 67.29 -8.49
CA PHE J 82 -26.60 68.65 -8.78
C PHE J 82 -25.59 69.11 -7.73
N ALA J 83 -24.33 69.11 -8.11
CA ALA J 83 -23.22 69.27 -7.18
C ALA J 83 -21.96 69.64 -7.94
N VAL J 84 -20.90 69.96 -7.20
CA VAL J 84 -19.61 70.20 -7.82
C VAL J 84 -18.75 68.94 -7.82
N TYR J 85 -18.28 68.57 -9.00
CA TYR J 85 -17.47 67.36 -9.14
C TYR J 85 -16.01 67.71 -9.38
N TYR J 86 -15.11 66.90 -8.82
CA TYR J 86 -13.69 67.11 -9.00
C TYR J 86 -13.01 65.83 -9.46
N CYS J 87 -11.98 66.00 -10.30
CA CYS J 87 -11.16 64.84 -10.72
C CYS J 87 -9.81 64.93 -10.00
N GLN J 88 -9.20 63.78 -9.66
CA GLN J 88 -7.94 63.72 -8.93
C GLN J 88 -7.01 62.69 -9.54
N GLN J 89 -5.71 62.93 -9.41
CA GLN J 89 -4.72 61.93 -9.77
C GLN J 89 -3.62 61.84 -8.73
N HIS J 90 -3.10 60.63 -8.53
CA HIS J 90 -1.99 60.41 -7.62
C HIS J 90 -0.91 59.54 -8.27
N ASP J 91 -0.78 59.65 -9.58
CA ASP J 91 0.24 58.92 -10.31
C ASP J 91 1.58 59.61 -10.10
N THR J 92 1.56 60.92 -10.12
CA THR J 92 2.73 61.72 -9.79
C THR J 92 2.33 62.74 -8.73
N SER J 93 3.02 62.75 -7.60
CA SER J 93 2.61 63.56 -6.48
C SER J 93 1.13 63.32 -6.22
N LEU J 94 0.40 64.39 -5.94
CA LEU J 94 -1.06 64.32 -5.82
C LEU J 94 -1.70 65.66 -6.14
N THR J 95 -2.59 65.68 -7.13
CA THR J 95 -3.23 66.92 -7.56
C THR J 95 -4.72 66.74 -7.85
N PHE J 96 -5.45 67.85 -7.78
CA PHE J 96 -6.87 67.87 -8.11
C PHE J 96 -7.14 68.83 -9.26
N GLY J 97 -8.24 68.62 -9.98
CA GLY J 97 -8.67 69.53 -11.03
C GLY J 97 -9.35 70.75 -10.41
N GLY J 98 -9.75 71.69 -11.26
CA GLY J 98 -10.37 72.93 -10.79
C GLY J 98 -11.82 72.73 -10.37
N GLY J 99 -12.41 71.62 -10.79
CA GLY J 99 -13.79 71.31 -10.44
C GLY J 99 -14.78 71.76 -11.50
N THR J 100 -15.92 71.08 -11.54
CA THR J 100 -17.01 71.47 -12.43
C THR J 100 -18.34 71.45 -11.68
N GLN K 14 7.19 -19.38 -65.80
CA GLN K 14 6.24 -20.30 -66.41
C GLN K 14 5.86 -21.43 -65.44
N CYS K 15 4.59 -21.49 -65.08
CA CYS K 15 4.06 -22.53 -64.19
C CYS K 15 3.84 -23.85 -64.94
N VAL K 16 4.02 -24.94 -64.21
CA VAL K 16 3.79 -26.28 -64.76
C VAL K 16 2.83 -27.06 -63.87
N ASN K 17 1.90 -27.79 -64.51
CA ASN K 17 0.91 -28.58 -63.80
C ASN K 17 1.28 -30.07 -63.83
N LEU K 18 1.95 -30.51 -62.75
CA LEU K 18 2.47 -31.87 -62.66
C LEU K 18 1.35 -32.88 -62.41
N GLN K 23 -5.83 -37.20 -53.15
CA GLN K 23 -5.05 -37.06 -51.92
C GLN K 23 -4.84 -38.42 -51.24
N LEU K 24 -3.61 -38.66 -50.77
CA LEU K 24 -3.25 -39.89 -50.07
C LEU K 24 -3.56 -39.76 -48.57
N PRO K 25 -3.85 -40.87 -47.90
CA PRO K 25 -4.06 -40.96 -46.47
C PRO K 25 -2.73 -40.72 -45.75
N PRO K 26 -2.76 -39.98 -44.64
CA PRO K 26 -1.62 -39.55 -43.85
C PRO K 26 -0.96 -40.70 -43.10
N ALA K 27 0.37 -40.63 -43.00
CA ALA K 27 1.12 -41.51 -42.13
C ALA K 27 1.51 -40.73 -40.89
N TYR K 28 1.72 -41.41 -39.77
CA TYR K 28 2.07 -40.72 -38.54
C TYR K 28 3.25 -41.35 -37.81
N THR K 29 4.02 -40.52 -37.13
CA THR K 29 5.12 -40.99 -36.29
C THR K 29 5.09 -40.34 -34.91
N ASN K 30 5.86 -40.89 -33.98
CA ASN K 30 5.94 -40.36 -32.62
C ASN K 30 7.09 -39.34 -32.47
N SER K 31 6.81 -38.15 -32.01
CA SER K 31 7.84 -37.20 -31.68
C SER K 31 8.21 -37.36 -30.21
N PHE K 32 9.15 -38.26 -29.86
CA PHE K 32 9.34 -38.68 -28.47
C PHE K 32 9.70 -37.52 -27.52
N THR K 33 10.75 -36.76 -27.84
CA THR K 33 11.23 -35.65 -27.04
C THR K 33 11.82 -34.69 -28.02
N ARG K 34 11.05 -34.34 -29.06
CA ARG K 34 11.61 -33.63 -30.16
C ARG K 34 10.99 -32.26 -30.34
N GLY K 35 11.80 -31.30 -30.76
CA GLY K 35 11.27 -29.99 -31.15
C GLY K 35 11.45 -28.91 -30.08
N VAL K 36 12.30 -29.16 -29.09
CA VAL K 36 12.56 -28.16 -28.06
C VAL K 36 13.54 -27.11 -28.57
N TYR K 37 13.26 -25.85 -28.27
CA TYR K 37 14.11 -24.75 -28.73
C TYR K 37 14.36 -23.74 -27.61
N TYR K 38 15.37 -22.90 -27.78
CA TYR K 38 15.70 -21.87 -26.81
C TYR K 38 14.63 -20.77 -26.80
N PRO K 39 13.91 -20.56 -25.69
CA PRO K 39 12.80 -19.64 -25.55
C PRO K 39 13.21 -18.18 -25.64
N ASP K 40 14.47 -17.91 -25.29
CA ASP K 40 15.01 -16.56 -25.41
C ASP K 40 16.52 -16.59 -25.59
N LYS K 41 17.13 -15.42 -25.63
CA LYS K 41 18.54 -15.31 -25.97
C LYS K 41 19.42 -15.02 -24.75
N VAL K 42 18.87 -15.19 -23.56
CA VAL K 42 19.61 -14.93 -22.33
C VAL K 42 20.42 -16.14 -21.92
N PHE K 43 21.69 -15.94 -21.62
CA PHE K 43 22.55 -17.04 -21.23
C PHE K 43 22.21 -17.52 -19.83
N ARG K 44 22.06 -18.84 -19.69
CA ARG K 44 21.84 -19.49 -18.41
C ARG K 44 22.70 -20.72 -18.34
N SER K 45 23.06 -21.14 -17.13
CA SER K 45 23.79 -22.40 -16.96
C SER K 45 23.53 -23.02 -15.60
N SER K 46 23.70 -24.34 -15.52
CA SER K 46 23.55 -25.07 -14.26
C SER K 46 22.25 -24.71 -13.54
N VAL K 47 21.14 -24.73 -14.27
CA VAL K 47 19.87 -24.31 -13.70
C VAL K 47 18.68 -24.99 -14.37
N LEU K 48 17.63 -25.23 -13.60
CA LEU K 48 16.36 -25.69 -14.16
C LEU K 48 15.40 -24.52 -14.29
N HIS K 49 15.03 -24.20 -15.51
CA HIS K 49 14.24 -22.99 -15.79
C HIS K 49 12.86 -23.34 -16.34
N SER K 50 11.83 -22.76 -15.73
CA SER K 50 10.46 -22.99 -16.17
C SER K 50 10.02 -21.93 -17.18
N THR K 51 9.41 -22.37 -18.28
CA THR K 51 8.96 -21.46 -19.32
C THR K 51 7.63 -21.88 -19.94
N GLN K 52 6.83 -20.88 -20.31
CA GLN K 52 5.58 -21.12 -21.02
C GLN K 52 5.65 -20.55 -22.43
N ASP K 53 5.50 -21.41 -23.43
CA ASP K 53 5.62 -21.00 -24.83
C ASP K 53 4.95 -22.00 -25.74
N LEU K 54 5.00 -21.75 -27.05
CA LEU K 54 4.44 -22.67 -28.02
C LEU K 54 5.44 -23.77 -28.36
N PHE K 55 5.19 -24.96 -27.83
CA PHE K 55 6.09 -26.08 -27.98
C PHE K 55 5.37 -27.27 -28.58
N LEU K 56 6.11 -28.17 -29.22
CA LEU K 56 5.55 -29.42 -29.68
C LEU K 56 5.44 -30.40 -28.50
N PRO K 57 4.22 -30.84 -28.14
CA PRO K 57 3.95 -31.75 -27.05
C PRO K 57 4.73 -33.03 -27.21
N PHE K 58 5.19 -33.59 -26.11
CA PHE K 58 5.98 -34.81 -26.16
C PHE K 58 5.14 -36.00 -26.57
N PHE K 59 5.71 -36.86 -27.40
CA PHE K 59 5.07 -38.08 -27.86
C PHE K 59 3.79 -37.82 -28.61
N SER K 60 3.73 -36.68 -29.29
CA SER K 60 2.60 -36.33 -30.14
C SER K 60 2.63 -37.10 -31.44
N ASN K 61 1.52 -37.14 -32.19
CA ASN K 61 1.39 -37.79 -33.45
C ASN K 61 1.75 -36.85 -34.61
N VAL K 62 2.89 -36.98 -35.20
CA VAL K 62 3.41 -36.08 -36.24
C VAL K 62 3.16 -36.64 -37.63
N THR K 63 2.72 -35.79 -38.54
CA THR K 63 2.36 -36.24 -39.88
C THR K 63 3.61 -36.47 -40.73
N TRP K 64 3.67 -37.62 -41.39
CA TRP K 64 4.81 -38.03 -42.19
C TRP K 64 4.50 -38.04 -43.68
N PHE K 65 5.30 -37.30 -44.45
CA PHE K 65 5.13 -37.19 -45.90
C PHE K 65 6.34 -37.72 -46.67
N HIS K 66 6.15 -38.12 -47.92
CA HIS K 66 7.25 -38.54 -48.78
C HIS K 66 7.48 -37.56 -49.92
N ALA K 67 8.72 -37.07 -50.07
CA ALA K 67 9.05 -36.09 -51.09
C ALA K 67 9.36 -36.78 -52.42
N ASP K 80 3.50 -35.68 -53.09
CA ASP K 80 2.96 -35.58 -51.73
C ASP K 80 3.39 -34.26 -51.08
N ASN K 81 2.92 -33.15 -51.65
CA ASN K 81 3.22 -31.82 -51.13
C ASN K 81 1.99 -30.92 -51.15
N PRO K 82 1.01 -31.20 -50.29
CA PRO K 82 -0.25 -30.51 -50.15
C PRO K 82 -0.07 -29.21 -49.41
N VAL K 83 -1.06 -28.32 -49.50
CA VAL K 83 -1.08 -27.15 -48.65
C VAL K 83 -1.60 -27.50 -47.27
N LEU K 84 -0.85 -27.11 -46.25
CA LEU K 84 -1.18 -27.44 -44.87
C LEU K 84 -1.53 -26.17 -44.09
N PRO K 85 -2.36 -26.28 -43.04
CA PRO K 85 -2.68 -25.24 -42.10
C PRO K 85 -1.47 -24.91 -41.25
N PHE K 86 -1.31 -23.64 -40.87
CA PHE K 86 -0.18 -23.20 -40.06
C PHE K 86 -0.51 -23.25 -38.57
N ASN K 87 -1.79 -23.06 -38.25
CA ASN K 87 -2.24 -23.04 -36.86
C ASN K 87 -1.44 -22.04 -36.02
N ASP K 88 -0.85 -22.50 -34.92
CA ASP K 88 -0.15 -21.60 -34.01
C ASP K 88 1.36 -21.64 -34.20
N GLY K 89 1.81 -22.34 -35.23
CA GLY K 89 3.23 -22.53 -35.45
C GLY K 89 3.52 -23.95 -35.83
N VAL K 90 4.65 -24.19 -36.46
CA VAL K 90 4.94 -25.50 -37.01
C VAL K 90 6.33 -26.00 -36.66
N TYR K 91 6.39 -27.27 -36.27
CA TYR K 91 7.65 -27.99 -36.19
C TYR K 91 7.85 -28.78 -37.46
N PHE K 92 8.96 -28.54 -38.14
CA PHE K 92 9.23 -29.19 -39.40
C PHE K 92 10.55 -29.94 -39.34
N ALA K 93 10.59 -31.14 -39.89
CA ALA K 93 11.83 -31.88 -39.94
C ALA K 93 11.92 -32.69 -41.22
N SER K 94 13.14 -32.93 -41.68
CA SER K 94 13.32 -33.76 -42.85
C SER K 94 14.56 -34.63 -42.76
N ILE K 95 14.48 -35.80 -43.38
CA ILE K 95 15.60 -36.71 -43.47
C ILE K 95 15.93 -36.99 -44.92
N GLU K 96 17.11 -36.58 -45.36
CA GLU K 96 17.49 -36.69 -46.75
C GLU K 96 19.00 -36.68 -46.93
N LYS K 97 19.47 -37.13 -48.09
CA LYS K 97 20.89 -37.05 -48.41
C LYS K 97 21.10 -36.40 -49.77
N SER K 98 20.09 -35.68 -50.25
CA SER K 98 20.13 -35.17 -51.62
C SER K 98 19.61 -33.74 -51.77
N ASN K 99 19.37 -33.05 -50.66
CA ASN K 99 18.95 -31.65 -50.72
C ASN K 99 17.74 -31.43 -51.64
N ILE K 100 16.66 -32.17 -51.39
CA ILE K 100 15.45 -32.03 -52.20
C ILE K 100 14.57 -30.92 -51.67
N ILE K 101 14.46 -30.80 -50.35
CA ILE K 101 13.65 -29.75 -49.77
C ILE K 101 14.45 -28.44 -49.73
N ARG K 102 13.99 -27.45 -50.48
CA ARG K 102 14.75 -26.21 -50.65
C ARG K 102 14.17 -25.08 -49.83
N GLY K 103 12.87 -25.12 -49.57
CA GLY K 103 12.24 -24.00 -48.89
C GLY K 103 10.75 -24.22 -48.66
N TRP K 104 10.06 -23.12 -48.39
CA TRP K 104 8.65 -23.16 -48.02
C TRP K 104 7.90 -21.93 -48.52
N ILE K 105 6.59 -22.06 -48.67
CA ILE K 105 5.70 -20.91 -48.86
C ILE K 105 4.81 -20.74 -47.65
N PHE K 106 4.76 -19.52 -47.12
CA PHE K 106 3.87 -19.22 -46.01
C PHE K 106 2.95 -18.06 -46.37
N GLY K 107 1.67 -18.17 -46.08
CA GLY K 107 0.75 -17.09 -46.38
C GLY K 107 -0.68 -17.41 -45.98
N THR K 108 -1.62 -16.70 -46.59
CA THR K 108 -3.03 -16.86 -46.29
C THR K 108 -3.81 -17.30 -47.53
N THR K 109 -3.99 -16.38 -48.46
CA THR K 109 -4.71 -16.67 -49.70
C THR K 109 -3.84 -17.42 -50.69
N LEU K 110 -2.53 -17.23 -50.60
CA LEU K 110 -1.58 -17.85 -51.52
C LEU K 110 -1.82 -17.38 -52.96
N ASP K 111 -2.20 -16.12 -53.09
CA ASP K 111 -2.41 -15.49 -54.39
C ASP K 111 -2.10 -13.99 -54.31
N SER K 112 -2.26 -13.30 -55.42
CA SER K 112 -1.87 -11.88 -55.52
C SER K 112 -2.72 -10.98 -54.63
N LYS K 113 -3.79 -11.52 -54.08
CA LYS K 113 -4.69 -10.74 -53.24
C LYS K 113 -4.04 -10.34 -51.92
N THR K 114 -3.05 -11.11 -51.46
CA THR K 114 -2.44 -10.83 -50.17
C THR K 114 -0.91 -10.96 -50.22
N GLN K 115 -0.23 -10.38 -49.23
CA GLN K 115 1.20 -10.54 -49.09
C GLN K 115 1.52 -11.95 -48.60
N SER K 116 2.50 -12.58 -49.23
CA SER K 116 2.92 -13.92 -48.84
C SER K 116 4.44 -14.01 -48.66
N LEU K 117 4.86 -14.89 -47.78
CA LEU K 117 6.27 -15.07 -47.45
C LEU K 117 6.88 -16.25 -48.18
N LEU K 118 7.92 -16.00 -48.96
CA LEU K 118 8.58 -17.04 -49.73
C LEU K 118 10.02 -17.24 -49.26
N ILE K 119 10.32 -18.44 -48.77
CA ILE K 119 11.66 -18.76 -48.30
C ILE K 119 12.28 -19.85 -49.13
N VAL K 120 13.37 -19.54 -49.82
CA VAL K 120 14.03 -20.53 -50.68
C VAL K 120 15.54 -20.56 -50.44
N ASN K 121 16.12 -21.74 -50.60
CA ASN K 121 17.57 -21.86 -50.56
C ASN K 121 18.13 -22.24 -51.93
N ASN K 122 19.27 -21.64 -52.28
CA ASN K 122 20.02 -22.02 -53.50
C ASN K 122 21.44 -22.44 -53.07
N ALA K 123 22.30 -22.59 -54.13
CA ALA K 123 23.65 -23.16 -53.92
C ALA K 123 24.57 -22.24 -53.11
N THR K 124 24.21 -20.98 -52.98
CA THR K 124 25.09 -20.01 -52.33
C THR K 124 24.42 -19.23 -51.20
N ASN K 125 23.10 -19.14 -51.22
CA ASN K 125 22.38 -18.23 -50.32
C ASN K 125 20.97 -18.70 -49.97
N VAL K 126 20.43 -18.13 -48.90
CA VAL K 126 19.01 -18.21 -48.61
C VAL K 126 18.34 -16.91 -49.05
N VAL K 127 17.25 -17.03 -49.78
CA VAL K 127 16.55 -15.86 -50.28
C VAL K 127 15.13 -15.78 -49.72
N ILE K 128 14.83 -14.67 -49.07
CA ILE K 128 13.54 -14.48 -48.44
C ILE K 128 12.83 -13.23 -48.97
N LYS K 129 11.60 -13.41 -49.43
CA LYS K 129 10.83 -12.29 -49.97
C LYS K 129 9.40 -12.28 -49.48
N VAL K 130 8.84 -11.09 -49.31
CA VAL K 130 7.41 -10.95 -49.05
C VAL K 130 6.77 -10.04 -50.09
N CYS K 131 5.85 -10.60 -50.88
CA CYS K 131 5.20 -9.88 -51.99
C CYS K 131 3.80 -10.43 -52.23
N GLU K 132 3.05 -9.74 -53.09
CA GLU K 132 1.76 -10.26 -53.53
C GLU K 132 1.99 -11.28 -54.63
N PHE K 133 2.58 -12.40 -54.26
CA PHE K 133 2.97 -13.43 -55.22
C PHE K 133 1.77 -14.16 -55.78
N GLN K 134 1.76 -14.34 -57.09
CA GLN K 134 0.76 -15.18 -57.72
C GLN K 134 1.36 -16.56 -57.92
N PHE K 135 1.17 -17.42 -56.93
CA PHE K 135 1.86 -18.71 -56.92
C PHE K 135 1.25 -19.67 -57.92
N CYS K 136 2.06 -20.61 -58.41
CA CYS K 136 1.62 -21.68 -59.30
C CYS K 136 0.70 -22.65 -58.56
N ASN K 137 -0.11 -23.39 -59.29
CA ASN K 137 -1.03 -24.36 -58.68
C ASN K 137 -0.26 -25.47 -57.99
N ASP K 138 0.97 -25.72 -58.46
CA ASP K 138 1.84 -26.72 -57.87
C ASP K 138 3.30 -26.31 -58.05
N PRO K 139 3.79 -25.39 -57.20
CA PRO K 139 5.06 -24.72 -57.30
C PRO K 139 6.22 -25.65 -57.00
N PHE K 140 7.30 -25.49 -57.74
CA PHE K 140 8.53 -26.25 -57.53
C PHE K 140 9.72 -25.57 -58.21
N LEU K 141 10.91 -26.06 -57.92
CA LEU K 141 12.11 -25.57 -58.56
C LEU K 141 12.63 -26.61 -59.55
N ASP K 142 12.81 -26.21 -60.78
CA ASP K 142 13.16 -27.13 -61.87
C ASP K 142 14.66 -27.25 -62.03
N VAL K 143 15.19 -28.47 -61.82
CA VAL K 143 16.65 -28.69 -61.86
C VAL K 143 17.09 -29.49 -63.09
N TYR K 144 18.10 -28.95 -63.79
CA TYR K 144 18.64 -29.55 -65.00
C TYR K 144 19.95 -30.29 -64.71
N MET K 153 22.56 -29.22 -62.03
CA MET K 153 23.36 -28.12 -61.53
C MET K 153 22.61 -26.79 -61.67
N LYS K 154 22.11 -26.51 -62.87
CA LYS K 154 21.33 -25.30 -63.15
C LYS K 154 19.89 -25.48 -62.70
N SER K 155 19.31 -24.42 -62.15
CA SER K 155 17.93 -24.49 -61.68
C SER K 155 17.11 -23.27 -62.10
N GLU K 156 15.81 -23.47 -62.23
CA GLU K 156 14.87 -22.41 -62.55
C GLU K 156 13.64 -22.48 -61.66
N PHE K 157 13.25 -21.36 -61.09
CA PHE K 157 12.13 -21.36 -60.15
C PHE K 157 10.80 -21.34 -60.88
N ARG K 158 9.96 -22.32 -60.57
CA ARG K 158 8.62 -22.39 -61.11
C ARG K 158 7.63 -22.29 -59.96
N VAL K 159 7.81 -21.24 -59.16
CA VAL K 159 7.07 -21.06 -57.93
C VAL K 159 5.92 -20.08 -58.11
N TYR K 160 6.18 -18.99 -58.85
CA TYR K 160 5.19 -17.95 -59.03
C TYR K 160 5.24 -17.36 -60.43
N SER K 161 4.12 -16.76 -60.85
CA SER K 161 4.05 -16.09 -62.15
C SER K 161 4.24 -14.58 -62.03
N SER K 162 4.04 -14.04 -60.83
CA SER K 162 4.22 -12.61 -60.59
C SER K 162 4.58 -12.34 -59.12
N ALA K 163 5.17 -11.19 -58.86
CA ALA K 163 5.59 -10.81 -57.52
C ALA K 163 5.46 -9.30 -57.31
N ASN K 164 4.22 -8.83 -57.25
CA ASN K 164 3.95 -7.40 -57.19
C ASN K 164 3.97 -6.88 -55.78
N ASN K 165 4.12 -5.55 -55.65
CA ASN K 165 4.03 -4.90 -54.31
C ASN K 165 4.84 -5.66 -53.26
N CYS K 166 6.14 -5.80 -53.47
CA CYS K 166 7.01 -6.43 -52.44
C CYS K 166 7.22 -5.51 -51.24
N THR K 167 7.12 -6.08 -50.05
CA THR K 167 7.21 -5.30 -48.81
C THR K 167 8.47 -5.62 -48.00
N PHE K 168 9.06 -6.78 -48.24
CA PHE K 168 10.23 -7.20 -47.47
C PHE K 168 11.17 -8.09 -48.30
N GLU K 169 12.47 -7.90 -48.11
CA GLU K 169 13.46 -8.76 -48.75
C GLU K 169 14.68 -8.98 -47.85
N TYR K 170 15.19 -10.20 -47.86
CA TYR K 170 16.34 -10.59 -47.06
C TYR K 170 17.18 -11.68 -47.73
N VAL K 171 18.50 -11.52 -47.75
CA VAL K 171 19.38 -12.54 -48.29
C VAL K 171 20.56 -12.82 -47.37
N SER K 172 20.88 -14.10 -47.20
CA SER K 172 22.02 -14.51 -46.36
C SER K 172 22.56 -15.86 -46.79
N GLN K 173 23.34 -16.49 -45.92
CA GLN K 173 23.85 -17.83 -46.20
C GLN K 173 22.73 -18.84 -46.02
N PRO K 174 22.77 -19.98 -46.73
CA PRO K 174 21.73 -21.01 -46.76
C PRO K 174 21.36 -21.47 -45.36
N PHE K 175 20.09 -21.71 -45.11
CA PHE K 175 19.64 -22.20 -43.83
C PHE K 175 20.21 -23.59 -43.58
N LEU K 176 19.89 -24.45 -44.53
CA LEU K 176 20.17 -25.88 -44.41
C LEU K 176 21.66 -26.12 -44.61
N MET K 177 22.26 -25.58 -45.65
CA MET K 177 23.64 -25.81 -46.04
C MET K 177 24.61 -24.99 -45.19
N PHE K 186 25.58 -41.84 -43.72
CA PHE K 186 24.49 -41.29 -42.93
C PHE K 186 23.69 -40.24 -43.71
N LYS K 187 22.46 -39.97 -43.26
CA LYS K 187 21.59 -38.96 -43.87
C LYS K 187 21.61 -37.69 -43.03
N ASN K 188 21.14 -36.60 -43.61
CA ASN K 188 21.08 -35.34 -42.90
C ASN K 188 19.70 -35.09 -42.30
N LEU K 189 19.66 -34.92 -40.98
CA LEU K 189 18.41 -34.58 -40.29
C LEU K 189 18.34 -33.09 -40.01
N ARG K 190 17.40 -32.43 -40.65
CA ARG K 190 17.26 -30.99 -40.50
C ARG K 190 15.95 -30.66 -39.81
N GLU K 191 16.03 -29.87 -38.74
CA GLU K 191 14.85 -29.55 -37.96
C GLU K 191 14.64 -28.04 -37.87
N PHE K 192 13.38 -27.63 -37.98
CA PHE K 192 13.02 -26.21 -37.94
C PHE K 192 11.78 -25.96 -37.08
N VAL K 193 11.72 -24.78 -36.48
CA VAL K 193 10.50 -24.32 -35.84
C VAL K 193 10.09 -22.97 -36.39
N PHE K 194 8.84 -22.88 -36.84
CA PHE K 194 8.32 -21.65 -37.42
C PHE K 194 7.24 -21.04 -36.54
N LYS K 195 7.46 -19.81 -36.10
CA LYS K 195 6.49 -19.09 -35.28
C LYS K 195 6.18 -17.73 -35.89
N ASN K 196 4.97 -17.23 -35.68
CA ASN K 196 4.60 -15.90 -36.16
C ASN K 196 3.87 -15.13 -35.07
N ILE K 197 4.61 -14.31 -34.32
CA ILE K 197 4.06 -13.64 -33.15
C ILE K 197 4.32 -12.14 -33.18
N ASP K 198 3.26 -11.36 -33.00
CA ASP K 198 3.37 -9.90 -32.97
C ASP K 198 4.02 -9.35 -34.24
N GLY K 199 3.76 -10.02 -35.36
CA GLY K 199 4.28 -9.56 -36.65
C GLY K 199 5.67 -10.10 -36.94
N TYR K 200 6.28 -10.77 -35.97
CA TYR K 200 7.63 -11.29 -36.15
C TYR K 200 7.62 -12.77 -36.51
N PHE K 201 8.27 -13.11 -37.61
CA PHE K 201 8.38 -14.49 -38.04
C PHE K 201 9.70 -15.08 -37.56
N LYS K 202 9.62 -15.99 -36.61
CA LYS K 202 10.82 -16.51 -35.98
C LYS K 202 11.13 -17.92 -36.47
N ILE K 203 12.41 -18.17 -36.73
CA ILE K 203 12.85 -19.49 -37.14
C ILE K 203 13.94 -20.02 -36.23
N TYR K 204 13.76 -21.25 -35.76
CA TYR K 204 14.77 -21.96 -34.99
C TYR K 204 15.20 -23.18 -35.79
N SER K 205 16.41 -23.67 -35.60
CA SER K 205 16.85 -24.84 -36.35
C SER K 205 17.96 -25.65 -35.70
N LYS K 206 18.10 -26.88 -36.18
CA LYS K 206 19.19 -27.78 -35.78
C LYS K 206 19.53 -28.72 -36.93
N HIS K 207 20.78 -29.15 -36.99
CA HIS K 207 21.21 -30.09 -38.04
C HIS K 207 22.17 -31.13 -37.48
N THR K 208 21.78 -32.38 -37.62
CA THR K 208 22.59 -33.52 -37.22
C THR K 208 22.57 -34.56 -38.33
N PRO K 209 23.47 -35.56 -38.36
CA PRO K 209 23.42 -36.75 -39.11
C PRO K 209 22.44 -37.70 -38.55
N ILE K 210 21.96 -38.62 -39.34
CA ILE K 210 21.13 -39.67 -38.82
C ILE K 210 21.37 -41.00 -39.52
N ASN K 211 21.30 -42.10 -38.73
CA ASN K 211 21.50 -43.43 -39.29
C ASN K 211 20.24 -44.30 -39.19
N LEU K 212 19.12 -43.67 -38.84
CA LEU K 212 17.82 -44.34 -38.75
C LEU K 212 17.02 -44.14 -40.02
N VAL K 213 15.91 -44.90 -40.22
CA VAL K 213 15.35 -44.92 -41.57
C VAL K 213 14.06 -44.13 -41.81
N ARG K 214 12.88 -44.64 -41.43
CA ARG K 214 11.61 -44.00 -41.80
C ARG K 214 10.94 -43.35 -40.59
N ASP K 215 11.81 -42.81 -39.71
CA ASP K 215 11.35 -42.26 -38.43
C ASP K 215 12.33 -41.27 -37.85
N LEU K 216 11.82 -40.48 -36.90
CA LEU K 216 12.62 -39.53 -36.15
C LEU K 216 13.31 -40.24 -34.99
N PRO K 217 14.50 -39.78 -34.60
CA PRO K 217 15.34 -40.33 -33.54
C PRO K 217 14.82 -39.96 -32.16
N GLN K 218 15.18 -40.78 -31.18
CA GLN K 218 14.93 -40.48 -29.78
C GLN K 218 16.10 -39.70 -29.20
N GLY K 219 15.92 -39.16 -28.01
CA GLY K 219 16.97 -38.40 -27.35
C GLY K 219 16.70 -36.91 -27.43
N PHE K 220 17.43 -36.13 -26.65
CA PHE K 220 17.16 -34.70 -26.57
C PHE K 220 18.12 -33.88 -27.43
N SER K 221 17.56 -32.88 -28.11
CA SER K 221 18.35 -31.92 -28.86
C SER K 221 17.57 -30.61 -28.97
N ALA K 222 18.21 -29.49 -28.60
CA ALA K 222 17.55 -28.20 -28.66
C ALA K 222 17.89 -27.45 -29.94
N LEU K 223 16.90 -26.74 -30.47
CA LEU K 223 17.05 -25.95 -31.68
C LEU K 223 17.40 -24.50 -31.35
N GLU K 224 18.42 -23.98 -32.03
CA GLU K 224 18.88 -22.62 -31.78
C GLU K 224 18.17 -21.65 -32.72
N PRO K 225 18.01 -20.39 -32.32
CA PRO K 225 17.49 -19.30 -33.13
C PRO K 225 18.30 -19.16 -34.42
N LEU K 226 17.60 -18.99 -35.53
CA LEU K 226 18.24 -18.84 -36.82
C LEU K 226 18.06 -17.43 -37.37
N VAL K 227 16.82 -16.95 -37.35
CA VAL K 227 16.51 -15.61 -37.81
C VAL K 227 15.19 -15.10 -37.22
N ASP K 228 15.09 -13.78 -37.12
CA ASP K 228 13.87 -13.13 -36.62
C ASP K 228 13.47 -11.99 -37.55
N LEU K 229 12.42 -12.19 -38.33
CA LEU K 229 12.07 -11.25 -39.40
C LEU K 229 10.84 -10.38 -39.06
N PRO K 230 11.00 -9.05 -39.09
CA PRO K 230 10.00 -8.04 -38.83
C PRO K 230 9.10 -7.85 -40.04
N ILE K 231 8.30 -8.85 -40.36
CA ILE K 231 7.54 -8.86 -41.60
C ILE K 231 6.16 -8.21 -41.46
N GLY K 232 5.43 -8.57 -40.42
CA GLY K 232 4.14 -7.93 -40.15
C GLY K 232 2.98 -8.46 -41.00
N ILE K 233 2.99 -9.76 -41.32
CA ILE K 233 1.88 -10.34 -42.07
C ILE K 233 1.30 -11.54 -41.33
N ASN K 234 0.04 -11.88 -41.66
CA ASN K 234 -0.62 -13.06 -41.15
C ASN K 234 -0.24 -14.30 -41.94
N ILE K 235 -0.10 -15.44 -41.28
CA ILE K 235 0.11 -16.74 -41.92
C ILE K 235 -0.87 -17.76 -41.40
N THR K 236 -1.59 -18.41 -42.30
CA THR K 236 -2.59 -19.40 -41.92
C THR K 236 -2.38 -20.73 -42.65
N ARG K 237 -1.66 -20.69 -43.76
CA ARG K 237 -1.39 -21.88 -44.57
C ARG K 237 0.07 -21.89 -45.04
N PHE K 238 0.61 -23.08 -45.30
CA PHE K 238 1.96 -23.19 -45.83
C PHE K 238 2.15 -24.41 -46.71
N GLN K 239 3.23 -24.41 -47.50
CA GLN K 239 3.55 -25.50 -48.40
C GLN K 239 5.07 -25.67 -48.52
N THR K 240 5.53 -26.87 -48.84
CA THR K 240 6.96 -27.13 -49.00
C THR K 240 7.41 -26.87 -50.42
N LEU K 241 8.65 -26.44 -50.59
CA LEU K 241 9.22 -26.27 -51.92
C LEU K 241 10.31 -27.29 -52.19
N LEU K 242 10.08 -28.11 -53.22
CA LEU K 242 10.99 -29.19 -53.55
C LEU K 242 11.72 -28.92 -54.87
N ALA K 243 12.95 -29.42 -54.96
CA ALA K 243 13.71 -29.39 -56.20
C ALA K 243 13.49 -30.68 -56.97
N LEU K 244 12.99 -30.56 -58.19
CA LEU K 244 12.69 -31.71 -59.01
C LEU K 244 13.57 -31.75 -60.25
N HIS K 245 14.09 -32.93 -60.58
CA HIS K 245 14.96 -33.08 -61.74
C HIS K 245 14.15 -33.43 -62.97
N ARG K 246 14.63 -32.98 -64.13
CA ARG K 246 14.01 -33.31 -65.41
C ARG K 246 13.82 -34.82 -65.59
N ALA K 263 13.72 -38.83 -50.09
CA ALA K 263 13.62 -37.89 -48.98
C ALA K 263 12.22 -37.86 -48.38
N ALA K 264 12.13 -37.47 -47.10
CA ALA K 264 10.86 -37.40 -46.39
C ALA K 264 10.85 -36.24 -45.40
N TYR K 265 9.65 -35.76 -45.09
CA TYR K 265 9.51 -34.69 -44.12
C TYR K 265 8.37 -34.90 -43.16
N TYR K 266 8.47 -34.25 -42.01
CA TYR K 266 7.52 -34.41 -40.92
C TYR K 266 6.95 -33.08 -40.49
N VAL K 267 5.66 -33.04 -40.19
CA VAL K 267 5.01 -31.81 -39.74
C VAL K 267 4.25 -32.00 -38.44
N GLY K 268 4.62 -31.24 -37.43
CA GLY K 268 3.92 -31.25 -36.16
C GLY K 268 3.49 -29.83 -35.79
N TYR K 269 2.50 -29.70 -34.94
CA TYR K 269 2.00 -28.38 -34.59
C TYR K 269 2.29 -28.03 -33.15
N LEU K 270 2.64 -26.78 -32.92
CA LEU K 270 2.99 -26.29 -31.60
C LEU K 270 1.74 -25.95 -30.80
N GLN K 271 1.82 -26.11 -29.50
CA GLN K 271 0.75 -25.73 -28.60
C GLN K 271 1.35 -25.00 -27.39
N PRO K 272 0.57 -24.14 -26.74
CA PRO K 272 0.91 -23.45 -25.52
C PRO K 272 1.05 -24.42 -24.35
N ARG K 273 2.30 -24.70 -24.00
CA ARG K 273 2.67 -25.69 -22.99
C ARG K 273 3.74 -25.16 -22.04
N THR K 274 3.69 -25.59 -20.77
CA THR K 274 4.73 -25.23 -19.84
C THR K 274 5.79 -26.32 -19.78
N PHE K 275 7.04 -25.90 -19.97
CA PHE K 275 8.19 -26.81 -19.94
C PHE K 275 9.15 -26.47 -18.82
N LEU K 276 9.79 -27.48 -18.26
CA LEU K 276 10.92 -27.29 -17.38
C LEU K 276 12.20 -27.66 -18.12
N LEU K 277 13.07 -26.69 -18.33
CA LEU K 277 14.27 -26.91 -19.14
C LEU K 277 15.53 -27.00 -18.30
N LYS K 278 16.35 -27.99 -18.61
CA LYS K 278 17.61 -28.18 -17.90
C LYS K 278 18.79 -27.60 -18.67
N TYR K 279 19.35 -26.52 -18.15
CA TYR K 279 20.54 -25.92 -18.73
C TYR K 279 21.78 -26.49 -18.06
N ASN K 280 22.68 -27.09 -18.83
CA ASN K 280 23.86 -27.71 -18.25
C ASN K 280 24.89 -26.64 -17.87
N GLU K 281 26.04 -27.08 -17.41
CA GLU K 281 27.10 -26.16 -16.97
C GLU K 281 27.63 -25.29 -18.12
N ASN K 282 27.39 -25.72 -19.37
CA ASN K 282 27.86 -25.02 -20.56
C ASN K 282 26.76 -24.16 -21.21
N GLY K 283 25.60 -24.10 -20.56
CA GLY K 283 24.50 -23.22 -20.98
C GLY K 283 23.66 -23.79 -22.12
N THR K 284 23.83 -25.08 -22.42
CA THR K 284 23.05 -25.71 -23.45
C THR K 284 21.93 -26.53 -22.80
N ILE K 285 20.74 -26.49 -23.40
CA ILE K 285 19.62 -27.28 -22.88
C ILE K 285 19.82 -28.74 -23.22
N THR K 286 19.80 -29.60 -22.22
CA THR K 286 20.11 -31.02 -22.41
C THR K 286 18.96 -31.94 -22.04
N ASP K 287 17.95 -31.40 -21.37
CA ASP K 287 16.80 -32.19 -20.93
C ASP K 287 15.60 -31.28 -20.72
N ALA K 288 14.41 -31.87 -20.70
CA ALA K 288 13.19 -31.10 -20.49
C ALA K 288 12.03 -31.95 -20.00
N VAL K 289 11.13 -31.31 -19.26
CA VAL K 289 9.87 -31.94 -18.84
C VAL K 289 8.67 -31.21 -19.43
N ASP K 290 7.82 -31.96 -20.14
CA ASP K 290 6.57 -31.43 -20.64
C ASP K 290 5.51 -31.57 -19.55
N CYS K 291 5.20 -30.47 -18.87
CA CYS K 291 4.49 -30.51 -17.57
C CYS K 291 3.07 -31.00 -17.73
N ALA K 292 2.50 -30.92 -18.91
CA ALA K 292 1.11 -31.28 -19.14
C ALA K 292 0.96 -32.68 -19.70
N LEU K 293 2.05 -33.43 -19.78
CA LEU K 293 2.03 -34.76 -20.38
C LEU K 293 1.33 -35.79 -19.50
N ASP K 294 1.71 -35.86 -18.24
CA ASP K 294 1.15 -36.82 -17.30
C ASP K 294 1.37 -36.33 -15.86
N PRO K 295 0.72 -36.93 -14.84
CA PRO K 295 0.79 -36.55 -13.45
C PRO K 295 2.20 -36.59 -12.89
N LEU K 296 3.05 -37.47 -13.43
CA LEU K 296 4.44 -37.53 -12.98
C LEU K 296 5.21 -36.32 -13.46
N SER K 297 4.95 -35.90 -14.69
CA SER K 297 5.58 -34.72 -15.24
C SER K 297 5.14 -33.49 -14.49
N GLU K 298 3.87 -33.44 -14.11
CA GLU K 298 3.36 -32.34 -13.31
C GLU K 298 4.02 -32.34 -11.93
N THR K 299 4.28 -33.52 -11.39
CA THR K 299 4.99 -33.63 -10.11
C THR K 299 6.42 -33.12 -10.22
N LYS K 300 7.10 -33.52 -11.29
CA LYS K 300 8.47 -33.07 -11.53
C LYS K 300 8.55 -31.55 -11.67
N CYS K 301 7.57 -30.96 -12.35
CA CYS K 301 7.50 -29.51 -12.54
C CYS K 301 7.13 -28.79 -11.24
N THR K 302 6.24 -29.38 -10.46
CA THR K 302 5.85 -28.83 -9.17
C THR K 302 7.02 -28.79 -8.21
N LEU K 303 7.80 -29.86 -8.21
CA LEU K 303 8.96 -29.96 -7.33
C LEU K 303 10.19 -29.34 -7.99
N LYS K 304 10.04 -28.89 -9.22
CA LYS K 304 11.14 -28.34 -10.01
C LYS K 304 12.37 -29.24 -9.95
N SER K 305 12.16 -30.51 -10.25
CA SER K 305 13.23 -31.50 -10.24
C SER K 305 12.97 -32.63 -11.24
N PHE K 306 14.05 -33.16 -11.81
CA PHE K 306 13.91 -34.26 -12.77
C PHE K 306 13.90 -35.63 -12.08
N THR K 307 14.16 -35.64 -10.78
CA THR K 307 14.10 -36.86 -9.99
C THR K 307 13.17 -36.67 -8.81
N VAL K 308 12.27 -37.63 -8.60
CA VAL K 308 11.30 -37.52 -7.53
C VAL K 308 11.39 -38.69 -6.56
N GLU K 309 11.41 -38.36 -5.27
CA GLU K 309 11.48 -39.37 -4.22
C GLU K 309 10.12 -40.00 -3.95
N LYS K 310 10.13 -41.18 -3.36
CA LYS K 310 8.90 -41.84 -2.97
C LYS K 310 8.09 -40.97 -2.03
N GLY K 311 6.79 -40.84 -2.31
CA GLY K 311 5.92 -40.04 -1.46
C GLY K 311 4.63 -39.64 -2.16
N ILE K 312 3.87 -38.77 -1.49
CA ILE K 312 2.63 -38.23 -2.02
C ILE K 312 2.74 -36.72 -2.15
N TYR K 313 2.42 -36.17 -3.31
CA TYR K 313 2.62 -34.76 -3.55
C TYR K 313 1.38 -34.08 -4.11
N GLN K 314 1.01 -32.94 -3.54
CA GLN K 314 -0.04 -32.13 -4.14
C GLN K 314 0.53 -31.32 -5.27
N THR K 315 -0.06 -31.45 -6.45
CA THR K 315 0.50 -30.82 -7.62
C THR K 315 -0.44 -29.81 -8.26
N SER K 316 -1.74 -29.96 -8.05
CA SER K 316 -2.71 -29.10 -8.69
C SER K 316 -4.03 -29.11 -7.96
N ASN K 317 -4.94 -28.24 -8.37
CA ASN K 317 -6.29 -28.25 -7.85
C ASN K 317 -7.28 -28.49 -8.97
N PHE K 318 -8.24 -29.37 -8.75
CA PHE K 318 -9.28 -29.62 -9.74
C PHE K 318 -10.47 -28.75 -9.44
N ARG K 319 -11.25 -28.43 -10.47
CA ARG K 319 -12.47 -27.68 -10.31
C ARG K 319 -13.47 -28.01 -11.41
N VAL K 320 -14.69 -28.32 -11.00
CA VAL K 320 -15.76 -28.58 -11.95
C VAL K 320 -16.16 -27.30 -12.66
N GLN K 321 -16.17 -27.33 -13.97
CA GLN K 321 -16.50 -26.16 -14.77
C GLN K 321 -17.99 -26.10 -15.03
N PRO K 322 -18.55 -24.90 -15.22
CA PRO K 322 -19.93 -24.65 -15.54
C PRO K 322 -20.31 -25.31 -16.85
N THR K 323 -21.44 -26.01 -16.84
CA THR K 323 -21.94 -26.71 -18.00
C THR K 323 -22.64 -25.75 -18.96
N GLU K 324 -23.20 -24.68 -18.41
CA GLU K 324 -23.89 -23.67 -19.19
C GLU K 324 -24.00 -22.35 -18.44
N SER K 325 -24.46 -21.32 -19.15
CA SER K 325 -24.67 -20.00 -18.54
C SER K 325 -26.12 -19.56 -18.64
N ILE K 326 -26.71 -19.22 -17.51
CA ILE K 326 -28.12 -18.83 -17.46
C ILE K 326 -28.29 -17.39 -17.00
N VAL K 327 -29.27 -16.70 -17.56
CA VAL K 327 -29.56 -15.32 -17.22
C VAL K 327 -31.02 -15.14 -16.82
N ARG K 328 -31.25 -14.54 -15.66
CA ARG K 328 -32.61 -14.36 -15.17
C ARG K 328 -32.88 -12.92 -14.76
N PHE K 329 -33.59 -12.19 -15.60
CA PHE K 329 -33.99 -10.81 -15.35
C PHE K 329 -35.51 -10.73 -15.16
N PRO K 330 -36.03 -9.66 -14.58
CA PRO K 330 -37.44 -9.37 -14.39
C PRO K 330 -38.16 -9.36 -15.72
N ASN K 331 -39.48 -9.59 -15.66
CA ASN K 331 -40.30 -9.65 -16.90
C ASN K 331 -40.93 -8.27 -17.16
N ILE K 332 -40.14 -7.32 -17.64
CA ILE K 332 -40.67 -5.93 -17.84
C ILE K 332 -40.98 -5.72 -19.32
N THR K 333 -42.18 -5.24 -19.64
CA THR K 333 -42.58 -5.11 -21.06
C THR K 333 -42.41 -3.68 -21.56
N ASN K 334 -42.40 -2.69 -20.67
CA ASN K 334 -42.34 -1.31 -21.11
C ASN K 334 -40.89 -0.80 -21.12
N LEU K 335 -40.57 0.05 -22.08
CA LEU K 335 -39.26 0.69 -22.11
C LEU K 335 -39.28 1.98 -21.31
N CYS K 336 -38.15 2.31 -20.69
CA CYS K 336 -38.01 3.49 -19.85
C CYS K 336 -38.05 4.78 -20.70
N PRO K 337 -38.74 5.82 -20.18
CA PRO K 337 -39.08 7.06 -20.84
C PRO K 337 -37.91 8.02 -20.86
N PHE K 338 -36.78 7.58 -21.38
CA PHE K 338 -35.62 8.45 -21.41
C PHE K 338 -35.78 9.50 -22.49
N GLY K 339 -36.44 9.14 -23.58
CA GLY K 339 -36.63 10.08 -24.68
C GLY K 339 -37.40 11.31 -24.24
N GLU K 340 -38.36 11.11 -23.36
CA GLU K 340 -39.21 12.19 -22.88
C GLU K 340 -38.51 13.06 -21.84
N VAL K 341 -37.32 12.64 -21.43
CA VAL K 341 -36.54 13.40 -20.45
C VAL K 341 -35.58 14.33 -21.16
N PHE K 342 -34.94 13.84 -22.20
CA PHE K 342 -33.89 14.57 -22.91
C PHE K 342 -34.39 15.44 -24.07
N ASN K 343 -35.52 15.06 -24.69
CA ASN K 343 -36.06 15.81 -25.84
C ASN K 343 -37.23 16.71 -25.42
N ALA K 344 -37.29 17.12 -24.14
CA ALA K 344 -38.31 18.07 -23.66
C ALA K 344 -38.16 19.42 -24.36
N THR K 345 -39.29 20.05 -24.67
CA THR K 345 -39.25 21.35 -25.33
C THR K 345 -38.70 22.42 -24.40
N ARG K 346 -38.99 22.30 -23.11
CA ARG K 346 -38.52 23.27 -22.13
C ARG K 346 -37.86 22.58 -20.95
N PHE K 347 -36.85 23.24 -20.39
CA PHE K 347 -36.10 22.71 -19.26
C PHE K 347 -36.21 23.63 -18.06
N ALA K 348 -36.08 23.06 -16.88
CA ALA K 348 -36.17 23.82 -15.63
C ALA K 348 -34.90 24.61 -15.36
N SER K 349 -35.03 25.62 -14.52
CA SER K 349 -33.90 26.39 -14.04
C SER K 349 -33.08 25.57 -13.07
N VAL K 350 -31.89 26.03 -12.76
CA VAL K 350 -31.00 25.32 -11.85
C VAL K 350 -31.46 25.47 -10.39
N TYR K 351 -32.07 26.61 -10.06
CA TYR K 351 -32.53 26.85 -8.70
C TYR K 351 -33.77 26.02 -8.38
N ALA K 352 -34.51 25.65 -9.43
CA ALA K 352 -35.72 24.85 -9.29
C ALA K 352 -35.63 23.64 -10.19
N TRP K 353 -34.57 22.86 -10.02
CA TRP K 353 -34.30 21.72 -10.88
C TRP K 353 -35.45 20.71 -10.85
N ASN K 354 -35.66 20.04 -11.98
CA ASN K 354 -36.78 19.11 -12.12
C ASN K 354 -36.36 17.66 -11.91
N ARG K 355 -37.21 16.90 -11.22
CA ARG K 355 -36.93 15.49 -10.95
C ARG K 355 -37.96 14.58 -11.63
N LYS K 356 -37.47 13.64 -12.43
CA LYS K 356 -38.31 12.64 -13.05
C LYS K 356 -37.92 11.24 -12.59
N ARG K 357 -38.88 10.50 -12.06
CA ARG K 357 -38.62 9.15 -11.57
C ARG K 357 -38.84 8.10 -12.65
N ILE K 358 -37.84 7.25 -12.84
CA ILE K 358 -37.91 6.16 -13.81
C ILE K 358 -38.01 4.82 -13.10
N SER K 359 -39.03 4.05 -13.44
CA SER K 359 -39.27 2.77 -12.79
C SER K 359 -40.14 1.84 -13.62
N ASN K 360 -40.13 0.57 -13.23
CA ASN K 360 -41.00 -0.47 -13.80
C ASN K 360 -40.85 -0.55 -15.32
N CYS K 361 -39.61 -0.65 -15.79
CA CYS K 361 -39.28 -0.62 -17.20
C CYS K 361 -37.90 -1.20 -17.53
N VAL K 362 -37.64 -1.33 -18.82
CA VAL K 362 -36.32 -1.72 -19.34
C VAL K 362 -35.58 -0.51 -19.92
N ALA K 363 -34.28 -0.42 -19.65
CA ALA K 363 -33.52 0.75 -20.06
C ALA K 363 -32.40 0.42 -21.04
N ASP K 364 -32.36 1.11 -22.17
CA ASP K 364 -31.25 0.92 -23.11
C ASP K 364 -30.30 2.13 -23.08
N TYR K 365 -29.17 1.97 -22.42
CA TYR K 365 -28.23 3.07 -22.26
C TYR K 365 -27.29 3.18 -23.47
N SER K 366 -27.41 2.23 -24.39
CA SER K 366 -26.55 2.19 -25.55
C SER K 366 -26.84 3.35 -26.50
N VAL K 367 -28.04 3.90 -26.38
CA VAL K 367 -28.44 5.05 -27.19
C VAL K 367 -27.87 6.33 -26.61
N LEU K 368 -27.51 6.31 -25.33
CA LEU K 368 -27.06 7.51 -24.64
C LEU K 368 -25.55 7.65 -24.67
N TYR K 369 -24.85 6.59 -24.29
CA TYR K 369 -23.40 6.64 -24.18
C TYR K 369 -22.73 6.76 -25.54
N ASN K 370 -23.35 6.17 -26.54
CA ASN K 370 -22.77 6.14 -27.86
C ASN K 370 -23.24 7.32 -28.68
N SER K 371 -23.95 8.24 -28.05
CA SER K 371 -24.46 9.43 -28.74
C SER K 371 -23.37 10.48 -28.92
N ALA K 372 -23.36 11.11 -30.09
CA ALA K 372 -22.40 12.16 -30.39
C ALA K 372 -22.91 13.53 -29.96
N SER K 373 -24.13 13.58 -29.44
CA SER K 373 -24.79 14.84 -29.13
C SER K 373 -24.39 15.41 -27.77
N PHE K 374 -23.68 14.62 -26.97
CA PHE K 374 -23.33 15.03 -25.63
C PHE K 374 -21.90 15.55 -25.53
N SER K 375 -21.74 16.66 -24.82
CA SER K 375 -20.42 17.24 -24.61
C SER K 375 -19.78 16.66 -23.36
N THR K 376 -20.60 16.25 -22.41
CA THR K 376 -20.13 15.64 -21.17
C THR K 376 -20.93 14.37 -20.85
N PHE K 377 -20.23 13.33 -20.44
CA PHE K 377 -20.86 12.07 -20.02
C PHE K 377 -20.03 11.39 -18.94
N LYS K 378 -20.11 11.88 -17.71
CA LYS K 378 -19.22 11.38 -16.70
C LYS K 378 -19.94 10.49 -15.68
N CYS K 379 -19.45 9.26 -15.51
CA CYS K 379 -20.08 8.31 -14.56
C CYS K 379 -19.21 8.10 -13.35
N TYR K 380 -19.89 7.98 -12.19
CA TYR K 380 -19.24 7.72 -10.93
C TYR K 380 -19.74 6.44 -10.29
N GLY K 381 -18.82 5.54 -9.96
CA GLY K 381 -19.16 4.29 -9.29
C GLY K 381 -19.57 3.20 -10.27
N VAL K 382 -19.70 3.54 -11.54
CA VAL K 382 -20.13 2.59 -12.56
C VAL K 382 -19.62 2.96 -13.94
N CYS K 383 -19.37 1.95 -14.79
CA CYS K 383 -18.99 2.09 -16.15
C CYS K 383 -20.23 2.10 -17.05
N PRO K 384 -20.41 3.09 -17.94
CA PRO K 384 -21.53 3.25 -18.85
C PRO K 384 -21.65 2.10 -19.84
N THR K 385 -20.54 1.42 -20.10
CA THR K 385 -20.56 0.29 -21.03
C THR K 385 -21.01 -0.98 -20.34
N LYS K 386 -20.94 -0.98 -19.01
CA LYS K 386 -21.36 -2.12 -18.22
C LYS K 386 -22.73 -1.87 -17.61
N LEU K 387 -23.17 -0.62 -17.67
CA LEU K 387 -24.47 -0.23 -17.12
C LEU K 387 -25.60 -0.93 -17.86
N ASN K 388 -25.31 -1.42 -19.06
CA ASN K 388 -26.33 -1.97 -19.94
C ASN K 388 -26.78 -3.37 -19.53
N ASP K 389 -26.23 -3.92 -18.46
CA ASP K 389 -26.73 -5.20 -17.98
C ASP K 389 -26.89 -5.21 -16.47
N LEU K 390 -27.01 -4.03 -15.87
CA LEU K 390 -27.25 -3.92 -14.44
C LEU K 390 -28.72 -3.63 -14.14
N CYS K 391 -29.13 -3.88 -12.90
CA CYS K 391 -30.50 -3.60 -12.45
C CYS K 391 -30.51 -2.67 -11.24
N PHE K 392 -31.60 -1.91 -11.11
CA PHE K 392 -31.76 -0.93 -10.04
C PHE K 392 -33.18 -0.94 -9.48
N THR K 393 -33.33 -0.44 -8.25
CA THR K 393 -34.64 -0.30 -7.64
C THR K 393 -35.32 0.96 -8.12
N ASN K 394 -34.53 1.99 -8.40
CA ASN K 394 -35.04 3.25 -8.93
C ASN K 394 -33.97 4.02 -9.69
N VAL K 395 -34.38 4.79 -10.69
CA VAL K 395 -33.50 5.74 -11.34
C VAL K 395 -34.14 7.12 -11.38
N TYR K 396 -33.41 8.13 -10.93
CA TYR K 396 -33.94 9.49 -10.93
C TYR K 396 -33.17 10.40 -11.88
N ALA K 397 -33.90 11.07 -12.76
CA ALA K 397 -33.31 11.98 -13.73
C ALA K 397 -33.53 13.44 -13.34
N ASP K 398 -32.46 14.10 -12.93
CA ASP K 398 -32.52 15.50 -12.53
C ASP K 398 -32.12 16.40 -13.69
N SER K 399 -33.00 17.32 -14.07
CA SER K 399 -32.79 18.12 -15.27
C SER K 399 -32.90 19.63 -15.05
N PHE K 400 -31.95 20.36 -15.63
CA PHE K 400 -31.90 21.82 -15.52
C PHE K 400 -30.99 22.45 -16.58
N VAL K 401 -30.97 23.79 -16.64
CA VAL K 401 -30.09 24.53 -17.55
C VAL K 401 -29.12 25.45 -16.82
N ILE K 402 -27.83 25.35 -17.18
CA ILE K 402 -26.77 26.22 -16.63
C ILE K 402 -25.85 26.74 -17.72
N ARG K 403 -24.95 27.67 -17.37
CA ARG K 403 -23.91 28.13 -18.28
C ARG K 403 -22.78 27.11 -18.37
N GLY K 404 -22.02 27.15 -19.45
CA GLY K 404 -20.95 26.17 -19.70
C GLY K 404 -19.90 26.12 -18.60
N ASP K 405 -19.54 27.28 -18.08
CA ASP K 405 -18.50 27.35 -17.07
C ASP K 405 -18.93 26.70 -15.76
N GLU K 406 -20.23 26.48 -15.61
CA GLU K 406 -20.77 25.92 -14.37
C GLU K 406 -20.93 24.41 -14.44
N VAL K 407 -20.68 23.82 -15.60
CA VAL K 407 -20.89 22.39 -15.79
C VAL K 407 -19.98 21.58 -14.88
N ARG K 408 -18.78 22.08 -14.66
CA ARG K 408 -17.79 21.38 -13.84
C ARG K 408 -18.25 21.26 -12.38
N GLN K 409 -19.24 22.06 -11.99
CA GLN K 409 -19.74 22.04 -10.62
C GLN K 409 -20.71 20.88 -10.41
N ILE K 410 -21.15 20.26 -11.51
CA ILE K 410 -22.06 19.14 -11.40
C ILE K 410 -21.28 17.85 -11.23
N ALA K 411 -20.79 17.65 -10.02
CA ALA K 411 -19.96 16.51 -9.67
C ALA K 411 -19.85 16.44 -8.15
N PRO K 412 -19.64 15.25 -7.59
CA PRO K 412 -19.48 14.99 -6.17
C PRO K 412 -18.26 15.70 -5.60
N GLY K 413 -18.43 16.32 -4.45
CA GLY K 413 -17.32 16.96 -3.73
C GLY K 413 -17.00 18.36 -4.25
N GLN K 414 -17.80 18.87 -5.18
CA GLN K 414 -17.53 20.19 -5.74
C GLN K 414 -18.19 21.31 -4.94
N THR K 415 -17.63 22.51 -5.08
CA THR K 415 -18.18 23.71 -4.44
C THR K 415 -18.39 24.81 -5.48
N GLY K 416 -19.12 25.84 -5.12
CA GLY K 416 -19.40 26.96 -6.00
C GLY K 416 -20.87 27.37 -5.97
N LYS K 417 -21.21 28.40 -6.73
CA LYS K 417 -22.56 28.96 -6.67
C LYS K 417 -23.63 27.92 -6.99
N ILE K 418 -23.36 27.04 -7.94
CA ILE K 418 -24.33 26.03 -8.31
C ILE K 418 -24.28 24.86 -7.35
N ALA K 419 -23.09 24.36 -7.09
CA ALA K 419 -22.92 23.22 -6.21
C ALA K 419 -23.43 23.52 -4.81
N ASP K 420 -23.29 24.75 -4.35
CA ASP K 420 -23.65 25.11 -2.99
C ASP K 420 -25.07 25.62 -2.82
N TYR K 421 -25.58 26.37 -3.80
CA TYR K 421 -26.84 27.07 -3.61
C TYR K 421 -27.97 26.61 -4.54
N ASN K 422 -27.67 25.76 -5.51
CA ASN K 422 -28.69 25.38 -6.48
C ASN K 422 -28.89 23.87 -6.57
N TYR K 423 -27.82 23.13 -6.80
CA TYR K 423 -27.93 21.69 -7.02
C TYR K 423 -26.72 20.95 -6.44
N LYS K 424 -26.93 20.21 -5.36
CA LYS K 424 -25.85 19.53 -4.68
C LYS K 424 -25.91 18.02 -4.82
N LEU K 425 -24.79 17.42 -5.20
CA LEU K 425 -24.65 15.97 -5.21
C LEU K 425 -23.84 15.52 -4.00
N PRO K 426 -24.12 14.33 -3.47
CA PRO K 426 -23.43 13.70 -2.35
C PRO K 426 -22.05 13.22 -2.75
N ASP K 427 -21.17 13.09 -1.76
CA ASP K 427 -19.80 12.65 -2.01
C ASP K 427 -19.74 11.21 -2.51
N ASP K 428 -20.75 10.42 -2.16
CA ASP K 428 -20.82 9.02 -2.57
C ASP K 428 -21.81 8.82 -3.72
N PHE K 429 -22.02 9.86 -4.51
CA PHE K 429 -22.94 9.79 -5.64
C PHE K 429 -22.59 8.67 -6.60
N THR K 430 -23.60 7.89 -6.97
CA THR K 430 -23.44 6.86 -7.99
C THR K 430 -24.39 7.14 -9.16
N GLY K 431 -23.82 7.27 -10.35
CA GLY K 431 -24.62 7.59 -11.52
C GLY K 431 -23.81 8.38 -12.55
N CYS K 432 -24.52 8.98 -13.52
CA CYS K 432 -23.86 9.65 -14.66
C CYS K 432 -24.39 11.07 -14.88
N VAL K 433 -23.46 11.97 -15.16
CA VAL K 433 -23.79 13.36 -15.48
C VAL K 433 -23.69 13.62 -16.98
N ILE K 434 -24.81 13.96 -17.59
CA ILE K 434 -24.88 14.16 -19.03
C ILE K 434 -25.27 15.60 -19.37
N ALA K 435 -24.48 16.24 -20.23
CA ALA K 435 -24.76 17.63 -20.58
C ALA K 435 -24.45 17.92 -22.04
N TRP K 436 -25.16 18.90 -22.59
CA TRP K 436 -24.93 19.34 -23.96
C TRP K 436 -25.25 20.81 -24.16
N ASN K 437 -24.61 21.43 -25.14
CA ASN K 437 -24.85 22.84 -25.49
C ASN K 437 -26.22 23.02 -26.13
N SER K 438 -26.96 24.01 -25.65
CA SER K 438 -28.29 24.29 -26.17
C SER K 438 -28.44 25.73 -26.62
N ASN K 439 -27.36 26.31 -27.09
CA ASN K 439 -27.35 27.71 -27.51
C ASN K 439 -28.37 27.98 -28.60
N ASN K 440 -28.67 26.98 -29.41
CA ASN K 440 -29.60 27.16 -30.52
C ASN K 440 -31.05 27.05 -30.07
N LEU K 441 -31.27 26.65 -28.82
CA LEU K 441 -32.62 26.43 -28.33
C LEU K 441 -32.98 27.32 -27.14
N ASP K 442 -32.02 27.53 -26.24
CA ASP K 442 -32.29 28.23 -24.98
C ASP K 442 -31.78 29.66 -24.97
N SER K 443 -31.20 30.12 -26.06
CA SER K 443 -30.70 31.49 -26.13
C SER K 443 -31.61 32.37 -26.98
N LYS K 444 -31.60 33.66 -26.70
CA LYS K 444 -32.40 34.62 -27.45
C LYS K 444 -31.58 35.85 -27.81
N VAL K 445 -31.93 36.49 -28.92
CA VAL K 445 -31.15 37.63 -29.40
C VAL K 445 -31.08 38.75 -28.37
N GLY K 446 -32.19 38.99 -27.67
CA GLY K 446 -32.23 40.03 -26.67
C GLY K 446 -31.90 39.49 -25.26
N GLY K 447 -31.52 38.22 -25.20
CA GLY K 447 -31.24 37.56 -23.92
C GLY K 447 -32.46 36.78 -23.45
N ASN K 448 -32.23 35.58 -22.91
CA ASN K 448 -33.32 34.75 -22.42
C ASN K 448 -33.36 34.73 -20.89
N TYR K 449 -33.99 35.74 -20.30
CA TYR K 449 -33.93 35.89 -18.86
C TYR K 449 -34.94 34.98 -18.17
N ASN K 450 -35.51 34.05 -18.91
CA ASN K 450 -36.45 33.09 -18.35
C ASN K 450 -35.73 32.11 -17.43
N TYR K 451 -34.43 31.89 -17.65
CA TYR K 451 -33.64 31.00 -16.78
C TYR K 451 -32.87 31.82 -15.76
N ARG K 452 -32.88 31.34 -14.49
CA ARG K 452 -32.26 32.04 -13.37
C ARG K 452 -31.48 31.06 -12.48
N TYR K 453 -30.68 31.62 -11.56
CA TYR K 453 -29.97 30.83 -10.56
C TYR K 453 -29.91 31.57 -9.23
N ARG K 454 -29.68 30.83 -8.16
CA ARG K 454 -29.55 31.41 -6.83
C ARG K 454 -28.15 31.94 -6.60
N LEU K 455 -28.05 33.20 -6.19
CA LEU K 455 -26.77 33.84 -5.93
C LEU K 455 -26.50 33.96 -4.44
N PHE K 456 -27.56 34.15 -3.65
CA PHE K 456 -27.40 34.36 -2.21
C PHE K 456 -28.07 33.28 -1.39
N ARG K 457 -27.43 32.89 -0.29
CA ARG K 457 -27.98 31.95 0.66
C ARG K 457 -27.27 32.05 2.00
N LYS K 458 -27.95 31.61 3.06
CA LYS K 458 -27.40 31.60 4.41
C LYS K 458 -26.36 30.50 4.63
N SER K 459 -26.57 29.35 3.98
CA SER K 459 -25.70 28.19 4.12
C SER K 459 -25.80 27.28 2.90
N ASN K 460 -24.87 26.36 2.77
CA ASN K 460 -24.87 25.44 1.63
C ASN K 460 -25.98 24.41 1.74
N LEU K 461 -26.49 23.98 0.59
CA LEU K 461 -27.54 22.97 0.54
C LEU K 461 -26.99 21.58 0.84
N LYS K 462 -27.83 20.74 1.44
CA LYS K 462 -27.52 19.33 1.56
C LYS K 462 -27.83 18.67 0.23
N PRO K 463 -27.28 17.48 -0.04
CA PRO K 463 -27.48 16.72 -1.26
C PRO K 463 -28.95 16.54 -1.57
N PHE K 464 -29.30 16.79 -2.83
CA PHE K 464 -30.66 16.61 -3.35
C PHE K 464 -31.71 17.56 -2.74
N GLU K 465 -31.28 18.66 -2.15
CA GLU K 465 -32.22 19.67 -1.67
C GLU K 465 -32.66 20.59 -2.81
N ARG K 466 -33.87 21.14 -2.68
CA ARG K 466 -34.41 22.07 -3.67
C ARG K 466 -35.09 23.25 -3.00
N ASP K 467 -34.53 24.43 -3.18
CA ASP K 467 -35.02 25.64 -2.51
C ASP K 467 -35.51 26.67 -3.52
N ILE K 468 -36.81 26.97 -3.47
CA ILE K 468 -37.41 27.89 -4.44
C ILE K 468 -37.95 29.16 -3.77
N SER K 469 -37.44 29.47 -2.57
CA SER K 469 -37.84 30.68 -1.88
C SER K 469 -37.37 31.92 -2.63
N THR K 470 -38.20 32.95 -2.63
CA THR K 470 -37.91 34.20 -3.33
C THR K 470 -37.81 35.39 -2.39
N GLU K 471 -37.67 35.14 -1.11
CA GLU K 471 -37.65 36.21 -0.13
C GLU K 471 -36.30 36.92 -0.08
N ILE K 472 -36.31 38.15 0.40
CA ILE K 472 -35.14 39.05 0.37
C ILE K 472 -34.04 38.64 1.33
N TYR K 473 -32.81 38.70 0.83
CA TYR K 473 -31.62 38.40 1.61
C TYR K 473 -31.01 39.66 2.20
N GLN K 474 -30.78 39.67 3.51
CA GLN K 474 -30.12 40.79 4.16
C GLN K 474 -28.63 40.50 4.31
N ALA K 475 -27.81 41.32 3.66
CA ALA K 475 -26.38 41.05 3.55
C ALA K 475 -25.55 41.71 4.66
N GLY K 476 -26.16 42.65 5.40
CA GLY K 476 -25.40 43.37 6.44
C GLY K 476 -25.94 43.08 7.82
N SER K 477 -26.24 44.13 8.59
CA SER K 477 -26.78 43.96 9.96
C SER K 477 -28.15 44.63 10.08
N THR K 478 -28.56 45.34 9.02
CA THR K 478 -29.84 46.07 9.09
C THR K 478 -30.88 45.35 8.26
N PRO K 479 -32.08 45.25 8.81
CA PRO K 479 -33.13 44.45 8.18
C PRO K 479 -33.80 45.04 6.94
N CYS K 480 -34.51 44.20 6.16
CA CYS K 480 -35.18 44.75 4.85
C CYS K 480 -36.59 45.00 4.86
N ASN K 481 -37.50 44.54 5.65
CA ASN K 481 -38.91 45.05 5.45
C ASN K 481 -39.48 44.46 4.14
N GLY K 482 -38.81 43.46 3.55
CA GLY K 482 -39.31 42.83 2.30
C GLY K 482 -39.00 43.72 1.16
N VAL K 483 -38.21 44.73 1.49
CA VAL K 483 -37.94 45.76 0.49
C VAL K 483 -36.49 45.68 0.07
N GLN K 484 -36.29 45.66 -1.22
CA GLN K 484 -34.95 45.68 -1.78
C GLN K 484 -34.28 47.03 -1.55
N GLY K 485 -32.96 47.04 -1.41
CA GLY K 485 -32.22 48.25 -1.14
C GLY K 485 -30.80 47.95 -0.69
N PHE K 486 -30.22 48.85 0.11
CA PHE K 486 -28.83 48.66 0.60
C PHE K 486 -28.76 47.44 1.51
N ASN K 487 -27.89 46.49 1.17
CA ASN K 487 -27.75 45.25 1.98
C ASN K 487 -29.03 44.42 1.92
N CYS K 488 -29.90 44.65 0.93
CA CYS K 488 -31.13 43.83 0.77
C CYS K 488 -31.24 43.43 -0.70
N TYR K 489 -31.07 42.13 -1.00
CA TYR K 489 -31.03 41.72 -2.43
C TYR K 489 -31.96 40.55 -2.73
N PHE K 490 -32.67 40.60 -3.85
CA PHE K 490 -33.47 39.47 -4.32
C PHE K 490 -32.51 38.33 -4.70
N PRO K 491 -32.70 37.14 -4.10
CA PRO K 491 -31.77 36.01 -4.08
C PRO K 491 -31.50 35.39 -5.44
N LEU K 492 -32.40 35.58 -6.40
CA LEU K 492 -32.25 34.96 -7.71
C LEU K 492 -31.80 35.95 -8.78
N GLN K 493 -30.86 35.51 -9.61
CA GLN K 493 -30.37 36.32 -10.71
C GLN K 493 -30.61 35.63 -12.03
N SER K 494 -30.78 36.42 -13.08
CA SER K 494 -31.04 35.87 -14.38
C SER K 494 -29.75 35.62 -15.14
N TYR K 495 -29.80 34.73 -16.08
CA TYR K 495 -28.67 34.45 -16.92
C TYR K 495 -28.77 35.26 -18.21
N GLY K 496 -27.66 35.77 -18.68
CA GLY K 496 -27.61 36.42 -19.96
C GLY K 496 -27.40 35.39 -21.06
N PHE K 497 -28.50 34.95 -21.68
CA PHE K 497 -28.42 33.91 -22.68
C PHE K 497 -28.64 34.45 -24.08
N GLN K 498 -27.57 34.91 -24.70
CA GLN K 498 -27.62 35.38 -26.08
C GLN K 498 -26.78 34.46 -26.96
N PRO K 499 -27.20 34.22 -28.20
CA PRO K 499 -26.62 33.31 -29.14
C PRO K 499 -25.20 33.71 -29.54
N THR K 500 -24.85 34.96 -29.27
CA THR K 500 -23.53 35.49 -29.63
C THR K 500 -22.54 35.40 -28.46
N ASN K 501 -22.99 34.85 -27.35
CA ASN K 501 -22.15 34.74 -26.17
C ASN K 501 -21.10 33.65 -26.33
N GLY K 502 -20.02 33.77 -25.55
CA GLY K 502 -18.92 32.81 -25.63
C GLY K 502 -19.31 31.45 -25.08
N VAL K 503 -18.46 30.46 -25.32
CA VAL K 503 -18.79 29.07 -24.98
C VAL K 503 -19.11 28.93 -23.49
N GLY K 504 -18.36 29.60 -22.64
CA GLY K 504 -18.54 29.45 -21.21
C GLY K 504 -19.81 30.13 -20.72
N TYR K 505 -20.39 30.98 -21.56
CA TYR K 505 -21.57 31.75 -21.17
C TYR K 505 -22.85 31.19 -21.79
N GLN K 506 -22.71 30.43 -22.87
CA GLN K 506 -23.87 29.83 -23.53
C GLN K 506 -24.54 28.84 -22.57
N PRO K 507 -25.84 28.60 -22.73
CA PRO K 507 -26.65 27.66 -21.97
C PRO K 507 -26.33 26.22 -22.34
N TYR K 508 -26.39 25.34 -21.34
CA TYR K 508 -26.24 23.91 -21.53
C TYR K 508 -27.36 23.16 -20.83
N ARG K 509 -27.93 22.18 -21.50
CA ARG K 509 -28.96 21.35 -20.91
C ARG K 509 -28.31 20.18 -20.18
N VAL K 510 -28.74 19.94 -18.95
CA VAL K 510 -28.11 18.94 -18.11
C VAL K 510 -29.09 17.92 -17.59
N VAL K 511 -28.74 16.64 -17.73
CA VAL K 511 -29.49 15.56 -17.11
C VAL K 511 -28.58 14.71 -16.25
N VAL K 512 -28.91 14.59 -14.98
CA VAL K 512 -28.12 13.77 -14.07
C VAL K 512 -28.90 12.50 -13.70
N LEU K 513 -28.33 11.36 -14.01
CA LEU K 513 -29.00 10.09 -13.76
C LEU K 513 -28.48 9.45 -12.48
N SER K 514 -29.31 9.48 -11.45
CA SER K 514 -28.98 8.93 -10.14
C SER K 514 -29.52 7.53 -10.01
N PHE K 515 -28.64 6.55 -9.72
CA PHE K 515 -29.02 5.15 -9.67
C PHE K 515 -29.01 4.63 -8.24
N GLU K 516 -30.11 4.00 -7.80
CA GLU K 516 -30.20 3.43 -6.46
C GLU K 516 -30.56 1.95 -6.51
N LEU K 517 -29.89 1.16 -5.68
CA LEU K 517 -30.16 -0.26 -5.59
C LEU K 517 -30.45 -0.71 -4.17
N LEU K 518 -31.68 -0.51 -3.72
CA LEU K 518 -32.10 -0.96 -2.40
C LEU K 518 -32.48 -2.43 -2.47
N HIS K 519 -32.67 -3.05 -1.31
CA HIS K 519 -33.08 -4.44 -1.30
C HIS K 519 -34.56 -4.57 -1.62
N ALA K 520 -34.86 -4.58 -2.91
CA ALA K 520 -36.23 -4.68 -3.39
C ALA K 520 -36.20 -5.21 -4.83
N PRO K 521 -37.28 -5.80 -5.32
CA PRO K 521 -37.46 -6.25 -6.68
C PRO K 521 -37.09 -5.10 -7.61
N ALA K 522 -36.14 -5.34 -8.51
CA ALA K 522 -35.67 -4.27 -9.37
C ALA K 522 -36.77 -3.84 -10.31
N THR K 523 -36.93 -2.53 -10.43
CA THR K 523 -37.96 -1.99 -11.28
C THR K 523 -37.34 -1.51 -12.60
N VAL K 524 -36.02 -1.38 -12.61
CA VAL K 524 -35.30 -0.99 -13.83
C VAL K 524 -34.13 -1.94 -14.14
N CYS K 525 -34.14 -2.50 -15.36
CA CYS K 525 -33.04 -3.36 -15.85
C CYS K 525 -32.67 -3.01 -17.30
N GLY K 526 -31.38 -3.08 -17.63
CA GLY K 526 -30.90 -2.75 -18.99
C GLY K 526 -31.44 -3.78 -19.98
N PRO K 527 -31.04 -3.75 -21.27
CA PRO K 527 -31.50 -4.66 -22.28
C PRO K 527 -31.27 -6.06 -21.74
N LYS K 528 -32.30 -6.87 -21.70
CA LYS K 528 -32.17 -8.15 -21.08
C LYS K 528 -32.55 -9.29 -22.01
N LYS K 529 -31.70 -10.29 -22.05
CA LYS K 529 -32.04 -11.56 -22.68
C LYS K 529 -32.07 -12.65 -21.61
N SER K 530 -33.25 -13.19 -21.35
CA SER K 530 -33.37 -14.18 -20.29
C SER K 530 -33.38 -15.60 -20.82
N THR K 531 -32.91 -16.52 -20.00
CA THR K 531 -32.85 -17.93 -20.35
C THR K 531 -33.66 -18.76 -19.38
N ASN K 532 -33.75 -20.06 -19.65
CA ASN K 532 -34.44 -21.00 -18.74
C ASN K 532 -33.58 -21.27 -17.51
N LEU K 533 -34.23 -21.71 -16.43
CA LEU K 533 -33.56 -21.99 -15.18
C LEU K 533 -33.11 -23.45 -15.09
N VAL K 534 -31.85 -23.65 -14.72
CA VAL K 534 -31.26 -24.99 -14.63
C VAL K 534 -30.77 -25.30 -13.22
N LYS K 535 -31.08 -26.50 -12.75
CA LYS K 535 -30.75 -26.89 -11.38
C LYS K 535 -30.01 -28.22 -11.30
N ASN K 536 -29.33 -28.42 -10.17
CA ASN K 536 -28.60 -29.66 -9.84
C ASN K 536 -27.36 -29.87 -10.70
N LYS K 537 -26.95 -28.82 -11.39
CA LYS K 537 -25.72 -28.86 -12.18
C LYS K 537 -24.94 -27.58 -12.02
N CYS K 538 -23.62 -27.64 -12.20
CA CYS K 538 -22.74 -26.52 -12.16
C CYS K 538 -23.02 -25.52 -13.29
N VAL K 539 -23.45 -24.34 -13.01
CA VAL K 539 -23.74 -23.35 -14.03
C VAL K 539 -23.23 -21.96 -13.69
N ASN K 540 -23.00 -21.15 -14.70
CA ASN K 540 -22.78 -19.73 -14.51
C ASN K 540 -24.12 -19.03 -14.51
N PHE K 541 -24.33 -18.10 -13.60
CA PHE K 541 -25.63 -17.43 -13.52
C PHE K 541 -25.53 -15.93 -13.39
N ASN K 542 -26.59 -15.26 -13.86
CA ASN K 542 -26.79 -13.84 -13.62
C ASN K 542 -28.23 -13.57 -13.20
N PHE K 543 -28.44 -13.38 -11.90
CA PHE K 543 -29.77 -13.13 -11.38
C PHE K 543 -29.97 -11.66 -11.06
N ASN K 544 -30.72 -10.97 -11.91
CA ASN K 544 -31.04 -9.57 -11.68
C ASN K 544 -29.77 -8.72 -11.51
N GLY K 545 -28.72 -9.04 -12.26
CA GLY K 545 -27.48 -8.27 -12.21
C GLY K 545 -26.44 -8.92 -11.30
N LEU K 546 -26.84 -9.92 -10.54
CA LEU K 546 -25.94 -10.64 -9.64
C LEU K 546 -25.28 -11.81 -10.35
N THR K 547 -23.99 -11.70 -10.60
CA THR K 547 -23.27 -12.71 -11.35
C THR K 547 -22.46 -13.63 -10.44
N GLY K 548 -22.37 -14.90 -10.82
CA GLY K 548 -21.57 -15.88 -10.08
C GLY K 548 -21.68 -17.26 -10.70
N THR K 549 -20.98 -18.23 -10.12
CA THR K 549 -21.01 -19.60 -10.61
C THR K 549 -21.24 -20.59 -9.49
N GLY K 550 -22.06 -21.59 -9.74
CA GLY K 550 -22.32 -22.62 -8.74
C GLY K 550 -23.50 -23.50 -9.11
N VAL K 551 -23.80 -24.46 -8.24
CA VAL K 551 -24.93 -25.36 -8.40
C VAL K 551 -26.18 -24.78 -7.76
N LEU K 552 -27.29 -24.79 -8.49
CA LEU K 552 -28.53 -24.24 -7.99
C LEU K 552 -29.55 -25.32 -7.68
N THR K 553 -30.19 -25.22 -6.53
CA THR K 553 -31.24 -26.16 -6.16
C THR K 553 -32.41 -25.45 -5.48
N GLU K 554 -33.56 -26.11 -5.41
CA GLU K 554 -34.67 -25.58 -4.63
C GLU K 554 -34.26 -25.45 -3.17
N SER K 555 -34.58 -24.32 -2.56
CA SER K 555 -34.18 -24.05 -1.18
C SER K 555 -35.28 -24.39 -0.19
N ASN K 556 -34.87 -24.83 0.99
CA ASN K 556 -35.79 -25.04 2.10
C ASN K 556 -35.81 -23.84 3.04
N LYS K 557 -35.10 -22.78 2.67
CA LYS K 557 -35.03 -21.58 3.49
C LYS K 557 -36.33 -20.79 3.41
N LYS K 558 -36.89 -20.49 4.57
CA LYS K 558 -38.19 -19.84 4.65
C LYS K 558 -38.08 -18.33 4.51
N PHE K 559 -37.88 -17.86 3.28
CA PHE K 559 -37.81 -16.44 3.02
C PHE K 559 -39.16 -15.78 3.24
N LEU K 560 -39.15 -14.58 3.81
CA LEU K 560 -40.34 -13.76 3.89
C LEU K 560 -40.46 -12.97 2.58
N PRO K 561 -41.68 -12.59 2.17
CA PRO K 561 -42.03 -12.03 0.87
C PRO K 561 -41.16 -10.85 0.43
N PHE K 562 -40.61 -10.13 1.39
CA PHE K 562 -39.83 -8.94 1.08
C PHE K 562 -38.35 -9.26 0.85
N GLN K 563 -37.96 -10.50 1.11
CA GLN K 563 -36.57 -10.93 1.01
C GLN K 563 -36.25 -11.44 -0.38
N GLN K 564 -35.13 -11.00 -0.94
CA GLN K 564 -34.69 -11.40 -2.28
C GLN K 564 -33.50 -12.35 -2.26
N PHE K 565 -32.68 -12.28 -1.20
CA PHE K 565 -31.48 -13.09 -1.13
C PHE K 565 -30.96 -13.23 0.30
N GLY K 566 -30.07 -14.19 0.51
CA GLY K 566 -29.38 -14.36 1.79
C GLY K 566 -27.87 -14.22 1.62
N ARG K 567 -27.16 -14.11 2.73
CA ARG K 567 -25.69 -14.00 2.70
C ARG K 567 -25.03 -14.88 3.74
N ASP K 568 -23.79 -15.28 3.46
CA ASP K 568 -22.96 -16.04 4.40
C ASP K 568 -22.04 -15.12 5.18
N ILE K 569 -21.24 -15.69 6.07
CA ILE K 569 -20.31 -14.93 6.91
C ILE K 569 -19.18 -14.31 6.10
N ALA K 570 -18.99 -14.78 4.88
CA ALA K 570 -17.98 -14.25 3.98
C ALA K 570 -18.53 -13.12 3.13
N ASP K 571 -19.77 -12.72 3.41
CA ASP K 571 -20.45 -11.64 2.69
C ASP K 571 -20.83 -12.04 1.29
N THR K 572 -20.76 -13.33 0.99
CA THR K 572 -21.18 -13.84 -0.30
C THR K 572 -22.66 -14.23 -0.25
N THR K 573 -23.33 -14.17 -1.41
CA THR K 573 -24.72 -14.58 -1.52
C THR K 573 -24.83 -16.09 -1.60
N ASP K 574 -25.72 -16.68 -0.80
CA ASP K 574 -25.84 -18.13 -0.76
C ASP K 574 -27.27 -18.60 -1.04
N ALA K 575 -28.14 -17.66 -1.38
CA ALA K 575 -29.51 -17.97 -1.74
C ALA K 575 -30.15 -16.79 -2.42
N VAL K 576 -30.93 -17.04 -3.46
CA VAL K 576 -31.60 -15.97 -4.20
C VAL K 576 -33.04 -16.29 -4.52
N ARG K 577 -33.82 -15.25 -4.77
CA ARG K 577 -35.16 -15.41 -5.29
C ARG K 577 -35.18 -15.20 -6.80
N ASP K 578 -35.69 -16.17 -7.53
CA ASP K 578 -35.80 -16.06 -8.97
C ASP K 578 -36.77 -14.95 -9.33
N PRO K 579 -36.33 -13.97 -10.09
CA PRO K 579 -37.07 -12.78 -10.42
C PRO K 579 -38.23 -13.07 -11.33
N GLN K 580 -38.47 -14.32 -11.76
CA GLN K 580 -39.67 -14.51 -12.54
C GLN K 580 -40.67 -15.44 -11.87
N THR K 581 -40.15 -16.49 -11.29
CA THR K 581 -40.97 -17.51 -10.67
C THR K 581 -41.10 -17.31 -9.17
N LEU K 582 -40.25 -16.43 -8.63
CA LEU K 582 -40.21 -16.12 -7.20
C LEU K 582 -39.82 -17.32 -6.34
N GLU K 583 -39.24 -18.33 -6.97
CA GLU K 583 -38.72 -19.50 -6.26
C GLU K 583 -37.41 -19.18 -5.58
N ILE K 584 -37.22 -19.69 -4.36
CA ILE K 584 -35.97 -19.51 -3.65
C ILE K 584 -34.99 -20.64 -3.97
N LEU K 585 -33.79 -20.26 -4.37
CA LEU K 585 -32.77 -21.21 -4.78
C LEU K 585 -31.56 -21.15 -3.87
N ASP K 586 -31.00 -22.32 -3.55
CA ASP K 586 -29.74 -22.40 -2.83
C ASP K 586 -28.58 -22.27 -3.80
N ILE K 587 -27.52 -21.60 -3.37
CA ILE K 587 -26.32 -21.49 -4.18
C ILE K 587 -25.12 -22.09 -3.48
N THR K 588 -24.53 -23.08 -4.10
CA THR K 588 -23.30 -23.67 -3.65
C THR K 588 -22.33 -23.74 -4.77
N PRO K 589 -21.04 -23.37 -4.63
CA PRO K 589 -20.09 -23.50 -5.69
C PRO K 589 -19.79 -24.94 -6.02
N CYS K 590 -19.26 -25.18 -7.21
CA CYS K 590 -19.05 -26.45 -7.89
C CYS K 590 -17.86 -27.17 -7.29
N SER K 591 -17.89 -28.49 -7.33
CA SER K 591 -16.89 -29.29 -6.65
C SER K 591 -15.46 -28.92 -7.07
N PHE K 592 -14.59 -28.86 -6.08
CA PHE K 592 -13.18 -28.53 -6.29
C PHE K 592 -12.36 -29.17 -5.18
N GLY K 593 -11.05 -29.25 -5.37
CA GLY K 593 -10.20 -29.80 -4.33
C GLY K 593 -8.78 -30.06 -4.84
N GLY K 594 -7.94 -30.58 -3.98
CA GLY K 594 -6.55 -30.84 -4.34
C GLY K 594 -6.39 -32.13 -5.12
N VAL K 595 -5.37 -32.15 -5.98
CA VAL K 595 -4.96 -33.36 -6.68
C VAL K 595 -3.58 -33.76 -6.23
N SER K 596 -3.45 -34.94 -5.67
CA SER K 596 -2.17 -35.43 -5.19
C SER K 596 -1.70 -36.65 -5.98
N VAL K 597 -0.42 -36.67 -6.28
CA VAL K 597 0.18 -37.77 -7.02
C VAL K 597 1.02 -38.65 -6.12
N ILE K 598 0.68 -39.93 -6.11
CA ILE K 598 1.37 -40.92 -5.30
C ILE K 598 2.36 -41.67 -6.14
N THR K 599 3.61 -41.70 -5.71
CA THR K 599 4.64 -42.33 -6.51
C THR K 599 5.69 -43.01 -5.64
N PRO K 600 6.28 -44.10 -6.13
CA PRO K 600 7.54 -44.63 -5.71
C PRO K 600 8.61 -43.73 -6.30
N GLY K 601 9.85 -43.87 -5.88
CA GLY K 601 10.85 -43.02 -6.47
C GLY K 601 10.91 -43.26 -7.97
N THR K 602 11.25 -42.23 -8.73
CA THR K 602 11.45 -42.39 -10.18
C THR K 602 12.63 -43.29 -10.46
N ASN K 603 13.41 -43.61 -9.42
CA ASN K 603 14.58 -44.51 -9.52
C ASN K 603 14.09 -45.95 -9.39
N THR K 604 12.80 -46.12 -9.14
CA THR K 604 12.18 -47.48 -9.07
C THR K 604 11.15 -47.68 -10.18
N SER K 605 10.29 -46.67 -10.39
CA SER K 605 9.21 -46.79 -11.37
C SER K 605 8.66 -45.44 -11.80
N ASN K 606 8.09 -45.40 -13.00
CA ASN K 606 7.42 -44.19 -13.49
C ASN K 606 5.90 -44.28 -13.32
N GLN K 607 5.43 -45.31 -12.61
CA GLN K 607 4.01 -45.48 -12.35
C GLN K 607 3.54 -44.57 -11.23
N VAL K 608 2.35 -44.01 -11.37
CA VAL K 608 1.77 -43.20 -10.30
C VAL K 608 0.30 -43.52 -10.06
N ALA K 609 -0.20 -43.10 -8.91
CA ALA K 609 -1.63 -43.10 -8.61
C ALA K 609 -2.06 -41.69 -8.25
N VAL K 610 -3.32 -41.35 -8.50
CA VAL K 610 -3.79 -40.00 -8.24
C VAL K 610 -4.94 -39.97 -7.23
N LEU K 611 -4.80 -39.11 -6.23
CA LEU K 611 -5.84 -38.92 -5.23
C LEU K 611 -6.57 -37.60 -5.45
N TYR K 612 -7.88 -37.69 -5.65
CA TYR K 612 -8.72 -36.51 -5.77
C TYR K 612 -9.38 -36.22 -4.44
N GLN K 613 -8.84 -35.25 -3.73
CA GLN K 613 -9.16 -35.09 -2.33
C GLN K 613 -10.56 -34.54 -2.12
N GLY K 614 -11.30 -35.22 -1.25
CA GLY K 614 -12.60 -34.72 -0.78
C GLY K 614 -13.74 -34.94 -1.75
N VAL K 615 -13.56 -35.76 -2.78
CA VAL K 615 -14.65 -35.96 -3.73
C VAL K 615 -15.04 -37.40 -3.96
N ASN K 616 -16.23 -37.52 -4.55
CA ASN K 616 -16.69 -38.86 -4.97
C ASN K 616 -16.05 -39.22 -6.31
N CYS K 617 -15.82 -40.50 -6.53
CA CYS K 617 -15.29 -41.01 -7.64
C CYS K 617 -16.17 -40.75 -8.99
N THR K 618 -17.47 -40.52 -8.58
CA THR K 618 -18.47 -40.29 -9.62
C THR K 618 -18.35 -38.90 -10.23
N GLU K 619 -17.62 -38.02 -9.55
CA GLU K 619 -17.52 -36.62 -9.98
C GLU K 619 -16.14 -36.32 -10.57
N VAL K 620 -15.28 -37.33 -10.66
CA VAL K 620 -13.89 -37.08 -11.04
C VAL K 620 -13.70 -36.64 -12.50
N PRO K 621 -14.26 -37.33 -13.52
CA PRO K 621 -14.13 -37.02 -14.94
C PRO K 621 -14.60 -35.59 -15.22
N ASN K 641 -9.12 -49.65 -11.56
CA ASN K 641 -8.44 -49.22 -10.33
C ASN K 641 -8.97 -47.89 -9.83
N VAL K 642 -10.26 -47.88 -9.45
CA VAL K 642 -10.89 -46.72 -8.83
C VAL K 642 -11.43 -47.10 -7.45
N PHE K 643 -10.92 -46.43 -6.42
CA PHE K 643 -11.26 -46.76 -5.05
C PHE K 643 -11.67 -45.54 -4.25
N GLN K 644 -12.79 -45.61 -3.56
CA GLN K 644 -13.25 -44.49 -2.76
C GLN K 644 -12.75 -44.59 -1.33
N THR K 645 -11.88 -43.67 -0.95
CA THR K 645 -11.38 -43.60 0.42
C THR K 645 -12.04 -42.43 1.12
N ARG K 646 -11.90 -42.34 2.43
CA ARG K 646 -12.44 -41.21 3.16
C ARG K 646 -11.64 -39.95 2.87
N ALA K 647 -10.47 -40.12 2.28
CA ALA K 647 -9.61 -39.01 1.89
C ALA K 647 -9.99 -38.46 0.52
N GLY K 648 -10.83 -39.19 -0.21
CA GLY K 648 -11.17 -38.82 -1.57
C GLY K 648 -11.06 -40.01 -2.52
N CYS K 649 -11.14 -39.75 -3.82
CA CYS K 649 -11.13 -40.81 -4.83
C CYS K 649 -9.70 -41.13 -5.27
N LEU K 650 -9.31 -42.39 -5.10
CA LEU K 650 -7.98 -42.82 -5.48
C LEU K 650 -8.02 -43.60 -6.78
N ILE K 651 -7.31 -43.12 -7.78
CA ILE K 651 -7.30 -43.74 -9.09
C ILE K 651 -5.91 -44.20 -9.50
N GLY K 652 -5.79 -45.45 -9.91
CA GLY K 652 -4.51 -45.98 -10.38
C GLY K 652 -3.88 -46.94 -9.38
N ALA K 653 -4.55 -47.15 -8.25
CA ALA K 653 -4.06 -48.08 -7.24
C ALA K 653 -5.03 -49.23 -7.08
N GLU K 654 -4.50 -50.43 -6.88
CA GLU K 654 -5.32 -51.61 -6.68
C GLU K 654 -5.61 -51.82 -5.20
N HIS K 655 -6.87 -51.81 -4.83
CA HIS K 655 -7.24 -52.04 -3.45
C HIS K 655 -7.18 -53.52 -3.11
N VAL K 656 -6.56 -53.83 -1.98
CA VAL K 656 -6.45 -55.20 -1.52
C VAL K 656 -6.96 -55.33 -0.09
N ASN K 657 -7.32 -56.55 0.30
CA ASN K 657 -7.89 -56.80 1.64
C ASN K 657 -6.83 -57.22 2.64
N ASN K 658 -5.56 -57.24 2.24
CA ASN K 658 -4.47 -57.55 3.14
C ASN K 658 -4.08 -56.32 3.93
N SER K 659 -3.13 -56.45 4.84
CA SER K 659 -2.67 -55.32 5.61
C SER K 659 -1.17 -55.37 5.78
N TYR K 660 -0.53 -54.22 5.65
CA TYR K 660 0.91 -54.12 5.77
C TYR K 660 1.27 -52.89 6.56
N GLU K 661 2.54 -52.74 6.90
CA GLU K 661 2.99 -51.50 7.50
C GLU K 661 2.79 -50.37 6.53
N CYS K 662 2.48 -49.16 6.99
CA CYS K 662 2.23 -48.04 6.18
C CYS K 662 3.47 -47.60 5.36
N ASP K 663 3.37 -47.41 4.10
CA ASP K 663 4.46 -46.97 3.26
C ASP K 663 4.26 -45.51 2.88
N ILE K 664 3.37 -45.25 1.92
CA ILE K 664 2.95 -43.89 1.62
C ILE K 664 1.54 -43.66 2.14
N PRO K 665 1.36 -42.80 3.15
CA PRO K 665 0.12 -42.53 3.82
C PRO K 665 -0.86 -41.81 2.90
N ILE K 666 -2.10 -42.30 2.87
CA ILE K 666 -3.17 -41.64 2.12
C ILE K 666 -4.07 -40.89 3.08
N GLY K 667 -4.46 -41.56 4.16
CA GLY K 667 -5.31 -40.95 5.18
C GLY K 667 -6.43 -41.88 5.60
N ALA K 668 -6.94 -41.67 6.81
CA ALA K 668 -8.06 -42.45 7.34
C ALA K 668 -7.77 -43.94 7.33
N GLY K 669 -6.55 -44.30 7.68
CA GLY K 669 -6.17 -45.70 7.83
C GLY K 669 -5.68 -46.33 6.55
N ILE K 670 -5.76 -45.59 5.44
CA ILE K 670 -5.35 -46.11 4.14
C ILE K 670 -3.94 -45.66 3.78
N CYS K 671 -3.16 -46.62 3.32
CA CYS K 671 -1.77 -46.39 2.85
C CYS K 671 -1.59 -47.06 1.49
N ALA K 672 -0.61 -46.60 0.72
CA ALA K 672 -0.31 -47.19 -0.58
C ALA K 672 1.15 -47.58 -0.67
N SER K 673 1.43 -48.57 -1.49
CA SER K 673 2.80 -49.02 -1.70
C SER K 673 2.97 -49.62 -3.10
N TYR K 674 4.22 -49.71 -3.55
CA TYR K 674 4.53 -50.34 -4.82
C TYR K 674 4.94 -51.79 -4.60
N GLN K 675 4.18 -52.71 -5.18
CA GLN K 675 4.37 -54.15 -4.98
C GLN K 675 4.60 -54.85 -6.32
N GLN K 690 4.76 -55.42 -11.50
CA GLN K 690 4.55 -54.71 -10.24
C GLN K 690 3.57 -53.55 -10.44
N SER K 691 2.85 -53.21 -9.36
CA SER K 691 1.82 -52.16 -9.40
C SER K 691 1.67 -51.47 -8.06
N ILE K 692 0.97 -50.34 -8.06
CA ILE K 692 0.65 -49.62 -6.84
C ILE K 692 -0.62 -50.18 -6.22
N ILE K 693 -0.56 -50.46 -4.92
CA ILE K 693 -1.70 -51.02 -4.20
C ILE K 693 -2.12 -50.11 -3.06
N ALA K 694 -3.37 -50.26 -2.64
CA ALA K 694 -3.91 -49.50 -1.52
C ALA K 694 -4.51 -50.45 -0.50
N TYR K 695 -4.27 -50.19 0.78
CA TYR K 695 -4.65 -51.10 1.85
C TYR K 695 -4.86 -50.37 3.16
N THR K 696 -5.58 -51.01 4.08
CA THR K 696 -5.65 -50.53 5.45
C THR K 696 -4.38 -50.93 6.18
N MET K 697 -3.75 -49.96 6.83
CA MET K 697 -2.46 -50.20 7.46
C MET K 697 -2.58 -51.12 8.68
N SER K 698 -1.60 -51.98 8.84
CA SER K 698 -1.49 -52.84 10.01
C SER K 698 -0.82 -52.09 11.15
N LEU K 699 -1.25 -52.35 12.37
CA LEU K 699 -0.65 -51.71 13.53
C LEU K 699 0.43 -52.58 14.16
N GLY K 700 0.58 -53.79 13.64
CA GLY K 700 1.56 -54.73 14.17
C GLY K 700 0.97 -56.13 14.29
N ALA K 701 1.84 -57.10 14.55
CA ALA K 701 1.43 -58.50 14.70
C ALA K 701 0.73 -58.70 16.04
N GLU K 702 -0.24 -59.60 16.07
CA GLU K 702 -0.96 -59.89 17.30
C GLU K 702 -0.14 -60.78 18.23
N ASN K 703 -0.28 -60.56 19.53
CA ASN K 703 0.41 -61.38 20.52
C ASN K 703 -0.42 -61.58 21.78
N SER K 704 -0.98 -62.78 21.94
CA SER K 704 -1.70 -63.11 23.15
C SER K 704 -0.73 -63.65 24.19
N VAL K 705 -0.50 -62.87 25.24
CA VAL K 705 0.46 -63.23 26.27
C VAL K 705 -0.12 -64.33 27.16
N ALA K 706 0.69 -65.34 27.46
CA ALA K 706 0.23 -66.49 28.22
C ALA K 706 0.11 -66.19 29.71
N TYR K 707 -0.87 -65.36 30.05
CA TYR K 707 -1.08 -64.96 31.43
C TYR K 707 -1.79 -66.03 32.24
N SER K 708 -1.33 -66.22 33.47
CA SER K 708 -2.05 -67.00 34.47
C SER K 708 -1.65 -66.52 35.86
N ASN K 709 -2.31 -67.01 36.89
CA ASN K 709 -2.10 -66.51 38.26
C ASN K 709 -0.88 -67.14 38.92
N ASN K 710 -0.20 -68.07 38.26
CA ASN K 710 1.00 -68.71 38.81
C ASN K 710 2.05 -69.00 37.76
N SER K 711 2.03 -68.27 36.65
CA SER K 711 2.99 -68.49 35.58
C SER K 711 3.89 -67.30 35.37
N ILE K 712 5.19 -67.54 35.32
CA ILE K 712 6.16 -66.48 35.08
C ILE K 712 7.14 -66.85 33.96
N ALA K 713 7.51 -65.87 33.16
CA ALA K 713 8.53 -66.08 32.14
C ALA K 713 9.83 -65.38 32.53
N ILE K 714 10.93 -66.11 32.45
CA ILE K 714 12.24 -65.58 32.81
C ILE K 714 13.26 -65.85 31.70
N PRO K 715 14.02 -64.83 31.27
CA PRO K 715 15.09 -64.89 30.30
C PRO K 715 16.20 -65.82 30.77
N THR K 716 16.65 -66.69 29.90
CA THR K 716 17.80 -67.53 30.19
C THR K 716 19.06 -67.01 29.50
N ASN K 717 18.91 -65.96 28.71
CA ASN K 717 19.99 -65.36 27.93
C ASN K 717 19.72 -63.88 27.70
N PHE K 718 20.62 -63.21 26.99
CA PHE K 718 20.46 -61.81 26.64
C PHE K 718 21.27 -61.48 25.40
N THR K 719 20.95 -60.34 24.80
CA THR K 719 21.76 -59.81 23.72
C THR K 719 22.17 -58.38 24.01
N ILE K 720 23.35 -58.01 23.55
CA ILE K 720 23.81 -56.64 23.64
C ILE K 720 23.45 -55.91 22.37
N SER K 721 22.67 -54.84 22.51
CA SER K 721 22.16 -54.11 21.38
C SER K 721 22.74 -52.72 21.29
N VAL K 722 23.06 -52.28 20.07
CA VAL K 722 23.50 -50.92 19.85
C VAL K 722 22.58 -50.24 18.85
N THR K 723 22.03 -49.11 19.24
CA THR K 723 21.13 -48.37 18.38
C THR K 723 21.58 -46.93 18.21
N THR K 724 21.13 -46.29 17.13
CA THR K 724 21.55 -44.94 16.80
C THR K 724 20.44 -43.92 16.98
N GLU K 725 20.77 -42.78 17.57
CA GLU K 725 19.86 -41.66 17.65
C GLU K 725 20.51 -40.39 17.12
N ILE K 726 19.82 -39.72 16.20
CA ILE K 726 20.36 -38.52 15.55
C ILE K 726 19.56 -37.28 15.92
N LEU K 727 20.26 -36.25 16.39
CA LEU K 727 19.63 -34.99 16.72
C LEU K 727 20.38 -33.81 16.09
N PRO K 728 19.66 -32.83 15.54
CA PRO K 728 20.13 -31.51 15.14
C PRO K 728 20.59 -30.71 16.34
N VAL K 729 21.65 -29.96 16.16
CA VAL K 729 22.15 -29.07 17.21
C VAL K 729 22.15 -27.62 16.78
N SER K 730 22.49 -27.36 15.52
CA SER K 730 22.64 -25.99 15.07
C SER K 730 22.22 -25.78 13.62
N MET K 731 21.94 -24.53 13.27
CA MET K 731 21.71 -24.10 11.90
C MET K 731 22.91 -23.35 11.37
N THR K 732 22.95 -23.15 10.06
CA THR K 732 23.90 -22.24 9.46
C THR K 732 23.62 -20.81 9.93
N LYS K 733 24.68 -20.10 10.31
CA LYS K 733 24.53 -18.74 10.83
C LYS K 733 24.50 -17.73 9.70
N THR K 734 23.32 -17.22 9.38
CA THR K 734 23.18 -16.30 8.28
C THR K 734 23.02 -14.87 8.77
N SER K 735 23.28 -13.93 7.88
CA SER K 735 23.06 -12.51 8.14
C SER K 735 22.63 -11.82 6.87
N VAL K 736 21.63 -10.94 6.97
CA VAL K 736 21.15 -10.23 5.81
C VAL K 736 21.26 -8.73 6.01
N ASP K 737 21.97 -8.06 5.11
CA ASP K 737 22.04 -6.62 5.14
C ASP K 737 20.77 -6.04 4.56
N CYS K 738 19.87 -5.57 5.44
CA CYS K 738 18.52 -5.17 5.08
C CYS K 738 18.53 -4.13 3.94
N THR K 739 19.38 -3.12 4.10
CA THR K 739 19.44 -2.04 3.12
C THR K 739 19.91 -2.54 1.77
N MET K 740 20.94 -3.37 1.75
CA MET K 740 21.46 -3.87 0.49
C MET K 740 20.46 -4.75 -0.23
N TYR K 741 19.79 -5.63 0.52
CA TYR K 741 18.79 -6.51 -0.06
C TYR K 741 17.69 -5.71 -0.73
N ILE K 742 17.19 -4.70 -0.03
CA ILE K 742 16.06 -3.91 -0.51
C ILE K 742 16.44 -2.93 -1.63
N CYS K 743 17.59 -2.26 -1.48
CA CYS K 743 17.93 -1.09 -2.33
C CYS K 743 19.19 -1.30 -3.15
N GLY K 744 20.02 -2.25 -2.79
CA GLY K 744 21.34 -2.34 -3.39
C GLY K 744 22.15 -1.09 -3.06
N ASP K 745 22.68 -0.45 -4.09
CA ASP K 745 23.48 0.76 -3.91
C ASP K 745 22.74 2.02 -4.30
N SER K 746 21.41 1.93 -4.41
CA SER K 746 20.61 3.08 -4.76
C SER K 746 20.39 4.00 -3.56
N THR K 747 20.84 5.24 -3.67
CA THR K 747 20.67 6.21 -2.61
C THR K 747 19.24 6.70 -2.58
N GLU K 748 18.59 6.72 -3.74
CA GLU K 748 17.20 7.14 -3.83
C GLU K 748 16.28 6.20 -3.05
N CYS K 749 16.49 4.89 -3.23
CA CYS K 749 15.77 3.86 -2.49
C CYS K 749 16.14 3.92 -1.01
N SER K 750 17.42 4.09 -0.72
CA SER K 750 17.90 4.14 0.66
C SER K 750 17.22 5.27 1.41
N ASN K 751 17.08 6.41 0.77
CA ASN K 751 16.44 7.57 1.40
C ASN K 751 14.97 7.31 1.68
N LEU K 752 14.29 6.64 0.75
CA LEU K 752 12.89 6.30 0.94
C LEU K 752 12.70 5.32 2.08
N LEU K 753 13.64 4.39 2.21
CA LEU K 753 13.57 3.34 3.22
C LEU K 753 13.63 3.92 4.63
N LEU K 754 14.23 5.09 4.78
CA LEU K 754 14.37 5.73 6.08
C LEU K 754 13.01 6.13 6.66
N GLN K 755 12.00 6.34 5.82
CA GLN K 755 10.66 6.77 6.29
C GLN K 755 9.98 5.67 7.09
N TYR K 756 10.52 4.45 7.05
CA TYR K 756 9.87 3.31 7.69
C TYR K 756 10.36 3.09 9.11
N GLY K 757 11.34 3.86 9.54
CA GLY K 757 11.82 3.78 10.91
C GLY K 757 12.79 2.63 11.15
N SER K 758 12.56 1.90 12.24
CA SER K 758 13.54 0.96 12.79
C SER K 758 13.39 -0.46 12.24
N PHE K 759 12.51 -0.67 11.28
CA PHE K 759 12.24 -2.02 10.81
C PHE K 759 13.50 -2.79 10.43
N CYS K 760 14.40 -2.17 9.65
CA CYS K 760 15.64 -2.84 9.24
C CYS K 760 16.55 -3.14 10.41
N THR K 761 16.64 -2.23 11.36
CA THR K 761 17.44 -2.47 12.56
C THR K 761 16.87 -3.64 13.35
N GLN K 762 15.56 -3.73 13.43
CA GLN K 762 14.90 -4.82 14.16
C GLN K 762 15.21 -6.16 13.52
N LEU K 763 15.21 -6.19 12.19
CA LEU K 763 15.43 -7.44 11.46
C LEU K 763 16.88 -7.90 11.58
N ASN K 764 17.81 -6.96 11.54
CA ASN K 764 19.22 -7.29 11.67
C ASN K 764 19.49 -7.82 13.08
N ARG K 765 18.83 -7.22 14.06
CA ARG K 765 18.97 -7.63 15.45
C ARG K 765 18.45 -9.03 15.66
N ALA K 766 17.31 -9.34 15.04
CA ALA K 766 16.68 -10.66 15.18
C ALA K 766 17.57 -11.76 14.63
N LEU K 767 18.21 -11.52 13.49
CA LEU K 767 19.07 -12.52 12.89
C LEU K 767 20.37 -12.68 13.68
N THR K 768 20.86 -11.60 14.27
CA THR K 768 22.04 -11.67 15.11
C THR K 768 21.79 -12.55 16.32
N GLY K 769 20.62 -12.40 16.93
CA GLY K 769 20.27 -13.21 18.09
C GLY K 769 20.25 -14.69 17.76
N ILE K 770 19.75 -15.03 16.57
CA ILE K 770 19.72 -16.41 16.13
C ILE K 770 21.13 -16.97 16.00
N ALA K 771 22.01 -16.20 15.37
CA ALA K 771 23.38 -16.62 15.15
C ALA K 771 24.10 -16.92 16.46
N VAL K 772 23.88 -16.08 17.46
CA VAL K 772 24.50 -16.26 18.76
C VAL K 772 24.03 -17.56 19.41
N GLU K 773 22.73 -17.82 19.30
CA GLU K 773 22.13 -19.03 19.87
C GLU K 773 22.72 -20.29 19.25
N GLN K 774 23.09 -20.24 17.98
CA GLN K 774 23.61 -21.43 17.31
C GLN K 774 24.93 -21.86 17.91
N ASP K 775 25.74 -20.90 18.35
CA ASP K 775 27.01 -21.24 18.99
C ASP K 775 26.76 -21.72 20.40
N LYS K 776 25.78 -21.12 21.06
CA LYS K 776 25.40 -21.53 22.39
C LYS K 776 24.87 -22.97 22.38
N ASN K 777 24.09 -23.30 21.36
CA ASN K 777 23.53 -24.63 21.23
C ASN K 777 24.63 -25.68 21.19
N THR K 778 25.64 -25.43 20.35
CA THR K 778 26.74 -26.37 20.21
C THR K 778 27.52 -26.53 21.49
N GLN K 779 27.77 -25.42 22.17
CA GLN K 779 28.53 -25.44 23.41
C GLN K 779 27.80 -26.21 24.50
N GLU K 780 26.48 -26.05 24.57
CA GLU K 780 25.68 -26.73 25.59
C GLU K 780 25.72 -28.24 25.43
N VAL K 781 25.83 -28.71 24.19
CA VAL K 781 25.84 -30.13 23.90
C VAL K 781 27.22 -30.76 24.07
N PHE K 782 28.24 -30.14 23.51
CA PHE K 782 29.54 -30.81 23.41
C PHE K 782 30.52 -30.42 24.50
N ALA K 783 30.45 -29.19 24.99
CA ALA K 783 31.40 -28.74 26.01
C ALA K 783 30.92 -29.07 27.40
N GLN K 784 30.78 -30.36 27.68
CA GLN K 784 30.30 -30.84 28.98
C GLN K 784 31.40 -31.55 29.75
N VAL K 785 32.64 -31.28 29.39
CA VAL K 785 33.76 -31.93 30.04
C VAL K 785 34.74 -30.89 30.58
N LYS K 786 35.25 -31.15 31.79
CA LYS K 786 36.15 -30.23 32.45
C LYS K 786 37.55 -30.24 31.84
N GLN K 787 37.98 -31.42 31.39
CA GLN K 787 39.32 -31.62 30.87
C GLN K 787 39.31 -32.44 29.60
N ILE K 788 40.37 -32.34 28.81
CA ILE K 788 40.47 -33.11 27.60
C ILE K 788 41.14 -34.44 27.87
N TYR K 789 40.33 -35.49 27.98
CA TYR K 789 40.81 -36.81 28.35
C TYR K 789 41.32 -37.56 27.14
N LYS K 790 42.32 -38.41 27.36
CA LYS K 790 42.82 -39.28 26.30
C LYS K 790 42.83 -40.73 26.74
N THR K 791 42.59 -41.63 25.79
CA THR K 791 42.69 -43.06 26.04
C THR K 791 44.17 -43.47 26.09
N PRO K 792 44.49 -44.59 26.74
CA PRO K 792 45.83 -45.15 26.86
C PRO K 792 46.34 -45.61 25.49
N PRO K 793 47.67 -45.56 25.28
CA PRO K 793 48.38 -46.00 24.09
C PRO K 793 48.04 -47.44 23.71
N ILE K 794 47.82 -48.28 24.70
CA ILE K 794 47.48 -49.68 24.45
C ILE K 794 46.02 -49.95 24.73
N LYS K 795 45.28 -50.31 23.69
CA LYS K 795 43.84 -50.46 23.80
C LYS K 795 43.44 -51.85 24.28
N ASP K 796 43.77 -52.15 25.53
CA ASP K 796 43.38 -53.41 26.14
C ASP K 796 42.24 -53.20 27.12
N PHE K 797 41.02 -53.49 26.67
CA PHE K 797 39.85 -53.24 27.48
C PHE K 797 39.07 -54.52 27.77
N GLY K 798 39.78 -55.64 27.80
CA GLY K 798 39.17 -56.90 28.20
C GLY K 798 38.36 -57.56 27.08
N GLY K 799 38.69 -57.22 25.83
CA GLY K 799 38.00 -57.81 24.68
C GLY K 799 37.07 -56.82 24.00
N PHE K 800 36.80 -55.70 24.65
CA PHE K 800 35.93 -54.68 24.08
C PHE K 800 36.71 -53.77 23.14
N ASN K 801 36.22 -53.66 21.91
CA ASN K 801 36.90 -52.97 20.84
C ASN K 801 36.15 -51.69 20.44
N PHE K 802 36.78 -50.55 20.61
CA PHE K 802 36.16 -49.25 20.39
C PHE K 802 36.73 -48.53 19.18
N SER K 803 37.41 -49.27 18.30
CA SER K 803 38.16 -48.66 17.21
C SER K 803 37.29 -47.89 16.22
N GLN K 804 36.00 -48.22 16.16
CA GLN K 804 35.12 -47.58 15.20
C GLN K 804 34.59 -46.25 15.71
N ILE K 805 34.69 -46.03 17.02
CA ILE K 805 34.20 -44.78 17.61
C ILE K 805 35.35 -43.89 18.06
N LEU K 806 36.54 -44.47 18.21
CA LEU K 806 37.72 -43.68 18.56
C LEU K 806 38.35 -43.06 17.31
N PRO K 807 39.07 -41.94 17.46
CA PRO K 807 39.74 -41.21 16.41
C PRO K 807 40.71 -42.09 15.65
N ASP K 808 40.72 -41.94 14.34
CA ASP K 808 41.70 -42.61 13.48
C ASP K 808 42.82 -41.64 13.14
N PRO K 809 44.00 -41.79 13.75
CA PRO K 809 45.10 -40.85 13.75
C PRO K 809 45.72 -40.70 12.36
N SER K 810 45.41 -41.61 11.46
CA SER K 810 45.98 -41.58 10.11
C SER K 810 45.29 -40.54 9.24
N LYS K 811 44.15 -40.04 9.71
CA LYS K 811 43.41 -39.01 8.99
C LYS K 811 43.56 -37.67 9.68
N PRO K 812 43.84 -36.60 8.92
CA PRO K 812 44.17 -35.26 9.39
C PRO K 812 43.04 -34.62 10.17
N SER K 813 41.82 -35.09 9.96
CA SER K 813 40.66 -34.57 10.65
C SER K 813 40.53 -35.18 12.04
N LYS K 814 41.26 -36.26 12.26
CA LYS K 814 41.21 -37.00 13.53
C LYS K 814 39.79 -37.41 13.90
N ARG K 815 39.00 -37.80 12.90
CA ARG K 815 37.67 -38.32 13.13
C ARG K 815 37.72 -39.82 13.31
N SER K 816 36.72 -40.38 13.99
CA SER K 816 36.56 -41.82 14.05
C SER K 816 36.05 -42.31 12.69
N PRO K 817 36.20 -43.60 12.38
CA PRO K 817 35.64 -44.28 11.23
C PRO K 817 34.15 -44.00 11.04
N ILE K 818 33.40 -43.99 12.13
CA ILE K 818 31.97 -43.68 12.06
C ILE K 818 31.73 -42.20 11.80
N GLU K 819 32.47 -41.33 12.48
CA GLU K 819 32.32 -39.90 12.26
C GLU K 819 32.67 -39.51 10.84
N ASP K 820 33.70 -40.14 10.30
CA ASP K 820 34.14 -39.83 8.94
C ASP K 820 33.06 -40.20 7.94
N LEU K 821 32.34 -41.27 8.23
CA LEU K 821 31.23 -41.69 7.39
C LEU K 821 30.05 -40.72 7.51
N LEU K 822 29.76 -40.27 8.74
CA LEU K 822 28.65 -39.37 8.97
C LEU K 822 28.87 -38.04 8.23
N PHE K 823 30.11 -37.57 8.23
CA PHE K 823 30.44 -36.31 7.59
C PHE K 823 30.40 -36.38 6.07
N ASN K 824 30.64 -37.56 5.51
CA ASN K 824 30.57 -37.75 4.07
C ASN K 824 29.14 -37.80 3.56
N LYS K 825 28.21 -38.12 4.46
CA LYS K 825 26.83 -38.38 4.07
C LYS K 825 25.90 -37.16 4.10
N VAL K 826 26.27 -36.10 4.83
CA VAL K 826 25.44 -34.90 4.92
C VAL K 826 26.17 -33.72 4.26
N GLN K 853 23.48 -15.53 -3.68
CA GLN K 853 23.06 -15.04 -2.36
C GLN K 853 23.98 -13.92 -1.89
N LYS K 854 25.29 -14.19 -1.88
CA LYS K 854 26.30 -13.25 -1.38
C LYS K 854 26.16 -11.88 -2.02
N PHE K 855 25.83 -11.88 -3.30
CA PHE K 855 25.81 -10.67 -4.09
C PHE K 855 24.62 -9.75 -3.75
N ASN K 856 23.73 -10.22 -2.88
CA ASN K 856 22.53 -9.46 -2.53
C ASN K 856 22.48 -9.10 -1.05
N GLY K 857 23.63 -9.17 -0.37
CA GLY K 857 23.69 -8.77 1.03
C GLY K 857 23.44 -9.94 1.97
N LEU K 858 23.41 -11.15 1.44
CA LEU K 858 23.18 -12.35 2.24
C LEU K 858 24.52 -13.03 2.51
N THR K 859 24.86 -13.21 3.77
CA THR K 859 26.15 -13.79 4.10
C THR K 859 26.06 -14.92 5.12
N VAL K 860 27.10 -15.75 5.14
CA VAL K 860 27.20 -16.82 6.12
C VAL K 860 28.40 -16.64 7.02
N LEU K 861 28.16 -16.69 8.31
CA LEU K 861 29.20 -16.54 9.31
C LEU K 861 29.65 -17.92 9.78
N PRO K 862 30.93 -18.11 10.03
CA PRO K 862 31.53 -19.35 10.52
C PRO K 862 31.11 -19.59 11.96
N PRO K 863 30.96 -20.85 12.36
CA PRO K 863 30.77 -21.32 13.72
C PRO K 863 31.97 -20.95 14.58
N LEU K 864 31.73 -20.72 15.86
CA LEU K 864 32.82 -20.45 16.79
C LEU K 864 33.70 -21.69 16.96
N LEU K 865 33.08 -22.84 17.12
CA LEU K 865 33.80 -24.09 17.24
C LEU K 865 33.92 -24.75 15.88
N THR K 866 35.14 -25.07 15.49
CA THR K 866 35.38 -25.77 14.24
C THR K 866 35.02 -27.24 14.38
N ASP K 867 34.92 -27.95 13.26
CA ASP K 867 34.60 -29.37 13.29
C ASP K 867 35.69 -30.15 13.99
N GLU K 868 36.93 -29.71 13.87
CA GLU K 868 38.03 -30.33 14.58
C GLU K 868 37.84 -30.20 16.09
N MET K 869 37.44 -29.02 16.54
CA MET K 869 37.21 -28.79 17.96
C MET K 869 36.06 -29.63 18.50
N ILE K 870 35.01 -29.79 17.70
CA ILE K 870 33.88 -30.60 18.11
C ILE K 870 34.29 -32.05 18.24
N ALA K 871 35.08 -32.53 17.28
CA ALA K 871 35.60 -33.88 17.32
C ALA K 871 36.49 -34.08 18.54
N GLN K 872 37.23 -33.04 18.94
CA GLN K 872 38.09 -33.12 20.12
C GLN K 872 37.27 -33.24 21.39
N TYR K 873 36.17 -32.51 21.48
CA TYR K 873 35.27 -32.63 22.62
C TYR K 873 34.67 -34.02 22.69
N THR K 874 34.26 -34.55 21.53
CA THR K 874 33.67 -35.87 21.47
C THR K 874 34.66 -36.92 21.91
N SER K 875 35.91 -36.77 21.48
CA SER K 875 36.97 -37.71 21.87
C SER K 875 37.21 -37.70 23.37
N ALA K 876 37.19 -36.54 23.99
CA ALA K 876 37.38 -36.42 25.42
C ALA K 876 36.26 -37.10 26.18
N LEU K 877 35.03 -36.99 25.68
CA LEU K 877 33.88 -37.61 26.32
C LEU K 877 33.98 -39.12 26.23
N LEU K 878 34.43 -39.63 25.10
CA LEU K 878 34.60 -41.05 24.90
C LEU K 878 35.72 -41.60 25.76
N ALA K 879 36.82 -40.88 25.84
CA ALA K 879 37.97 -41.30 26.63
C ALA K 879 37.61 -41.34 28.10
N GLY K 880 36.85 -40.35 28.55
CA GLY K 880 36.42 -40.29 29.93
C GLY K 880 35.56 -41.49 30.28
N THR K 881 34.59 -41.80 29.43
CA THR K 881 33.68 -42.90 29.66
C THR K 881 34.40 -44.24 29.69
N ILE K 882 35.30 -44.45 28.75
CA ILE K 882 36.00 -45.73 28.64
C ILE K 882 36.94 -45.98 29.79
N THR K 883 37.62 -44.95 30.28
CA THR K 883 38.62 -45.14 31.32
C THR K 883 38.09 -44.92 32.74
N SER K 884 37.02 -44.14 32.91
CA SER K 884 36.58 -43.79 34.26
C SER K 884 35.05 -43.87 34.46
N GLY K 885 34.34 -44.42 33.50
CA GLY K 885 32.90 -44.60 33.65
C GLY K 885 32.17 -43.28 33.83
N TRP K 886 31.34 -43.20 34.86
CA TRP K 886 30.52 -42.02 35.10
C TRP K 886 31.14 -41.07 36.11
N THR K 887 32.35 -41.36 36.57
CA THR K 887 32.94 -40.58 37.64
C THR K 887 33.41 -39.20 37.18
N PHE K 888 33.85 -39.10 35.93
CA PHE K 888 34.40 -37.86 35.43
C PHE K 888 33.32 -36.81 35.24
N GLY K 889 32.07 -37.23 35.27
CA GLY K 889 30.95 -36.32 35.10
C GLY K 889 30.45 -35.78 36.43
N ALA K 890 30.98 -36.29 37.54
CA ALA K 890 30.54 -35.88 38.87
C ALA K 890 31.68 -35.23 39.66
N GLY K 891 32.90 -35.61 39.34
CA GLY K 891 34.08 -35.14 40.05
C GLY K 891 35.32 -35.40 39.21
N PRO K 892 36.42 -35.74 39.86
CA PRO K 892 37.67 -36.18 39.27
C PRO K 892 37.43 -37.48 38.52
N ALA K 893 38.16 -37.70 37.43
CA ALA K 893 38.05 -38.96 36.73
C ALA K 893 38.80 -40.05 37.48
N LEU K 894 38.09 -41.09 37.87
CA LEU K 894 38.65 -42.19 38.62
C LEU K 894 38.74 -43.43 37.76
N GLN K 895 39.94 -43.96 37.59
CA GLN K 895 40.10 -45.09 36.70
C GLN K 895 39.50 -46.36 37.30
N ILE K 896 38.98 -47.20 36.42
CA ILE K 896 38.48 -48.52 36.75
C ILE K 896 38.63 -49.37 35.48
N PRO K 897 38.95 -50.67 35.59
CA PRO K 897 39.02 -51.61 34.49
C PRO K 897 37.68 -51.64 33.79
N PHE K 898 37.70 -51.71 32.45
CA PHE K 898 36.45 -51.59 31.70
C PHE K 898 35.44 -52.69 32.03
N PRO K 899 35.83 -53.98 32.11
CA PRO K 899 34.99 -55.09 32.50
C PRO K 899 34.35 -54.87 33.86
N MET K 900 35.05 -54.19 34.76
CA MET K 900 34.51 -53.93 36.08
C MET K 900 33.49 -52.80 36.02
N GLN K 901 33.72 -51.85 35.13
CA GLN K 901 32.77 -50.80 34.84
C GLN K 901 31.49 -51.39 34.27
N MET K 902 31.64 -52.35 33.37
CA MET K 902 30.49 -53.00 32.75
C MET K 902 29.72 -53.83 33.77
N ALA K 903 30.45 -54.42 34.71
CA ALA K 903 29.83 -55.17 35.80
C ALA K 903 29.00 -54.24 36.69
N TYR K 904 29.50 -53.04 36.92
CA TYR K 904 28.76 -52.03 37.67
C TYR K 904 27.45 -51.69 36.96
N ARG K 905 27.53 -51.58 35.64
CA ARG K 905 26.38 -51.23 34.82
C ARG K 905 25.37 -52.36 34.72
N PHE K 906 25.83 -53.61 34.85
CA PHE K 906 24.92 -54.73 34.93
C PHE K 906 24.11 -54.68 36.22
N ASN K 907 24.77 -54.33 37.32
CA ASN K 907 24.08 -54.15 38.59
C ASN K 907 23.05 -53.04 38.49
N GLY K 908 23.35 -52.03 37.70
CA GLY K 908 22.46 -50.88 37.50
C GLY K 908 21.15 -51.26 36.83
N ILE K 909 21.09 -52.44 36.22
CA ILE K 909 19.88 -52.90 35.56
C ILE K 909 19.31 -54.13 36.25
N GLY K 910 19.81 -54.42 37.45
CA GLY K 910 19.26 -55.50 38.26
C GLY K 910 19.81 -56.87 37.90
N VAL K 911 20.99 -56.92 37.27
CA VAL K 911 21.63 -58.18 36.92
C VAL K 911 22.91 -58.34 37.72
N THR K 912 23.09 -59.48 38.36
CA THR K 912 24.24 -59.66 39.23
C THR K 912 25.55 -59.59 38.46
N GLN K 913 26.61 -59.13 39.12
CA GLN K 913 27.88 -58.84 38.46
C GLN K 913 28.60 -60.09 37.95
N ASN K 914 28.28 -61.24 38.53
CA ASN K 914 28.91 -62.46 38.10
C ASN K 914 28.44 -62.87 36.72
N VAL K 915 27.29 -62.35 36.29
CA VAL K 915 26.76 -62.66 34.98
C VAL K 915 27.63 -62.02 33.91
N LEU K 916 28.12 -60.82 34.19
CA LEU K 916 29.04 -60.14 33.30
C LEU K 916 30.36 -60.90 33.22
N TYR K 917 30.91 -61.28 34.37
CA TYR K 917 32.23 -61.87 34.42
C TYR K 917 32.27 -63.29 33.85
N GLU K 918 31.18 -64.02 34.01
CA GLU K 918 31.13 -65.40 33.54
C GLU K 918 30.89 -65.47 32.03
N ASN K 919 30.38 -64.39 31.47
CA ASN K 919 30.05 -64.33 30.05
C ASN K 919 30.84 -63.24 29.35
N GLN K 920 31.98 -62.86 29.91
CA GLN K 920 32.72 -61.69 29.43
C GLN K 920 33.10 -61.82 27.96
N LYS K 921 33.54 -63.00 27.54
CA LYS K 921 33.94 -63.19 26.15
C LYS K 921 32.76 -63.04 25.21
N LEU K 922 31.64 -63.65 25.57
CA LEU K 922 30.42 -63.57 24.78
C LEU K 922 29.92 -62.13 24.68
N ILE K 923 29.95 -61.42 25.81
CA ILE K 923 29.44 -60.07 25.87
C ILE K 923 30.29 -59.13 25.02
N ALA K 924 31.60 -59.25 25.11
CA ALA K 924 32.49 -58.44 24.30
C ALA K 924 32.28 -58.70 22.82
N ASN K 925 32.03 -59.95 22.46
CA ASN K 925 31.79 -60.31 21.07
C ASN K 925 30.48 -59.71 20.56
N GLN K 926 29.44 -59.79 21.37
CA GLN K 926 28.14 -59.25 21.00
C GLN K 926 28.23 -57.74 20.83
N PHE K 927 28.96 -57.09 21.71
CA PHE K 927 29.19 -55.66 21.63
C PHE K 927 29.93 -55.29 20.35
N ASN K 928 31.02 -55.97 20.08
CA ASN K 928 31.86 -55.65 18.94
C ASN K 928 31.11 -55.82 17.63
N SER K 929 30.27 -56.84 17.56
CA SER K 929 29.47 -57.08 16.37
C SER K 929 28.41 -56.01 16.19
N ALA K 930 27.79 -55.60 17.29
CA ALA K 930 26.76 -54.57 17.23
C ALA K 930 27.32 -53.25 16.74
N ILE K 931 28.53 -52.91 17.15
CA ILE K 931 29.16 -51.68 16.69
C ILE K 931 29.48 -51.77 15.20
N GLY K 932 29.98 -52.91 14.77
CA GLY K 932 30.31 -53.12 13.37
C GLY K 932 29.09 -52.95 12.48
N LYS K 933 27.93 -53.39 12.96
CA LYS K 933 26.69 -53.26 12.22
C LYS K 933 26.30 -51.80 12.00
N ILE K 934 26.64 -50.95 12.96
CA ILE K 934 26.33 -49.53 12.82
C ILE K 934 27.06 -48.95 11.63
N GLN K 935 28.33 -49.31 11.48
CA GLN K 935 29.14 -48.85 10.37
C GLN K 935 28.58 -49.35 9.04
N ASP K 936 28.16 -50.61 9.03
CA ASP K 936 27.63 -51.21 7.81
C ASP K 936 26.27 -50.64 7.44
N SER K 937 25.46 -50.34 8.45
CA SER K 937 24.13 -49.80 8.23
C SER K 937 24.21 -48.41 7.61
N LEU K 938 25.07 -47.57 8.18
CA LEU K 938 25.24 -46.22 7.67
C LEU K 938 25.79 -46.24 6.25
N SER K 939 26.70 -47.18 5.98
CA SER K 939 27.35 -47.30 4.68
C SER K 939 26.39 -47.78 3.60
N SER K 940 25.20 -48.23 3.99
CA SER K 940 24.27 -48.82 3.04
C SER K 940 22.86 -48.20 3.10
N THR K 941 22.72 -47.08 3.81
CA THR K 941 21.40 -46.44 3.93
C THR K 941 21.46 -44.92 3.74
N PRO K 942 21.18 -44.45 2.52
CA PRO K 942 21.19 -43.06 2.09
C PRO K 942 20.27 -42.15 2.92
N SER K 943 19.20 -42.72 3.47
CA SER K 943 18.18 -41.94 4.18
C SER K 943 18.43 -41.86 5.69
N ALA K 944 19.50 -42.49 6.14
CA ALA K 944 19.75 -42.65 7.57
C ALA K 944 19.84 -41.31 8.30
N LEU K 945 20.38 -40.30 7.64
CA LEU K 945 20.64 -39.02 8.31
C LEU K 945 19.68 -37.93 7.88
N GLY K 946 18.47 -38.31 7.51
CA GLY K 946 17.45 -37.36 7.05
C GLY K 946 17.20 -36.24 8.06
N LYS K 947 17.29 -36.53 9.35
CA LYS K 947 17.02 -35.51 10.36
C LYS K 947 17.97 -34.33 10.25
N LEU K 948 19.20 -34.57 9.83
CA LEU K 948 20.17 -33.51 9.68
C LEU K 948 20.07 -32.88 8.32
N GLN K 949 19.76 -33.70 7.32
CA GLN K 949 19.65 -33.23 5.95
C GLN K 949 18.47 -32.29 5.78
N ASP K 950 17.40 -32.54 6.51
CA ASP K 950 16.21 -31.71 6.44
C ASP K 950 16.49 -30.29 6.92
N VAL K 951 17.36 -30.15 7.91
CA VAL K 951 17.70 -28.83 8.41
C VAL K 951 18.46 -28.05 7.36
N VAL K 952 19.39 -28.73 6.70
CA VAL K 952 20.16 -28.13 5.62
C VAL K 952 19.24 -27.72 4.48
N ASN K 953 18.30 -28.59 4.14
CA ASN K 953 17.41 -28.34 3.02
C ASN K 953 16.45 -27.20 3.30
N GLN K 954 15.89 -27.16 4.51
CA GLN K 954 14.91 -26.14 4.86
C GLN K 954 15.54 -24.76 4.86
N ASN K 955 16.78 -24.65 5.31
CA ASN K 955 17.47 -23.38 5.33
C ASN K 955 17.84 -22.93 3.93
N ALA K 956 18.26 -23.88 3.10
CA ALA K 956 18.61 -23.56 1.73
C ALA K 956 17.37 -23.10 0.97
N GLN K 957 16.21 -23.71 1.20
CA GLN K 957 14.95 -23.34 0.52
C GLN K 957 14.46 -21.97 0.98
N ALA K 958 14.70 -21.59 2.24
CA ALA K 958 14.34 -20.27 2.69
C ALA K 958 15.20 -19.17 2.07
N LEU K 959 16.50 -19.41 1.95
CA LEU K 959 17.38 -18.41 1.37
C LEU K 959 17.14 -18.25 -0.12
N ASN K 960 16.92 -19.36 -0.82
CA ASN K 960 16.69 -19.30 -2.24
C ASN K 960 15.37 -18.63 -2.55
N THR K 961 14.38 -18.86 -1.71
CA THR K 961 13.09 -18.21 -1.85
C THR K 961 13.23 -16.70 -1.68
N LEU K 962 14.01 -16.29 -0.68
CA LEU K 962 14.22 -14.87 -0.42
C LEU K 962 14.89 -14.19 -1.60
N VAL K 963 15.90 -14.82 -2.18
CA VAL K 963 16.60 -14.23 -3.32
C VAL K 963 15.69 -14.13 -4.54
N LYS K 964 14.90 -15.16 -4.79
CA LYS K 964 13.99 -15.17 -5.93
C LYS K 964 12.96 -14.05 -5.85
N GLN K 965 12.64 -13.59 -4.65
CA GLN K 965 11.67 -12.51 -4.49
C GLN K 965 12.22 -11.20 -5.04
N LEU K 966 13.52 -11.13 -5.30
CA LEU K 966 14.10 -9.94 -5.89
C LEU K 966 13.73 -9.84 -7.37
N SER K 967 13.15 -10.91 -7.90
CA SER K 967 12.70 -10.93 -9.28
C SER K 967 11.24 -10.51 -9.39
N SER K 968 10.63 -10.22 -8.26
CA SER K 968 9.23 -9.83 -8.24
C SER K 968 9.04 -8.35 -8.54
N ASN K 969 7.97 -8.04 -9.28
CA ASN K 969 7.67 -6.66 -9.63
C ASN K 969 6.88 -5.98 -8.51
N PHE K 970 6.03 -6.73 -7.84
CA PHE K 970 5.18 -6.18 -6.78
C PHE K 970 4.31 -5.04 -7.28
N GLY K 971 4.04 -5.04 -8.59
CA GLY K 971 3.17 -4.02 -9.17
C GLY K 971 3.96 -2.94 -9.90
N ALA K 972 5.28 -2.96 -9.73
CA ALA K 972 6.15 -2.00 -10.38
C ALA K 972 6.37 -2.36 -11.85
N ILE K 973 6.84 -1.39 -12.63
CA ILE K 973 7.11 -1.60 -14.05
C ILE K 973 8.21 -2.60 -14.29
N SER K 974 9.12 -2.73 -13.32
CA SER K 974 10.23 -3.66 -13.43
C SER K 974 10.72 -4.09 -12.07
N SER K 975 11.21 -5.32 -11.99
CA SER K 975 11.84 -5.84 -10.78
C SER K 975 13.21 -5.24 -10.56
N VAL K 976 13.78 -4.70 -11.64
CA VAL K 976 15.13 -4.16 -11.58
C VAL K 976 15.10 -2.68 -11.23
N LEU K 977 15.72 -2.34 -10.11
CA LEU K 977 15.66 -1.00 -9.57
C LEU K 977 16.34 0.00 -10.50
N ASN K 978 17.42 -0.44 -11.14
CA ASN K 978 18.16 0.42 -12.05
C ASN K 978 17.34 0.77 -13.29
N ASP K 979 16.46 -0.14 -13.72
CA ASP K 979 15.62 0.13 -14.87
C ASP K 979 14.70 1.29 -14.59
N ILE K 980 14.18 1.34 -13.38
CA ILE K 980 13.27 2.40 -12.97
C ILE K 980 14.01 3.73 -12.94
N LEU K 981 15.19 3.73 -12.34
CA LEU K 981 15.97 4.95 -12.17
C LEU K 981 16.51 5.49 -13.49
N SER K 982 16.82 4.60 -14.43
CA SER K 982 17.35 5.01 -15.73
C SER K 982 16.29 5.53 -16.67
N ARG K 983 15.04 5.09 -16.51
CA ARG K 983 13.98 5.44 -17.44
C ARG K 983 13.11 6.58 -16.97
N LEU K 984 12.78 6.60 -15.68
CA LEU K 984 11.86 7.62 -15.14
C LEU K 984 12.68 8.63 -14.26
N CYS K 985 11.98 9.79 -14.22
CA CYS K 985 12.62 10.99 -13.25
C CYS K 985 11.90 10.86 -11.98
N PRO K 986 12.46 11.68 -10.96
CA PRO K 986 12.12 11.48 -9.54
C PRO K 986 10.62 11.40 -9.17
N PRO K 987 9.67 12.20 -9.67
CA PRO K 987 8.28 12.14 -9.24
C PRO K 987 7.59 10.79 -9.55
N GLU K 988 7.94 10.13 -10.65
CA GLU K 988 7.28 8.88 -10.99
C GLU K 988 8.12 7.67 -10.58
N ALA K 989 9.41 7.88 -10.38
CA ALA K 989 10.26 6.79 -9.97
C ALA K 989 9.96 6.39 -8.52
N GLU K 990 9.69 7.39 -7.69
CA GLU K 990 9.46 7.14 -6.28
C GLU K 990 8.26 6.24 -6.07
N VAL K 991 7.24 6.38 -6.90
CA VAL K 991 6.08 5.53 -6.80
C VAL K 991 6.43 4.09 -7.13
N GLN K 992 7.22 3.92 -8.18
CA GLN K 992 7.65 2.58 -8.60
C GLN K 992 8.59 1.96 -7.58
N ILE K 993 9.44 2.78 -6.99
CA ILE K 993 10.39 2.30 -6.00
C ILE K 993 9.66 1.89 -4.72
N ASP K 994 8.68 2.68 -4.32
CA ASP K 994 7.89 2.38 -3.13
C ASP K 994 7.27 1.00 -3.24
N ARG K 995 6.85 0.61 -4.43
CA ARG K 995 6.23 -0.71 -4.64
C ARG K 995 7.25 -1.82 -4.45
N LEU K 996 8.46 -1.62 -4.90
CA LEU K 996 9.51 -2.61 -4.71
C LEU K 996 9.95 -2.67 -3.25
N ILE K 997 10.02 -1.51 -2.59
CA ILE K 997 10.40 -1.48 -1.20
C ILE K 997 9.37 -2.20 -0.34
N THR K 998 8.09 -1.93 -0.60
CA THR K 998 7.02 -2.56 0.16
C THR K 998 7.09 -4.08 0.05
N GLY K 999 7.27 -4.57 -1.16
CA GLY K 999 7.32 -6.01 -1.41
C GLY K 999 8.57 -6.64 -0.83
N ARG K 1000 9.71 -5.98 -1.01
CA ARG K 1000 10.99 -6.53 -0.56
C ARG K 1000 11.09 -6.51 0.96
N LEU K 1001 10.52 -5.49 1.59
CA LEU K 1001 10.48 -5.42 3.03
C LEU K 1001 9.59 -6.54 3.58
N GLN K 1002 8.45 -6.76 2.93
CA GLN K 1002 7.53 -7.82 3.33
C GLN K 1002 8.18 -9.20 3.18
N SER K 1003 8.96 -9.37 2.10
CA SER K 1003 9.64 -10.64 1.86
C SER K 1003 10.67 -10.93 2.93
N LEU K 1004 11.39 -9.89 3.34
CA LEU K 1004 12.41 -10.05 4.37
C LEU K 1004 11.81 -10.29 5.74
N GLN K 1005 10.70 -9.62 6.05
CA GLN K 1005 10.02 -9.84 7.31
C GLN K 1005 9.51 -11.27 7.41
N THR K 1006 9.02 -11.80 6.29
CA THR K 1006 8.57 -13.18 6.25
C THR K 1006 9.71 -14.13 6.54
N TYR K 1007 10.86 -13.87 5.91
CA TYR K 1007 12.04 -14.69 6.10
C TYR K 1007 12.47 -14.74 7.56
N VAL K 1008 12.59 -13.57 8.18
CA VAL K 1008 13.07 -13.50 9.55
C VAL K 1008 12.11 -14.18 10.52
N THR K 1009 10.82 -13.99 10.34
CA THR K 1009 9.84 -14.65 11.19
C THR K 1009 9.98 -16.15 11.13
N GLN K 1010 10.16 -16.67 9.92
CA GLN K 1010 10.32 -18.11 9.73
C GLN K 1010 11.60 -18.62 10.37
N GLN K 1011 12.65 -17.81 10.33
CA GLN K 1011 13.92 -18.18 10.92
C GLN K 1011 13.83 -18.23 12.43
N LEU K 1012 13.04 -17.34 13.02
CA LEU K 1012 12.87 -17.31 14.46
C LEU K 1012 12.10 -18.54 14.93
N ILE K 1013 11.08 -18.93 14.17
CA ILE K 1013 10.30 -20.11 14.49
C ILE K 1013 11.15 -21.37 14.33
N ARG K 1014 11.88 -21.44 13.23
CA ARG K 1014 12.76 -22.57 12.98
C ARG K 1014 13.87 -22.65 14.03
N ALA K 1015 14.40 -21.51 14.44
CA ALA K 1015 15.45 -21.47 15.44
C ALA K 1015 14.96 -22.02 16.77
N ALA K 1016 13.72 -21.73 17.12
CA ALA K 1016 13.15 -22.20 18.37
C ALA K 1016 13.07 -23.72 18.37
N GLU K 1017 12.73 -24.31 17.23
CA GLU K 1017 12.63 -25.75 17.12
C GLU K 1017 14.00 -26.41 17.26
N ILE K 1018 15.01 -25.81 16.64
CA ILE K 1018 16.37 -26.30 16.73
C ILE K 1018 16.90 -26.18 18.15
N ARG K 1019 16.57 -25.09 18.82
CA ARG K 1019 16.98 -24.88 20.20
C ARG K 1019 16.46 -25.99 21.10
N ALA K 1020 15.18 -26.36 20.92
CA ALA K 1020 14.60 -27.44 21.70
C ALA K 1020 15.30 -28.76 21.42
N SER K 1021 15.68 -28.99 20.17
CA SER K 1021 16.41 -30.19 19.80
C SER K 1021 17.78 -30.21 20.46
N ALA K 1022 18.45 -29.07 20.47
CA ALA K 1022 19.75 -28.93 21.11
C ALA K 1022 19.63 -29.12 22.62
N ASN K 1023 18.54 -28.66 23.20
CA ASN K 1023 18.33 -28.81 24.64
C ASN K 1023 18.16 -30.28 25.00
N LEU K 1024 17.48 -31.02 24.13
CA LEU K 1024 17.30 -32.45 24.33
C LEU K 1024 18.62 -33.20 24.18
N ALA K 1025 19.41 -32.81 23.19
CA ALA K 1025 20.71 -33.42 22.95
C ALA K 1025 21.64 -33.20 24.13
N ALA K 1026 21.60 -32.01 24.72
CA ALA K 1026 22.43 -31.70 25.88
C ALA K 1026 22.01 -32.53 27.08
N THR K 1027 20.72 -32.78 27.23
CA THR K 1027 20.22 -33.61 28.31
C THR K 1027 20.68 -35.05 28.15
N LYS K 1028 20.62 -35.56 26.92
CA LYS K 1028 21.05 -36.91 26.63
C LYS K 1028 22.55 -37.08 26.84
N MET K 1029 23.33 -36.07 26.51
CA MET K 1029 24.74 -36.13 26.76
C MET K 1029 25.01 -36.30 28.26
N SER K 1030 24.28 -35.56 29.07
CA SER K 1030 24.44 -35.63 30.52
C SER K 1030 23.92 -36.94 31.11
N GLU K 1031 22.77 -37.40 30.63
CA GLU K 1031 22.10 -38.52 31.28
C GLU K 1031 22.39 -39.92 30.65
N CYS K 1032 22.81 -39.95 29.45
CA CYS K 1032 23.15 -41.22 28.68
C CYS K 1032 24.60 -41.40 28.52
N VAL K 1033 25.36 -40.38 28.36
CA VAL K 1033 26.80 -40.50 28.17
C VAL K 1033 27.57 -40.34 29.48
N LEU K 1034 27.19 -39.36 30.29
CA LEU K 1034 27.88 -39.11 31.55
C LEU K 1034 27.26 -39.89 32.71
N GLY K 1035 26.36 -40.81 32.38
CA GLY K 1035 25.76 -41.66 33.39
C GLY K 1035 24.89 -42.77 32.79
N GLN K 1036 24.36 -43.61 33.66
CA GLN K 1036 23.45 -44.67 33.29
C GLN K 1036 22.03 -44.30 33.69
N SER K 1037 21.13 -44.25 32.72
CA SER K 1037 19.78 -43.74 32.94
C SER K 1037 18.77 -44.84 33.24
N LYS K 1038 17.88 -44.56 34.18
CA LYS K 1038 16.76 -45.46 34.48
C LYS K 1038 15.48 -45.00 33.79
N ARG K 1039 15.56 -43.90 33.04
CA ARG K 1039 14.40 -43.39 32.32
C ARG K 1039 14.11 -44.25 31.11
N VAL K 1040 12.89 -44.79 31.05
CA VAL K 1040 12.55 -45.75 30.01
C VAL K 1040 12.54 -45.11 28.62
N ASP K 1041 13.25 -45.75 27.70
CA ASP K 1041 13.35 -45.33 26.30
C ASP K 1041 13.93 -43.94 26.12
N PHE K 1042 14.60 -43.42 27.14
CA PHE K 1042 15.30 -42.16 27.00
C PHE K 1042 16.64 -42.32 26.29
N CYS K 1043 17.33 -43.44 26.54
CA CYS K 1043 18.68 -43.72 25.97
C CYS K 1043 18.62 -45.05 25.22
N GLY K 1044 17.69 -45.18 24.29
CA GLY K 1044 17.58 -46.37 23.45
C GLY K 1044 16.54 -47.35 24.00
N LYS K 1045 16.21 -48.35 23.18
CA LYS K 1045 15.22 -49.36 23.56
C LYS K 1045 15.91 -50.55 24.23
N GLY K 1046 15.42 -50.93 25.40
CA GLY K 1046 16.05 -51.96 26.22
C GLY K 1046 16.55 -51.33 27.51
N TYR K 1047 17.28 -52.08 28.32
CA TYR K 1047 17.79 -51.54 29.57
C TYR K 1047 19.13 -50.86 29.34
N HIS K 1048 19.19 -49.57 29.59
CA HIS K 1048 20.38 -48.79 29.24
C HIS K 1048 21.60 -49.21 30.02
N LEU K 1049 22.69 -49.43 29.29
CA LEU K 1049 23.98 -49.70 29.91
C LEU K 1049 24.87 -48.46 29.81
N MET K 1050 25.06 -47.96 28.59
CA MET K 1050 25.92 -46.81 28.36
C MET K 1050 25.70 -46.25 26.97
N SER K 1051 26.20 -45.03 26.73
CA SER K 1051 26.10 -44.43 25.41
C SER K 1051 27.39 -43.74 24.99
N PHE K 1052 27.59 -43.65 23.67
CA PHE K 1052 28.75 -42.99 23.12
C PHE K 1052 28.32 -41.94 22.08
N PRO K 1053 28.78 -40.70 22.21
CA PRO K 1053 28.57 -39.62 21.28
C PRO K 1053 29.48 -39.72 20.06
N GLN K 1054 28.96 -39.28 18.92
CA GLN K 1054 29.74 -39.07 17.70
C GLN K 1054 29.32 -37.76 17.07
N SER K 1055 30.27 -36.97 16.58
CA SER K 1055 29.93 -35.71 15.97
C SER K 1055 29.40 -35.92 14.55
N ALA K 1056 28.54 -35.01 14.13
CA ALA K 1056 28.00 -35.00 12.77
C ALA K 1056 27.77 -33.55 12.36
N PRO K 1057 27.70 -33.25 11.07
CA PRO K 1057 27.46 -31.94 10.53
C PRO K 1057 26.19 -31.34 11.14
N HIS K 1058 26.38 -30.26 11.88
CA HIS K 1058 25.27 -29.52 12.50
C HIS K 1058 24.46 -30.36 13.49
N GLY K 1059 25.04 -31.43 13.99
CA GLY K 1059 24.29 -32.28 14.91
C GLY K 1059 25.15 -33.28 15.66
N VAL K 1060 24.50 -34.15 16.41
CA VAL K 1060 25.16 -35.17 17.21
C VAL K 1060 24.50 -36.52 17.00
N VAL K 1061 25.30 -37.56 16.98
CA VAL K 1061 24.79 -38.92 16.91
C VAL K 1061 25.12 -39.70 18.17
N PHE K 1062 24.12 -40.30 18.77
CA PHE K 1062 24.34 -41.10 19.97
C PHE K 1062 24.22 -42.58 19.65
N LEU K 1063 25.19 -43.35 20.10
CA LEU K 1063 25.12 -44.80 20.03
C LEU K 1063 24.78 -45.36 21.39
N HIS K 1064 23.57 -45.86 21.54
CA HIS K 1064 23.09 -46.34 22.81
C HIS K 1064 23.30 -47.84 22.94
N VAL K 1065 23.89 -48.26 24.04
CA VAL K 1065 24.12 -49.68 24.30
C VAL K 1065 23.16 -50.18 25.35
N THR K 1066 22.34 -51.15 25.00
CA THR K 1066 21.33 -51.64 25.92
C THR K 1066 21.39 -53.15 26.11
N TYR K 1067 20.88 -53.59 27.23
CA TYR K 1067 20.73 -55.01 27.55
C TYR K 1067 19.32 -55.46 27.22
N VAL K 1068 19.20 -56.41 26.31
CA VAL K 1068 17.91 -56.92 25.91
C VAL K 1068 17.77 -58.41 26.23
N PRO K 1069 16.86 -58.77 27.14
CA PRO K 1069 16.58 -60.12 27.57
C PRO K 1069 16.26 -61.02 26.38
N ALA K 1070 16.67 -62.28 26.45
CA ALA K 1070 16.48 -63.20 25.34
C ALA K 1070 16.22 -64.62 25.82
N HIS K 1071 15.58 -65.41 24.97
CA HIS K 1071 15.39 -66.85 25.20
C HIS K 1071 14.70 -67.13 26.52
N GLU K 1072 13.50 -66.61 26.68
CA GLU K 1072 12.75 -66.79 27.91
C GLU K 1072 12.18 -68.18 28.02
N LYS K 1073 11.99 -68.65 29.26
CA LYS K 1073 11.35 -69.94 29.53
C LYS K 1073 10.19 -69.74 30.48
N ASN K 1074 9.18 -70.63 30.44
CA ASN K 1074 8.01 -70.61 31.33
C ASN K 1074 8.32 -71.37 32.60
N PHE K 1075 8.00 -70.80 33.79
CA PHE K 1075 8.12 -71.46 35.10
C PHE K 1075 6.85 -71.28 35.93
N THR K 1076 6.64 -72.18 36.87
CA THR K 1076 5.61 -72.00 37.88
C THR K 1076 6.14 -71.14 39.00
N THR K 1077 5.33 -70.23 39.51
CA THR K 1077 5.79 -69.33 40.56
C THR K 1077 4.86 -69.29 41.76
N ALA K 1078 5.34 -68.63 42.81
CA ALA K 1078 4.57 -68.43 44.03
C ALA K 1078 5.05 -67.16 44.72
N PRO K 1079 4.16 -66.43 45.38
CA PRO K 1079 4.41 -65.20 46.11
C PRO K 1079 5.20 -65.45 47.39
N ALA K 1080 5.09 -66.64 47.95
CA ALA K 1080 5.74 -66.96 49.20
C ALA K 1080 5.85 -68.46 49.40
N ILE K 1081 6.79 -68.86 50.25
CA ILE K 1081 6.95 -70.25 50.64
C ILE K 1081 6.60 -70.46 52.10
N CYS K 1082 5.84 -71.49 52.46
CA CYS K 1082 5.47 -71.86 53.72
C CYS K 1082 6.44 -72.84 54.41
N HIS K 1083 7.08 -72.64 55.44
CA HIS K 1083 7.96 -73.59 56.10
C HIS K 1083 7.96 -73.40 57.60
N ASP K 1084 7.71 -74.48 58.33
CA ASP K 1084 7.63 -74.42 59.78
C ASP K 1084 6.57 -73.42 60.24
N GLY K 1085 5.53 -73.25 59.43
CA GLY K 1085 4.42 -72.37 59.79
C GLY K 1085 4.72 -70.90 59.52
N LYS K 1086 5.90 -70.61 58.98
CA LYS K 1086 6.31 -69.25 58.70
C LYS K 1086 6.27 -68.95 57.22
N ALA K 1087 5.86 -67.74 56.87
CA ALA K 1087 5.84 -67.30 55.47
C ALA K 1087 7.17 -66.68 55.06
N HIS K 1088 7.76 -67.21 54.00
CA HIS K 1088 9.05 -66.75 53.52
C HIS K 1088 8.92 -66.04 52.18
N PHE K 1089 9.60 -64.91 52.05
CA PHE K 1089 9.61 -64.14 50.82
C PHE K 1089 11.06 -64.00 50.33
N PRO K 1090 11.30 -63.88 49.02
CA PRO K 1090 12.59 -63.66 48.42
C PRO K 1090 13.15 -62.31 48.84
N ARG K 1091 14.46 -62.25 49.06
CA ARG K 1091 15.10 -60.98 49.39
C ARG K 1091 15.38 -60.16 48.13
N GLU K 1092 15.81 -60.82 47.07
CA GLU K 1092 16.26 -60.13 45.87
C GLU K 1092 15.68 -60.67 44.58
N GLY K 1093 14.89 -61.75 44.66
CA GLY K 1093 14.46 -62.43 43.43
C GLY K 1093 13.03 -62.92 43.49
N VAL K 1094 12.77 -63.98 42.74
CA VAL K 1094 11.45 -64.57 42.62
C VAL K 1094 11.51 -66.08 42.77
N PHE K 1095 10.52 -66.67 43.43
CA PHE K 1095 10.46 -68.11 43.56
C PHE K 1095 9.96 -68.77 42.28
N VAL K 1096 10.66 -69.80 41.84
CA VAL K 1096 10.29 -70.53 40.63
C VAL K 1096 10.37 -72.03 40.81
N SER K 1097 9.49 -72.74 40.11
CA SER K 1097 9.52 -74.18 40.09
C SER K 1097 9.74 -74.70 38.69
N ASN K 1098 10.60 -75.71 38.56
CA ASN K 1098 10.86 -76.36 37.27
C ASN K 1098 9.90 -77.52 37.03
N GLY K 1099 8.88 -77.63 37.87
CA GLY K 1099 7.84 -78.66 37.75
C GLY K 1099 7.91 -79.63 38.93
N THR K 1100 9.08 -79.73 39.53
CA THR K 1100 9.26 -80.65 40.66
C THR K 1100 10.00 -80.02 41.84
N HIS K 1101 10.90 -79.09 41.56
CA HIS K 1101 11.71 -78.48 42.61
C HIS K 1101 11.60 -76.96 42.60
N TRP K 1102 11.60 -76.37 43.79
CA TRP K 1102 11.52 -74.93 43.94
C TRP K 1102 12.89 -74.29 44.16
N PHE K 1103 13.09 -73.16 43.49
CA PHE K 1103 14.31 -72.38 43.59
C PHE K 1103 14.00 -70.90 43.71
N VAL K 1104 15.00 -70.11 44.07
CA VAL K 1104 14.89 -68.68 43.97
C VAL K 1104 15.89 -68.15 42.95
N THR K 1105 15.45 -67.25 42.08
CA THR K 1105 16.30 -66.71 41.04
C THR K 1105 16.21 -65.20 40.96
N GLN K 1106 17.31 -64.57 40.52
CA GLN K 1106 17.25 -63.17 40.15
C GLN K 1106 16.26 -62.99 39.01
N ARG K 1107 15.68 -61.80 38.92
CA ARG K 1107 14.49 -61.58 38.10
C ARG K 1107 14.74 -61.51 36.60
N ASN K 1108 15.89 -60.98 36.19
CA ASN K 1108 16.12 -60.68 34.79
C ASN K 1108 17.04 -61.69 34.11
N PHE K 1109 17.38 -62.75 34.82
CA PHE K 1109 18.29 -63.76 34.30
C PHE K 1109 18.14 -65.05 35.08
N TYR K 1110 17.85 -66.14 34.40
CA TYR K 1110 17.60 -67.39 35.08
C TYR K 1110 18.88 -67.96 35.68
N GLU K 1111 18.90 -68.03 37.00
CA GLU K 1111 20.04 -68.53 37.74
C GLU K 1111 19.58 -69.10 39.07
N PRO K 1112 18.97 -70.28 39.07
CA PRO K 1112 18.23 -70.89 40.16
C PRO K 1112 19.15 -71.26 41.32
N GLN K 1113 18.71 -70.94 42.52
CA GLN K 1113 19.45 -71.28 43.73
C GLN K 1113 18.55 -71.98 44.73
N ILE K 1114 19.14 -72.79 45.58
CA ILE K 1114 18.41 -73.44 46.65
C ILE K 1114 17.83 -72.40 47.59
N ILE K 1115 16.57 -72.59 47.99
CA ILE K 1115 15.92 -71.66 48.88
C ILE K 1115 16.41 -71.85 50.30
N THR K 1116 17.00 -70.82 50.87
CA THR K 1116 17.63 -70.89 52.17
C THR K 1116 17.21 -69.72 53.04
N THR K 1117 17.67 -69.72 54.28
CA THR K 1117 17.40 -68.62 55.21
C THR K 1117 18.21 -67.37 54.84
N ASP K 1118 19.18 -67.53 53.94
CA ASP K 1118 20.06 -66.42 53.57
C ASP K 1118 19.56 -65.63 52.36
N ASN K 1119 18.66 -66.20 51.59
CA ASN K 1119 18.13 -65.52 50.41
C ASN K 1119 16.64 -65.28 50.50
N THR K 1120 16.10 -65.48 51.69
CA THR K 1120 14.70 -65.20 51.99
C THR K 1120 14.56 -64.42 53.29
N PHE K 1121 13.37 -63.89 53.54
CA PHE K 1121 13.06 -63.31 54.84
C PHE K 1121 11.68 -63.74 55.29
N VAL K 1122 11.45 -63.70 56.60
CA VAL K 1122 10.19 -64.17 57.16
C VAL K 1122 9.27 -63.04 57.57
N SER K 1123 7.98 -63.20 57.25
CA SER K 1123 6.99 -62.25 57.73
C SER K 1123 5.63 -62.92 57.98
N GLY K 1124 5.32 -63.12 59.26
CA GLY K 1124 4.01 -63.65 59.66
C GLY K 1124 3.87 -65.14 59.41
N ASN K 1125 2.67 -65.65 59.65
CA ASN K 1125 2.37 -67.06 59.43
C ASN K 1125 1.86 -67.29 58.01
N CYS K 1126 1.55 -68.53 57.68
CA CYS K 1126 1.19 -68.91 56.30
C CYS K 1126 -0.30 -68.75 55.99
N ASP K 1127 -1.08 -68.21 56.91
CA ASP K 1127 -2.54 -68.15 56.74
C ASP K 1127 -3.00 -66.97 55.90
N VAL K 1128 -2.17 -65.95 55.76
CA VAL K 1128 -2.62 -64.70 55.15
C VAL K 1128 -2.37 -64.65 53.64
N VAL K 1129 -1.23 -65.13 53.19
CA VAL K 1129 -0.83 -64.95 51.79
C VAL K 1129 -1.57 -65.89 50.84
N ILE K 1130 -2.19 -65.30 49.82
CA ILE K 1130 -2.92 -66.06 48.84
C ILE K 1130 -1.96 -66.67 47.82
N GLY K 1131 -1.98 -67.98 47.69
CA GLY K 1131 -1.13 -68.66 46.72
C GLY K 1131 0.17 -69.18 47.31
N ILE K 1132 0.32 -69.09 48.63
CA ILE K 1132 1.51 -69.60 49.30
C ILE K 1132 1.63 -71.11 49.10
N VAL K 1133 2.86 -71.59 48.86
CA VAL K 1133 3.08 -73.01 48.65
C VAL K 1133 4.01 -73.60 49.70
N ASN K 1134 3.87 -74.90 49.96
CA ASN K 1134 4.67 -75.63 50.91
C ASN K 1134 6.01 -76.08 50.31
N ASN K 1135 7.11 -75.76 50.93
CA ASN K 1135 8.44 -76.20 50.49
C ASN K 1135 9.45 -76.11 51.63
N THR K 1136 10.54 -76.85 51.50
CA THR K 1136 11.61 -76.79 52.49
C THR K 1136 12.45 -75.53 52.33
N VAL K 1137 12.74 -74.88 53.47
CA VAL K 1137 13.69 -73.78 53.49
C VAL K 1137 14.92 -74.19 54.28
N TYR K 1138 16.06 -74.18 53.62
CA TYR K 1138 17.29 -74.72 54.18
C TYR K 1138 18.06 -73.71 55.04
N ASP K 1139 18.45 -74.16 56.23
CA ASP K 1139 19.29 -73.35 57.12
C ASP K 1139 20.73 -73.86 57.10
N PRO K 1140 21.67 -73.11 56.49
CA PRO K 1140 23.07 -73.46 56.26
C PRO K 1140 23.83 -73.86 57.51
N LEU K 1141 23.35 -73.45 58.68
CA LEU K 1141 24.06 -73.75 59.92
C LEU K 1141 23.57 -75.04 60.55
N GLN K 1142 22.50 -75.58 59.99
CA GLN K 1142 21.89 -76.79 60.52
C GLN K 1142 22.87 -77.97 60.64
N PRO K 1143 23.60 -78.35 59.57
CA PRO K 1143 24.59 -79.41 59.56
C PRO K 1143 25.85 -79.04 60.30
N GLU K 1144 26.11 -77.75 60.45
CA GLU K 1144 27.29 -77.29 61.17
C GLU K 1144 27.11 -77.50 62.66
N LEU K 1145 25.89 -77.27 63.15
CA LEU K 1145 25.54 -77.45 64.55
C LEU K 1145 24.19 -78.17 64.66
N VAL L 1 -22.61 -9.50 -35.51
CA VAL L 1 -22.83 -10.57 -36.49
C VAL L 1 -23.00 -9.99 -37.88
N ILE L 2 -22.29 -10.56 -38.85
CA ILE L 2 -22.44 -10.16 -40.23
C ILE L 2 -23.49 -11.02 -40.92
N TRP L 3 -24.62 -10.40 -41.26
CA TRP L 3 -25.71 -11.10 -41.92
C TRP L 3 -25.46 -11.20 -43.42
N MET L 4 -25.93 -12.29 -44.02
CA MET L 4 -25.79 -12.49 -45.46
C MET L 4 -27.16 -12.55 -46.14
N THR L 5 -27.22 -12.05 -47.38
CA THR L 5 -28.44 -12.10 -48.16
C THR L 5 -28.16 -12.44 -49.62
N GLN L 6 -29.17 -12.96 -50.32
CA GLN L 6 -29.00 -13.35 -51.71
C GLN L 6 -30.18 -12.89 -52.57
N SER L 7 -29.92 -12.67 -53.85
CA SER L 7 -30.95 -12.24 -54.80
C SER L 7 -30.68 -12.78 -56.21
N PRO L 8 -31.71 -13.30 -56.86
CA PRO L 8 -33.07 -13.51 -56.39
C PRO L 8 -33.15 -14.69 -55.44
N SER L 9 -34.29 -14.87 -54.79
CA SER L 9 -34.51 -16.05 -53.96
C SER L 9 -34.57 -17.31 -54.81
N SER L 10 -35.04 -17.15 -56.05
CA SER L 10 -35.12 -18.26 -56.99
C SER L 10 -35.16 -17.74 -58.43
N LEU L 11 -34.67 -18.55 -59.36
CA LEU L 11 -34.74 -18.21 -60.77
C LEU L 11 -35.01 -19.45 -61.62
N SER L 12 -35.58 -19.25 -62.81
CA SER L 12 -35.75 -20.33 -63.77
C SER L 12 -34.95 -20.05 -65.05
N ALA L 13 -34.21 -21.05 -65.52
CA ALA L 13 -33.38 -20.90 -66.72
C ALA L 13 -33.25 -22.22 -67.48
N SER L 14 -32.97 -22.13 -68.78
CA SER L 14 -32.84 -23.30 -69.63
C SER L 14 -31.39 -23.62 -69.92
N VAL L 15 -31.15 -24.79 -70.54
CA VAL L 15 -29.80 -25.17 -70.89
C VAL L 15 -29.23 -24.21 -71.92
N GLY L 16 -28.02 -23.71 -71.65
CA GLY L 16 -27.35 -22.79 -72.56
C GLY L 16 -27.51 -21.34 -72.11
N ASP L 17 -28.43 -21.10 -71.18
CA ASP L 17 -28.66 -19.75 -70.66
C ASP L 17 -27.56 -19.34 -69.69
N ARG L 18 -27.34 -18.04 -69.57
CA ARG L 18 -26.41 -17.51 -68.58
C ARG L 18 -27.16 -17.24 -67.27
N VAL L 19 -26.62 -17.74 -66.17
CA VAL L 19 -27.26 -17.59 -64.87
C VAL L 19 -26.40 -16.76 -63.92
N THR L 20 -26.99 -15.67 -63.40
CA THR L 20 -26.28 -14.83 -62.45
C THR L 20 -27.00 -14.79 -61.12
N ILE L 21 -26.24 -15.05 -60.05
CA ILE L 21 -26.75 -15.04 -58.69
C ILE L 21 -25.99 -14.02 -57.85
N THR L 22 -26.71 -13.15 -57.16
CA THR L 22 -26.08 -12.11 -56.36
C THR L 22 -26.07 -12.44 -54.89
N CYS L 23 -24.93 -12.30 -54.22
CA CYS L 23 -24.77 -12.43 -52.82
C CYS L 23 -24.31 -11.15 -52.15
N GLN L 24 -24.83 -10.72 -51.08
CA GLN L 24 -24.40 -9.51 -50.42
C GLN L 24 -24.13 -9.74 -48.94
N ALA L 25 -23.06 -9.14 -48.46
CA ALA L 25 -22.74 -9.20 -47.05
C ALA L 25 -23.26 -7.96 -46.36
N SER L 26 -23.65 -8.13 -45.08
CA SER L 26 -24.16 -6.97 -44.31
C SER L 26 -23.02 -5.98 -44.07
N GLN L 27 -21.75 -6.38 -44.23
CA GLN L 27 -20.59 -5.50 -43.98
C GLN L 27 -19.43 -5.91 -44.88
N ASP L 28 -18.42 -5.06 -45.02
CA ASP L 28 -17.21 -5.35 -45.88
C ASP L 28 -16.40 -6.58 -45.43
N ILE L 29 -16.38 -7.62 -46.26
CA ILE L 29 -15.68 -8.87 -45.96
C ILE L 29 -14.53 -9.11 -46.94
N ARG L 30 -14.02 -8.03 -47.51
CA ARG L 30 -12.93 -8.11 -48.47
C ARG L 30 -13.28 -9.05 -49.62
N PHE L 31 -12.48 -10.09 -49.78
CA PHE L 31 -12.72 -11.08 -50.83
C PHE L 31 -13.00 -12.44 -50.20
N TYR L 32 -13.23 -12.45 -48.91
CA TYR L 32 -13.38 -13.69 -48.17
C TYR L 32 -14.80 -14.22 -48.20
N LEU L 33 -15.12 -14.98 -49.24
CA LEU L 33 -16.46 -15.52 -49.42
C LEU L 33 -16.45 -16.87 -50.13
N ASN L 34 -17.14 -17.85 -49.56
CA ASN L 34 -17.24 -19.17 -50.16
C ASN L 34 -18.58 -19.39 -50.85
N TRP L 35 -18.55 -20.01 -52.03
CA TRP L 35 -19.77 -20.35 -52.76
C TRP L 35 -19.97 -21.86 -52.80
N TYR L 36 -21.13 -22.31 -52.30
CA TYR L 36 -21.45 -23.73 -52.23
C TYR L 36 -22.68 -24.08 -53.06
N GLN L 37 -22.66 -25.27 -53.65
CA GLN L 37 -23.82 -25.77 -54.39
C GLN L 37 -24.36 -27.04 -53.75
N GLN L 38 -25.66 -27.07 -53.51
CA GLN L 38 -26.30 -28.21 -52.87
C GLN L 38 -27.45 -28.78 -53.69
N LYS L 39 -27.42 -30.09 -53.90
CA LYS L 39 -28.55 -30.78 -54.52
C LYS L 39 -29.31 -31.52 -53.41
N PRO L 40 -30.62 -31.72 -53.57
CA PRO L 40 -31.50 -32.35 -52.61
C PRO L 40 -30.97 -33.70 -52.13
N GLY L 41 -30.92 -33.87 -50.81
CA GLY L 41 -30.51 -35.14 -50.22
C GLY L 41 -28.99 -35.24 -50.01
N LYS L 42 -28.26 -34.22 -50.44
CA LYS L 42 -26.80 -34.27 -50.35
C LYS L 42 -26.22 -33.10 -49.56
N ALA L 43 -25.03 -33.31 -49.01
CA ALA L 43 -24.25 -32.24 -48.39
C ALA L 43 -23.78 -31.28 -49.46
N PRO L 44 -23.62 -29.98 -49.12
CA PRO L 44 -23.12 -28.92 -49.97
C PRO L 44 -21.72 -29.17 -50.47
N LYS L 45 -21.44 -28.74 -51.69
CA LYS L 45 -20.11 -28.84 -52.27
C LYS L 45 -19.56 -27.47 -52.60
N LEU L 46 -18.30 -27.23 -52.24
CA LEU L 46 -17.68 -25.94 -52.51
C LEU L 46 -17.27 -25.81 -53.97
N LEU L 47 -17.63 -24.68 -54.58
CA LEU L 47 -17.21 -24.40 -55.95
C LEU L 47 -16.17 -23.30 -55.99
N ILE L 48 -16.34 -22.28 -55.16
CA ILE L 48 -15.44 -21.12 -55.17
C ILE L 48 -15.07 -20.67 -53.76
N SER L 49 -13.81 -20.31 -53.56
CA SER L 49 -13.35 -19.74 -52.31
C SER L 49 -12.62 -18.42 -52.52
N ASP L 50 -12.54 -17.61 -51.48
CA ASP L 50 -11.85 -16.34 -51.58
C ASP L 50 -12.43 -15.53 -52.76
N ALA L 51 -13.75 -15.57 -52.91
CA ALA L 51 -14.49 -14.81 -53.93
C ALA L 51 -14.32 -15.39 -55.34
N SER L 52 -13.09 -15.53 -55.82
CA SER L 52 -12.88 -15.87 -57.22
C SER L 52 -12.10 -17.17 -57.45
N ASN L 53 -11.52 -17.74 -56.40
CA ASN L 53 -10.67 -18.90 -56.57
C ASN L 53 -11.48 -20.17 -56.80
N MET L 54 -11.33 -20.74 -57.99
CA MET L 54 -12.10 -21.92 -58.34
C MET L 54 -11.53 -23.16 -57.67
N GLU L 55 -12.41 -24.05 -57.21
CA GLU L 55 -11.97 -25.30 -56.63
C GLU L 55 -11.57 -26.29 -57.71
N THR L 56 -10.56 -27.10 -57.41
CA THR L 56 -10.09 -28.10 -58.36
C THR L 56 -11.20 -29.09 -58.69
N GLY L 57 -11.40 -29.32 -59.98
CA GLY L 57 -12.41 -30.27 -60.44
C GLY L 57 -13.69 -29.56 -60.90
N VAL L 58 -13.82 -28.29 -60.58
CA VAL L 58 -15.01 -27.51 -60.97
C VAL L 58 -14.90 -27.06 -62.43
N PRO L 59 -15.92 -27.33 -63.25
CA PRO L 59 -16.00 -26.98 -64.65
C PRO L 59 -15.77 -25.49 -64.89
N SER L 60 -15.14 -25.18 -66.01
CA SER L 60 -14.73 -23.80 -66.34
C SER L 60 -15.91 -22.88 -66.63
N ARG L 61 -17.09 -23.46 -66.78
CA ARG L 61 -18.29 -22.67 -67.03
C ARG L 61 -18.71 -21.88 -65.80
N PHE L 62 -18.14 -22.22 -64.65
CA PHE L 62 -18.45 -21.54 -63.41
C PHE L 62 -17.43 -20.45 -63.12
N SER L 63 -17.90 -19.32 -62.59
CA SER L 63 -17.02 -18.22 -62.20
C SER L 63 -17.66 -17.38 -61.11
N GLY L 64 -16.88 -16.46 -60.56
CA GLY L 64 -17.39 -15.52 -59.57
C GLY L 64 -16.44 -14.36 -59.37
N SER L 65 -16.97 -13.25 -58.86
CA SER L 65 -16.18 -12.05 -58.64
C SER L 65 -16.84 -11.13 -57.64
N GLY L 66 -16.12 -10.11 -57.20
CA GLY L 66 -16.69 -9.10 -56.31
C GLY L 66 -15.79 -8.82 -55.12
N SER L 67 -16.19 -7.87 -54.30
CA SER L 67 -15.43 -7.46 -53.13
C SER L 67 -16.30 -6.66 -52.17
N GLY L 68 -15.84 -6.56 -50.92
CA GLY L 68 -16.54 -5.75 -49.94
C GLY L 68 -17.84 -6.41 -49.54
N THR L 69 -18.96 -5.76 -49.89
CA THR L 69 -20.27 -6.30 -49.57
C THR L 69 -20.89 -6.97 -50.79
N ASP L 70 -20.23 -6.84 -51.94
CA ASP L 70 -20.84 -7.17 -53.22
C ASP L 70 -20.17 -8.34 -53.94
N PHE L 71 -20.89 -9.43 -54.08
CA PHE L 71 -20.35 -10.59 -54.76
C PHE L 71 -21.34 -11.18 -55.76
N THR L 72 -20.81 -11.65 -56.89
CA THR L 72 -21.64 -12.28 -57.92
C THR L 72 -21.12 -13.67 -58.30
N PHE L 73 -22.04 -14.61 -58.46
CA PHE L 73 -21.73 -15.93 -58.99
C PHE L 73 -22.36 -16.14 -60.32
N THR L 74 -21.61 -16.70 -61.24
CA THR L 74 -22.09 -16.84 -62.59
C THR L 74 -21.89 -18.25 -63.16
N ILE L 75 -22.88 -18.70 -63.90
CA ILE L 75 -22.74 -19.84 -64.78
C ILE L 75 -22.88 -19.37 -66.23
N SER L 76 -21.80 -19.45 -67.00
CA SER L 76 -21.77 -18.85 -68.34
C SER L 76 -22.67 -19.59 -69.32
N SER L 77 -22.94 -20.86 -69.05
CA SER L 77 -23.78 -21.67 -69.92
C SER L 77 -24.38 -22.83 -69.13
N LEU L 78 -25.61 -22.67 -68.67
CA LEU L 78 -26.22 -23.62 -67.75
C LEU L 78 -26.38 -25.02 -68.38
N GLN L 79 -25.96 -26.03 -67.63
CA GLN L 79 -26.14 -27.43 -68.02
C GLN L 79 -27.27 -28.05 -67.18
N PRO L 80 -27.89 -29.15 -67.62
CA PRO L 80 -28.96 -29.87 -66.94
C PRO L 80 -28.50 -30.42 -65.59
N GLU L 81 -27.19 -30.52 -65.40
CA GLU L 81 -26.63 -31.04 -64.15
C GLU L 81 -26.44 -29.94 -63.11
N ASP L 82 -26.74 -28.71 -63.49
CA ASP L 82 -26.49 -27.54 -62.65
C ASP L 82 -27.73 -27.08 -61.90
N ILE L 83 -28.78 -27.89 -61.90
CA ILE L 83 -30.01 -27.54 -61.20
C ILE L 83 -29.86 -27.84 -59.72
N ALA L 84 -29.75 -26.78 -58.92
CA ALA L 84 -29.36 -26.89 -57.53
C ALA L 84 -29.61 -25.59 -56.78
N THR L 85 -29.44 -25.63 -55.46
CA THR L 85 -29.50 -24.43 -54.63
C THR L 85 -28.09 -23.94 -54.30
N TYR L 86 -27.84 -22.66 -54.52
CA TYR L 86 -26.52 -22.10 -54.29
C TYR L 86 -26.51 -21.22 -53.04
N TYR L 87 -25.53 -21.45 -52.17
CA TYR L 87 -25.38 -20.67 -50.95
C TYR L 87 -24.07 -19.93 -50.94
N CYS L 88 -24.08 -18.74 -50.35
CA CYS L 88 -22.81 -17.98 -50.20
C CYS L 88 -22.52 -17.79 -48.71
N GLN L 89 -21.27 -17.99 -48.29
CA GLN L 89 -20.92 -17.97 -46.86
C GLN L 89 -19.71 -17.08 -46.61
N GLN L 90 -19.81 -16.23 -45.60
CA GLN L 90 -18.70 -15.37 -45.24
C GLN L 90 -17.90 -15.97 -44.10
N TYR L 91 -16.58 -15.94 -44.24
CA TYR L 91 -15.70 -16.48 -43.21
C TYR L 91 -14.75 -15.41 -42.69
N ASP L 92 -15.15 -14.16 -42.83
CA ASP L 92 -14.32 -13.05 -42.39
C ASP L 92 -14.30 -12.93 -40.87
N ASN L 93 -15.46 -13.10 -40.26
CA ASN L 93 -15.58 -12.90 -38.81
C ASN L 93 -16.48 -13.96 -38.19
N LEU L 94 -16.01 -14.54 -37.08
CA LEU L 94 -16.81 -15.48 -36.33
C LEU L 94 -17.87 -14.74 -35.51
N PRO L 95 -19.08 -15.30 -35.44
CA PRO L 95 -19.56 -16.54 -36.04
C PRO L 95 -19.69 -16.41 -37.55
N PHE L 96 -19.46 -17.52 -38.23
CA PHE L 96 -19.61 -17.56 -39.68
C PHE L 96 -21.07 -17.66 -40.08
N THR L 97 -21.41 -17.10 -41.24
CA THR L 97 -22.80 -17.04 -41.65
C THR L 97 -23.03 -17.42 -43.11
N PHE L 98 -24.09 -18.19 -43.35
CA PHE L 98 -24.51 -18.55 -44.69
C PHE L 98 -25.68 -17.68 -45.13
N GLY L 99 -25.80 -17.46 -46.43
CA GLY L 99 -26.95 -16.76 -46.99
C GLY L 99 -28.14 -17.72 -47.05
N PRO L 100 -29.32 -17.19 -47.38
CA PRO L 100 -30.58 -17.91 -47.49
C PRO L 100 -30.61 -18.98 -48.57
N GLY L 101 -29.74 -18.83 -49.57
CA GLY L 101 -29.67 -19.77 -50.68
C GLY L 101 -30.52 -19.32 -51.85
N THR L 102 -30.00 -19.50 -53.06
CA THR L 102 -30.75 -19.18 -54.27
C THR L 102 -31.06 -20.45 -55.04
N LYS L 103 -32.34 -20.69 -55.30
CA LYS L 103 -32.78 -21.90 -55.98
C LYS L 103 -32.83 -21.72 -57.49
N VAL L 104 -32.17 -22.62 -58.22
CA VAL L 104 -32.20 -22.60 -59.68
C VAL L 104 -33.09 -23.72 -60.21
N ASP L 105 -34.11 -23.36 -60.98
CA ASP L 105 -35.01 -24.31 -61.60
C ASP L 105 -34.66 -24.49 -63.09
N PHE L 106 -35.12 -25.59 -63.66
CA PHE L 106 -34.93 -25.81 -65.09
C PHE L 106 -36.18 -25.36 -65.84
N ALA L 107 -36.04 -24.36 -66.70
CA ALA L 107 -37.17 -23.79 -67.44
C ALA L 107 -37.41 -24.58 -68.73
N GLU M 1 -11.30 -41.51 -50.07
CA GLU M 1 -10.51 -41.86 -48.89
C GLU M 1 -10.97 -41.09 -47.66
N VAL M 2 -11.16 -39.78 -47.82
CA VAL M 2 -11.56 -38.89 -46.72
C VAL M 2 -13.02 -39.12 -46.34
N GLN M 3 -13.26 -39.38 -45.06
CA GLN M 3 -14.62 -39.66 -44.59
C GLN M 3 -14.95 -38.94 -43.29
N LEU M 4 -16.19 -38.48 -43.19
CA LEU M 4 -16.72 -37.90 -41.97
C LEU M 4 -18.08 -38.51 -41.68
N VAL M 5 -18.22 -39.16 -40.53
CA VAL M 5 -19.43 -39.92 -40.23
C VAL M 5 -20.09 -39.48 -38.92
N GLU M 6 -21.26 -38.87 -39.05
CA GLU M 6 -22.03 -38.41 -37.90
C GLU M 6 -22.85 -39.54 -37.29
N SER M 7 -23.06 -39.48 -35.98
CA SER M 7 -23.90 -40.44 -35.29
C SER M 7 -24.49 -39.85 -34.02
N GLY M 8 -25.46 -40.54 -33.43
CA GLY M 8 -26.07 -40.10 -32.18
C GLY M 8 -27.39 -39.37 -32.41
N GLY M 9 -27.89 -39.38 -33.64
CA GLY M 9 -29.14 -38.72 -33.95
C GLY M 9 -30.34 -39.53 -33.45
N GLY M 10 -31.54 -38.99 -33.62
CA GLY M 10 -32.75 -39.65 -33.12
C GLY M 10 -33.81 -38.65 -32.66
N VAL M 11 -34.76 -39.13 -31.88
CA VAL M 11 -35.89 -38.31 -31.43
C VAL M 11 -35.84 -38.08 -29.92
N VAL M 12 -35.92 -36.81 -29.52
CA VAL M 12 -35.89 -36.43 -28.12
C VAL M 12 -37.05 -35.49 -27.77
N GLN M 13 -37.30 -35.30 -26.47
CA GLN M 13 -38.33 -34.36 -26.03
C GLN M 13 -37.74 -32.97 -25.77
N PRO M 14 -38.56 -31.91 -25.85
CA PRO M 14 -38.21 -30.53 -25.54
C PRO M 14 -37.69 -30.41 -24.11
N GLY M 15 -36.64 -29.63 -23.95
CA GLY M 15 -36.01 -29.43 -22.65
C GLY M 15 -34.97 -30.50 -22.37
N GLY M 16 -34.88 -31.48 -23.28
CA GLY M 16 -33.97 -32.61 -23.11
C GLY M 16 -32.58 -32.29 -23.64
N SER M 17 -31.76 -33.34 -23.76
CA SER M 17 -30.38 -33.19 -24.22
C SER M 17 -29.96 -34.35 -25.13
N LEU M 18 -28.97 -34.11 -25.97
CA LEU M 18 -28.48 -35.12 -26.90
C LEU M 18 -27.02 -34.91 -27.24
N ARG M 19 -26.26 -36.00 -27.26
CA ARG M 19 -24.84 -35.93 -27.62
C ARG M 19 -24.59 -36.48 -29.02
N LEU M 20 -24.14 -35.61 -29.92
CA LEU M 20 -23.79 -36.02 -31.27
C LEU M 20 -22.29 -36.19 -31.40
N SER M 21 -21.88 -37.05 -32.31
CA SER M 21 -20.47 -37.26 -32.58
C SER M 21 -20.21 -37.40 -34.07
N CYS M 22 -18.97 -37.21 -34.49
CA CYS M 22 -18.53 -37.36 -35.84
C CYS M 22 -17.17 -38.03 -35.94
N ALA M 23 -17.08 -39.24 -36.40
CA ALA M 23 -15.82 -39.92 -36.55
C ALA M 23 -15.15 -39.46 -37.84
N ALA M 24 -13.83 -39.35 -37.81
CA ALA M 24 -13.09 -38.88 -38.94
C ALA M 24 -11.99 -39.86 -39.34
N SER M 25 -11.77 -39.98 -40.65
CA SER M 25 -10.67 -40.78 -41.16
C SER M 25 -10.23 -40.30 -42.54
N GLY M 26 -9.01 -40.65 -42.92
CA GLY M 26 -8.51 -40.36 -44.27
C GLY M 26 -7.81 -39.00 -44.34
N PHE M 27 -7.84 -38.26 -43.24
CA PHE M 27 -7.23 -36.94 -43.19
C PHE M 27 -6.66 -36.63 -41.82
N THR M 28 -5.83 -35.61 -41.75
CA THR M 28 -5.16 -35.25 -40.50
C THR M 28 -6.09 -34.46 -39.59
N PHE M 29 -7.03 -35.17 -38.98
CA PHE M 29 -8.03 -34.56 -38.12
C PHE M 29 -7.42 -33.63 -37.10
N ASN M 30 -6.31 -34.04 -36.49
CA ASN M 30 -5.70 -33.30 -35.40
C ASN M 30 -4.98 -32.04 -35.87
N SER M 31 -5.00 -31.80 -37.17
CA SER M 31 -4.36 -30.64 -37.75
C SER M 31 -5.37 -29.53 -38.05
N TYR M 32 -6.66 -29.88 -38.09
CA TYR M 32 -7.67 -28.94 -38.55
C TYR M 32 -8.64 -28.53 -37.46
N GLY M 33 -9.09 -27.28 -37.52
CA GLY M 33 -10.25 -26.85 -36.76
C GLY M 33 -11.50 -27.42 -37.41
N MET M 34 -12.55 -27.62 -36.62
CA MET M 34 -13.76 -28.26 -37.14
C MET M 34 -15.04 -27.48 -36.84
N HIS M 35 -15.98 -27.52 -37.79
CA HIS M 35 -17.22 -26.77 -37.65
C HIS M 35 -18.42 -27.70 -37.61
N TRP M 36 -19.49 -27.25 -36.94
CA TRP M 36 -20.78 -27.90 -37.03
C TRP M 36 -21.76 -27.00 -37.76
N VAL M 37 -22.54 -27.59 -38.66
CA VAL M 37 -23.57 -26.90 -39.42
C VAL M 37 -24.86 -27.70 -39.41
N ARG M 38 -26.01 -27.05 -39.32
CA ARG M 38 -27.28 -27.75 -39.32
C ARG M 38 -28.24 -27.22 -40.38
N GLN M 39 -29.16 -28.08 -40.82
CA GLN M 39 -30.16 -27.68 -41.81
C GLN M 39 -31.54 -28.25 -41.49
N ALA M 40 -32.46 -27.36 -41.10
CA ALA M 40 -33.83 -27.77 -40.85
C ALA M 40 -34.50 -28.13 -42.17
N PRO M 41 -35.49 -29.03 -42.17
CA PRO M 41 -36.23 -29.48 -43.33
C PRO M 41 -36.81 -28.29 -44.11
N GLY M 42 -36.46 -28.21 -45.38
CA GLY M 42 -37.00 -27.16 -46.26
C GLY M 42 -36.29 -25.82 -46.08
N LYS M 43 -35.27 -25.79 -45.24
CA LYS M 43 -34.56 -24.55 -44.93
C LYS M 43 -33.13 -24.58 -45.46
N GLY M 44 -32.46 -23.42 -45.37
CA GLY M 44 -31.07 -23.30 -45.78
C GLY M 44 -30.12 -23.72 -44.66
N LEU M 45 -28.83 -23.46 -44.84
CA LEU M 45 -27.83 -23.90 -43.88
C LEU M 45 -27.66 -22.90 -42.75
N GLU M 46 -27.42 -23.42 -41.55
CA GLU M 46 -27.13 -22.59 -40.40
C GLU M 46 -25.84 -23.04 -39.71
N TRP M 47 -24.88 -22.12 -39.57
CA TRP M 47 -23.60 -22.42 -38.91
C TRP M 47 -23.83 -22.49 -37.41
N VAL M 48 -23.32 -23.55 -36.75
CA VAL M 48 -23.58 -23.78 -35.34
C VAL M 48 -22.40 -23.42 -34.43
N ALA M 49 -21.25 -24.03 -34.68
CA ALA M 49 -20.11 -23.87 -33.78
C ALA M 49 -18.78 -24.22 -34.45
N PHE M 50 -17.68 -23.71 -33.89
CA PHE M 50 -16.32 -24.03 -34.36
C PHE M 50 -15.36 -24.26 -33.21
N ILE M 51 -14.49 -25.25 -33.39
CA ILE M 51 -13.43 -25.52 -32.45
C ILE M 51 -12.08 -25.60 -33.15
N ARG M 52 -11.06 -25.03 -32.53
CA ARG M 52 -9.72 -25.01 -33.11
C ARG M 52 -9.05 -26.38 -33.06
N TYR M 53 -7.99 -26.53 -33.86
CA TYR M 53 -7.26 -27.79 -34.00
C TYR M 53 -6.83 -28.40 -32.66
N ASP M 54 -6.49 -27.55 -31.70
CA ASP M 54 -5.97 -28.04 -30.42
C ASP M 54 -7.08 -28.31 -29.42
N GLY M 55 -8.31 -28.07 -29.82
CA GLY M 55 -9.47 -28.27 -28.94
C GLY M 55 -9.58 -27.15 -27.92
N GLY M 56 -8.95 -26.01 -28.20
CA GLY M 56 -8.93 -24.89 -27.26
C GLY M 56 -10.10 -23.93 -27.50
N ASN M 57 -9.87 -22.91 -28.31
CA ASN M 57 -10.87 -21.88 -28.53
C ASN M 57 -12.13 -22.44 -29.16
N LYS M 58 -13.29 -22.02 -28.66
CA LYS M 58 -14.57 -22.47 -29.17
C LYS M 58 -15.49 -21.29 -29.48
N TYR M 59 -16.28 -21.43 -30.54
CA TYR M 59 -17.20 -20.38 -30.97
C TYR M 59 -18.58 -20.93 -31.26
N TYR M 60 -19.60 -20.11 -30.99
CA TYR M 60 -20.99 -20.54 -31.19
C TYR M 60 -21.84 -19.45 -31.85
N ALA M 61 -22.88 -19.89 -32.56
CA ALA M 61 -23.92 -18.99 -33.05
C ALA M 61 -24.82 -18.56 -31.89
N ASP M 62 -25.45 -17.39 -32.02
CA ASP M 62 -26.29 -16.86 -30.96
C ASP M 62 -27.50 -17.75 -30.67
N SER M 63 -27.90 -18.53 -31.66
CA SER M 63 -29.08 -19.39 -31.53
C SER M 63 -28.80 -20.60 -30.65
N VAL M 64 -27.53 -20.92 -30.45
CA VAL M 64 -27.14 -22.10 -29.66
C VAL M 64 -26.22 -21.74 -28.52
N LYS M 65 -25.67 -20.53 -28.54
CA LYS M 65 -24.72 -20.11 -27.52
C LYS M 65 -25.36 -20.15 -26.14
N GLY M 66 -24.68 -20.80 -25.21
CA GLY M 66 -25.16 -20.92 -23.84
C GLY M 66 -25.92 -22.22 -23.61
N ARG M 67 -26.25 -22.91 -24.71
CA ARG M 67 -26.98 -24.16 -24.62
C ARG M 67 -26.13 -25.32 -25.10
N PHE M 68 -25.40 -25.11 -26.19
CA PHE M 68 -24.62 -26.17 -26.83
C PHE M 68 -23.14 -26.07 -26.49
N THR M 69 -22.48 -27.22 -26.45
CA THR M 69 -21.03 -27.30 -26.21
C THR M 69 -20.34 -28.12 -27.30
N ILE M 70 -19.19 -27.61 -27.77
CA ILE M 70 -18.40 -28.25 -28.80
C ILE M 70 -17.10 -28.76 -28.22
N SER M 71 -16.71 -29.96 -28.60
CA SER M 71 -15.49 -30.57 -28.10
C SER M 71 -14.94 -31.57 -29.09
N ARG M 72 -13.74 -32.06 -28.83
CA ARG M 72 -13.12 -33.03 -29.72
C ARG M 72 -12.14 -33.92 -28.99
N ASP M 73 -11.84 -35.07 -29.58
CA ASP M 73 -10.82 -35.97 -29.08
C ASP M 73 -9.86 -36.36 -30.20
N ASN M 74 -8.66 -35.81 -30.17
CA ASN M 74 -7.72 -35.96 -31.28
C ASN M 74 -7.02 -37.31 -31.26
N SER M 75 -7.19 -38.06 -30.17
CA SER M 75 -6.61 -39.40 -30.10
C SER M 75 -7.57 -40.41 -30.69
N LYS M 76 -8.85 -40.07 -30.69
CA LYS M 76 -9.89 -40.92 -31.25
C LYS M 76 -10.43 -40.37 -32.57
N ASN M 77 -9.81 -39.30 -33.05
CA ASN M 77 -10.20 -38.68 -34.31
C ASN M 77 -11.70 -38.44 -34.37
N THR M 78 -12.26 -37.91 -33.28
CA THR M 78 -13.70 -37.71 -33.20
C THR M 78 -14.09 -36.30 -32.76
N LEU M 79 -15.09 -35.74 -33.44
CA LEU M 79 -15.66 -34.45 -33.07
C LEU M 79 -16.99 -34.65 -32.36
N TYR M 80 -17.27 -33.83 -31.35
CA TYR M 80 -18.51 -33.96 -30.59
C TYR M 80 -19.29 -32.65 -30.48
N LEU M 81 -20.61 -32.77 -30.40
CA LEU M 81 -21.48 -31.65 -30.08
C LEU M 81 -22.50 -32.05 -29.02
N GLN M 82 -22.42 -31.42 -27.86
CA GLN M 82 -23.31 -31.73 -26.76
C GLN M 82 -24.41 -30.68 -26.66
N MET M 83 -25.65 -31.09 -26.88
CA MET M 83 -26.77 -30.17 -26.88
C MET M 83 -27.64 -30.33 -25.64
N LYS M 84 -27.99 -29.20 -25.03
CA LYS M 84 -28.86 -29.20 -23.85
C LYS M 84 -30.04 -28.26 -24.05
N SER M 85 -31.09 -28.46 -23.27
CA SER M 85 -32.27 -27.61 -23.33
C SER M 85 -32.76 -27.48 -24.77
N LEU M 86 -32.99 -28.60 -25.41
CA LEU M 86 -33.37 -28.64 -26.81
C LEU M 86 -34.78 -28.12 -27.02
N ARG M 87 -35.00 -27.49 -28.17
CA ARG M 87 -36.31 -26.96 -28.53
C ARG M 87 -36.78 -27.51 -29.87
N ALA M 88 -38.06 -27.35 -30.16
CA ALA M 88 -38.62 -27.82 -31.43
C ALA M 88 -37.87 -27.22 -32.62
N GLU M 89 -37.39 -26.00 -32.44
CA GLU M 89 -36.70 -25.27 -33.50
C GLU M 89 -35.34 -25.89 -33.82
N ASP M 90 -34.87 -26.79 -32.96
CA ASP M 90 -33.57 -27.41 -33.14
C ASP M 90 -33.69 -28.65 -34.03
N THR M 91 -34.89 -28.95 -34.49
CA THR M 91 -35.07 -30.07 -35.39
C THR M 91 -34.38 -29.78 -36.71
N ALA M 92 -33.41 -30.62 -37.07
CA ALA M 92 -32.59 -30.38 -38.24
C ALA M 92 -31.66 -31.56 -38.50
N VAL M 93 -31.06 -31.59 -39.70
CA VAL M 93 -29.97 -32.50 -39.96
C VAL M 93 -28.65 -31.83 -39.59
N TYR M 94 -27.88 -32.48 -38.74
CA TYR M 94 -26.63 -31.92 -38.27
C TYR M 94 -25.45 -32.51 -39.02
N TYR M 95 -24.60 -31.65 -39.54
CA TYR M 95 -23.43 -32.07 -40.28
C TYR M 95 -22.15 -31.62 -39.59
N CYS M 96 -21.13 -32.46 -39.62
CA CYS M 96 -19.77 -32.09 -39.25
C CYS M 96 -19.01 -31.78 -40.52
N ALA M 97 -18.14 -30.79 -40.48
CA ALA M 97 -17.45 -30.41 -41.69
C ALA M 97 -16.13 -29.68 -41.43
N ASN M 98 -15.22 -29.82 -42.39
CA ASN M 98 -14.01 -29.05 -42.44
C ASN M 98 -14.12 -28.01 -43.53
N LEU M 99 -14.48 -26.79 -43.15
CA LEU M 99 -14.81 -25.77 -44.13
C LEU M 99 -13.57 -25.01 -44.58
N LYS M 100 -13.41 -24.84 -45.88
CA LYS M 100 -12.27 -24.12 -46.41
C LYS M 100 -12.24 -22.69 -45.86
N ASP M 101 -11.09 -22.28 -45.34
CA ASP M 101 -10.96 -20.99 -44.69
C ASP M 101 -9.50 -20.53 -44.66
N SER M 102 -9.28 -19.29 -45.09
CA SER M 102 -7.93 -18.75 -45.18
C SER M 102 -7.61 -17.81 -44.01
N ARG M 103 -8.53 -17.71 -43.05
CA ARG M 103 -8.35 -16.78 -41.94
C ARG M 103 -8.20 -17.45 -40.59
N TYR M 104 -9.03 -18.47 -40.31
CA TYR M 104 -9.09 -19.05 -38.97
C TYR M 104 -8.60 -20.49 -38.92
N SER M 105 -9.22 -21.37 -39.71
CA SER M 105 -8.89 -22.78 -39.67
C SER M 105 -7.65 -23.11 -40.50
N GLY M 106 -7.40 -22.31 -41.52
CA GLY M 106 -6.25 -22.52 -42.40
C GLY M 106 -6.48 -23.72 -43.31
N SER M 107 -7.73 -24.13 -43.47
CA SER M 107 -8.04 -25.30 -44.29
C SER M 107 -7.96 -24.99 -45.77
N TYR M 108 -7.28 -25.85 -46.50
CA TYR M 108 -7.20 -25.73 -47.95
C TYR M 108 -8.27 -26.57 -48.62
N TYR M 109 -8.65 -27.66 -47.97
CA TYR M 109 -9.62 -28.59 -48.53
C TYR M 109 -10.96 -28.49 -47.81
N ASP M 110 -12.04 -28.75 -48.54
CA ASP M 110 -13.39 -28.65 -47.98
C ASP M 110 -14.08 -30.01 -47.93
N TYR M 111 -14.38 -30.47 -46.71
CA TYR M 111 -14.99 -31.78 -46.54
C TYR M 111 -16.24 -31.74 -45.66
N TRP M 112 -17.23 -32.56 -46.02
CA TRP M 112 -18.47 -32.65 -45.24
C TRP M 112 -18.84 -34.11 -44.98
N GLY M 113 -19.54 -34.36 -43.88
CA GLY M 113 -20.08 -35.69 -43.59
C GLY M 113 -21.43 -35.90 -44.25
N GLN M 114 -22.11 -36.98 -43.88
CA GLN M 114 -23.39 -37.36 -44.48
C GLN M 114 -24.58 -36.75 -43.74
N GLY M 115 -24.36 -36.38 -42.48
CA GLY M 115 -25.38 -35.71 -41.67
C GLY M 115 -26.19 -36.68 -40.84
N THR M 116 -26.66 -36.20 -39.69
CA THR M 116 -27.50 -37.01 -38.83
C THR M 116 -28.72 -36.22 -38.39
N LEU M 117 -29.89 -36.84 -38.48
CA LEU M 117 -31.14 -36.14 -38.17
C LEU M 117 -31.46 -36.14 -36.68
N VAL M 118 -31.76 -34.95 -36.16
CA VAL M 118 -32.22 -34.80 -34.79
C VAL M 118 -33.60 -34.19 -34.76
N THR M 119 -34.54 -34.87 -34.10
CA THR M 119 -35.91 -34.38 -34.01
C THR M 119 -36.32 -34.13 -32.57
N VAL M 120 -36.86 -32.95 -32.31
CA VAL M 120 -37.36 -32.62 -30.99
C VAL M 120 -38.90 -32.59 -31.01
N SER M 121 -39.52 -33.43 -30.18
CA SER M 121 -40.96 -33.65 -30.21
C SER M 121 -41.49 -33.98 -28.82
N VAL N 1 -41.70 0.53 -39.26
CA VAL N 1 -42.93 0.94 -38.59
C VAL N 1 -44.09 1.05 -39.55
N GLN N 2 -45.24 0.51 -39.14
CA GLN N 2 -46.43 0.54 -39.98
C GLN N 2 -47.70 0.76 -39.15
N LEU N 3 -48.54 1.67 -39.62
CA LEU N 3 -49.85 1.90 -39.03
C LEU N 3 -50.94 1.65 -40.05
N VAL N 4 -51.98 0.94 -39.66
CA VAL N 4 -53.09 0.64 -40.55
C VAL N 4 -54.43 0.97 -39.90
N GLN N 5 -55.42 1.28 -40.72
CA GLN N 5 -56.72 1.69 -40.21
C GLN N 5 -57.88 0.92 -40.88
N SER N 6 -59.08 1.15 -40.38
CA SER N 6 -60.29 0.55 -40.94
C SER N 6 -60.64 1.17 -42.30
N GLY N 7 -61.51 0.49 -43.03
CA GLY N 7 -61.91 0.96 -44.36
C GLY N 7 -62.94 2.06 -44.29
N ALA N 8 -63.32 2.58 -45.44
CA ALA N 8 -64.27 3.70 -45.52
C ALA N 8 -65.64 3.29 -45.00
N GLU N 9 -66.35 4.24 -44.40
CA GLU N 9 -67.67 4.00 -43.84
C GLU N 9 -68.66 5.10 -44.22
N VAL N 10 -69.94 4.72 -44.31
CA VAL N 10 -71.02 5.67 -44.55
C VAL N 10 -72.01 5.68 -43.40
N LYS N 11 -72.32 6.86 -42.88
CA LYS N 11 -73.19 7.00 -41.72
C LYS N 11 -74.28 8.04 -41.94
N LYS N 12 -75.41 7.87 -41.25
CA LYS N 12 -76.46 8.88 -41.27
C LYS N 12 -76.21 9.91 -40.15
N PRO N 13 -76.69 11.13 -40.31
CA PRO N 13 -76.57 12.23 -39.35
C PRO N 13 -77.11 11.82 -37.99
N GLY N 14 -76.38 12.16 -36.93
CA GLY N 14 -76.79 11.84 -35.57
C GLY N 14 -76.14 10.55 -35.07
N ALA N 15 -75.58 9.78 -35.99
CA ALA N 15 -74.92 8.52 -35.66
C ALA N 15 -73.50 8.75 -35.15
N SER N 16 -72.76 7.66 -34.99
CA SER N 16 -71.38 7.75 -34.52
C SER N 16 -70.48 6.79 -35.29
N VAL N 17 -69.19 7.11 -35.36
CA VAL N 17 -68.21 6.27 -36.04
C VAL N 17 -67.02 5.97 -35.15
N LYS N 18 -66.55 4.72 -35.19
CA LYS N 18 -65.35 4.34 -34.47
C LYS N 18 -64.26 3.88 -35.43
N VAL N 19 -63.15 4.61 -35.46
CA VAL N 19 -62.06 4.33 -36.37
C VAL N 19 -60.89 3.65 -35.65
N SER N 20 -60.45 2.51 -36.18
CA SER N 20 -59.34 1.77 -35.59
C SER N 20 -57.99 2.25 -36.11
N CYS N 21 -56.92 1.92 -35.37
CA CYS N 21 -55.56 2.22 -35.79
C CYS N 21 -54.58 1.19 -35.22
N LYS N 22 -54.33 0.12 -35.97
CA LYS N 22 -53.39 -0.90 -35.56
C LYS N 22 -51.97 -0.47 -35.88
N ALA N 23 -51.06 -0.67 -34.95
CA ALA N 23 -49.69 -0.20 -35.13
C ALA N 23 -48.67 -1.26 -34.75
N SER N 24 -47.55 -1.28 -35.47
CA SER N 24 -46.47 -2.23 -35.19
C SER N 24 -45.11 -1.69 -35.64
N GLY N 25 -44.05 -2.36 -35.21
CA GLY N 25 -42.68 -2.02 -35.65
C GLY N 25 -41.95 -1.12 -34.65
N TYR N 26 -42.60 -0.85 -33.52
CA TYR N 26 -42.02 0.00 -32.49
C TYR N 26 -42.63 -0.38 -31.13
N PRO N 27 -41.99 0.00 -30.02
CA PRO N 27 -42.48 -0.15 -28.67
C PRO N 27 -43.73 0.70 -28.49
N PHE N 28 -44.88 0.04 -28.55
CA PHE N 28 -46.17 0.73 -28.62
C PHE N 28 -46.35 1.74 -27.49
N THR N 29 -46.00 1.33 -26.27
CA THR N 29 -46.30 2.12 -25.09
C THR N 29 -45.34 3.31 -24.93
N SER N 30 -44.35 3.39 -25.81
CA SER N 30 -43.37 4.47 -25.72
C SER N 30 -43.79 5.70 -26.48
N TYR N 31 -44.80 5.58 -27.33
CA TYR N 31 -45.22 6.69 -28.17
C TYR N 31 -46.73 6.89 -28.12
N GLY N 32 -47.15 8.15 -28.12
CA GLY N 32 -48.57 8.45 -28.09
C GLY N 32 -49.19 8.31 -29.48
N ILE N 33 -50.52 8.44 -29.53
CA ILE N 33 -51.24 8.36 -30.79
C ILE N 33 -52.00 9.65 -31.04
N SER N 34 -51.83 10.21 -32.22
CA SER N 34 -52.51 11.44 -32.58
C SER N 34 -53.52 11.22 -33.69
N TRP N 35 -54.56 12.06 -33.71
CA TRP N 35 -55.56 11.99 -34.76
C TRP N 35 -55.76 13.32 -35.46
N VAL N 36 -55.81 13.27 -36.79
CA VAL N 36 -55.98 14.45 -37.63
C VAL N 36 -57.06 14.22 -38.70
N ARG N 37 -57.92 15.21 -38.90
CA ARG N 37 -58.99 15.11 -39.89
C ARG N 37 -58.72 15.98 -41.10
N GLN N 38 -59.15 15.54 -42.28
CA GLN N 38 -59.04 16.34 -43.48
C GLN N 38 -60.23 16.19 -44.42
N ALA N 39 -61.13 17.18 -44.41
CA ALA N 39 -62.27 17.20 -45.32
C ALA N 39 -61.78 17.47 -46.74
N PRO N 40 -62.53 17.04 -47.77
CA PRO N 40 -62.18 17.16 -49.17
C PRO N 40 -61.77 18.59 -49.52
N GLY N 41 -60.55 18.74 -50.01
CA GLY N 41 -60.05 20.04 -50.49
C GLY N 41 -59.61 20.94 -49.34
N GLN N 42 -59.67 20.45 -48.12
CA GLN N 42 -59.34 21.25 -46.94
C GLN N 42 -57.96 20.91 -46.38
N GLY N 43 -57.45 21.76 -45.49
CA GLY N 43 -56.17 21.54 -44.84
C GLY N 43 -56.32 20.57 -43.67
N LEU N 44 -55.26 20.43 -42.88
CA LEU N 44 -55.24 19.47 -41.78
C LEU N 44 -55.81 20.06 -40.50
N GLU N 45 -56.70 19.32 -39.86
CA GLU N 45 -57.30 19.74 -38.60
C GLU N 45 -57.03 18.73 -37.49
N TRP N 46 -56.49 19.19 -36.37
CA TRP N 46 -56.19 18.31 -35.25
C TRP N 46 -57.43 17.95 -34.46
N MET N 47 -57.54 16.68 -34.08
CA MET N 47 -58.66 16.24 -33.24
C MET N 47 -58.26 16.04 -31.80
N GLY N 48 -57.13 15.37 -31.56
CA GLY N 48 -56.70 15.09 -30.19
C GLY N 48 -55.47 14.19 -30.12
N TRP N 49 -55.12 13.80 -28.89
CA TRP N 49 -53.95 12.95 -28.61
C TRP N 49 -54.21 12.04 -27.41
N ILE N 50 -53.74 10.80 -27.49
CA ILE N 50 -53.85 9.85 -26.39
C ILE N 50 -52.52 9.19 -26.07
N SER N 51 -52.25 8.99 -24.78
CA SER N 51 -51.07 8.26 -24.35
C SER N 51 -51.34 6.77 -24.31
N THR N 52 -50.48 6.00 -24.96
CA THR N 52 -50.62 4.55 -25.02
C THR N 52 -50.13 3.91 -23.73
N TYR N 53 -49.42 4.69 -22.92
CA TYR N 53 -48.86 4.21 -21.67
C TYR N 53 -49.86 4.27 -20.53
N ASN N 54 -50.54 5.41 -20.37
CA ASN N 54 -51.41 5.58 -19.21
C ASN N 54 -52.85 5.99 -19.55
N GLY N 55 -53.15 6.17 -20.83
CA GLY N 55 -54.52 6.46 -21.26
C GLY N 55 -54.91 7.93 -21.11
N ASN N 56 -53.96 8.78 -20.76
CA ASN N 56 -54.24 10.21 -20.63
C ASN N 56 -54.53 10.81 -21.99
N THR N 57 -55.47 11.76 -22.04
CA THR N 57 -55.88 12.33 -23.32
C THR N 57 -55.92 13.86 -23.33
N ASN N 58 -55.82 14.41 -24.54
CA ASN N 58 -56.00 15.84 -24.78
C ASN N 58 -56.77 16.03 -26.08
N TYR N 59 -57.75 16.93 -26.08
CA TYR N 59 -58.59 17.12 -27.25
C TYR N 59 -58.66 18.58 -27.70
N ALA N 60 -58.80 18.77 -29.00
CA ALA N 60 -59.04 20.10 -29.56
C ALA N 60 -60.41 20.58 -29.14
N GLN N 61 -60.54 21.89 -29.00
CA GLN N 61 -61.74 22.52 -28.44
C GLN N 61 -63.00 22.25 -29.24
N LYS N 62 -62.85 21.89 -30.50
CA LYS N 62 -63.99 21.67 -31.38
C LYS N 62 -64.56 20.27 -31.21
N PHE N 63 -63.79 19.40 -30.56
CA PHE N 63 -64.16 17.99 -30.46
C PHE N 63 -64.40 17.56 -29.02
N GLN N 64 -64.37 18.51 -28.09
CA GLN N 64 -64.57 18.17 -26.70
C GLN N 64 -66.03 17.83 -26.44
N GLY N 65 -66.27 16.62 -25.95
CA GLY N 65 -67.63 16.14 -25.73
C GLY N 65 -68.15 15.35 -26.93
N ARG N 66 -67.42 15.41 -28.04
CA ARG N 66 -67.82 14.70 -29.25
C ARG N 66 -66.92 13.51 -29.52
N VAL N 67 -65.66 13.61 -29.09
CA VAL N 67 -64.66 12.59 -29.40
C VAL N 67 -64.14 11.88 -28.16
N THR N 68 -64.08 10.55 -28.25
CA THR N 68 -63.47 9.74 -27.20
C THR N 68 -62.41 8.82 -27.79
N MET N 69 -61.22 8.85 -27.19
CA MET N 69 -60.12 7.98 -27.63
C MET N 69 -59.86 6.87 -26.63
N THR N 70 -59.52 5.69 -27.14
CA THR N 70 -59.20 4.56 -26.30
C THR N 70 -58.05 3.76 -26.91
N THR N 71 -57.31 3.04 -26.07
CA THR N 71 -56.18 2.26 -26.54
C THR N 71 -56.18 0.84 -25.99
N ASP N 72 -55.92 -0.13 -26.87
CA ASP N 72 -55.74 -1.52 -26.50
C ASP N 72 -54.27 -1.91 -26.57
N THR N 73 -53.65 -2.11 -25.42
CA THR N 73 -52.21 -2.35 -25.36
C THR N 73 -51.85 -3.80 -25.66
N SER N 74 -52.86 -4.67 -25.66
CA SER N 74 -52.63 -6.09 -25.92
C SER N 74 -52.63 -6.38 -27.41
N THR N 75 -53.35 -5.55 -28.16
CA THR N 75 -53.42 -5.67 -29.60
C THR N 75 -52.70 -4.53 -30.30
N THR N 76 -51.94 -3.75 -29.53
CA THR N 76 -51.24 -2.57 -30.03
C THR N 76 -52.09 -1.79 -31.01
N THR N 77 -53.29 -1.42 -30.59
CA THR N 77 -54.23 -0.72 -31.45
C THR N 77 -54.90 0.46 -30.76
N GLY N 78 -54.91 1.60 -31.44
CA GLY N 78 -55.63 2.78 -30.96
C GLY N 78 -56.99 2.89 -31.65
N TYR N 79 -57.94 3.53 -30.98
CA TYR N 79 -59.25 3.79 -31.57
C TYR N 79 -59.73 5.20 -31.26
N MET N 80 -60.51 5.77 -32.18
CA MET N 80 -61.14 7.06 -31.95
C MET N 80 -62.62 7.04 -32.35
N GLU N 81 -63.48 7.49 -31.45
CA GLU N 81 -64.90 7.52 -31.71
C GLU N 81 -65.44 8.95 -31.78
N LEU N 82 -66.16 9.25 -32.86
CA LEU N 82 -66.79 10.56 -33.03
C LEU N 82 -68.30 10.43 -32.99
N ARG N 83 -68.94 11.18 -32.09
CA ARG N 83 -70.39 11.10 -31.89
C ARG N 83 -71.14 12.26 -32.52
N ARG N 84 -72.46 12.09 -32.68
CA ARG N 84 -73.33 13.14 -33.20
C ARG N 84 -72.86 13.62 -34.56
N LEU N 85 -72.73 12.71 -35.50
CA LEU N 85 -72.17 13.01 -36.81
C LEU N 85 -73.00 14.01 -37.60
N ARG N 86 -72.29 14.90 -38.28
CA ARG N 86 -72.89 15.93 -39.13
C ARG N 86 -72.40 15.77 -40.56
N SER N 87 -73.12 16.33 -41.51
CA SER N 87 -72.75 16.22 -42.92
C SER N 87 -71.38 16.84 -43.19
N ASP N 88 -71.00 17.82 -42.37
CA ASP N 88 -69.72 18.50 -42.55
C ASP N 88 -68.58 17.76 -41.84
N ASP N 89 -68.89 16.59 -41.29
CA ASP N 89 -67.87 15.72 -40.70
C ASP N 89 -67.35 14.75 -41.74
N THR N 90 -67.85 14.89 -42.97
CA THR N 90 -67.36 14.07 -44.08
C THR N 90 -65.91 14.43 -44.34
N ALA N 91 -65.02 13.46 -44.14
CA ALA N 91 -63.58 13.71 -44.17
C ALA N 91 -62.79 12.43 -44.08
N VAL N 92 -61.49 12.52 -44.36
CA VAL N 92 -60.57 11.42 -44.10
C VAL N 92 -59.94 11.58 -42.72
N TYR N 93 -60.01 10.52 -41.93
CA TYR N 93 -59.48 10.55 -40.56
C TYR N 93 -58.15 9.79 -40.47
N TYR N 94 -57.09 10.52 -40.15
CA TYR N 94 -55.75 9.95 -40.12
C TYR N 94 -55.28 9.68 -38.69
N CYS N 95 -54.59 8.56 -38.52
CA CYS N 95 -53.90 8.17 -37.28
C CYS N 95 -52.37 8.18 -37.46
N ALA N 96 -51.67 8.81 -36.54
CA ALA N 96 -50.22 8.92 -36.64
C ALA N 96 -49.54 8.70 -35.30
N ARG N 97 -48.28 8.25 -35.35
CA ARG N 97 -47.46 8.10 -34.16
C ARG N 97 -46.96 9.45 -33.69
N ASP N 98 -47.10 9.71 -32.40
CA ASP N 98 -46.82 11.04 -31.87
C ASP N 98 -45.50 11.17 -31.14
N TYR N 99 -44.81 12.27 -31.38
CA TYR N 99 -43.66 12.69 -30.57
C TYR N 99 -43.71 14.18 -30.25
N THR N 100 -44.93 14.73 -30.15
CA THR N 100 -45.10 16.11 -29.72
C THR N 100 -45.38 16.17 -28.23
N ARG N 101 -45.81 15.05 -27.66
CA ARG N 101 -46.07 14.94 -26.23
C ARG N 101 -45.61 13.58 -25.67
N GLY N 102 -45.06 13.59 -24.47
CA GLY N 102 -44.60 12.37 -23.84
C GLY N 102 -45.74 11.48 -23.39
N ALA N 103 -45.53 10.17 -23.45
CA ALA N 103 -46.54 9.20 -23.04
C ALA N 103 -46.57 9.03 -21.52
N TRP N 104 -45.44 9.20 -20.86
CA TRP N 104 -45.37 8.95 -19.43
C TRP N 104 -45.64 10.20 -18.59
N PHE N 105 -45.08 11.32 -19.01
CA PHE N 105 -45.16 12.55 -18.22
C PHE N 105 -46.18 13.53 -18.79
N GLY N 106 -46.47 13.40 -20.08
CA GLY N 106 -47.45 14.27 -20.74
C GLY N 106 -46.89 15.65 -21.07
N GLU N 107 -45.57 15.76 -21.15
CA GLU N 107 -44.93 17.03 -21.46
C GLU N 107 -44.63 17.16 -22.94
N SER N 108 -44.60 18.40 -23.42
CA SER N 108 -44.30 18.66 -24.84
C SER N 108 -42.89 18.24 -25.21
N LEU N 109 -42.74 17.67 -26.40
CA LEU N 109 -41.47 17.16 -26.88
C LEU N 109 -41.02 17.80 -28.20
N ILE N 110 -39.73 17.67 -28.51
CA ILE N 110 -39.21 18.11 -29.78
C ILE N 110 -39.39 17.02 -30.83
N GLY N 111 -40.36 17.21 -31.72
CA GLY N 111 -40.75 16.19 -32.68
C GLY N 111 -42.04 16.60 -33.40
N GLY N 112 -42.75 15.60 -33.90
CA GLY N 112 -43.98 15.83 -34.67
C GLY N 112 -44.77 14.54 -34.80
N PHE N 113 -45.57 14.40 -35.85
CA PHE N 113 -46.21 13.11 -36.07
C PHE N 113 -45.31 12.31 -37.01
N ASP N 114 -44.45 11.43 -36.41
CA ASP N 114 -43.42 10.72 -37.16
C ASP N 114 -43.95 9.78 -38.24
N ASN N 115 -44.94 8.91 -37.89
CA ASN N 115 -45.42 7.91 -38.85
C ASN N 115 -46.93 7.95 -38.95
N TRP N 116 -47.49 7.99 -40.19
CA TRP N 116 -48.94 8.15 -40.39
C TRP N 116 -49.54 6.86 -40.95
N GLY N 117 -50.89 6.77 -40.91
CA GLY N 117 -51.61 5.64 -41.50
C GLY N 117 -52.21 6.01 -42.85
N GLN N 118 -53.03 5.12 -43.40
CA GLN N 118 -53.59 5.32 -44.73
C GLN N 118 -54.73 6.33 -44.71
N GLY N 119 -55.44 6.41 -43.60
CA GLY N 119 -56.56 7.31 -43.46
C GLY N 119 -57.87 6.59 -43.70
N THR N 120 -58.87 6.87 -42.87
CA THR N 120 -60.18 6.26 -43.02
C THR N 120 -61.20 7.29 -43.48
N LEU N 121 -61.81 7.05 -44.64
CA LEU N 121 -62.78 7.99 -45.16
C LEU N 121 -64.16 7.74 -44.57
N VAL N 122 -64.71 8.78 -43.95
CA VAL N 122 -66.04 8.69 -43.37
C VAL N 122 -67.00 9.65 -44.06
N THR N 123 -68.08 9.10 -44.60
CA THR N 123 -69.08 9.91 -45.29
C THR N 123 -70.36 9.99 -44.47
N VAL N 124 -70.87 11.21 -44.22
CA VAL N 124 -72.09 11.33 -43.43
C VAL N 124 -73.22 11.87 -44.30
N SER N 125 -73.93 10.93 -44.97
CA SER N 125 -75.06 11.30 -45.84
C SER N 125 -76.29 10.50 -45.45
N SER N 126 -77.47 11.20 -45.29
CA SER N 126 -78.70 10.52 -44.99
C SER N 126 -79.09 9.57 -46.12
N ALA N 127 -78.90 10.04 -47.39
CA ALA N 127 -79.16 9.21 -48.55
C ALA N 127 -78.15 8.08 -48.60
N SER N 128 -78.60 6.83 -48.94
CA SER N 128 -77.71 5.69 -49.01
C SER N 128 -76.66 5.85 -50.12
N VAL O 1 -52.62 31.07 -34.12
CA VAL O 1 -53.01 30.91 -35.52
C VAL O 1 -51.81 30.91 -36.44
N LEU O 2 -51.76 29.96 -37.36
CA LEU O 2 -50.68 29.89 -38.33
C LEU O 2 -51.17 30.23 -39.73
N THR O 3 -50.41 31.07 -40.42
CA THR O 3 -50.73 31.46 -41.79
C THR O 3 -49.55 31.26 -42.71
N GLN O 4 -49.82 30.80 -43.93
CA GLN O 4 -48.74 30.50 -44.87
C GLN O 4 -48.87 31.31 -46.15
N SER O 5 -47.74 31.50 -46.83
CA SER O 5 -47.72 32.28 -48.07
C SER O 5 -46.54 31.90 -48.96
N PRO O 6 -46.75 31.92 -50.28
CA PRO O 6 -48.00 32.13 -51.00
C PRO O 6 -48.89 30.91 -50.92
N GLY O 7 -50.19 31.10 -51.12
CA GLY O 7 -51.14 30.00 -51.14
C GLY O 7 -50.71 28.96 -52.17
N THR O 8 -50.39 29.42 -53.37
CA THR O 8 -49.86 28.55 -54.41
C THR O 8 -48.54 29.11 -54.96
N LEU O 9 -47.49 28.30 -54.90
CA LEU O 9 -46.18 28.69 -55.39
C LEU O 9 -45.91 28.09 -56.77
N SER O 10 -45.81 28.95 -57.78
CA SER O 10 -45.61 28.49 -59.14
C SER O 10 -44.15 28.55 -59.55
N LEU O 11 -43.55 27.36 -59.69
CA LEU O 11 -42.14 27.24 -60.05
C LEU O 11 -41.92 26.07 -61.01
N SER O 12 -40.92 26.18 -61.87
CA SER O 12 -40.55 25.08 -62.74
C SER O 12 -39.64 24.11 -61.99
N PRO O 13 -39.53 22.86 -62.45
CA PRO O 13 -38.58 21.86 -61.99
C PRO O 13 -37.16 22.38 -62.14
N GLY O 14 -36.32 22.10 -61.15
CA GLY O 14 -34.93 22.54 -61.17
C GLY O 14 -34.75 23.90 -60.49
N GLU O 15 -35.86 24.54 -60.12
CA GLU O 15 -35.80 25.85 -59.47
C GLU O 15 -35.79 25.71 -57.95
N ARG O 16 -35.28 26.75 -57.27
CA ARG O 16 -35.28 26.79 -55.82
C ARG O 16 -36.61 27.33 -55.29
N ALA O 17 -37.15 26.68 -54.26
CA ALA O 17 -38.43 27.07 -53.70
C ALA O 17 -38.31 27.58 -52.27
N THR O 18 -39.08 28.61 -51.93
CA THR O 18 -39.18 29.11 -50.57
C THR O 18 -40.65 29.28 -50.15
N LEU O 19 -40.99 28.69 -49.00
CA LEU O 19 -42.35 28.80 -48.45
C LEU O 19 -42.34 29.36 -47.04
N SER O 20 -43.23 30.32 -46.76
CA SER O 20 -43.26 30.99 -45.47
C SER O 20 -44.43 30.54 -44.58
N CYS O 21 -44.20 30.55 -43.26
CA CYS O 21 -45.29 30.36 -42.23
C CYS O 21 -45.08 31.38 -41.12
N ARG O 22 -46.19 32.02 -40.77
CA ARG O 22 -46.16 33.06 -39.74
C ARG O 22 -47.15 32.75 -38.62
N ALA O 23 -46.86 33.25 -37.43
CA ALA O 23 -47.69 32.98 -36.26
C ALA O 23 -48.27 34.25 -35.67
N SER O 24 -49.50 34.14 -35.16
CA SER O 24 -50.17 35.24 -34.47
C SER O 24 -49.47 35.58 -33.15
N GLN O 25 -48.77 34.61 -32.59
CA GLN O 25 -48.03 34.78 -31.35
C GLN O 25 -46.69 34.11 -31.44
N THR O 26 -45.75 34.51 -30.59
CA THR O 26 -44.42 33.92 -30.59
C THR O 26 -44.47 32.42 -30.37
N VAL O 27 -43.78 31.67 -31.22
CA VAL O 27 -43.72 30.22 -31.11
C VAL O 27 -42.29 29.75 -30.88
N SER O 28 -42.08 28.96 -29.83
CA SER O 28 -40.77 28.43 -29.56
C SER O 28 -40.29 27.55 -30.72
N SER O 29 -39.00 27.64 -31.03
CA SER O 29 -38.43 26.88 -32.14
C SER O 29 -38.46 25.38 -31.87
N THR O 30 -38.59 25.03 -30.60
CA THR O 30 -38.62 23.63 -30.19
C THR O 30 -39.96 22.99 -30.46
N SER O 31 -40.96 23.82 -30.79
CA SER O 31 -42.34 23.36 -30.90
C SER O 31 -42.96 23.62 -32.27
N LEU O 32 -42.14 23.58 -33.30
CA LEU O 32 -42.63 23.80 -34.67
C LEU O 32 -42.20 22.68 -35.61
N ALA O 33 -43.06 22.35 -36.58
CA ALA O 33 -42.79 21.29 -37.54
C ALA O 33 -43.34 21.61 -38.94
N TRP O 34 -42.78 20.94 -39.95
CA TRP O 34 -43.25 21.07 -41.34
C TRP O 34 -43.56 19.70 -41.95
N TYR O 35 -44.61 19.65 -42.76
CA TYR O 35 -45.08 18.41 -43.37
C TYR O 35 -45.29 18.55 -44.88
N GLN O 36 -45.25 17.43 -45.59
CA GLN O 36 -45.54 17.39 -47.02
C GLN O 36 -46.62 16.38 -47.34
N GLN O 37 -47.58 16.76 -48.17
CA GLN O 37 -48.63 15.85 -48.59
C GLN O 37 -48.73 15.76 -50.10
N LYS O 38 -48.48 14.57 -50.64
CA LYS O 38 -48.63 14.34 -52.06
C LYS O 38 -50.09 14.01 -52.36
N PRO O 39 -50.57 14.25 -53.58
CA PRO O 39 -51.91 13.94 -54.04
C PRO O 39 -52.25 12.47 -53.81
N GLY O 40 -53.37 12.23 -53.13
CA GLY O 40 -53.84 10.87 -52.89
C GLY O 40 -53.10 10.15 -51.77
N GLN O 41 -52.29 10.89 -51.02
CA GLN O 41 -51.48 10.29 -49.96
C GLN O 41 -51.60 11.02 -48.62
N ALA O 42 -51.34 10.28 -47.54
CA ALA O 42 -51.26 10.89 -46.20
C ALA O 42 -50.02 11.78 -46.11
N PRO O 43 -50.05 12.81 -45.27
CA PRO O 43 -48.95 13.70 -44.92
C PRO O 43 -47.76 12.97 -44.31
N ARG O 44 -46.56 13.50 -44.53
CA ARG O 44 -45.34 12.98 -43.91
C ARG O 44 -44.53 14.11 -43.28
N LEU O 45 -43.89 13.83 -42.16
CA LEU O 45 -43.07 14.81 -41.46
C LEU O 45 -41.75 15.05 -42.19
N LEU O 46 -41.42 16.32 -42.43
CA LEU O 46 -40.16 16.65 -43.08
C LEU O 46 -39.18 17.29 -42.10
N ILE O 47 -39.68 18.23 -41.30
CA ILE O 47 -38.85 18.94 -40.34
C ILE O 47 -39.53 19.03 -38.98
N TYR O 48 -38.77 18.81 -37.92
CA TYR O 48 -39.27 18.97 -36.57
C TYR O 48 -38.33 19.85 -35.76
N GLY O 49 -38.82 20.46 -34.70
CA GLY O 49 -37.97 21.29 -33.87
C GLY O 49 -37.45 22.49 -34.66
N ALA O 50 -38.26 22.94 -35.61
CA ALA O 50 -37.95 24.06 -36.50
C ALA O 50 -36.86 23.74 -37.53
N SER O 51 -35.70 23.25 -37.09
CA SER O 51 -34.56 23.11 -37.98
C SER O 51 -34.00 21.69 -38.08
N SER O 52 -34.69 20.71 -37.49
CA SER O 52 -34.18 19.33 -37.51
C SER O 52 -34.82 18.48 -38.60
N ARG O 53 -33.98 17.86 -39.42
CA ARG O 53 -34.47 17.01 -40.51
C ARG O 53 -35.03 15.69 -39.99
N ALA O 54 -36.17 15.28 -40.55
CA ALA O 54 -36.79 14.01 -40.21
C ALA O 54 -36.12 12.86 -40.97
N THR O 55 -36.30 11.65 -40.45
CA THR O 55 -35.66 10.48 -41.03
C THR O 55 -36.14 10.20 -42.45
N GLY O 56 -35.18 9.99 -43.34
CA GLY O 56 -35.47 9.61 -44.73
C GLY O 56 -35.62 10.81 -45.64
N ILE O 57 -35.55 12.02 -45.09
CA ILE O 57 -35.71 13.22 -45.89
C ILE O 57 -34.37 13.66 -46.53
N PRO O 58 -34.36 13.81 -47.86
CA PRO O 58 -33.20 14.18 -48.66
C PRO O 58 -32.67 15.57 -48.36
N ASP O 59 -31.43 15.82 -48.74
CA ASP O 59 -30.73 17.08 -48.42
C ASP O 59 -31.34 18.27 -49.14
N ARG O 60 -32.26 18.01 -50.05
CA ARG O 60 -32.93 19.07 -50.78
C ARG O 60 -33.75 19.95 -49.86
N PHE O 61 -34.22 19.39 -48.75
CA PHE O 61 -35.09 20.12 -47.84
C PHE O 61 -34.33 20.69 -46.65
N SER O 62 -34.68 21.92 -46.27
CA SER O 62 -34.14 22.57 -45.08
C SER O 62 -35.10 23.62 -44.58
N GLY O 63 -34.83 24.19 -43.41
CA GLY O 63 -35.69 25.22 -42.87
C GLY O 63 -35.03 25.96 -41.72
N SER O 64 -35.64 27.08 -41.32
CA SER O 64 -35.13 27.93 -40.26
C SER O 64 -36.20 28.89 -39.78
N GLY O 65 -35.93 29.60 -38.69
CA GLY O 65 -36.83 30.65 -38.25
C GLY O 65 -36.88 30.79 -36.74
N SER O 66 -37.56 31.84 -36.29
CA SER O 66 -37.72 32.14 -34.87
C SER O 66 -38.86 33.11 -34.68
N GLY O 67 -39.29 33.31 -33.44
CA GLY O 67 -40.31 34.30 -33.15
C GLY O 67 -41.63 33.96 -33.84
N THR O 68 -42.04 34.81 -34.76
CA THR O 68 -43.30 34.64 -35.48
C THR O 68 -43.09 34.41 -36.97
N ASP O 69 -41.86 34.09 -37.38
CA ASP O 69 -41.53 33.93 -38.80
C ASP O 69 -40.65 32.71 -39.07
N PHE O 70 -41.22 31.71 -39.73
CA PHE O 70 -40.50 30.48 -40.06
C PHE O 70 -40.56 30.17 -41.55
N THR O 71 -39.51 29.53 -42.07
CA THR O 71 -39.41 29.25 -43.49
C THR O 71 -39.02 27.81 -43.82
N LEU O 72 -39.65 27.27 -44.87
CA LEU O 72 -39.23 26.00 -45.46
C LEU O 72 -38.64 26.26 -46.84
N THR O 73 -37.50 25.64 -47.13
CA THR O 73 -36.88 25.82 -48.43
C THR O 73 -36.54 24.48 -49.11
N ILE O 74 -36.57 24.50 -50.44
CA ILE O 74 -36.11 23.37 -51.25
C ILE O 74 -35.04 23.85 -52.23
N SER O 75 -33.84 23.29 -52.13
CA SER O 75 -32.71 23.79 -52.90
C SER O 75 -32.91 23.64 -54.39
N ARG O 76 -33.63 22.60 -54.79
CA ARG O 76 -33.91 22.34 -56.20
C ARG O 76 -35.11 21.42 -56.33
N LEU O 77 -36.14 21.86 -57.02
CA LEU O 77 -37.35 21.07 -57.12
C LEU O 77 -37.20 19.89 -58.08
N GLU O 78 -37.43 18.70 -57.56
CA GLU O 78 -37.55 17.51 -58.36
C GLU O 78 -39.04 17.24 -58.55
N PRO O 79 -39.45 16.45 -59.54
CA PRO O 79 -40.84 16.14 -59.85
C PRO O 79 -41.61 15.63 -58.64
N GLU O 80 -40.89 15.07 -57.66
CA GLU O 80 -41.53 14.52 -56.46
C GLU O 80 -41.72 15.58 -55.38
N ASP O 81 -41.19 16.78 -55.61
CA ASP O 81 -41.25 17.84 -54.62
C ASP O 81 -42.46 18.74 -54.83
N PHE O 82 -43.24 18.44 -55.86
CA PHE O 82 -44.45 19.19 -56.16
C PHE O 82 -45.62 18.61 -55.36
N ALA O 83 -45.97 19.31 -54.29
CA ALA O 83 -46.87 18.79 -53.29
C ALA O 83 -47.40 19.94 -52.43
N VAL O 84 -48.36 19.63 -51.56
CA VAL O 84 -48.86 20.61 -50.62
C VAL O 84 -48.12 20.51 -49.29
N TYR O 85 -47.57 21.64 -48.84
CA TYR O 85 -46.81 21.67 -47.60
C TYR O 85 -47.60 22.37 -46.50
N TYR O 86 -47.47 21.89 -45.28
CA TYR O 86 -48.14 22.50 -44.14
C TYR O 86 -47.16 22.77 -43.01
N CYS O 87 -47.40 23.87 -42.30
CA CYS O 87 -46.59 24.17 -41.09
C CYS O 87 -47.46 23.90 -39.85
N GLN O 88 -46.86 23.44 -38.75
CA GLN O 88 -47.55 23.10 -37.53
C GLN O 88 -46.83 23.65 -36.31
N GLN O 89 -47.59 23.95 -35.26
CA GLN O 89 -47.00 24.28 -33.97
C GLN O 89 -47.74 23.59 -32.83
N HIS O 90 -46.99 23.23 -31.79
CA HIS O 90 -47.57 22.63 -30.60
C HIS O 90 -47.02 23.28 -29.34
N ASP O 91 -46.68 24.57 -29.45
CA ASP O 91 -46.22 25.32 -28.30
C ASP O 91 -47.40 25.69 -27.40
N THR O 92 -48.50 26.05 -28.04
CA THR O 92 -49.75 26.27 -27.34
C THR O 92 -50.84 25.46 -28.03
N SER O 93 -51.53 24.61 -27.28
CA SER O 93 -52.45 23.67 -27.88
C SER O 93 -51.76 22.96 -29.04
N LEU O 94 -52.48 22.79 -30.14
CA LEU O 94 -51.89 22.26 -31.37
C LEU O 94 -52.66 22.75 -32.59
N THR O 95 -51.96 23.43 -33.50
CA THR O 95 -52.61 23.97 -34.70
C THR O 95 -51.76 23.79 -35.96
N PHE O 96 -52.44 23.81 -37.10
CA PHE O 96 -51.79 23.73 -38.40
C PHE O 96 -52.07 24.99 -39.22
N GLY O 97 -51.20 25.29 -40.19
CA GLY O 97 -51.43 26.39 -41.11
C GLY O 97 -52.41 25.96 -42.20
N GLY O 98 -52.75 26.89 -43.10
CA GLY O 98 -53.72 26.61 -44.14
C GLY O 98 -53.13 25.77 -45.27
N GLY O 99 -51.81 25.70 -45.33
CA GLY O 99 -51.13 24.92 -46.36
C GLY O 99 -50.74 25.75 -47.56
N THR O 100 -49.71 25.30 -48.26
CA THR O 100 -49.29 25.92 -49.50
C THR O 100 -49.01 24.87 -50.57
C1 NAG P . 32.60 -2.09 -34.57
C2 NAG P . 31.44 -3.12 -34.78
C3 NAG P . 32.22 -4.43 -35.11
C4 NAG P . 33.15 -4.22 -36.32
C5 NAG P . 34.10 -3.03 -36.04
C6 NAG P . 35.01 -2.74 -37.23
C7 NAG P . 29.28 -3.28 -33.74
C8 NAG P . 28.40 -3.51 -32.57
N2 NAG P . 30.59 -3.39 -33.63
O3 NAG P . 31.36 -5.54 -35.34
O4 NAG P . 33.91 -5.41 -36.54
O5 NAG P . 33.37 -1.84 -35.69
O6 NAG P . 35.87 -1.64 -36.91
O7 NAG P . 28.76 -3.02 -34.86
C1 NAG Q . 34.16 -0.52 36.67
C2 NAG Q . 33.55 -1.84 37.32
C3 NAG Q . 33.54 -1.65 38.86
C4 NAG Q . 34.96 -1.38 39.35
C5 NAG Q . 35.50 -0.13 38.64
C6 NAG Q . 36.93 0.16 39.07
C7 NAG Q . 31.85 -3.14 36.21
C8 NAG Q . 30.44 -3.35 35.74
N2 NAG Q . 32.18 -2.02 36.86
O3 NAG Q . 33.02 -2.84 39.46
O4 NAG Q . 34.94 -1.19 40.75
O5 NAG Q . 35.48 -0.29 37.20
O6 NAG Q . 37.43 1.34 38.44
O7 NAG Q . 32.70 -4.02 36.00
C1 NAG R . 53.67 -18.44 15.81
C2 NAG R . 54.75 -17.28 15.68
C3 NAG R . 55.14 -17.13 14.19
C4 NAG R . 55.69 -18.45 13.66
C5 NAG R . 54.59 -19.53 13.83
C6 NAG R . 55.08 -20.89 13.36
C7 NAG R . 54.31 -15.64 17.40
C8 NAG R . 53.70 -14.36 17.87
N2 NAG R . 54.16 -16.03 16.13
O3 NAG R . 56.14 -16.11 14.06
O4 NAG R . 56.01 -18.31 12.28
O5 NAG R . 54.21 -19.65 15.23
O6 NAG R . 54.08 -21.88 13.50
O7 NAG R . 54.94 -16.35 18.19
C1 NAG S . 47.93 -43.28 40.06
C2 NAG S . 48.23 -41.81 40.55
C3 NAG S . 48.67 -41.05 39.25
C4 NAG S . 49.93 -41.71 38.66
C5 NAG S . 49.57 -43.17 38.31
C6 NAG S . 50.77 -43.92 37.77
C7 NAG S . 46.81 -40.91 42.27
C8 NAG S . 45.54 -40.30 42.72
N2 NAG S . 46.98 -41.20 40.98
O3 NAG S . 48.97 -39.69 39.59
O4 NAG S . 50.34 -41.02 37.49
O5 NAG S . 49.12 -43.86 39.49
O6 NAG S . 50.41 -45.20 37.26
O7 NAG S . 47.71 -41.16 43.09
C1 NAG T . 47.80 -53.16 54.23
C2 NAG T . 49.18 -52.61 54.74
C3 NAG T . 49.69 -53.45 55.92
C4 NAG T . 48.65 -53.45 57.05
C5 NAG T . 47.34 -54.03 56.48
C6 NAG T . 46.26 -54.07 57.56
C7 NAG T . 50.70 -51.66 53.12
C8 NAG T . 51.68 -51.82 51.99
N2 NAG T . 50.13 -52.73 53.64
O3 NAG T . 50.92 -52.89 56.40
O4 NAG T . 49.11 -54.24 58.13
O5 NAG T . 46.87 -53.21 55.37
O6 NAG T . 45.89 -52.77 57.99
O7 NAG T . 50.44 -50.53 53.56
C1 NAG U . 45.44 -70.07 43.28
C2 NAG U . 46.67 -70.22 42.28
C3 NAG U . 46.52 -71.52 41.48
C4 NAG U . 46.45 -72.72 42.45
C5 NAG U . 45.24 -72.51 43.39
C6 NAG U . 45.14 -73.65 44.39
C7 NAG U . 47.66 -68.25 41.28
C8 NAG U . 47.63 -67.12 40.33
N2 NAG U . 46.63 -69.10 41.36
O3 NAG U . 47.64 -71.67 40.60
O4 NAG U . 46.29 -73.92 41.69
O5 NAG U . 45.38 -71.26 44.11
O6 NAG U . 46.30 -73.75 45.19
O7 NAG U . 48.65 -68.43 42.01
C1 NAG V . 43.10 -13.92 0.04
C2 NAG V . 44.45 -14.08 -0.79
C3 NAG V . 44.53 -15.52 -1.34
C4 NAG V . 44.49 -16.49 -0.15
C5 NAG V . 43.19 -16.28 0.64
C6 NAG V . 43.14 -17.18 1.86
C7 NAG V . 45.40 -12.22 -1.99
C8 NAG V . 45.40 -11.23 -3.11
N2 NAG V . 44.43 -13.13 -1.89
O3 NAG V . 45.75 -15.68 -2.07
O4 NAG V . 44.53 -17.83 -0.66
O5 NAG V . 43.09 -14.90 1.11
O6 NAG V . 41.94 -17.00 2.60
O7 NAG V . 46.30 -12.19 -1.14
C1 NAG W . 46.60 -57.25 32.63
C2 NAG W . 46.36 -58.81 32.45
C3 NAG W . 47.69 -59.55 32.66
C4 NAG W . 48.72 -59.02 31.64
C5 NAG W . 48.90 -57.50 31.85
C6 NAG W . 49.87 -56.92 30.84
C7 NAG W . 44.10 -59.20 33.21
C8 NAG W . 43.12 -59.64 34.25
N2 NAG W . 45.41 -59.24 33.47
O3 NAG W . 47.50 -60.95 32.45
O4 NAG W . 49.96 -59.68 31.83
O5 NAG W . 47.62 -56.82 31.69
O6 NAG W . 50.07 -55.53 31.06
O7 NAG W . 43.70 -58.81 32.10
C1 NAG X . 19.41 20.16 37.88
C2 NAG X . 20.82 19.82 38.52
C3 NAG X . 20.63 19.61 40.05
C4 NAG X . 20.05 20.89 40.65
C5 NAG X . 18.71 21.22 39.95
C6 NAG X . 18.13 22.54 40.46
C7 NAG X . 22.51 18.61 37.27
C8 NAG X . 23.06 17.36 36.66
N2 NAG X . 21.34 18.59 37.92
O3 NAG X . 21.89 19.31 40.65
O4 NAG X . 19.84 20.69 42.04
O5 NAG X . 18.90 21.34 38.52
O6 NAG X . 16.91 22.85 39.82
O7 NAG X . 23.14 19.67 37.18
C1 NAG Y . 24.01 -19.06 61.58
C2 NAG Y . 24.39 -18.76 63.11
C3 NAG Y . 24.37 -17.25 63.37
C4 NAG Y . 25.33 -16.54 62.40
C5 NAG Y . 24.87 -16.84 60.97
C6 NAG Y . 25.77 -16.19 59.94
C7 NAG Y . 23.71 -20.32 64.83
C8 NAG Y . 22.65 -20.94 65.70
N2 NAG Y . 23.37 -19.38 63.95
O3 NAG Y . 24.77 -17.00 64.72
O4 NAG Y . 25.29 -15.14 62.65
O5 NAG Y . 24.87 -18.26 60.74
O6 NAG Y . 27.11 -16.66 60.04
O7 NAG Y . 24.88 -20.66 64.96
C1 NAG Z . 38.72 -34.21 54.35
C2 NAG Z . 39.72 -34.51 55.55
C3 NAG Z . 39.59 -33.41 56.62
C4 NAG Z . 39.88 -32.04 55.99
C5 NAG Z . 38.85 -31.82 54.87
C6 NAG Z . 39.05 -30.48 54.19
C7 NAG Z . 40.15 -36.82 56.12
C8 NAG Z . 39.74 -38.12 56.73
N2 NAG Z . 39.32 -35.79 56.13
O3 NAG Z . 40.54 -33.67 57.66
O4 NAG Z . 39.78 -31.03 56.98
O5 NAG Z . 38.97 -32.86 53.86
O6 NAG Z . 38.07 -30.25 53.18
O7 NAG Z . 41.27 -36.70 55.62
C1 NAG AA . 46.60 17.61 13.83
C2 NAG AA . 46.21 16.26 13.07
C3 NAG AA . 47.11 15.13 13.60
C4 NAG AA . 48.58 15.49 13.34
C5 NAG AA . 48.89 16.81 14.06
C6 NAG AA . 50.33 17.23 13.78
C7 NAG AA . 43.88 16.22 12.47
C8 NAG AA . 42.45 15.87 12.74
N2 NAG AA . 44.82 15.94 13.35
O3 NAG AA . 46.77 13.91 12.91
O4 NAG AA . 49.40 14.44 13.85
O5 NAG AA . 48.01 17.88 13.59
O6 NAG AA . 50.66 18.43 14.48
O7 NAG AA . 44.19 16.75 11.39
C1 NAG BA . 26.08 51.86 19.90
C2 NAG BA . 26.13 53.40 20.29
C3 NAG BA . 24.72 53.96 20.46
C4 NAG BA . 23.96 53.79 19.13
C5 NAG BA . 23.93 52.28 18.79
C6 NAG BA . 23.20 52.05 17.47
C7 NAG BA . 27.96 54.19 21.66
C8 NAG BA . 28.66 54.30 22.97
N2 NAG BA . 26.83 53.49 21.58
O3 NAG BA . 24.80 55.34 20.80
O4 NAG BA . 22.63 54.29 19.28
O5 NAG BA . 25.28 51.75 18.67
O6 NAG BA . 23.83 52.72 16.39
O7 NAG BA . 28.42 54.75 20.66
C1 NAG CA . 24.75 32.91 -4.23
C2 NAG CA . 25.07 33.53 -5.67
C3 NAG CA . 24.16 32.91 -6.74
C4 NAG CA . 24.36 31.39 -6.75
C5 NAG CA . 24.01 30.85 -5.34
C6 NAG CA . 24.20 29.34 -5.29
C7 NAG CA . 25.77 35.81 -5.28
C8 NAG CA . 25.50 37.28 -5.23
N2 NAG CA . 24.80 34.96 -5.62
O3 NAG CA . 24.51 33.45 -8.03
O4 NAG CA . 23.51 30.81 -7.73
O5 NAG CA . 24.87 31.47 -4.33
O6 NAG CA . 25.54 28.97 -5.55
O7 NAG CA . 26.90 35.38 -5.00
C1 NAG DA . 45.40 53.59 1.89
C2 NAG DA . 45.40 55.17 1.69
C3 NAG DA . 44.31 55.55 0.66
C4 NAG DA . 44.62 54.83 -0.67
C5 NAG DA . 44.63 53.31 -0.41
C6 NAG DA . 44.94 52.55 -1.68
C7 NAG DA . 45.96 56.62 3.55
C8 NAG DA . 45.64 57.28 4.85
N2 NAG DA . 45.08 55.79 2.96
O3 NAG DA . 44.33 56.97 0.46
O4 NAG DA . 43.60 55.16 -1.61
O5 NAG DA . 45.62 52.96 0.60
O6 NAG DA . 46.21 52.90 -2.21
O7 NAG DA . 47.04 56.84 2.99
C1 NAG EA . 22.43 50.41 -5.94
C2 NAG EA . 23.24 51.73 -6.27
C3 NAG EA . 22.88 52.19 -7.70
C4 NAG EA . 23.23 51.07 -8.69
C5 NAG EA . 22.43 49.81 -8.33
C6 NAG EA . 22.77 48.65 -9.24
C7 NAG EA . 23.70 53.37 -4.57
C8 NAG EA . 23.25 54.42 -3.59
N2 NAG EA . 22.80 52.74 -5.32
O3 NAG EA . 23.62 53.37 -8.01
O4 NAG EA . 22.87 51.50 -10.01
O5 NAG EA . 22.75 49.41 -6.96
O6 NAG EA . 22.04 47.48 -8.89
O7 NAG EA . 24.90 53.07 -4.66
C1 NAG FA . 12.88 20.93 -39.51
C2 NAG FA . 13.64 20.49 -38.20
C3 NAG FA . 13.78 21.74 -37.27
C4 NAG FA . 14.58 22.82 -38.01
C5 NAG FA . 13.88 23.17 -39.34
C6 NAG FA . 14.72 24.16 -40.14
C7 NAG FA . 13.58 18.29 -37.19
C8 NAG FA . 12.92 17.22 -36.38
N2 NAG FA . 12.94 19.45 -37.46
O3 NAG FA . 14.44 21.36 -36.06
O4 NAG FA . 14.59 23.98 -37.18
O5 NAG FA . 13.68 21.98 -40.16
O6 NAG FA . 15.88 23.49 -40.64
O7 NAG FA . 14.75 18.12 -37.56
C1 NAG GA . 1.42 40.29 25.23
C2 NAG GA . 2.82 39.90 24.66
C3 NAG GA . 3.74 40.06 25.91
C4 NAG GA . 3.63 41.49 26.48
C5 NAG GA . 2.15 41.82 26.79
C6 NAG GA . 1.97 43.23 27.31
C7 NAG GA . 3.43 38.30 22.96
C8 NAG GA . 3.55 36.92 22.45
N2 NAG GA . 2.97 38.52 24.17
O3 NAG GA . 5.11 39.75 25.63
O4 NAG GA . 4.41 41.59 27.67
O5 NAG GA . 1.31 41.61 25.65
O6 NAG GA . 0.60 43.47 27.60
O7 NAG GA . 3.82 39.26 22.26
C1 NAG HA . -26.21 -24.69 34.86
C2 NAG HA . -25.10 -25.82 35.02
C3 NAG HA . -25.80 -27.19 35.11
C4 NAG HA . -26.77 -27.18 36.30
C5 NAG HA . -27.79 -26.05 36.10
C6 NAG HA . -28.75 -25.98 37.28
C7 NAG HA . -22.92 -25.61 33.98
C8 NAG HA . -22.02 -25.61 32.78
N2 NAG HA . -24.23 -25.81 33.84
O3 NAG HA . -24.81 -28.21 35.28
O4 NAG HA . -27.43 -28.44 36.36
O5 NAG HA . -27.11 -24.77 35.97
O6 NAG HA . -29.72 -24.95 37.09
O7 NAG HA . -22.45 -25.42 35.10
C1 NAG IA . -11.20 -4.87 57.62
C2 NAG IA . -12.56 -4.15 58.03
C3 NAG IA . -12.31 -2.63 58.11
C4 NAG IA . -11.20 -2.34 59.13
C5 NAG IA . -9.93 -3.08 58.69
C6 NAG IA . -8.80 -2.88 59.69
C7 NAG IA . -14.40 -5.43 57.09
C8 NAG IA . -15.41 -5.67 56.03
N2 NAG IA . -13.55 -4.39 56.99
O3 NAG IA . -13.52 -1.96 58.51
O4 NAG IA . -10.96 -0.94 59.18
O5 NAG IA . -10.19 -4.52 58.59
O6 NAG IA . -7.62 -3.54 59.29
O7 NAG IA . -14.33 -6.18 58.08
C1 NAG JA . 3.32 -35.49 67.13
C2 NAG JA . 1.79 -35.46 66.77
C3 NAG JA . 1.43 -33.94 66.64
C4 NAG JA . 1.72 -33.23 67.97
C5 NAG JA . 3.22 -33.39 68.29
C6 NAG JA . 3.57 -32.77 69.62
C7 NAG JA . 0.97 -37.20 65.32
C8 NAG JA . 0.78 -37.81 63.97
N2 NAG JA . 1.60 -36.05 65.44
O3 NAG JA . 0.05 -33.81 66.32
O4 NAG JA . 1.38 -31.86 67.86
O5 NAG JA . 3.54 -34.79 68.37
O6 NAG JA . 4.97 -32.74 69.83
O7 NAG JA . 0.52 -37.77 66.33
C1 NAG KA . 6.63 -51.26 73.35
C2 NAG KA . 5.42 -51.21 74.37
C3 NAG KA . 5.51 -52.38 75.35
C4 NAG KA . 5.51 -53.70 74.59
C5 NAG KA . 6.72 -53.70 73.63
C6 NAG KA . 6.80 -55.00 72.84
C7 NAG KA . 4.61 -49.03 75.07
C8 NAG KA . 4.76 -47.78 75.85
N2 NAG KA . 5.55 -49.96 75.12
O3 NAG KA . 4.39 -52.34 76.24
O4 NAG KA . 5.62 -54.79 75.50
O5 NAG KA . 6.61 -52.58 72.70
O6 NAG KA . 5.68 -55.15 71.97
O7 NAG KA . 3.60 -49.21 74.37
C1 NAG LA . 25.80 -46.30 77.71
C2 NAG LA . 25.80 -45.09 78.73
C3 NAG LA . 27.26 -44.73 79.10
C4 NAG LA . 27.95 -45.96 79.71
C5 NAG LA . 27.90 -47.10 78.68
C6 NAG LA . 28.55 -48.36 79.23
C7 NAG LA . 24.11 -43.36 78.57
C8 NAG LA . 23.50 -42.18 77.89
N2 NAG LA . 25.20 -43.94 78.07
O3 NAG LA . 27.26 -43.65 80.04
O4 NAG LA . 29.30 -45.62 80.03
O5 NAG LA . 26.53 -47.40 78.31
O6 NAG LA . 27.88 -48.81 80.40
O7 NAG LA . 23.60 -43.81 79.61
C1 NAG MA . -5.18 8.02 44.28
C2 NAG MA . -5.28 9.11 45.42
C3 NAG MA . -3.90 9.25 46.10
C4 NAG MA . -3.49 7.89 46.66
C5 NAG MA . -3.44 6.86 45.51
C6 NAG MA . -3.09 5.48 46.05
C7 NAG MA . -6.80 10.97 45.25
C8 NAG MA . -7.23 12.28 44.66
N2 NAG MA . -5.67 10.38 44.84
O3 NAG MA . -3.98 10.22 47.15
O4 NAG MA . -2.19 8.01 47.25
O5 NAG MA . -4.74 6.77 44.86
O6 NAG MA . -3.04 4.52 45.01
O7 NAG MA . -7.48 10.45 46.14
C1 NAG NA . 18.34 -32.72 71.47
C2 NAG NA . 19.82 -33.03 71.95
C3 NAG NA . 19.85 -33.05 73.49
C4 NAG NA . 19.37 -31.69 74.02
C5 NAG NA . 17.93 -31.44 73.50
C6 NAG NA . 17.42 -30.08 73.96
C7 NAG NA . 20.76 -34.45 70.25
C8 NAG NA . 21.14 -35.80 69.71
N2 NAG NA . 20.19 -34.34 71.44
O3 NAG NA . 21.18 -33.30 73.94
O4 NAG NA . 19.36 -31.71 75.44
O5 NAG NA . 17.91 -31.46 72.04
O6 NAG NA . 16.09 -29.86 73.52
O7 NAG NA . 20.99 -33.44 69.57
C1 NAG OA . -38.35 -24.32 12.51
C2 NAG OA . -38.84 -24.62 13.99
C3 NAG OA . -39.14 -26.13 14.11
C4 NAG OA . -40.21 -26.51 13.08
C5 NAG OA . -39.71 -26.15 11.66
C6 NAG OA . -40.79 -26.42 10.62
C7 NAG OA . -38.03 -23.33 15.87
C8 NAG OA . -36.97 -22.95 16.85
N2 NAG OA . -37.79 -24.26 14.93
O3 NAG OA . -39.60 -26.43 15.42
O4 NAG OA . -40.46 -27.91 13.17
O5 NAG OA . -39.37 -24.74 11.59
O6 NAG OA . -40.33 -26.08 9.31
O7 NAG OA . -39.14 -22.79 15.92
C1 NAG PA . -15.53 -55.45 37.64
C2 NAG PA . -16.47 -56.67 38.04
C3 NAG PA . -17.84 -56.52 37.35
C4 NAG PA . -18.47 -55.17 37.74
C5 NAG PA . -17.51 -54.05 37.30
C6 NAG PA . -18.05 -52.68 37.66
C7 NAG PA . -15.51 -58.87 38.37
C8 NAG PA . -14.89 -60.12 37.84
N2 NAG PA . -15.85 -57.89 37.53
O3 NAG PA . -18.70 -57.59 37.76
O4 NAG PA . -19.73 -55.04 37.09
O5 NAG PA . -16.23 -54.22 37.93
O6 NAG PA . -18.21 -52.54 39.06
O7 NAG PA . -15.73 -58.75 39.58
C1 NAG QA . -5.88 -48.79 56.64
C2 NAG QA . -6.46 -49.70 57.81
C3 NAG QA . -7.72 -50.43 57.33
C4 NAG QA . -8.76 -49.40 56.88
C5 NAG QA . -8.15 -48.59 55.72
C6 NAG QA . -9.11 -47.55 55.20
C7 NAG QA . -4.88 -50.73 59.33
C8 NAG QA . -3.84 -51.76 59.63
N2 NAG QA . -5.43 -50.69 58.12
O3 NAG QA . -8.25 -51.20 58.41
O4 NAG QA . -9.94 -50.08 56.44
O5 NAG QA . -6.95 -47.91 56.18
O6 NAG QA . -8.57 -46.83 54.10
O7 NAG QA . -5.24 -49.92 60.20
C1 NAG RA . -38.20 4.66 34.53
C2 NAG RA . -36.64 4.88 34.71
C3 NAG RA . -36.21 4.34 36.09
C4 NAG RA . -37.01 5.08 37.18
C5 NAG RA . -38.51 4.86 36.94
C6 NAG RA . -39.33 5.62 37.97
C7 NAG RA . -35.46 4.79 32.61
C8 NAG RA . -34.71 4.06 31.55
N2 NAG RA . -35.93 4.16 33.67
O3 NAG RA . -34.81 4.56 36.27
O4 NAG RA . -36.63 4.55 38.45
O5 NAG RA . -38.90 5.33 35.61
O6 NAG RA . -40.72 5.37 37.79
O7 NAG RA . -35.64 6.01 32.50
C1 NAG SA . -61.29 2.58 1.45
C2 NAG SA . -62.75 2.65 0.85
C3 NAG SA . -62.73 2.25 -0.64
C4 NAG SA . -61.81 3.23 -1.39
C5 NAG SA . -60.40 3.13 -0.76
C6 NAG SA . -59.44 4.09 -1.47
C7 NAG SA . -64.63 2.08 2.25
C8 NAG SA . -65.48 1.10 2.98
N2 NAG SA . -63.57 1.67 1.58
O3 NAG SA . -64.06 2.33 -1.17
O4 NAG SA . -61.77 2.87 -2.77
O5 NAG SA . -60.45 3.48 0.66
O6 NAG SA . -59.87 5.44 -1.35
O7 NAG SA . -64.93 3.29 2.28
C1 NAG TA . -36.03 19.46 6.00
C2 NAG TA . -36.17 21.04 5.81
C3 NAG TA . -34.90 21.62 5.17
C4 NAG TA . -33.69 21.28 6.04
C5 NAG TA . -33.61 19.73 6.17
C6 NAG TA . -32.42 19.33 7.02
C7 NAG TA . -38.52 21.48 5.43
C8 NAG TA . -39.68 21.75 4.51
N2 NAG TA . -37.30 21.30 4.93
O3 NAG TA . -35.04 23.05 5.07
O4 NAG TA . -32.51 21.79 5.43
O5 NAG TA . -34.83 19.20 6.76
O6 NAG TA . -32.54 19.83 8.35
O7 NAG TA . -38.70 21.42 6.65
C1 NAG UA . -63.85 24.97 15.35
C2 NAG UA . -65.12 25.57 14.60
C3 NAG UA . -64.64 26.33 13.34
C4 NAG UA . -63.68 27.44 13.77
C5 NAG UA . -62.49 26.80 14.52
C6 NAG UA . -61.50 27.87 14.98
C7 NAG UA . -67.23 24.40 14.66
C8 NAG UA . -68.13 23.28 14.23
N2 NAG UA . -65.98 24.47 14.19
O3 NAG UA . -65.78 26.90 12.67
O4 NAG UA . -63.22 28.13 12.61
O5 NAG UA . -62.95 26.05 15.67
O6 NAG UA . -62.12 28.79 15.87
O7 NAG UA . -67.65 25.27 15.43
C1 NAG VA . -49.31 25.07 -4.34
C2 NAG VA . -50.63 25.95 -4.28
C3 NAG VA . -50.36 27.30 -4.99
C4 NAG VA . -49.19 28.02 -4.29
C5 NAG VA . -47.95 27.12 -4.36
C6 NAG VA . -46.77 27.75 -3.64
C7 NAG VA . -52.82 24.94 -4.42
C8 NAG VA . -53.88 24.21 -5.16
N2 NAG VA . -51.66 25.22 -5.02
O3 NAG VA . -51.54 28.11 -4.92
O4 NAG VA . -48.94 29.26 -4.96
O5 NAG VA . -48.23 25.85 -3.72
O6 NAG VA . -45.61 26.92 -3.70
O7 NAG VA . -53.00 25.28 -3.24
C1 NAG WA . -8.53 45.62 -3.34
C2 NAG WA . -8.92 44.50 -2.30
C3 NAG WA . -10.36 44.02 -2.64
C4 NAG WA . -11.32 45.20 -2.53
C5 NAG WA . -10.87 46.34 -3.47
C6 NAG WA . -11.74 47.57 -3.29
C7 NAG WA . -7.40 42.96 -1.21
C8 NAG WA . -6.53 41.75 -1.20
N2 NAG WA . -8.04 43.35 -2.34
O3 NAG WA . -10.74 42.97 -1.74
O4 NAG WA . -12.61 44.74 -2.95
O5 NAG WA . -9.49 46.71 -3.20
O6 NAG WA . -11.46 48.17 -2.03
O7 NAG WA . -7.58 43.58 -0.15
C1 NAG XA . -43.74 -12.16 -14.18
C2 NAG XA . -43.75 -11.37 -12.84
C3 NAG XA . -44.71 -12.23 -11.95
C4 NAG XA . -46.07 -12.40 -12.64
C5 NAG XA . -45.88 -13.01 -14.05
C6 NAG XA . -47.19 -13.15 -14.79
C7 NAG XA . -42.03 -10.05 -11.78
C8 NAG XA . -40.72 -9.92 -11.09
N2 NAG XA . -42.47 -11.24 -12.14
O3 NAG XA . -44.88 -11.69 -10.64
O4 NAG XA . -46.89 -13.25 -11.84
O5 NAG XA . -44.96 -12.23 -14.84
O6 NAG XA . -46.96 -13.73 -16.07
O7 NAG XA . -42.73 -9.04 -11.97
C1 NAG YA . 18.62 -45.96 -7.21
C2 NAG YA . 19.08 -46.10 -5.70
C3 NAG YA . 20.48 -46.75 -5.66
C4 NAG YA . 20.42 -48.11 -6.37
C5 NAG YA . 19.94 -47.91 -7.82
C6 NAG YA . 19.83 -49.24 -8.55
C7 NAG YA . 18.42 -44.50 -4.01
C8 NAG YA . 18.50 -43.15 -3.38
N2 NAG YA . 19.16 -44.78 -5.08
O3 NAG YA . 20.89 -46.91 -4.31
O4 NAG YA . 21.72 -48.69 -6.37
O5 NAG YA . 18.63 -47.26 -7.83
O6 NAG YA . 19.41 -49.06 -9.89
O7 NAG YA . 17.67 -45.36 -3.54
C1 NAG ZA . -12.26 -57.61 -0.32
C2 NAG ZA . -12.48 -58.16 -1.79
C3 NAG ZA . -13.89 -57.76 -2.27
C4 NAG ZA . -14.94 -58.33 -1.30
C5 NAG ZA . -14.65 -57.78 0.11
C6 NAG ZA . -15.63 -58.34 1.12
C7 NAG ZA . -10.34 -58.14 -2.93
C8 NAG ZA . -9.35 -57.50 -3.84
N2 NAG ZA . -11.50 -57.54 -2.68
O3 NAG ZA . -14.12 -58.28 -3.58
O4 NAG ZA . -16.24 -57.94 -1.72
O5 NAG ZA . -13.30 -58.13 0.53
O6 NAG ZA . -15.39 -57.82 2.42
O7 NAG ZA . -10.09 -59.24 -2.41
C1 NAG AB . 4.51 -70.60 27.77
C2 NAG AB . 5.22 -70.69 26.36
C3 NAG AB . 4.12 -70.25 25.33
C4 NAG AB . 2.92 -71.22 25.42
C5 NAG AB . 2.36 -71.14 26.85
C6 NAG AB . 1.20 -72.12 27.04
C7 NAG AB . 7.54 -70.04 26.26
C8 NAG AB . 8.60 -69.00 26.21
N2 NAG AB . 6.26 -69.67 26.30
O3 NAG AB . 4.67 -70.30 24.01
O4 NAG AB . 1.93 -70.85 24.48
O5 NAG AB . 3.38 -71.50 27.80
O6 NAG AB . 0.56 -71.92 28.29
O7 NAG AB . 7.83 -71.24 26.26
C1 NAG BB . 14.30 -79.67 38.74
C2 NAG BB . 14.36 -80.93 37.78
C3 NAG BB . 14.96 -82.12 38.53
C4 NAG BB . 16.36 -81.77 39.05
C5 NAG BB . 16.23 -80.55 39.98
C6 NAG BB . 17.59 -80.15 40.55
C7 NAG BB . 12.59 -81.21 36.15
C8 NAG BB . 11.18 -81.56 35.81
N2 NAG BB . 12.99 -81.25 37.41
O3 NAG BB . 15.06 -83.23 37.63
O4 NAG BB . 16.91 -82.87 39.75
O5 NAG BB . 15.66 -79.42 39.25
O6 NAG BB . 18.47 -79.69 39.53
O7 NAG BB . 13.39 -80.89 35.26
C1 NAG CB . 0.99 -77.14 53.83
C2 NAG CB . -0.40 -77.75 53.40
C3 NAG CB . -1.41 -77.60 54.56
C4 NAG CB . -0.86 -78.31 55.80
C5 NAG CB . 0.50 -77.67 56.17
C6 NAG CB . 1.11 -78.35 57.38
C7 NAG CB . -1.13 -77.60 51.10
C8 NAG CB . -1.65 -76.83 49.93
N2 NAG CB . -0.90 -77.00 52.26
O3 NAG CB . -2.66 -78.19 54.17
O4 NAG CB . -1.78 -78.14 56.88
O5 NAG CB . 1.43 -77.78 55.05
O6 NAG CB . 1.33 -79.73 57.15
O7 NAG CB . -0.94 -78.83 50.99
C1 NAG DB . -20.72 -40.19 -2.67
C2 NAG DB . -22.01 -40.99 -3.12
C3 NAG DB . -22.91 -41.19 -1.88
C4 NAG DB . -22.14 -41.97 -0.82
C5 NAG DB . -20.86 -41.17 -0.45
C6 NAG DB . -20.02 -41.94 0.55
C7 NAG DB . -22.93 -40.75 -5.34
C8 NAG DB . -23.65 -39.97 -6.39
N2 NAG DB . -22.71 -40.22 -4.13
O3 NAG DB . -24.08 -41.93 -2.27
O4 NAG DB . -22.96 -42.12 0.34
O5 NAG DB . -20.04 -40.94 -1.63
O6 NAG DB . -18.85 -41.22 0.91
O7 NAG DB . -22.53 -41.89 -5.57
C1 NAG EB . -5.29 -69.77 40.22
C2 NAG EB . -5.80 -69.90 41.72
C3 NAG EB . -6.35 -71.32 41.95
C4 NAG EB . -7.50 -71.58 40.97
C5 NAG EB . -6.97 -71.42 39.53
C6 NAG EB . -8.07 -71.62 38.51
C7 NAG EB . -4.35 -68.45 42.99
C8 NAG EB . -3.17 -68.21 43.88
N2 NAG EB . -4.65 -69.68 42.59
O3 NAG EB . -6.83 -71.44 43.29
O4 NAG EB . -7.99 -72.89 41.15
O5 NAG EB . -6.41 -70.09 39.34
O6 NAG EB . -7.58 -71.52 37.18
O7 NAG EB . -5.05 -67.49 42.64
C1 NAG FB . 31.14 -28.52 -20.86
C2 NAG FB . 31.04 -30.11 -20.97
C3 NAG FB . 32.41 -30.70 -20.52
C4 NAG FB . 33.52 -30.15 -21.41
C5 NAG FB . 33.53 -28.61 -21.32
C6 NAG FB . 34.55 -28.00 -22.27
C7 NAG FB . 28.96 -31.28 -20.61
C8 NAG FB . 27.86 -31.80 -19.74
N2 NAG FB . 29.99 -30.60 -20.09
O3 NAG FB . 32.37 -32.13 -20.62
O4 NAG FB . 34.76 -30.66 -20.97
O5 NAG FB . 32.23 -28.07 -21.68
O6 NAG FB . 34.56 -26.59 -22.19
O7 NAG FB . 28.92 -31.49 -21.84
C1 NAG GB . 39.43 -53.84 16.71
C2 NAG GB . 40.69 -54.79 16.50
C3 NAG GB . 41.35 -54.48 15.14
C4 NAG GB . 40.32 -54.66 14.01
C5 NAG GB . 39.16 -53.69 14.28
C6 NAG GB . 38.08 -53.80 13.23
C7 NAG GB . 42.06 -55.41 18.40
C8 NAG GB . 43.06 -55.09 19.46
N2 NAG GB . 41.66 -54.47 17.55
O3 NAG GB . 42.44 -55.38 14.94
O4 NAG GB . 40.93 -54.37 12.77
O5 NAG GB . 38.56 -53.96 15.57
O6 NAG GB . 37.51 -55.11 13.19
O7 NAG GB . 41.60 -56.56 18.31
C1 NAG HB . 23.16 -66.98 24.51
C2 NAG HB . 23.73 -68.46 24.56
C3 NAG HB . 25.02 -68.56 23.74
C4 NAG HB . 24.72 -68.15 22.29
C5 NAG HB . 24.21 -66.69 22.31
C6 NAG HB . 23.90 -66.21 20.91
C7 NAG HB . 23.43 -69.70 26.63
C8 NAG HB . 23.78 -69.98 28.05
N2 NAG HB . 24.06 -68.73 25.97
O3 NAG HB . 25.49 -69.91 23.77
O4 NAG HB . 25.91 -68.25 21.52
O5 NAG HB . 22.99 -66.62 23.11
O6 NAG HB . 23.47 -64.84 20.93
O7 NAG HB . 22.58 -70.39 26.05
C1 NAG IB . -1.37 -41.10 -31.33
C2 NAG IB . -2.24 -40.78 -30.05
C3 NAG IB . -2.44 -42.08 -29.25
C4 NAG IB . -3.16 -43.11 -30.15
C5 NAG IB . -2.29 -43.36 -31.40
C6 NAG IB . -2.97 -44.33 -32.34
C7 NAG IB . -1.88 -38.54 -29.24
C8 NAG IB . -1.16 -37.55 -28.37
N2 NAG IB . -1.54 -39.83 -29.22
O3 NAG IB . -3.25 -41.81 -28.09
O4 NAG IB . -3.31 -44.33 -29.41
O5 NAG IB . -2.06 -42.11 -32.12
O6 NAG IB . -2.16 -44.62 -33.47
O7 NAG IB . -2.79 -38.16 -29.97
C1 NAG JB . 21.39 -17.40 -54.83
C2 NAG JB . 22.12 -17.22 -56.21
C3 NAG JB . 22.99 -15.94 -56.19
C4 NAG JB . 22.07 -14.73 -55.94
C5 NAG JB . 21.37 -14.96 -54.58
C6 NAG JB . 20.44 -13.79 -54.27
C7 NAG JB . 22.83 -19.19 -57.43
C8 NAG JB . 23.73 -20.35 -57.62
N2 NAG JB . 23.01 -18.37 -56.38
O3 NAG JB . 23.64 -15.80 -57.47
O4 NAG JB . 22.86 -13.55 -55.91
O5 NAG JB . 20.59 -16.18 -54.59
O6 NAG JB . 19.42 -13.65 -55.25
O7 NAG JB . 21.91 -18.96 -58.24
C1 NAG KB . -4.46 -10.19 -39.87
C2 NAG KB . -5.67 -9.63 -40.74
C3 NAG KB . -6.43 -8.54 -39.97
C4 NAG KB . -6.93 -9.10 -38.64
C5 NAG KB . -5.70 -9.61 -37.84
C6 NAG KB . -6.14 -10.19 -36.51
C7 NAG KB . -4.98 -9.80 -43.05
C8 NAG KB . -4.43 -9.20 -44.31
N2 NAG KB . -5.13 -9.05 -41.96
O3 NAG KB . -7.55 -8.10 -40.76
O4 NAG KB . -7.61 -8.08 -37.92
O5 NAG KB . -4.98 -10.63 -38.59
O6 NAG KB . -7.00 -11.31 -36.68
O7 NAG KB . -5.30 -11.00 -43.03
C1 NAG LB . -1.56 -24.95 -65.66
C2 NAG LB . -1.29 -24.45 -67.14
C3 NAG LB . -1.68 -22.95 -67.23
C4 NAG LB . -3.15 -22.79 -66.84
C5 NAG LB . -3.34 -23.32 -65.40
C6 NAG LB . -4.79 -23.20 -64.98
C7 NAG LB . 0.51 -25.39 -68.45
C8 NAG LB . 1.96 -25.55 -68.78
N2 NAG LB . 0.12 -24.60 -67.44
O3 NAG LB . -1.46 -22.49 -68.58
O4 NAG LB . -3.49 -21.41 -66.90
O5 NAG LB . -2.94 -24.72 -65.32
O6 NAG LB . -5.66 -23.95 -65.83
O7 NAG LB . -0.34 -25.99 -69.12
C1 NAG MB . -0.25 -2.76 -55.42
C2 NAG MB . -0.50 -2.94 -56.97
C3 NAG MB . -1.50 -1.86 -57.45
C4 NAG MB . -2.81 -1.99 -56.67
C5 NAG MB . -2.52 -1.82 -55.17
C6 NAG MB . -3.78 -2.00 -54.33
C7 NAG MB . 1.26 -3.68 -58.44
C8 NAG MB . 2.57 -3.48 -59.13
N2 NAG MB . 0.77 -2.74 -57.64
O3 NAG MB . -1.75 -2.03 -58.85
O4 NAG MB . -3.72 -0.97 -57.10
O5 NAG MB . -1.57 -2.83 -54.74
O6 NAG MB . -3.51 -1.85 -52.95
O7 NAG MB . 0.62 -4.73 -58.61
C1 NAG NB . -34.03 12.94 -28.98
C2 NAG NB . -33.29 11.57 -28.67
C3 NAG NB . -32.21 11.36 -29.76
C4 NAG NB . -32.87 11.31 -31.13
C5 NAG NB . -33.67 12.61 -31.38
C6 NAG NB . -34.42 12.54 -32.69
C7 NAG NB . -32.99 10.57 -26.49
C8 NAG NB . -32.31 10.47 -25.16
N2 NAG NB . -32.67 11.55 -27.37
O3 NAG NB . -31.50 10.15 -29.49
O4 NAG NB . -31.83 11.23 -32.11
O5 NAG NB . -34.63 12.84 -30.31
O6 NAG NB . -35.51 11.61 -32.56
O7 NAG NB . -33.82 9.71 -26.80
#